data_8XRX
#
_entry.id   8XRX
#
_cell.length_a   163.095
_cell.length_b   183.009
_cell.length_c   269.154
_cell.angle_alpha   90.00
_cell.angle_beta   100.59
_cell.angle_gamma   90.00
#
_symmetry.space_group_name_H-M   'C 1 2 1'
#
loop_
_entity.id
_entity.type
_entity.pdbx_description
1 polymer 'GH3 enzyme CcBgl3B'
2 branched beta-D-glucopyranose-(1-6)-beta-D-glucopyranose
3 non-polymer 'CALCIUM ION'
4 non-polymer beta-D-glucopyranose
5 non-polymer alpha-D-glucopyranose
6 water water
#
_entity_poly.entity_id   1
_entity_poly.type   'polypeptide(L)'
_entity_poly.pdbx_seq_one_letter_code
;GSHMSTLPYLDPAVPVADRVEDLLARMTLPEKVGQMLQLDARDGVGPAVLEKHAGSLLHTSPENVLAAHELTGRTRLRIP
LLLAEDCIHGHSFWVGATIFPTQLGMAATWDPALVEQVAHATAVEVAATGVHWTFSPVLCIARDLRWGRVDETFGEDPFL
IGELASAMVRGYQGDGLSDPTGILATAKHFAGYSETQGGRDASEADISQRKLRSWFLPPFERVAREGCATFMLGYQSMDG
VPVTVNGWLLDDVLRGEWGYTGTLVTDWDNVGRMVWEQHIQPDYVHASAAAVRAGNDMVMTTPRFFEGALEAVDRGLVEE
AAIDAAVRRILTLKFRLGLFEDPRRPDVARQQAVIASAEHAAVNLEVARRSLVLLTNDGTLPFAGGLDRAAGTPDGRALA
PAGAPARTIAVVGPNADDDHTQLGDWAGASGQADWLPDGHPREMTTTVLDGFRALAPEGWAVTHARGADILTLAPDPEGE
LFPDGQPRPQVVVPAAPDDALIAEAVAAARDADLAVAVVGDRIELVGEGRSTATLELVGGQVALLDALVATGTPVVVVVV
ASKPLVLPPSAHAAAAVVWAANPGMRGGQAVAELVLGLIEPEGRLPISFARHAGQQPTYYNVVRGQHGVRYADLTQSPAF
AFGEGLSYTTVEYADLRVLGTEHGPDDVVRAEVTLTNTGSRPVRETVQVYVSDTVTSVTWAEKELKAYRKVDLAPGESAT
VGLEVPVADCTLVDAHGRRVVEPGEFELRVGPSSREDALLRASFTVAG
;
_entity_poly.pdbx_strand_id   A,B,C,D,E,F
#
# COMPACT_ATOMS: atom_id res chain seq x y z
CA THR A 6 -91.68 -34.41 48.50
C THR A 6 -90.71 -33.46 47.82
N LEU A 7 -90.05 -32.64 48.64
CA LEU A 7 -89.14 -31.54 48.26
C LEU A 7 -89.94 -30.35 47.77
N PRO A 8 -90.01 -29.30 48.60
CA PRO A 8 -90.86 -28.15 48.26
C PRO A 8 -90.36 -27.34 47.08
N TYR A 9 -89.13 -27.55 46.62
CA TYR A 9 -88.70 -26.83 45.42
C TYR A 9 -89.43 -27.32 44.19
N LEU A 10 -89.79 -28.60 44.15
CA LEU A 10 -90.58 -29.16 43.07
C LEU A 10 -92.08 -29.00 43.30
N ASP A 11 -92.49 -28.19 44.26
CA ASP A 11 -93.89 -28.09 44.68
C ASP A 11 -94.47 -26.75 44.27
N PRO A 12 -95.38 -26.70 43.30
CA PRO A 12 -95.92 -25.40 42.84
C PRO A 12 -96.82 -24.68 43.84
N ALA A 13 -97.28 -25.33 44.91
CA ALA A 13 -98.02 -24.59 45.92
C ALA A 13 -97.10 -23.68 46.73
N VAL A 14 -95.84 -24.06 46.84
CA VAL A 14 -94.87 -23.29 47.60
C VAL A 14 -94.64 -21.95 46.92
N PRO A 15 -94.62 -20.84 47.64
CA PRO A 15 -94.29 -19.57 46.99
C PRO A 15 -92.81 -19.52 46.64
N VAL A 16 -92.51 -18.74 45.60
CA VAL A 16 -91.26 -18.91 44.85
C VAL A 16 -90.05 -18.75 45.76
N ALA A 17 -90.10 -17.81 46.70
CA ALA A 17 -88.93 -17.54 47.54
C ALA A 17 -88.55 -18.76 48.36
N ASP A 18 -89.54 -19.52 48.82
CA ASP A 18 -89.24 -20.74 49.56
C ASP A 18 -88.72 -21.84 48.63
N ARG A 19 -89.26 -21.92 47.41
CA ARG A 19 -88.74 -22.89 46.46
C ARG A 19 -87.29 -22.59 46.12
N VAL A 20 -86.95 -21.33 45.93
CA VAL A 20 -85.57 -20.96 45.64
C VAL A 20 -84.67 -21.35 46.80
N GLU A 21 -85.06 -20.97 48.02
CA GLU A 21 -84.27 -21.30 49.20
C GLU A 21 -84.09 -22.79 49.36
N ASP A 22 -85.16 -23.56 49.14
CA ASP A 22 -85.05 -25.00 49.26
C ASP A 22 -84.03 -25.55 48.27
N LEU A 23 -84.14 -25.16 47.00
CA LEU A 23 -83.25 -25.70 45.99
C LEU A 23 -81.82 -25.23 46.20
N LEU A 24 -81.65 -23.98 46.63
CA LEU A 24 -80.32 -23.44 46.88
C LEU A 24 -79.60 -24.24 47.97
N ALA A 25 -80.30 -24.54 49.06
CA ALA A 25 -79.70 -25.30 50.14
C ALA A 25 -79.30 -26.72 49.73
N ARG A 26 -79.87 -27.25 48.66
CA ARG A 26 -79.51 -28.59 48.20
C ARG A 26 -78.36 -28.61 47.21
N MET A 27 -77.89 -27.46 46.75
CA MET A 27 -76.90 -27.40 45.68
C MET A 27 -75.50 -27.36 46.24
N THR A 28 -74.59 -28.13 45.65
CA THR A 28 -73.21 -27.99 46.00
C THR A 28 -72.65 -26.69 45.43
N LEU A 29 -71.41 -26.37 45.80
CA LEU A 29 -70.81 -25.13 45.33
C LEU A 29 -70.54 -25.17 43.83
N PRO A 30 -69.94 -26.23 43.25
CA PRO A 30 -69.82 -26.27 41.79
C PRO A 30 -71.14 -26.12 41.08
N GLU A 31 -72.21 -26.72 41.61
CA GLU A 31 -73.50 -26.57 40.97
C GLU A 31 -73.99 -25.14 41.03
N LYS A 32 -73.68 -24.43 42.10
CA LYS A 32 -74.13 -23.04 42.22
C LYS A 32 -73.35 -22.13 41.28
N VAL A 33 -72.06 -22.38 41.12
CA VAL A 33 -71.26 -21.57 40.21
C VAL A 33 -71.70 -21.81 38.77
N GLY A 34 -71.90 -23.08 38.39
CA GLY A 34 -72.32 -23.40 37.05
C GLY A 34 -73.65 -22.78 36.66
N GLN A 35 -74.56 -22.65 37.60
CA GLN A 35 -75.83 -22.00 37.33
C GLN A 35 -75.67 -20.56 36.85
N MET A 36 -74.51 -19.94 37.09
CA MET A 36 -74.21 -18.63 36.58
C MET A 36 -73.63 -18.67 35.18
N LEU A 37 -73.18 -19.84 34.73
CA LEU A 37 -72.60 -19.97 33.41
C LEU A 37 -73.68 -20.01 32.32
N GLN A 38 -73.39 -19.36 31.20
CA GLN A 38 -74.14 -19.52 29.97
C GLN A 38 -73.12 -19.91 28.91
N LEU A 39 -73.19 -21.14 28.41
CA LEU A 39 -72.12 -21.69 27.60
C LEU A 39 -72.51 -21.87 26.13
N ASP A 40 -71.47 -22.00 25.31
CA ASP A 40 -71.56 -22.14 23.86
C ASP A 40 -71.84 -23.60 23.52
N ALA A 41 -73.09 -23.89 23.16
CA ALA A 41 -73.50 -25.25 22.83
C ALA A 41 -72.79 -25.78 21.60
N ARG A 42 -72.27 -24.92 20.73
CA ARG A 42 -71.53 -25.41 19.58
C ARG A 42 -70.26 -26.14 19.98
N ASP A 43 -69.80 -25.95 21.22
CA ASP A 43 -68.56 -26.56 21.68
C ASP A 43 -68.76 -27.94 22.30
N GLY A 44 -69.98 -28.27 22.71
CA GLY A 44 -70.26 -29.58 23.27
C GLY A 44 -71.27 -29.52 24.39
N VAL A 45 -72.51 -29.93 24.09
CA VAL A 45 -73.60 -29.77 25.06
C VAL A 45 -73.42 -30.69 26.25
N GLY A 46 -72.76 -31.84 26.06
CA GLY A 46 -72.62 -32.82 27.11
C GLY A 46 -71.81 -32.34 28.30
N PRO A 47 -70.54 -32.01 28.07
CA PRO A 47 -69.73 -31.45 29.16
C PRO A 47 -70.29 -30.16 29.75
N ALA A 48 -71.06 -29.39 28.98
CA ALA A 48 -71.58 -28.13 29.51
C ALA A 48 -72.65 -28.37 30.56
N VAL A 49 -73.51 -29.36 30.36
CA VAL A 49 -74.59 -29.59 31.31
C VAL A 49 -74.14 -30.50 32.45
N LEU A 50 -73.29 -31.48 32.17
CA LEU A 50 -72.96 -32.50 33.15
C LEU A 50 -71.74 -32.14 34.00
N GLU A 51 -70.62 -31.80 33.36
CA GLU A 51 -69.42 -31.47 34.11
C GLU A 51 -69.48 -30.07 34.71
N LYS A 52 -70.07 -29.10 34.00
CA LYS A 52 -70.02 -27.72 34.43
C LYS A 52 -71.32 -27.21 35.04
N HIS A 53 -72.38 -28.03 35.03
CA HIS A 53 -73.66 -27.70 35.66
C HIS A 53 -74.24 -26.38 35.15
N ALA A 54 -74.08 -26.14 33.84
CA ALA A 54 -74.51 -24.91 33.21
C ALA A 54 -75.94 -24.55 33.57
N GLY A 55 -76.19 -23.25 33.67
CA GLY A 55 -77.52 -22.75 33.94
C GLY A 55 -78.22 -22.29 32.68
N SER A 56 -77.46 -22.13 31.58
CA SER A 56 -78.04 -21.61 30.36
C SER A 56 -77.13 -22.01 29.20
N LEU A 57 -77.71 -22.10 28.02
CA LEU A 57 -76.99 -22.41 26.82
C LEU A 57 -77.36 -21.42 25.74
N LEU A 58 -76.48 -21.21 24.81
CA LEU A 58 -76.67 -20.28 23.75
C LEU A 58 -76.12 -20.90 22.50
N HIS A 59 -76.56 -20.47 21.33
CA HIS A 59 -76.12 -21.04 20.08
C HIS A 59 -76.38 -22.52 20.00
N THR A 60 -77.58 -22.88 20.38
CA THR A 60 -78.00 -24.25 20.38
C THR A 60 -78.75 -24.67 19.14
N SER A 61 -78.24 -25.66 18.45
CA SER A 61 -78.83 -26.20 17.23
C SER A 61 -80.09 -27.00 17.52
N PRO A 62 -80.92 -27.27 16.54
CA PRO A 62 -82.12 -28.03 16.88
C PRO A 62 -81.77 -29.38 17.47
N GLU A 63 -80.74 -30.02 16.97
CA GLU A 63 -80.35 -31.29 17.56
C GLU A 63 -79.89 -31.08 19.00
N ASN A 64 -79.08 -30.06 19.24
CA ASN A 64 -78.58 -29.82 20.58
C ASN A 64 -79.64 -29.31 21.54
N VAL A 65 -80.73 -28.72 21.04
CA VAL A 65 -81.82 -28.37 21.93
C VAL A 65 -82.44 -29.62 22.50
N LEU A 66 -82.66 -30.63 21.66
CA LEU A 66 -83.21 -31.89 22.14
C LEU A 66 -82.23 -32.58 23.09
N ALA A 67 -80.96 -32.64 22.72
CA ALA A 67 -79.98 -33.34 23.53
C ALA A 67 -79.81 -32.70 24.90
N ALA A 68 -79.98 -31.38 24.97
CA ALA A 68 -79.83 -30.66 26.23
C ALA A 68 -80.93 -31.01 27.21
N HIS A 69 -82.15 -31.23 26.72
CA HIS A 69 -83.24 -31.62 27.60
C HIS A 69 -83.07 -33.04 28.11
N GLU A 70 -82.54 -33.93 27.27
CA GLU A 70 -82.22 -35.28 27.74
C GLU A 70 -81.16 -35.24 28.82
N LEU A 71 -80.09 -34.47 28.60
CA LEU A 71 -79.00 -34.44 29.54
C LEU A 71 -79.41 -33.83 30.88
N THR A 72 -80.35 -32.88 30.89
CA THR A 72 -80.83 -32.33 32.15
C THR A 72 -81.44 -33.42 33.02
N GLY A 73 -82.31 -34.23 32.43
CA GLY A 73 -82.99 -35.30 33.14
C GLY A 73 -82.07 -36.33 33.76
N ARG A 74 -80.81 -36.37 33.36
CA ARG A 74 -79.81 -37.27 33.91
C ARG A 74 -78.95 -36.62 35.01
N THR A 75 -79.30 -35.44 35.49
CA THR A 75 -78.53 -34.77 36.53
C THR A 75 -79.21 -34.91 37.88
N ARG A 76 -78.45 -34.62 38.94
CA ARG A 76 -78.89 -34.90 40.29
C ARG A 76 -80.19 -34.16 40.62
N LEU A 77 -80.21 -32.85 40.38
CA LEU A 77 -81.37 -32.06 40.78
C LEU A 77 -82.24 -31.66 39.62
N ARG A 78 -81.81 -31.91 38.37
CA ARG A 78 -82.62 -31.75 37.17
C ARG A 78 -83.11 -30.31 37.02
N ILE A 79 -82.18 -29.36 37.09
CA ILE A 79 -82.54 -27.94 37.02
C ILE A 79 -82.71 -27.54 35.55
N PRO A 80 -83.88 -27.06 35.16
CA PRO A 80 -84.11 -26.76 33.74
C PRO A 80 -83.24 -25.61 33.24
N LEU A 81 -82.77 -25.76 32.01
CA LEU A 81 -81.92 -24.78 31.37
C LEU A 81 -82.72 -23.61 30.83
N LEU A 82 -82.10 -22.43 30.83
CA LEU A 82 -82.55 -21.33 30.01
C LEU A 82 -81.82 -21.42 28.68
N LEU A 83 -82.58 -21.49 27.59
CA LEU A 83 -81.99 -21.56 26.25
C LEU A 83 -82.17 -20.22 25.57
N ALA A 84 -81.08 -19.62 25.14
CA ALA A 84 -81.13 -18.27 24.61
C ALA A 84 -80.48 -18.23 23.24
N GLU A 85 -80.94 -17.33 22.40
CA GLU A 85 -80.36 -17.23 21.07
C GLU A 85 -80.40 -15.79 20.57
N ASP A 86 -79.48 -15.48 19.67
CA ASP A 86 -79.55 -14.28 18.84
C ASP A 86 -80.68 -14.41 17.84
N CYS A 87 -81.83 -13.83 18.15
CA CYS A 87 -82.94 -13.74 17.21
C CYS A 87 -83.12 -12.27 16.89
N ILE A 88 -82.33 -11.79 15.93
CA ILE A 88 -82.05 -10.37 15.78
C ILE A 88 -83.05 -9.66 14.87
N HIS A 89 -83.52 -10.27 13.77
CA HIS A 89 -84.53 -9.65 12.93
C HIS A 89 -85.31 -10.76 12.23
N GLY A 90 -86.13 -11.44 13.02
CA GLY A 90 -86.59 -12.77 12.75
C GLY A 90 -85.72 -13.79 13.46
N HIS A 91 -86.16 -15.03 13.41
CA HIS A 91 -85.41 -16.11 14.02
C HIS A 91 -84.15 -16.43 13.21
N SER A 92 -83.17 -15.55 13.31
CA SER A 92 -81.92 -15.56 12.57
C SER A 92 -81.42 -16.90 12.08
N PHE A 93 -81.27 -17.87 12.98
CA PHE A 93 -80.52 -19.08 12.66
C PHE A 93 -81.38 -20.33 12.73
N TRP A 94 -82.69 -20.19 12.57
CA TRP A 94 -83.58 -21.31 12.30
C TRP A 94 -83.87 -21.35 10.81
N VAL A 95 -83.33 -22.35 10.13
CA VAL A 95 -83.70 -22.74 8.77
C VAL A 95 -85.14 -23.22 8.70
N GLY A 96 -86.05 -22.55 8.01
CA GLY A 96 -85.91 -21.26 7.38
C GLY A 96 -87.10 -20.47 7.91
N ALA A 97 -86.82 -19.61 8.88
CA ALA A 97 -87.79 -18.73 9.49
C ALA A 97 -87.95 -17.45 8.68
N THR A 98 -88.96 -16.66 9.02
CA THR A 98 -89.16 -15.35 8.44
C THR A 98 -88.02 -14.42 8.84
N ILE A 99 -87.15 -14.05 7.91
CA ILE A 99 -86.09 -13.08 8.15
C ILE A 99 -86.55 -11.72 7.61
N PHE A 100 -86.74 -10.76 8.52
CA PHE A 100 -87.20 -9.39 8.33
C PHE A 100 -86.03 -8.50 7.96
N PRO A 101 -86.27 -7.23 7.63
CA PRO A 101 -85.13 -6.31 7.47
C PRO A 101 -84.38 -6.14 8.78
N THR A 102 -83.14 -5.71 8.70
CA THR A 102 -82.41 -5.36 9.90
C THR A 102 -83.09 -4.20 10.63
N GLN A 103 -82.74 -4.05 11.90
CA GLN A 103 -83.24 -2.91 12.67
C GLN A 103 -83.06 -1.60 11.94
N LEU A 104 -81.89 -1.38 11.33
CA LEU A 104 -81.67 -0.12 10.62
C LEU A 104 -82.69 0.06 9.50
N GLY A 105 -82.95 -1.00 8.73
CA GLY A 105 -84.02 -0.95 7.76
C GLY A 105 -85.38 -0.72 8.38
N MET A 106 -85.72 -1.45 9.43
CA MET A 106 -87.03 -1.29 10.05
C MET A 106 -87.25 0.16 10.49
N ALA A 107 -86.19 0.84 10.92
CA ALA A 107 -86.35 2.16 11.51
C ALA A 107 -86.79 3.19 10.48
N ALA A 108 -86.51 2.96 9.20
CA ALA A 108 -86.98 3.83 8.13
C ALA A 108 -88.49 3.83 7.97
N THR A 109 -89.20 2.89 8.56
CA THR A 109 -90.66 2.92 8.56
C THR A 109 -91.24 3.91 9.56
N TRP A 110 -90.45 4.34 10.57
CA TRP A 110 -90.91 5.25 11.60
C TRP A 110 -92.25 4.80 12.21
N ASP A 111 -92.45 3.49 12.32
CA ASP A 111 -93.76 2.93 12.66
C ASP A 111 -93.62 1.92 13.78
N PRO A 112 -93.84 2.31 15.03
CA PRO A 112 -93.68 1.35 16.13
C PRO A 112 -94.71 0.24 16.15
N ALA A 113 -95.88 0.45 15.58
CA ALA A 113 -96.89 -0.60 15.58
C ALA A 113 -96.48 -1.73 14.64
N LEU A 114 -95.92 -1.40 13.49
CA LEU A 114 -95.38 -2.41 12.60
C LEU A 114 -94.22 -3.16 13.25
N VAL A 115 -93.33 -2.42 13.92
CA VAL A 115 -92.15 -3.03 14.53
C VAL A 115 -92.55 -3.99 15.64
N GLU A 116 -93.62 -3.68 16.38
CA GLU A 116 -94.09 -4.61 17.41
C GLU A 116 -94.66 -5.89 16.79
N GLN A 117 -95.34 -5.76 15.65
CA GLN A 117 -95.80 -6.94 14.91
C GLN A 117 -94.64 -7.82 14.46
N VAL A 118 -93.54 -7.20 14.04
CA VAL A 118 -92.37 -7.95 13.62
C VAL A 118 -91.82 -8.75 14.78
N ALA A 119 -91.76 -8.13 15.96
CA ALA A 119 -91.22 -8.80 17.14
C ALA A 119 -92.17 -9.87 17.64
N HIS A 120 -93.47 -9.59 17.65
CA HIS A 120 -94.40 -10.64 18.06
C HIS A 120 -94.32 -11.84 17.12
N ALA A 121 -94.25 -11.59 15.81
CA ALA A 121 -94.13 -12.69 14.86
C ALA A 121 -92.82 -13.44 15.04
N THR A 122 -91.74 -12.72 15.30
CA THR A 122 -90.49 -13.40 15.63
C THR A 122 -90.66 -14.28 16.85
N ALA A 123 -91.32 -13.76 17.89
CA ALA A 123 -91.45 -14.49 19.14
C ALA A 123 -92.28 -15.75 18.99
N VAL A 124 -93.32 -15.72 18.16
CA VAL A 124 -94.12 -16.92 17.91
C VAL A 124 -93.28 -18.01 17.29
N GLU A 125 -92.47 -17.65 16.31
CA GLU A 125 -91.60 -18.63 15.68
C GLU A 125 -90.53 -19.13 16.63
N VAL A 126 -89.94 -18.23 17.41
CA VAL A 126 -88.88 -18.60 18.34
C VAL A 126 -89.39 -19.58 19.40
N ALA A 127 -90.59 -19.34 19.91
CA ALA A 127 -91.12 -20.19 20.97
C ALA A 127 -91.36 -21.61 20.49
N ALA A 128 -91.87 -21.78 19.27
CA ALA A 128 -92.07 -23.11 18.71
C ALA A 128 -90.79 -23.93 18.64
N THR A 129 -89.64 -23.28 18.58
CA THR A 129 -88.37 -23.99 18.53
C THR A 129 -87.75 -24.16 19.89
N GLY A 130 -88.42 -23.76 20.96
CA GLY A 130 -87.94 -24.04 22.28
C GLY A 130 -86.80 -23.17 22.76
N VAL A 131 -86.70 -21.94 22.27
CA VAL A 131 -85.82 -20.93 22.80
C VAL A 131 -86.64 -20.02 23.71
N HIS A 132 -86.09 -19.64 24.86
CA HIS A 132 -86.86 -18.89 25.84
C HIS A 132 -86.54 -17.41 25.86
N TRP A 133 -85.45 -17.00 25.21
CA TRP A 133 -84.80 -15.73 25.53
C TRP A 133 -84.05 -15.29 24.29
N THR A 134 -84.37 -14.12 23.77
CA THR A 134 -83.61 -13.56 22.65
C THR A 134 -82.75 -12.39 23.08
N PHE A 135 -81.58 -12.28 22.46
CA PHE A 135 -80.66 -11.18 22.70
C PHE A 135 -80.97 -10.02 21.75
N SER A 136 -82.13 -9.41 21.99
CA SER A 136 -82.72 -8.42 21.11
C SER A 136 -83.75 -7.64 21.93
N PRO A 137 -83.95 -6.35 21.65
CA PRO A 137 -83.43 -5.45 20.63
C PRO A 137 -82.12 -4.80 20.99
N VAL A 138 -81.54 -4.16 20.01
CA VAL A 138 -80.33 -3.38 20.19
C VAL A 138 -80.71 -1.92 20.37
N LEU A 139 -80.14 -1.28 21.39
CA LEU A 139 -80.47 0.09 21.74
C LEU A 139 -79.31 1.04 21.55
N CYS A 140 -78.20 0.56 21.01
CA CYS A 140 -77.08 1.41 20.67
C CYS A 140 -77.50 2.50 19.68
N ILE A 141 -76.72 3.55 19.64
CA ILE A 141 -77.08 4.71 18.84
C ILE A 141 -75.96 4.93 17.83
N ALA A 142 -76.32 4.99 16.57
CA ALA A 142 -75.36 4.99 15.48
C ALA A 142 -74.75 6.37 15.32
N ARG A 143 -73.67 6.65 16.04
CA ARG A 143 -73.10 7.98 16.02
C ARG A 143 -71.75 8.05 15.32
N ASP A 144 -71.12 6.93 15.02
CA ASP A 144 -69.96 6.89 14.14
C ASP A 144 -70.23 5.88 13.05
N LEU A 145 -70.27 6.33 11.79
CA LEU A 145 -70.66 5.46 10.68
C LEU A 145 -69.63 4.36 10.38
N ARG A 146 -68.37 4.56 10.82
CA ARG A 146 -67.32 3.56 10.69
C ARG A 146 -67.62 2.28 11.46
N TRP A 147 -68.45 2.35 12.48
CA TRP A 147 -68.73 1.18 13.31
C TRP A 147 -69.32 0.06 12.49
N GLY A 148 -68.87 -1.16 12.76
CA GLY A 148 -69.30 -2.30 11.98
C GLY A 148 -70.74 -2.73 12.24
N ARG A 149 -71.35 -2.28 13.32
CA ARG A 149 -72.63 -2.83 13.75
C ARG A 149 -73.77 -1.83 13.65
N VAL A 150 -73.59 -0.76 12.87
CA VAL A 150 -74.64 0.22 12.60
C VAL A 150 -75.94 -0.44 12.13
N ASP A 151 -75.84 -1.50 11.33
CA ASP A 151 -77.04 -2.20 10.84
C ASP A 151 -77.90 -2.77 11.96
N GLU A 152 -77.36 -2.94 13.15
CA GLU A 152 -78.13 -3.50 14.26
C GLU A 152 -78.86 -2.44 15.06
N THR A 153 -78.58 -1.17 14.81
CA THR A 153 -79.20 -0.09 15.55
C THR A 153 -80.47 0.41 14.86
N PHE A 154 -81.21 1.25 15.55
CA PHE A 154 -82.35 1.95 14.97
C PHE A 154 -81.97 3.33 14.47
N GLY A 155 -80.70 3.58 14.20
CA GLY A 155 -80.28 4.88 13.73
C GLY A 155 -79.61 5.76 14.78
N GLU A 156 -79.76 7.08 14.64
CA GLU A 156 -78.94 8.04 15.38
C GLU A 156 -79.73 8.88 16.38
N ASP A 157 -81.01 8.62 16.58
CA ASP A 157 -81.80 9.51 17.39
C ASP A 157 -82.30 8.81 18.64
N PRO A 158 -82.08 9.39 19.82
CA PRO A 158 -82.50 8.72 21.06
C PRO A 158 -83.99 8.49 21.16
N PHE A 159 -84.79 9.43 20.67
CA PHE A 159 -86.24 9.30 20.81
C PHE A 159 -86.78 8.17 19.93
N LEU A 160 -86.46 8.20 18.65
CA LEU A 160 -86.91 7.15 17.75
C LEU A 160 -86.41 5.78 18.20
N ILE A 161 -85.12 5.69 18.58
CA ILE A 161 -84.58 4.44 19.09
C ILE A 161 -85.43 3.89 20.22
N GLY A 162 -85.84 4.75 21.15
CA GLY A 162 -86.64 4.31 22.27
C GLY A 162 -88.06 3.96 21.91
N GLU A 163 -88.60 4.57 20.85
CA GLU A 163 -89.92 4.20 20.36
C GLU A 163 -89.91 2.78 19.80
N LEU A 164 -88.93 2.49 18.96
CA LEU A 164 -88.88 1.22 18.27
C LEU A 164 -88.41 0.09 19.18
N ALA A 165 -87.46 0.37 20.09
CA ALA A 165 -87.07 -0.64 21.06
C ALA A 165 -88.16 -0.89 22.09
N SER A 166 -88.94 0.13 22.43
CA SER A 166 -90.10 -0.12 23.26
C SER A 166 -91.04 -1.11 22.59
N ALA A 167 -91.16 -1.01 21.27
CA ALA A 167 -92.08 -1.85 20.53
C ALA A 167 -91.56 -3.28 20.42
N MET A 168 -90.27 -3.45 20.18
CA MET A 168 -89.69 -4.79 20.13
C MET A 168 -89.86 -5.52 21.46
N VAL A 169 -89.61 -4.84 22.58
CA VAL A 169 -89.77 -5.51 23.86
C VAL A 169 -91.24 -5.90 24.08
N ARG A 170 -92.16 -5.01 23.76
CA ARG A 170 -93.57 -5.34 23.88
C ARG A 170 -93.95 -6.56 23.04
N GLY A 171 -93.45 -6.64 21.81
CA GLY A 171 -93.86 -7.73 20.95
C GLY A 171 -93.25 -9.05 21.37
N TYR A 172 -91.97 -9.03 21.76
CA TYR A 172 -91.30 -10.23 22.21
C TYR A 172 -91.98 -10.83 23.43
N GLN A 173 -92.32 -10.01 24.40
CA GLN A 173 -92.64 -10.51 25.72
C GLN A 173 -94.10 -10.84 25.89
N GLY A 174 -94.96 -10.31 25.05
CA GLY A 174 -96.35 -10.73 25.06
C GLY A 174 -97.06 -10.27 26.31
N ASP A 175 -97.76 -11.19 26.96
CA ASP A 175 -98.48 -10.91 28.19
C ASP A 175 -97.67 -11.20 29.43
N GLY A 176 -96.45 -11.73 29.30
CA GLY A 176 -95.59 -11.89 30.45
C GLY A 176 -95.02 -13.28 30.51
N LEU A 177 -94.50 -13.63 31.68
CA LEU A 177 -93.77 -14.88 31.85
C LEU A 177 -94.65 -16.11 31.69
N SER A 178 -95.97 -15.98 31.72
CA SER A 178 -96.87 -17.11 31.51
C SER A 178 -97.54 -17.07 30.15
N ASP A 179 -96.94 -16.39 29.18
CA ASP A 179 -97.47 -16.33 27.83
C ASP A 179 -96.78 -17.41 26.98
N PRO A 180 -97.52 -18.34 26.39
CA PRO A 180 -96.86 -19.39 25.58
C PRO A 180 -96.12 -18.84 24.37
N THR A 181 -96.55 -17.72 23.78
CA THR A 181 -95.83 -17.11 22.66
C THR A 181 -94.95 -15.95 23.05
N GLY A 182 -94.78 -15.66 24.34
CA GLY A 182 -93.85 -14.66 24.77
C GLY A 182 -92.48 -15.25 25.05
N ILE A 183 -91.45 -14.44 24.86
CA ILE A 183 -90.09 -14.81 25.22
C ILE A 183 -89.45 -13.63 25.92
N LEU A 184 -88.29 -13.88 26.53
CA LEU A 184 -87.55 -12.82 27.23
C LEU A 184 -86.82 -11.95 26.22
N ALA A 185 -86.97 -10.64 26.38
CA ALA A 185 -86.19 -9.69 25.61
C ALA A 185 -84.91 -9.32 26.35
N THR A 186 -83.98 -8.68 25.64
CA THR A 186 -82.73 -8.23 26.23
C THR A 186 -82.46 -6.81 25.75
N ALA A 187 -82.26 -5.88 26.67
CA ALA A 187 -81.77 -4.56 26.29
C ALA A 187 -80.27 -4.68 26.05
N LYS A 188 -79.87 -4.64 24.81
CA LYS A 188 -78.55 -4.91 24.36
C LYS A 188 -77.56 -3.80 24.18
N HIS A 189 -76.40 -4.12 24.71
CA HIS A 189 -75.20 -3.35 24.84
C HIS A 189 -75.26 -2.14 25.70
N PHE A 190 -75.67 -2.35 26.93
CA PHE A 190 -75.77 -1.30 27.89
C PHE A 190 -74.40 -1.03 28.44
N ALA A 191 -73.84 0.14 28.26
CA ALA A 191 -74.30 1.19 27.38
C ALA A 191 -73.07 1.89 26.81
N GLY A 192 -73.22 2.53 25.65
CA GLY A 192 -72.13 3.28 25.06
C GLY A 192 -71.24 2.51 24.11
N TYR A 193 -71.61 1.27 23.76
CA TYR A 193 -70.78 0.43 22.91
C TYR A 193 -70.65 0.99 21.49
N SER A 194 -71.69 1.66 21.00
CA SER A 194 -71.70 2.18 19.63
C SER A 194 -70.71 3.29 19.35
N GLU A 195 -70.27 4.07 20.35
CA GLU A 195 -69.37 5.18 20.10
C GLU A 195 -68.06 5.02 20.86
N THR A 196 -67.11 4.34 20.24
CA THR A 196 -65.78 4.14 20.79
C THR A 196 -64.75 4.69 19.81
N GLN A 197 -63.51 4.76 20.27
CA GLN A 197 -62.45 5.43 19.51
C GLN A 197 -62.31 4.82 18.12
N GLY A 198 -62.15 5.69 17.13
CA GLY A 198 -61.94 5.25 15.77
C GLY A 198 -63.06 4.47 15.11
N GLY A 199 -64.22 4.42 15.74
CA GLY A 199 -65.29 3.59 15.25
C GLY A 199 -65.07 2.11 15.39
N ARG A 200 -64.03 1.70 16.09
CA ARG A 200 -63.60 0.31 16.18
C ARG A 200 -64.53 -0.49 17.11
N ASP A 201 -64.36 -1.80 17.10
CA ASP A 201 -65.20 -2.70 17.89
C ASP A 201 -64.61 -2.83 19.30
N ALA A 202 -65.33 -2.27 20.27
CA ALA A 202 -65.00 -2.37 21.69
C ALA A 202 -63.62 -1.81 21.98
N SER A 203 -63.19 -0.84 21.21
CA SER A 203 -62.12 0.03 21.67
C SER A 203 -62.65 0.86 22.84
N GLU A 204 -61.88 1.83 23.26
CA GLU A 204 -62.23 2.61 24.43
C GLU A 204 -63.39 3.56 24.14
N ALA A 205 -64.37 3.55 25.02
CA ALA A 205 -65.44 4.54 24.98
C ALA A 205 -65.04 5.74 25.85
N ASP A 206 -64.78 6.88 25.21
CA ASP A 206 -64.36 8.10 25.88
C ASP A 206 -65.58 8.92 26.31
N ILE A 207 -66.41 8.32 27.13
CA ILE A 207 -67.74 8.84 27.37
C ILE A 207 -67.86 9.16 28.85
N SER A 208 -68.05 10.45 29.16
CA SER A 208 -68.27 10.92 30.51
C SER A 208 -69.65 10.52 30.98
N GLN A 209 -69.89 10.68 32.29
CA GLN A 209 -71.21 10.39 32.82
C GLN A 209 -72.28 11.23 32.14
N ARG A 210 -72.01 12.51 31.89
CA ARG A 210 -73.05 13.37 31.34
C ARG A 210 -73.29 13.06 29.88
N LYS A 211 -72.24 12.73 29.14
CA LYS A 211 -72.46 12.35 27.75
C LYS A 211 -73.30 11.09 27.65
N LEU A 212 -73.03 10.09 28.49
CA LEU A 212 -73.82 8.87 28.47
C LEU A 212 -75.28 9.16 28.81
N ARG A 213 -75.51 9.94 29.86
CA ARG A 213 -76.87 10.29 30.24
C ARG A 213 -77.57 11.05 29.12
N SER A 214 -76.81 11.82 28.35
CA SER A 214 -77.39 12.75 27.39
C SER A 214 -77.91 12.04 26.15
N TRP A 215 -77.12 11.13 25.59
CA TRP A 215 -77.40 10.56 24.29
C TRP A 215 -77.58 9.06 24.25
N PHE A 216 -77.13 8.30 25.25
CA PHE A 216 -77.19 6.84 25.19
C PHE A 216 -78.19 6.25 26.15
N LEU A 217 -78.28 6.74 27.36
CA LEU A 217 -79.15 6.12 28.36
C LEU A 217 -80.67 6.21 28.14
N PRO A 218 -81.22 7.22 27.46
CA PRO A 218 -82.70 7.39 27.46
C PRO A 218 -83.47 6.17 26.98
N PRO A 219 -83.12 5.53 25.85
CA PRO A 219 -83.86 4.31 25.48
C PRO A 219 -83.72 3.17 26.49
N PHE A 220 -82.55 3.00 27.09
CA PHE A 220 -82.39 1.98 28.12
C PHE A 220 -83.26 2.29 29.33
N GLU A 221 -83.34 3.55 29.74
CA GLU A 221 -84.20 3.86 30.88
C GLU A 221 -85.65 3.60 30.55
N ARG A 222 -86.06 3.85 29.30
CA ARG A 222 -87.45 3.65 28.91
C ARG A 222 -87.84 2.18 28.98
N VAL A 223 -87.03 1.28 28.41
CA VAL A 223 -87.49 -0.11 28.41
C VAL A 223 -87.29 -0.77 29.76
N ALA A 224 -86.32 -0.31 30.57
CA ALA A 224 -86.21 -0.84 31.92
C ALA A 224 -87.44 -0.48 32.73
N ARG A 225 -87.98 0.72 32.54
CA ARG A 225 -89.20 1.14 33.21
C ARG A 225 -90.42 0.39 32.71
N GLU A 226 -90.38 -0.13 31.49
CA GLU A 226 -91.51 -0.84 30.89
C GLU A 226 -91.41 -2.35 31.04
N GLY A 227 -90.38 -2.87 31.66
CA GLY A 227 -90.33 -4.27 32.01
C GLY A 227 -89.48 -5.17 31.16
N CYS A 228 -88.50 -4.64 30.44
CA CYS A 228 -87.58 -5.51 29.73
C CYS A 228 -86.95 -6.48 30.71
N ALA A 229 -87.03 -7.77 30.39
CA ALA A 229 -86.74 -8.81 31.36
C ALA A 229 -85.25 -8.92 31.64
N THR A 230 -84.40 -8.65 30.67
CA THR A 230 -82.97 -8.76 30.91
C THR A 230 -82.24 -7.59 30.27
N PHE A 231 -81.01 -7.38 30.75
CA PHE A 231 -80.07 -6.39 30.21
C PHE A 231 -78.76 -7.09 29.95
N MET A 232 -78.09 -6.74 28.86
CA MET A 232 -76.78 -7.30 28.57
C MET A 232 -75.72 -6.21 28.70
N LEU A 233 -74.67 -6.51 29.47
CA LEU A 233 -73.59 -5.57 29.73
C LEU A 233 -72.60 -5.55 28.57
N GLY A 234 -72.19 -4.35 28.16
CA GLY A 234 -71.38 -4.23 26.97
C GLY A 234 -69.95 -4.71 27.14
N TYR A 235 -69.34 -5.02 25.99
CA TYR A 235 -67.92 -5.33 25.90
C TYR A 235 -67.04 -4.22 26.43
N GLN A 236 -67.37 -2.98 26.13
CA GLN A 236 -66.35 -1.95 26.07
C GLN A 236 -65.98 -1.39 27.44
N SER A 237 -64.74 -0.95 27.54
CA SER A 237 -64.27 -0.22 28.69
C SER A 237 -64.64 1.26 28.54
N MET A 238 -65.24 1.82 29.57
CA MET A 238 -65.81 3.15 29.56
C MET A 238 -65.06 3.99 30.60
N ASP A 239 -64.32 4.98 30.14
CA ASP A 239 -63.47 5.79 31.01
C ASP A 239 -62.52 4.90 31.82
N GLY A 240 -62.13 3.76 31.25
CA GLY A 240 -61.16 2.87 31.85
C GLY A 240 -61.73 1.66 32.56
N VAL A 241 -63.05 1.60 32.76
CA VAL A 241 -63.70 0.52 33.47
C VAL A 241 -64.61 -0.23 32.51
N PRO A 242 -64.42 -1.53 32.31
CA PRO A 242 -65.39 -2.31 31.53
C PRO A 242 -66.74 -2.35 32.21
N VAL A 243 -67.82 -2.32 31.42
CA VAL A 243 -69.17 -2.31 31.99
C VAL A 243 -69.36 -3.44 32.99
N THR A 244 -68.67 -4.55 32.80
CA THR A 244 -68.87 -5.73 33.62
C THR A 244 -68.53 -5.49 35.09
N VAL A 245 -67.67 -4.52 35.40
CA VAL A 245 -67.27 -4.18 36.75
C VAL A 245 -67.48 -2.70 37.04
N ASN A 246 -68.41 -2.07 36.32
CA ASN A 246 -68.59 -0.62 36.40
C ASN A 246 -69.65 -0.32 37.43
N GLY A 247 -69.21 0.00 38.65
CA GLY A 247 -70.14 0.20 39.75
C GLY A 247 -71.08 1.37 39.56
N TRP A 248 -70.58 2.49 39.04
CA TRP A 248 -71.46 3.62 38.72
C TRP A 248 -72.61 3.18 37.83
N LEU A 249 -72.29 2.54 36.71
CA LEU A 249 -73.31 2.17 35.73
C LEU A 249 -74.26 1.13 36.29
N LEU A 250 -73.71 0.10 36.94
CA LEU A 250 -74.52 -1.03 37.38
C LEU A 250 -75.32 -0.71 38.64
N ASP A 251 -74.71 -0.05 39.62
CA ASP A 251 -75.28 0.11 40.96
C ASP A 251 -75.92 1.48 41.16
N ASP A 252 -75.26 2.57 40.77
CA ASP A 252 -75.85 3.89 40.96
C ASP A 252 -76.96 4.16 39.95
N VAL A 253 -76.77 3.76 38.70
CA VAL A 253 -77.75 4.06 37.66
C VAL A 253 -78.78 2.96 37.50
N LEU A 254 -78.34 1.81 36.99
CA LEU A 254 -79.27 0.76 36.57
C LEU A 254 -80.06 0.20 37.74
N ARG A 255 -79.36 -0.33 38.72
CA ARG A 255 -80.04 -0.83 39.91
C ARG A 255 -80.40 0.28 40.89
N GLY A 256 -79.82 1.47 40.77
CA GLY A 256 -80.06 2.56 41.70
C GLY A 256 -81.12 3.57 41.30
N GLU A 257 -80.77 4.52 40.42
CA GLU A 257 -81.73 5.52 40.00
C GLU A 257 -82.95 4.91 39.30
N TRP A 258 -82.80 3.75 38.64
CA TRP A 258 -83.89 3.13 37.90
C TRP A 258 -84.56 2.00 38.65
N GLY A 259 -83.93 1.46 39.69
CA GLY A 259 -84.52 0.37 40.44
C GLY A 259 -84.84 -0.85 39.59
N TYR A 260 -83.96 -1.19 38.66
CA TYR A 260 -84.24 -2.27 37.74
C TYR A 260 -84.00 -3.60 38.43
N THR A 261 -85.01 -4.47 38.39
CA THR A 261 -84.92 -5.76 39.06
C THR A 261 -84.76 -6.94 38.10
N GLY A 262 -84.61 -6.69 36.81
CA GLY A 262 -84.41 -7.78 35.87
C GLY A 262 -83.05 -8.40 35.98
N THR A 263 -82.77 -9.32 35.08
CA THR A 263 -81.61 -10.19 35.13
C THR A 263 -80.50 -9.68 34.23
N LEU A 264 -79.26 -9.87 34.65
CA LEU A 264 -78.11 -9.40 33.91
C LEU A 264 -77.36 -10.57 33.31
N VAL A 265 -76.85 -10.38 32.11
CA VAL A 265 -75.93 -11.31 31.48
C VAL A 265 -74.80 -10.48 30.91
N THR A 266 -73.60 -11.02 30.91
CA THR A 266 -72.55 -10.30 30.23
C THR A 266 -72.59 -10.58 28.74
N ASP A 267 -71.78 -9.86 27.99
CA ASP A 267 -71.58 -10.18 26.61
C ASP A 267 -70.49 -11.25 26.49
N TRP A 268 -70.23 -11.71 25.27
CA TRP A 268 -69.41 -12.89 25.01
C TRP A 268 -68.00 -12.74 25.59
N ASP A 269 -67.68 -13.58 26.57
CA ASP A 269 -66.37 -13.62 27.21
C ASP A 269 -65.96 -12.27 27.84
N ASN A 270 -66.91 -11.50 28.37
CA ASN A 270 -66.55 -10.26 29.06
C ASN A 270 -65.58 -10.52 30.19
N VAL A 271 -65.86 -11.50 31.05
CA VAL A 271 -65.02 -11.74 32.20
C VAL A 271 -63.61 -12.10 31.77
N GLY A 272 -63.48 -12.98 30.78
CA GLY A 272 -62.16 -13.39 30.34
C GLY A 272 -61.42 -12.34 29.57
N ARG A 273 -62.13 -11.46 28.88
CA ARG A 273 -61.46 -10.41 28.12
C ARG A 273 -60.73 -9.42 29.01
N MET A 274 -61.17 -9.28 30.27
CA MET A 274 -60.45 -8.45 31.21
C MET A 274 -59.05 -8.98 31.48
N VAL A 275 -58.82 -10.28 31.26
CA VAL A 275 -57.48 -10.82 31.36
C VAL A 275 -56.73 -10.63 30.06
N TRP A 276 -57.22 -11.23 28.97
CA TRP A 276 -56.39 -11.37 27.77
C TRP A 276 -56.51 -10.22 26.78
N GLU A 277 -57.55 -9.39 26.83
CA GLU A 277 -57.70 -8.34 25.82
C GLU A 277 -57.58 -6.94 26.40
N GLN A 278 -58.24 -6.66 27.51
CA GLN A 278 -58.16 -5.35 28.15
C GLN A 278 -56.99 -5.24 29.12
N HIS A 279 -56.48 -6.36 29.63
CA HIS A 279 -55.27 -6.41 30.46
C HIS A 279 -55.46 -5.66 31.76
N ILE A 280 -56.62 -5.81 32.38
CA ILE A 280 -56.90 -5.17 33.65
C ILE A 280 -57.03 -6.16 34.78
N GLN A 281 -56.87 -7.44 34.52
CA GLN A 281 -56.81 -8.44 35.56
C GLN A 281 -55.63 -9.36 35.28
N PRO A 282 -54.91 -9.77 36.32
CA PRO A 282 -53.74 -10.64 36.11
C PRO A 282 -54.09 -12.08 35.72
N ASP A 283 -55.24 -12.61 36.13
CA ASP A 283 -55.58 -13.98 35.80
C ASP A 283 -57.07 -14.18 36.03
N TYR A 284 -57.53 -15.41 35.81
CA TYR A 284 -58.95 -15.69 35.73
C TYR A 284 -59.62 -15.77 37.09
N VAL A 285 -58.88 -16.22 38.11
CA VAL A 285 -59.39 -16.17 39.48
C VAL A 285 -59.77 -14.75 39.83
N HIS A 286 -58.89 -13.80 39.55
CA HIS A 286 -59.15 -12.42 39.89
C HIS A 286 -60.23 -11.81 39.01
N ALA A 287 -60.26 -12.16 37.73
CA ALA A 287 -61.35 -11.70 36.87
C ALA A 287 -62.69 -12.22 37.37
N SER A 288 -62.75 -13.50 37.74
CA SER A 288 -64.00 -14.08 38.23
C SER A 288 -64.44 -13.43 39.54
N ALA A 289 -63.49 -13.17 40.45
CA ALA A 289 -63.82 -12.46 41.69
C ALA A 289 -64.35 -11.06 41.41
N ALA A 290 -63.67 -10.33 40.53
CA ALA A 290 -64.14 -8.99 40.18
C ALA A 290 -65.58 -9.02 39.65
N ALA A 291 -65.90 -10.01 38.81
CA ALA A 291 -67.23 -10.07 38.24
C ALA A 291 -68.28 -10.35 39.31
N VAL A 292 -67.94 -11.18 40.29
CA VAL A 292 -68.87 -11.47 41.38
C VAL A 292 -69.09 -10.23 42.26
N ARG A 293 -68.01 -9.57 42.68
CA ARG A 293 -68.16 -8.39 43.53
C ARG A 293 -69.06 -7.35 42.90
N ALA A 294 -68.98 -7.21 41.56
CA ALA A 294 -69.69 -6.18 40.83
C ALA A 294 -71.18 -6.43 40.70
N GLY A 295 -71.65 -7.65 40.99
CA GLY A 295 -73.08 -7.91 41.00
C GLY A 295 -73.62 -8.59 39.77
N ASN A 296 -72.79 -9.31 39.04
CA ASN A 296 -73.21 -10.00 37.83
C ASN A 296 -74.14 -11.16 38.16
N ASP A 297 -74.95 -11.52 37.18
CA ASP A 297 -75.84 -12.66 37.31
C ASP A 297 -75.33 -13.80 36.43
N MET A 298 -75.51 -13.72 35.12
CA MET A 298 -75.04 -14.78 34.24
C MET A 298 -73.76 -14.37 33.52
N VAL A 299 -72.84 -15.31 33.41
CA VAL A 299 -71.54 -15.08 32.82
C VAL A 299 -71.53 -15.81 31.49
N MET A 300 -71.40 -15.06 30.40
CA MET A 300 -71.56 -15.61 29.06
C MET A 300 -70.22 -16.01 28.49
N THR A 301 -70.13 -17.27 28.08
CA THR A 301 -69.01 -17.87 27.35
C THR A 301 -67.64 -17.46 27.87
N THR A 302 -67.49 -17.53 29.20
CA THR A 302 -66.18 -17.58 29.86
C THR A 302 -66.17 -18.88 30.65
N PRO A 303 -65.85 -20.00 30.02
CA PRO A 303 -65.91 -21.28 30.74
C PRO A 303 -64.99 -21.33 31.95
N ARG A 304 -63.85 -20.66 31.90
CA ARG A 304 -62.93 -20.66 33.05
C ARG A 304 -63.45 -19.87 34.22
N PHE A 305 -64.61 -19.24 34.12
CA PHE A 305 -65.25 -18.69 35.31
C PHE A 305 -65.62 -19.79 36.28
N PHE A 306 -65.79 -21.02 35.79
CA PHE A 306 -66.14 -22.14 36.66
C PHE A 306 -65.02 -22.44 37.64
N GLU A 307 -63.85 -22.82 37.14
CA GLU A 307 -62.73 -23.05 38.04
C GLU A 307 -62.30 -21.77 38.74
N GLY A 308 -62.42 -20.63 38.07
CA GLY A 308 -61.95 -19.39 38.65
C GLY A 308 -62.79 -18.93 39.83
N ALA A 309 -64.11 -19.06 39.72
CA ALA A 309 -64.94 -18.63 40.83
C ALA A 309 -64.84 -19.61 41.99
N LEU A 310 -64.58 -20.88 41.70
CA LEU A 310 -64.39 -21.86 42.76
C LEU A 310 -63.10 -21.59 43.51
N GLU A 311 -61.99 -21.38 42.80
CA GLU A 311 -60.76 -21.02 43.47
C GLU A 311 -60.88 -19.68 44.20
N ALA A 312 -61.76 -18.80 43.73
CA ALA A 312 -61.90 -17.51 44.39
C ALA A 312 -62.60 -17.67 45.72
N VAL A 313 -63.64 -18.49 45.77
CA VAL A 313 -64.30 -18.79 47.05
C VAL A 313 -63.36 -19.56 47.96
N ASP A 314 -62.61 -20.51 47.40
CA ASP A 314 -61.73 -21.31 48.21
C ASP A 314 -60.66 -20.46 48.90
N ARG A 315 -60.17 -19.42 48.24
CA ARG A 315 -59.14 -18.56 48.80
C ARG A 315 -59.69 -17.38 49.56
N GLY A 316 -61.01 -17.27 49.72
CA GLY A 316 -61.60 -16.18 50.45
C GLY A 316 -61.64 -14.85 49.75
N LEU A 317 -61.23 -14.80 48.47
CA LEU A 317 -61.38 -13.58 47.68
C LEU A 317 -62.81 -13.09 47.67
N VAL A 318 -63.78 -14.01 47.62
CA VAL A 318 -65.18 -13.65 47.77
C VAL A 318 -65.87 -14.73 48.58
N GLU A 319 -67.04 -14.39 49.11
CA GLU A 319 -67.78 -15.28 49.98
C GLU A 319 -68.76 -16.12 49.17
N GLU A 320 -69.10 -17.29 49.72
CA GLU A 320 -70.06 -18.14 49.05
C GLU A 320 -71.43 -17.51 48.97
N ALA A 321 -71.77 -16.66 49.94
CA ALA A 321 -73.05 -15.96 49.89
C ALA A 321 -73.15 -15.04 48.69
N ALA A 322 -72.02 -14.59 48.17
CA ALA A 322 -72.05 -13.76 46.96
C ALA A 322 -72.51 -14.57 45.77
N ILE A 323 -71.99 -15.79 45.61
CA ILE A 323 -72.51 -16.73 44.63
C ILE A 323 -73.99 -17.00 44.89
N ASP A 324 -74.34 -17.27 46.14
CA ASP A 324 -75.72 -17.54 46.51
C ASP A 324 -76.66 -16.45 46.04
N ALA A 325 -76.28 -15.18 46.21
CA ALA A 325 -77.20 -14.12 45.85
C ALA A 325 -77.43 -14.07 44.34
N ALA A 326 -76.42 -14.43 43.55
CA ALA A 326 -76.60 -14.46 42.09
C ALA A 326 -77.50 -15.61 41.68
N VAL A 327 -77.27 -16.81 42.23
CA VAL A 327 -78.10 -17.96 41.92
C VAL A 327 -79.56 -17.68 42.27
N ARG A 328 -79.80 -17.06 43.42
CA ARG A 328 -81.16 -16.74 43.81
C ARG A 328 -81.88 -15.96 42.72
N ARG A 329 -81.20 -15.00 42.11
CA ARG A 329 -81.87 -14.20 41.10
C ARG A 329 -82.08 -15.00 39.82
N ILE A 330 -81.13 -15.85 39.46
CA ILE A 330 -81.28 -16.71 38.31
C ILE A 330 -82.41 -17.72 38.53
N LEU A 331 -82.42 -18.38 39.68
CA LEU A 331 -83.47 -19.36 39.94
C LEU A 331 -84.84 -18.71 40.03
N THR A 332 -84.92 -17.47 40.51
CA THR A 332 -86.21 -16.82 40.64
C THR A 332 -86.83 -16.61 39.27
N LEU A 333 -86.01 -16.29 38.28
CA LEU A 333 -86.49 -16.19 36.92
C LEU A 333 -87.03 -17.52 36.42
N LYS A 334 -86.24 -18.58 36.53
CA LYS A 334 -86.69 -19.89 36.05
C LYS A 334 -88.00 -20.32 36.69
N PHE A 335 -88.15 -20.15 38.01
CA PHE A 335 -89.40 -20.54 38.65
C PHE A 335 -90.58 -19.72 38.12
N ARG A 336 -90.41 -18.40 38.00
CA ARG A 336 -91.52 -17.57 37.53
C ARG A 336 -91.91 -17.90 36.10
N LEU A 337 -90.94 -18.34 35.31
CA LEU A 337 -91.19 -18.83 33.96
C LEU A 337 -91.97 -20.14 33.94
N GLY A 338 -92.09 -20.81 35.07
CA GLY A 338 -92.73 -22.10 35.11
C GLY A 338 -91.84 -23.24 34.70
N LEU A 339 -90.54 -22.99 34.52
CA LEU A 339 -89.67 -23.99 33.92
C LEU A 339 -89.60 -25.29 34.71
N PHE A 340 -90.00 -25.28 35.98
CA PHE A 340 -89.96 -26.50 36.76
C PHE A 340 -91.19 -27.36 36.56
N GLU A 341 -92.28 -26.77 36.09
CA GLU A 341 -93.46 -27.52 35.71
C GLU A 341 -93.56 -27.75 34.21
N ASP A 342 -92.84 -26.97 33.40
CA ASP A 342 -92.90 -27.08 31.96
C ASP A 342 -91.68 -26.42 31.36
N PRO A 343 -90.67 -27.21 30.95
CA PRO A 343 -89.44 -26.61 30.45
C PRO A 343 -89.57 -26.00 29.07
N ARG A 344 -90.78 -25.95 28.50
CA ARG A 344 -91.05 -25.35 27.20
C ARG A 344 -90.15 -25.98 26.12
N ARG A 345 -90.44 -27.25 25.87
CA ARG A 345 -89.71 -28.00 24.86
C ARG A 345 -90.15 -27.55 23.46
N PRO A 346 -89.32 -27.79 22.45
CA PRO A 346 -89.76 -27.52 21.08
C PRO A 346 -90.87 -28.47 20.66
N ASP A 347 -91.74 -27.98 19.78
CA ASP A 347 -92.96 -28.67 19.37
C ASP A 347 -93.02 -28.62 17.85
N VAL A 348 -92.76 -29.76 17.20
CA VAL A 348 -92.65 -29.79 15.75
C VAL A 348 -93.98 -29.40 15.09
N ALA A 349 -95.10 -29.85 15.65
CA ALA A 349 -96.37 -29.48 15.04
C ALA A 349 -96.59 -27.97 15.09
N ARG A 350 -96.23 -27.33 16.20
CA ARG A 350 -96.29 -25.88 16.27
C ARG A 350 -95.33 -25.24 15.27
N GLN A 351 -94.13 -25.81 15.12
CA GLN A 351 -93.17 -25.30 14.15
C GLN A 351 -93.80 -25.26 12.76
N GLN A 352 -94.51 -26.32 12.39
CA GLN A 352 -95.06 -26.41 11.04
C GLN A 352 -96.26 -25.50 10.87
N ALA A 353 -96.95 -25.17 11.96
CA ALA A 353 -98.13 -24.32 11.87
C ALA A 353 -97.79 -22.84 11.84
N VAL A 354 -96.68 -22.41 12.45
CA VAL A 354 -96.51 -20.97 12.63
C VAL A 354 -95.27 -20.45 11.93
N ILE A 355 -94.24 -21.27 11.76
CA ILE A 355 -93.02 -20.73 11.17
C ILE A 355 -93.22 -20.51 9.68
N ALA A 356 -92.90 -19.29 9.23
CA ALA A 356 -93.02 -18.86 7.84
C ALA A 356 -94.44 -18.94 7.32
N SER A 357 -95.43 -18.82 8.20
CA SER A 357 -96.81 -18.75 7.76
C SER A 357 -97.06 -17.52 6.90
N ALA A 358 -98.19 -17.54 6.19
CA ALA A 358 -98.52 -16.43 5.31
C ALA A 358 -98.75 -15.13 6.07
N GLU A 359 -99.24 -15.20 7.30
CA GLU A 359 -99.43 -13.96 8.07
C GLU A 359 -98.07 -13.32 8.38
N HIS A 360 -97.04 -14.12 8.65
CA HIS A 360 -95.74 -13.55 8.90
C HIS A 360 -95.09 -13.03 7.61
N ALA A 361 -95.35 -13.66 6.47
CA ALA A 361 -94.84 -13.13 5.22
C ALA A 361 -95.48 -11.81 4.84
N ALA A 362 -96.76 -11.63 5.16
CA ALA A 362 -97.41 -10.36 4.91
C ALA A 362 -96.85 -9.23 5.78
N VAL A 363 -96.61 -9.49 7.07
CA VAL A 363 -95.95 -8.50 7.92
C VAL A 363 -94.58 -8.15 7.35
N ASN A 364 -93.85 -9.16 6.90
CA ASN A 364 -92.52 -8.94 6.35
C ASN A 364 -92.61 -8.09 5.09
N LEU A 365 -93.66 -8.25 4.30
CA LEU A 365 -93.75 -7.48 3.06
C LEU A 365 -94.15 -6.03 3.36
N GLU A 366 -95.01 -5.82 4.35
CA GLU A 366 -95.32 -4.47 4.80
C GLU A 366 -94.05 -3.73 5.25
N VAL A 367 -93.20 -4.39 6.06
CA VAL A 367 -91.98 -3.74 6.54
C VAL A 367 -91.07 -3.40 5.38
N ALA A 368 -90.87 -4.34 4.46
CA ALA A 368 -89.96 -4.08 3.35
C ALA A 368 -90.49 -2.96 2.46
N ARG A 369 -91.79 -2.95 2.18
CA ARG A 369 -92.36 -1.90 1.35
C ARG A 369 -92.20 -0.53 1.99
N ARG A 370 -92.49 -0.41 3.27
CA ARG A 370 -92.49 0.88 3.92
C ARG A 370 -91.10 1.31 4.38
N SER A 371 -90.08 0.52 4.14
CA SER A 371 -88.75 0.88 4.62
C SER A 371 -87.85 1.42 3.53
N LEU A 372 -88.19 1.26 2.27
CA LEU A 372 -87.33 1.82 1.23
C LEU A 372 -87.39 3.34 1.27
N VAL A 373 -86.24 3.97 1.06
CA VAL A 373 -86.13 5.41 1.10
C VAL A 373 -85.66 5.89 -0.26
N LEU A 374 -86.51 6.66 -0.92
CA LEU A 374 -86.15 7.28 -2.18
C LEU A 374 -85.36 8.54 -1.85
N LEU A 375 -84.09 8.55 -2.21
CA LEU A 375 -83.21 9.64 -1.84
C LEU A 375 -83.10 10.70 -2.93
N THR A 376 -83.07 10.32 -4.21
CA THR A 376 -83.01 11.24 -5.32
C THR A 376 -83.88 10.71 -6.43
N ASN A 377 -84.41 11.61 -7.23
CA ASN A 377 -85.27 11.27 -8.36
C ASN A 377 -85.36 12.47 -9.27
N ASP A 378 -84.90 12.34 -10.51
CA ASP A 378 -84.96 13.43 -11.46
C ASP A 378 -86.24 13.41 -12.29
N GLY A 379 -87.20 12.55 -11.96
CA GLY A 379 -88.41 12.38 -12.73
C GLY A 379 -88.49 11.08 -13.50
N THR A 380 -87.38 10.35 -13.63
CA THR A 380 -87.42 9.02 -14.24
C THR A 380 -88.34 8.07 -13.48
N LEU A 381 -88.51 8.26 -12.18
CA LEU A 381 -89.37 7.35 -11.43
C LEU A 381 -90.66 8.04 -11.02
N PRO A 382 -91.77 7.30 -10.91
CA PRO A 382 -92.00 5.87 -11.24
C PRO A 382 -91.80 5.59 -12.71
N PHE A 383 -91.26 4.44 -13.06
CA PHE A 383 -90.75 4.23 -14.43
C PHE A 383 -91.88 4.13 -15.44
N ALA A 384 -91.67 4.78 -16.59
CA ALA A 384 -92.67 4.93 -17.64
C ALA A 384 -93.96 5.56 -17.11
N GLY A 385 -93.83 6.46 -16.13
CA GLY A 385 -94.95 7.12 -15.51
C GLY A 385 -95.72 6.32 -14.49
N GLY A 386 -95.36 5.06 -14.26
CA GLY A 386 -96.06 4.32 -13.23
C GLY A 386 -97.01 3.28 -13.82
N LEU A 387 -96.97 2.07 -13.25
CA LEU A 387 -97.70 0.93 -13.74
C LEU A 387 -98.81 0.53 -12.76
N ASP A 388 -99.73 -0.29 -13.25
CA ASP A 388 -100.82 -0.87 -12.48
C ASP A 388 -100.78 -2.38 -12.55
N ARG A 389 -101.46 -3.01 -11.62
CA ARG A 389 -101.74 -4.43 -11.75
C ARG A 389 -103.09 -4.63 -12.42
N ALA A 390 -103.34 -5.85 -12.88
CA ALA A 390 -104.69 -6.19 -13.31
C ALA A 390 -105.64 -6.03 -12.14
N ALA A 391 -106.67 -5.20 -12.32
CA ALA A 391 -107.59 -4.87 -11.22
C ALA A 391 -108.12 -6.13 -10.56
N THR A 393 -106.27 -8.20 -8.79
CA THR A 393 -105.24 -9.25 -8.83
C THR A 393 -104.00 -8.66 -8.19
N PRO A 394 -103.97 -8.58 -6.86
CA PRO A 394 -102.98 -7.76 -6.17
C PRO A 394 -101.59 -8.36 -6.09
N ASP A 395 -101.41 -9.58 -6.59
CA ASP A 395 -100.10 -10.23 -6.60
C ASP A 395 -99.50 -10.32 -8.00
N GLY A 396 -100.32 -10.41 -9.04
CA GLY A 396 -99.83 -10.72 -10.37
C GLY A 396 -98.89 -9.72 -10.99
N ARG A 397 -98.55 -9.94 -12.27
CA ARG A 397 -97.67 -9.04 -12.97
C ARG A 397 -98.32 -7.68 -13.14
N ALA A 398 -97.46 -6.68 -13.32
CA ALA A 398 -97.97 -5.37 -13.67
C ALA A 398 -98.38 -5.38 -15.14
N LEU A 399 -99.27 -4.44 -15.50
CA LEU A 399 -99.69 -4.24 -16.88
C LEU A 399 -98.84 -3.17 -17.54
N ALA A 400 -98.51 -3.39 -18.82
CA ALA A 400 -97.82 -2.37 -19.61
C ALA A 400 -98.66 -1.11 -19.64
N PRO A 401 -98.07 0.06 -19.43
CA PRO A 401 -98.85 1.30 -19.42
C PRO A 401 -99.07 1.82 -20.83
N ALA A 402 -100.00 2.76 -20.94
CA ALA A 402 -100.23 3.46 -22.18
C ALA A 402 -98.94 4.09 -22.67
N GLY A 403 -98.59 3.81 -23.93
CA GLY A 403 -97.42 4.42 -24.52
C GLY A 403 -96.12 3.73 -24.26
N ALA A 404 -96.12 2.57 -23.61
CA ALA A 404 -94.89 1.82 -23.36
C ALA A 404 -95.16 0.32 -23.38
N PRO A 405 -95.45 -0.24 -24.56
CA PRO A 405 -95.80 -1.67 -24.61
C PRO A 405 -94.62 -2.63 -24.43
N ALA A 406 -93.42 -2.26 -24.81
CA ALA A 406 -92.23 -3.08 -24.59
C ALA A 406 -91.11 -2.23 -24.02
N ARG A 407 -90.67 -2.54 -22.80
CA ARG A 407 -89.47 -1.93 -22.23
C ARG A 407 -88.55 -3.02 -21.67
N THR A 408 -87.25 -2.76 -21.68
CA THR A 408 -86.25 -3.67 -21.15
C THR A 408 -85.55 -3.04 -19.97
N ILE A 409 -85.56 -3.73 -18.84
CA ILE A 409 -84.89 -3.31 -17.62
C ILE A 409 -83.66 -4.18 -17.41
N ALA A 410 -82.50 -3.56 -17.34
CA ALA A 410 -81.25 -4.26 -17.09
C ALA A 410 -80.92 -4.16 -15.59
N VAL A 411 -81.09 -5.26 -14.87
CA VAL A 411 -80.70 -5.35 -13.47
C VAL A 411 -79.25 -5.77 -13.39
N VAL A 412 -78.41 -4.94 -12.77
CA VAL A 412 -76.96 -5.15 -12.74
C VAL A 412 -76.42 -4.87 -11.35
N GLY A 413 -75.16 -5.23 -11.13
CA GLY A 413 -74.52 -5.03 -9.86
C GLY A 413 -74.38 -6.27 -8.99
N PRO A 414 -73.32 -6.32 -8.19
CA PRO A 414 -73.03 -7.52 -7.38
C PRO A 414 -74.10 -7.91 -6.39
N ASN A 415 -74.96 -6.98 -5.96
CA ASN A 415 -76.00 -7.29 -5.00
C ASN A 415 -77.36 -7.43 -5.64
N ALA A 416 -77.42 -7.49 -6.97
CA ALA A 416 -78.69 -7.61 -7.68
C ALA A 416 -79.33 -8.98 -7.49
N ASP A 417 -78.52 -10.03 -7.37
CA ASP A 417 -79.05 -11.38 -7.20
C ASP A 417 -78.41 -12.12 -6.02
N ASP A 418 -77.86 -11.41 -5.06
CA ASP A 418 -77.15 -11.99 -3.92
C ASP A 418 -78.10 -12.08 -2.75
N ASP A 419 -78.65 -13.27 -2.52
CA ASP A 419 -79.66 -13.41 -1.50
C ASP A 419 -79.10 -13.44 -0.08
N HIS A 420 -77.81 -13.70 0.10
CA HIS A 420 -77.25 -13.68 1.45
C HIS A 420 -76.99 -12.24 1.91
N THR A 421 -76.53 -11.37 1.01
CA THR A 421 -76.29 -9.99 1.37
C THR A 421 -77.58 -9.24 1.62
N GLN A 422 -78.65 -9.61 0.94
CA GLN A 422 -79.91 -8.95 1.16
C GLN A 422 -80.41 -9.18 2.57
N LEU A 423 -80.18 -10.37 3.12
CA LEU A 423 -80.64 -10.66 4.47
C LEU A 423 -79.73 -10.04 5.53
N GLY A 424 -78.48 -9.82 5.21
CA GLY A 424 -77.57 -9.16 6.09
C GLY A 424 -76.96 -10.04 7.17
N ASP A 425 -76.29 -9.33 8.08
CA ASP A 425 -75.67 -9.93 9.24
C ASP A 425 -76.75 -10.43 10.20
N TRP A 426 -76.35 -11.37 11.05
CA TRP A 426 -77.22 -12.01 12.03
C TRP A 426 -78.42 -12.68 11.34
N ALA A 427 -78.11 -13.49 10.34
CA ALA A 427 -79.11 -14.22 9.59
C ALA A 427 -78.41 -15.30 8.79
N GLY A 428 -78.99 -16.48 8.78
CA GLY A 428 -78.55 -17.54 7.88
C GLY A 428 -77.11 -17.95 8.06
N ALA A 429 -76.32 -17.72 7.02
CA ALA A 429 -74.92 -18.08 6.99
C ALA A 429 -74.01 -16.90 7.33
N SER A 430 -74.48 -15.94 8.12
CA SER A 430 -73.62 -14.82 8.49
C SER A 430 -72.38 -15.29 9.25
N GLY A 431 -72.46 -16.40 9.96
CA GLY A 431 -71.26 -17.02 10.47
C GLY A 431 -71.28 -17.37 11.94
N GLN A 432 -72.30 -16.93 12.66
CA GLN A 432 -72.32 -17.09 14.11
C GLN A 432 -72.92 -18.42 14.55
N ALA A 433 -73.79 -19.01 13.75
CA ALA A 433 -74.24 -20.38 13.95
C ALA A 433 -73.53 -21.26 12.93
N ASP A 434 -73.37 -22.54 13.25
CA ASP A 434 -72.57 -23.43 12.40
C ASP A 434 -73.36 -24.63 11.91
N TRP A 435 -74.66 -24.67 12.15
CA TRP A 435 -75.51 -25.74 11.68
C TRP A 435 -76.33 -25.39 10.45
N LEU A 436 -76.05 -24.30 9.77
CA LEU A 436 -76.77 -23.96 8.54
C LEU A 436 -75.80 -23.37 7.53
N PRO A 437 -74.93 -24.21 6.97
CA PRO A 437 -73.85 -23.69 6.12
C PRO A 437 -74.32 -23.23 4.76
N ASP A 438 -75.56 -23.49 4.39
CA ASP A 438 -76.09 -22.99 3.14
C ASP A 438 -77.09 -21.87 3.32
N GLY A 439 -77.44 -21.54 4.54
CA GLY A 439 -78.32 -20.44 4.77
C GLY A 439 -79.77 -20.88 4.78
N HIS A 440 -80.62 -19.92 4.53
CA HIS A 440 -82.05 -20.18 4.45
C HIS A 440 -82.42 -20.70 3.06
N PRO A 441 -83.55 -21.37 2.94
CA PRO A 441 -83.99 -21.85 1.62
C PRO A 441 -84.10 -20.72 0.61
N ARG A 442 -83.43 -20.89 -0.53
CA ARG A 442 -83.39 -19.87 -1.57
C ARG A 442 -84.75 -19.37 -2.00
N GLU A 443 -85.76 -20.22 -1.97
CA GLU A 443 -87.06 -19.80 -2.47
C GLU A 443 -87.74 -18.79 -1.55
N MET A 444 -87.28 -18.63 -0.32
CA MET A 444 -87.90 -17.67 0.57
C MET A 444 -87.52 -16.23 0.29
N THR A 445 -86.46 -16.00 -0.47
CA THR A 445 -85.93 -14.68 -0.74
C THR A 445 -86.22 -14.27 -2.17
N THR A 446 -86.83 -13.10 -2.34
CA THR A 446 -86.88 -12.40 -3.62
C THR A 446 -85.72 -11.43 -3.71
N THR A 447 -84.80 -11.66 -4.63
CA THR A 447 -83.79 -10.67 -4.90
C THR A 447 -84.38 -9.54 -5.75
N VAL A 448 -83.58 -8.50 -6.00
CA VAL A 448 -84.03 -7.44 -6.88
C VAL A 448 -84.29 -7.99 -8.27
N LEU A 449 -83.33 -8.78 -8.78
CA LEU A 449 -83.54 -9.48 -10.05
C LEU A 449 -84.81 -10.31 -10.02
N ASP A 450 -84.99 -11.13 -9.00
CA ASP A 450 -86.23 -11.88 -8.90
C ASP A 450 -87.44 -10.97 -8.94
N GLY A 451 -87.34 -9.78 -8.33
CA GLY A 451 -88.49 -8.90 -8.25
C GLY A 451 -88.92 -8.38 -9.60
N PHE A 452 -87.98 -7.94 -10.40
CA PHE A 452 -88.32 -7.42 -11.71
C PHE A 452 -88.79 -8.52 -12.66
N ARG A 453 -88.14 -9.68 -12.63
CA ARG A 453 -88.58 -10.78 -13.48
C ARG A 453 -90.02 -11.18 -13.17
N ALA A 454 -90.41 -11.14 -11.91
CA ALA A 454 -91.75 -11.57 -11.56
C ALA A 454 -92.82 -10.50 -11.77
N LEU A 455 -92.43 -9.25 -11.90
CA LEU A 455 -93.39 -8.16 -11.92
C LEU A 455 -93.46 -7.39 -13.24
N ALA A 456 -92.41 -7.43 -14.05
CA ALA A 456 -92.44 -6.75 -15.32
C ALA A 456 -93.62 -7.26 -16.15
N PRO A 457 -94.27 -6.39 -16.91
CA PRO A 457 -95.39 -6.84 -17.75
C PRO A 457 -94.93 -7.89 -18.75
N GLU A 458 -95.91 -8.64 -19.28
CA GLU A 458 -95.62 -9.70 -20.23
C GLU A 458 -94.81 -9.21 -21.43
N GLY A 459 -95.16 -8.04 -21.97
CA GLY A 459 -94.40 -7.50 -23.08
C GLY A 459 -93.00 -6.99 -22.75
N TRP A 460 -92.66 -6.82 -21.48
CA TRP A 460 -91.37 -6.27 -21.11
C TRP A 460 -90.33 -7.37 -20.92
N ALA A 461 -89.07 -6.98 -20.88
CA ALA A 461 -87.99 -7.93 -20.64
C ALA A 461 -87.10 -7.44 -19.49
N VAL A 462 -86.44 -8.39 -18.85
CA VAL A 462 -85.54 -8.13 -17.72
C VAL A 462 -84.24 -8.87 -18.00
N THR A 463 -83.14 -8.15 -18.06
CA THR A 463 -81.85 -8.77 -18.27
C THR A 463 -80.99 -8.59 -17.03
N HIS A 464 -79.83 -9.23 -17.02
CA HIS A 464 -79.03 -9.36 -15.82
C HIS A 464 -77.56 -9.40 -16.19
N ALA A 465 -76.76 -8.62 -15.48
CA ALA A 465 -75.31 -8.69 -15.62
C ALA A 465 -74.70 -8.31 -14.28
N ARG A 466 -74.08 -9.27 -13.60
CA ARG A 466 -73.21 -8.91 -12.51
C ARG A 466 -72.15 -7.99 -13.08
N GLY A 467 -71.99 -6.82 -12.50
CA GLY A 467 -71.16 -5.88 -13.24
C GLY A 467 -69.84 -5.60 -12.55
N ALA A 468 -69.76 -6.01 -11.30
CA ALA A 468 -68.54 -5.86 -10.53
C ALA A 468 -68.50 -6.96 -9.49
N ASP A 469 -67.29 -7.27 -9.07
CA ASP A 469 -67.04 -8.00 -7.84
C ASP A 469 -66.64 -7.01 -6.75
N ILE A 470 -66.91 -7.38 -5.51
CA ILE A 470 -66.53 -6.57 -4.35
C ILE A 470 -65.14 -6.96 -3.85
N LEU A 471 -64.92 -8.21 -3.45
CA LEU A 471 -63.69 -8.56 -2.75
C LEU A 471 -63.33 -10.02 -2.92
N THR A 472 -62.07 -10.34 -2.62
CA THR A 472 -61.67 -11.68 -2.23
C THR A 472 -60.85 -11.64 -0.94
N LEU A 473 -60.67 -12.82 -0.36
CA LEU A 473 -59.98 -13.01 0.89
C LEU A 473 -58.56 -13.55 0.65
N ALA A 474 -57.66 -13.19 1.55
CA ALA A 474 -56.25 -13.60 1.50
C ALA A 474 -55.66 -13.58 2.91
N PRO A 475 -54.59 -14.34 3.20
CA PRO A 475 -53.96 -14.35 4.50
C PRO A 475 -53.21 -13.02 4.67
N ASP A 476 -53.09 -12.52 5.90
CA ASP A 476 -52.47 -11.20 6.16
C ASP A 476 -51.06 -11.09 5.58
N PRO A 477 -50.71 -9.93 4.99
CA PRO A 477 -49.40 -9.69 4.41
C PRO A 477 -48.45 -9.03 5.42
N GLU A 478 -48.40 -9.58 6.63
CA GLU A 478 -47.55 -9.14 7.77
C GLU A 478 -46.17 -8.69 7.26
N GLN A 490 -57.85 -14.21 5.71
CA GLN A 490 -58.36 -13.46 6.85
C GLN A 490 -58.61 -12.04 6.48
N VAL A 491 -57.89 -11.57 5.49
CA VAL A 491 -57.91 -10.18 5.13
C VAL A 491 -58.66 -9.92 3.85
N VAL A 492 -59.43 -8.85 3.82
CA VAL A 492 -60.18 -8.48 2.63
C VAL A 492 -59.24 -7.87 1.60
N VAL A 493 -59.34 -8.34 0.36
CA VAL A 493 -58.63 -7.76 -0.78
C VAL A 493 -59.67 -7.21 -1.75
N PRO A 494 -59.72 -5.91 -1.98
CA PRO A 494 -60.72 -5.38 -2.90
C PRO A 494 -60.48 -5.91 -4.31
N ALA A 495 -61.55 -6.33 -4.96
CA ALA A 495 -61.49 -6.72 -6.37
C ALA A 495 -61.01 -5.56 -7.21
N ALA A 496 -60.17 -5.84 -8.16
CA ALA A 496 -59.91 -4.76 -9.10
C ALA A 496 -61.10 -4.59 -10.05
N PRO A 497 -61.31 -3.38 -10.57
CA PRO A 497 -62.22 -3.24 -11.72
C PRO A 497 -61.84 -4.24 -12.81
N ASP A 498 -62.86 -4.83 -13.43
CA ASP A 498 -62.69 -5.94 -14.35
C ASP A 498 -63.36 -5.53 -15.67
N ASP A 499 -62.55 -5.36 -16.71
CA ASP A 499 -63.04 -4.73 -17.92
C ASP A 499 -64.11 -5.56 -18.63
N ALA A 500 -63.93 -6.87 -18.71
CA ALA A 500 -64.93 -7.72 -19.35
C ALA A 500 -66.24 -7.71 -18.59
N LEU A 501 -66.16 -7.71 -17.26
CA LEU A 501 -67.38 -7.67 -16.47
C LEU A 501 -68.11 -6.35 -16.65
N ILE A 502 -67.37 -5.25 -16.73
CA ILE A 502 -68.03 -3.97 -16.93
C ILE A 502 -68.62 -3.88 -18.33
N ALA A 503 -67.84 -4.27 -19.34
CA ALA A 503 -68.33 -4.23 -20.71
C ALA A 503 -69.62 -5.00 -20.87
N GLU A 504 -69.73 -6.14 -20.20
CA GLU A 504 -70.94 -6.92 -20.31
C GLU A 504 -72.13 -6.15 -19.73
N ALA A 505 -71.93 -5.46 -18.61
CA ALA A 505 -73.03 -4.70 -18.03
C ALA A 505 -73.35 -3.48 -18.89
N VAL A 506 -72.33 -2.83 -19.43
CA VAL A 506 -72.53 -1.70 -20.32
C VAL A 506 -73.34 -2.10 -21.54
N ALA A 507 -73.02 -3.25 -22.13
CA ALA A 507 -73.77 -3.73 -23.29
C ALA A 507 -75.22 -4.02 -22.93
N ALA A 508 -75.48 -4.54 -21.74
CA ALA A 508 -76.86 -4.77 -21.35
C ALA A 508 -77.61 -3.44 -21.17
N ALA A 509 -76.95 -2.43 -20.60
CA ALA A 509 -77.57 -1.13 -20.41
C ALA A 509 -77.80 -0.41 -21.72
N ARG A 510 -76.86 -0.52 -22.66
CA ARG A 510 -77.05 0.03 -23.98
C ARG A 510 -78.20 -0.61 -24.74
N ASP A 511 -78.61 -1.82 -24.34
CA ASP A 511 -79.75 -2.50 -24.93
C ASP A 511 -80.98 -2.46 -24.04
N ALA A 512 -81.10 -1.44 -23.20
CA ALA A 512 -82.19 -1.38 -22.24
C ALA A 512 -82.74 0.02 -22.21
N ASP A 513 -83.91 0.13 -21.62
CA ASP A 513 -84.52 1.43 -21.39
C ASP A 513 -84.16 2.00 -20.03
N LEU A 514 -83.81 1.13 -19.07
CA LEU A 514 -83.56 1.46 -17.68
C LEU A 514 -82.51 0.48 -17.16
N ALA A 515 -81.52 1.00 -16.45
CA ALA A 515 -80.53 0.18 -15.80
C ALA A 515 -80.67 0.35 -14.29
N VAL A 516 -80.86 -0.77 -13.60
CA VAL A 516 -80.98 -0.78 -12.14
C VAL A 516 -79.70 -1.38 -11.59
N ALA A 517 -78.88 -0.57 -10.96
CA ALA A 517 -77.58 -0.99 -10.45
C ALA A 517 -77.66 -1.19 -8.93
N VAL A 518 -77.49 -2.42 -8.49
CA VAL A 518 -77.65 -2.78 -7.09
C VAL A 518 -76.27 -2.96 -6.47
N VAL A 519 -75.90 -2.04 -5.57
CA VAL A 519 -74.56 -1.98 -5.02
C VAL A 519 -74.62 -1.91 -3.50
N GLY A 520 -73.46 -2.02 -2.89
CA GLY A 520 -73.39 -1.84 -1.45
C GLY A 520 -72.22 -2.51 -0.77
N ASP A 521 -72.46 -3.18 0.35
CA ASP A 521 -71.37 -3.98 0.93
C ASP A 521 -71.79 -5.43 1.10
N ARG A 522 -71.03 -6.19 1.88
CA ARG A 522 -71.33 -7.60 2.16
C ARG A 522 -70.63 -8.00 3.44
N ILE A 523 -70.83 -9.26 3.86
CA ILE A 523 -70.62 -9.67 5.24
C ILE A 523 -69.17 -9.49 5.70
N GLU A 524 -68.19 -9.67 4.82
CA GLU A 524 -66.83 -9.48 5.29
C GLU A 524 -66.50 -8.03 5.60
N LEU A 525 -67.37 -7.09 5.21
CA LEU A 525 -67.20 -5.67 5.51
C LEU A 525 -68.21 -5.17 6.54
N VAL A 526 -68.78 -6.05 7.32
CA VAL A 526 -69.88 -5.72 8.23
C VAL A 526 -69.64 -6.43 9.56
N GLY A 527 -70.02 -5.77 10.65
CA GLY A 527 -70.21 -6.42 11.93
C GLY A 527 -69.00 -6.47 12.84
N GLU A 528 -69.05 -7.45 13.75
CA GLU A 528 -68.05 -7.62 14.81
C GLU A 528 -66.63 -7.73 14.27
N GLY A 529 -65.76 -6.89 14.80
CA GLY A 529 -64.38 -6.86 14.33
C GLY A 529 -64.20 -6.38 12.91
N ARG A 530 -65.24 -5.88 12.26
CA ARG A 530 -65.17 -5.45 10.87
C ARG A 530 -65.69 -4.02 10.72
N SER A 531 -65.18 -3.10 11.53
CA SER A 531 -65.41 -1.69 11.28
C SER A 531 -64.72 -1.29 9.99
N THR A 532 -65.19 -0.21 9.38
CA THR A 532 -64.63 0.27 8.13
C THR A 532 -64.11 1.70 8.29
N ALA A 533 -63.05 2.02 7.56
CA ALA A 533 -62.43 3.33 7.67
C ALA A 533 -62.92 4.32 6.60
N THR A 534 -63.12 3.90 5.35
CA THR A 534 -63.41 4.85 4.29
C THR A 534 -64.89 5.02 3.99
N LEU A 535 -65.72 4.05 4.34
CA LEU A 535 -67.14 4.05 4.01
C LEU A 535 -67.42 3.99 2.51
N GLU A 536 -66.42 3.80 1.68
CA GLU A 536 -66.69 3.79 0.26
C GLU A 536 -67.14 2.40 -0.21
N LEU A 537 -67.73 2.38 -1.40
CA LEU A 537 -68.00 1.12 -2.07
C LEU A 537 -66.69 0.44 -2.43
N VAL A 538 -66.58 -0.84 -2.10
CA VAL A 538 -65.32 -1.58 -2.27
C VAL A 538 -65.33 -2.33 -3.60
N GLY A 539 -64.17 -2.38 -4.24
CA GLY A 539 -64.01 -3.17 -5.44
C GLY A 539 -64.26 -2.48 -6.76
N GLY A 540 -64.98 -3.14 -7.65
CA GLY A 540 -65.22 -2.61 -8.97
C GLY A 540 -66.51 -1.86 -9.09
N GLN A 541 -67.17 -1.55 -7.98
CA GLN A 541 -68.50 -0.96 -8.02
C GLN A 541 -68.48 0.49 -8.50
N VAL A 542 -67.46 1.26 -8.10
CA VAL A 542 -67.38 2.64 -8.56
C VAL A 542 -67.17 2.69 -10.06
N ALA A 543 -66.25 1.86 -10.57
CA ALA A 543 -66.01 1.81 -12.00
C ALA A 543 -67.27 1.38 -12.75
N LEU A 544 -68.03 0.46 -12.18
CA LEU A 544 -69.28 0.04 -12.80
C LEU A 544 -70.26 1.21 -12.93
N LEU A 545 -70.49 1.96 -11.86
CA LEU A 545 -71.45 3.05 -11.90
C LEU A 545 -71.01 4.14 -12.86
N ASP A 546 -69.73 4.50 -12.84
CA ASP A 546 -69.24 5.51 -13.77
C ASP A 546 -69.59 5.12 -15.19
N ALA A 547 -69.41 3.85 -15.53
CA ALA A 547 -69.59 3.37 -16.88
C ALA A 547 -71.06 3.29 -17.28
N LEU A 548 -71.94 2.89 -16.36
CA LEU A 548 -73.35 2.79 -16.69
C LEU A 548 -73.96 4.16 -16.95
N VAL A 549 -73.59 5.15 -16.14
CA VAL A 549 -74.13 6.49 -16.29
C VAL A 549 -73.68 7.09 -17.61
N ALA A 550 -72.53 6.69 -18.13
CA ALA A 550 -72.03 7.21 -19.37
C ALA A 550 -72.73 6.62 -20.60
N THR A 551 -73.50 5.54 -20.48
CA THR A 551 -74.17 4.98 -21.65
C THR A 551 -75.28 5.87 -22.17
N GLY A 552 -75.87 6.70 -21.30
CA GLY A 552 -77.04 7.46 -21.65
C GLY A 552 -78.36 6.77 -21.38
N THR A 553 -78.34 5.51 -20.98
CA THR A 553 -79.54 4.88 -20.45
C THR A 553 -79.74 5.33 -19.01
N PRO A 554 -80.95 5.66 -18.60
CA PRO A 554 -81.12 6.16 -17.22
C PRO A 554 -80.84 5.05 -16.21
N VAL A 555 -80.16 5.44 -15.11
CA VAL A 555 -79.63 4.53 -14.12
C VAL A 555 -80.30 4.79 -12.79
N VAL A 556 -80.81 3.74 -12.16
CA VAL A 556 -81.31 3.80 -10.80
C VAL A 556 -80.31 3.03 -9.93
N VAL A 557 -79.72 3.73 -8.96
CA VAL A 557 -78.81 3.11 -8.01
C VAL A 557 -79.61 2.64 -6.82
N VAL A 558 -79.58 1.35 -6.56
CA VAL A 558 -80.23 0.74 -5.40
C VAL A 558 -79.13 0.27 -4.46
N VAL A 559 -79.08 0.85 -3.26
CA VAL A 559 -78.03 0.55 -2.30
C VAL A 559 -78.54 -0.53 -1.35
N VAL A 560 -78.00 -1.73 -1.47
CA VAL A 560 -78.21 -2.78 -0.47
C VAL A 560 -76.94 -2.86 0.38
N ALA A 561 -77.02 -2.42 1.63
CA ALA A 561 -75.84 -2.26 2.46
C ALA A 561 -76.25 -2.26 3.91
N SER A 562 -75.28 -2.54 4.77
CA SER A 562 -75.55 -2.59 6.21
C SER A 562 -75.68 -1.19 6.83
N LYS A 563 -75.02 -0.20 6.25
CA LYS A 563 -74.92 1.11 6.87
C LYS A 563 -74.77 2.14 5.76
N PRO A 564 -75.00 3.42 6.05
CA PRO A 564 -74.81 4.45 5.03
C PRO A 564 -73.38 4.50 4.51
N LEU A 565 -73.25 4.62 3.20
CA LEU A 565 -71.95 4.65 2.57
C LEU A 565 -71.76 5.95 1.81
N VAL A 566 -70.50 6.33 1.64
CA VAL A 566 -70.12 7.37 0.70
C VAL A 566 -70.36 6.88 -0.72
N LEU A 567 -71.16 7.60 -1.46
CA LEU A 567 -71.41 7.22 -2.84
C LEU A 567 -70.56 8.04 -3.79
N PRO A 568 -70.09 7.44 -4.88
CA PRO A 568 -69.26 8.18 -5.83
C PRO A 568 -70.06 9.27 -6.53
N PRO A 569 -69.38 10.21 -7.19
CA PRO A 569 -70.11 11.26 -7.91
C PRO A 569 -71.05 10.75 -8.98
N SER A 570 -70.73 9.64 -9.64
CA SER A 570 -71.62 9.09 -10.67
C SER A 570 -72.96 8.68 -10.07
N ALA A 571 -72.98 8.20 -8.84
CA ALA A 571 -74.24 7.91 -8.19
C ALA A 571 -75.05 9.18 -7.94
N HIS A 572 -74.39 10.29 -7.68
CA HIS A 572 -75.10 11.55 -7.51
C HIS A 572 -75.54 12.15 -8.84
N ALA A 573 -75.05 11.65 -9.96
CA ALA A 573 -75.48 12.05 -11.28
C ALA A 573 -76.45 11.06 -11.93
N ALA A 574 -76.74 9.93 -11.30
CA ALA A 574 -77.69 8.98 -11.85
C ALA A 574 -79.11 9.50 -11.68
N ALA A 575 -80.05 8.89 -12.41
CA ALA A 575 -81.43 9.36 -12.40
C ALA A 575 -82.06 9.30 -11.02
N ALA A 576 -81.77 8.26 -10.24
CA ALA A 576 -82.44 8.11 -8.97
C ALA A 576 -81.57 7.22 -8.08
N VAL A 577 -81.80 7.32 -6.76
CA VAL A 577 -81.05 6.57 -5.77
C VAL A 577 -82.02 6.07 -4.70
N VAL A 578 -82.00 4.77 -4.45
CA VAL A 578 -82.87 4.14 -3.49
C VAL A 578 -82.02 3.47 -2.41
N TRP A 579 -82.38 3.70 -1.15
CA TRP A 579 -81.72 3.11 0.00
C TRP A 579 -82.59 1.98 0.54
N ALA A 580 -82.00 0.78 0.62
CA ALA A 580 -82.71 -0.42 1.00
C ALA A 580 -82.23 -1.06 2.30
N ALA A 581 -81.01 -0.74 2.76
CA ALA A 581 -80.44 -1.28 3.99
C ALA A 581 -80.70 -2.74 4.31
N ASN A 582 -80.22 -3.70 3.57
CA ASN A 582 -80.60 -5.09 3.92
C ASN A 582 -82.10 -5.22 4.17
N PRO A 583 -82.90 -5.42 3.15
CA PRO A 583 -84.36 -5.36 3.33
C PRO A 583 -85.06 -6.67 3.60
N GLY A 584 -84.37 -7.74 3.92
CA GLY A 584 -85.07 -8.96 4.29
C GLY A 584 -85.46 -9.82 3.10
N MET A 585 -86.31 -10.81 3.37
CA MET A 585 -86.59 -11.83 2.36
C MET A 585 -87.48 -11.31 1.23
N ARG A 586 -88.38 -10.37 1.53
CA ARG A 586 -89.27 -9.77 0.55
C ARG A 586 -88.70 -8.50 -0.10
N GLY A 587 -87.45 -8.16 0.16
CA GLY A 587 -86.97 -6.84 -0.20
C GLY A 587 -86.91 -6.57 -1.69
N GLY A 588 -86.52 -7.57 -2.49
CA GLY A 588 -86.47 -7.40 -3.92
C GLY A 588 -87.82 -7.19 -4.56
N GLN A 589 -88.87 -7.76 -3.97
CA GLN A 589 -90.22 -7.44 -4.43
C GLN A 589 -90.54 -5.96 -4.19
N ALA A 590 -90.16 -5.42 -3.03
CA ALA A 590 -90.47 -4.02 -2.73
C ALA A 590 -89.73 -3.07 -3.65
N VAL A 591 -88.45 -3.35 -3.93
CA VAL A 591 -87.69 -2.45 -4.78
C VAL A 591 -88.34 -2.36 -6.14
N ALA A 592 -88.76 -3.51 -6.68
CA ALA A 592 -89.36 -3.55 -8.01
C ALA A 592 -90.72 -2.87 -7.99
N GLU A 593 -91.52 -3.12 -6.96
CA GLU A 593 -92.78 -2.40 -6.85
C GLU A 593 -92.57 -0.89 -6.81
N LEU A 594 -91.53 -0.44 -6.13
CA LEU A 594 -91.28 1.00 -6.00
C LEU A 594 -90.88 1.59 -7.33
N VAL A 595 -89.91 0.97 -8.00
CA VAL A 595 -89.39 1.50 -9.25
C VAL A 595 -90.50 1.55 -10.31
N LEU A 596 -91.42 0.59 -10.27
CA LEU A 596 -92.50 0.52 -11.23
C LEU A 596 -93.73 1.30 -10.81
N GLY A 597 -93.73 1.89 -9.63
CA GLY A 597 -94.86 2.66 -9.19
C GLY A 597 -96.04 1.86 -8.72
N LEU A 598 -95.85 0.61 -8.34
CA LEU A 598 -96.95 -0.17 -7.78
C LEU A 598 -97.19 0.15 -6.31
N ILE A 599 -96.24 0.83 -5.67
CA ILE A 599 -96.43 1.40 -4.35
C ILE A 599 -95.88 2.82 -4.37
N GLU A 600 -96.23 3.60 -3.32
CA GLU A 600 -95.58 4.89 -3.11
C GLU A 600 -94.48 4.74 -2.07
N PRO A 601 -93.37 5.45 -2.23
CA PRO A 601 -92.33 5.43 -1.21
C PRO A 601 -92.82 6.08 0.08
N GLU A 602 -92.51 5.46 1.21
CA GLU A 602 -92.84 5.98 2.51
C GLU A 602 -91.64 6.17 3.42
N GLY A 603 -90.57 5.40 3.25
CA GLY A 603 -89.44 5.46 4.14
C GLY A 603 -88.83 6.83 4.36
N ARG A 604 -88.29 7.04 5.55
CA ARG A 604 -87.57 8.25 5.90
C ARG A 604 -86.30 7.85 6.64
N LEU A 605 -85.22 8.56 6.36
CA LEU A 605 -83.94 8.15 6.90
C LEU A 605 -83.94 8.20 8.42
N PRO A 606 -83.54 7.12 9.09
CA PRO A 606 -83.30 7.17 10.54
C PRO A 606 -81.86 7.49 10.91
N ILE A 607 -81.05 7.88 9.93
CA ILE A 607 -79.63 8.08 10.12
C ILE A 607 -79.15 8.98 8.98
N SER A 608 -78.05 9.69 9.20
CA SER A 608 -77.51 10.59 8.19
C SER A 608 -76.40 9.93 7.39
N PHE A 609 -76.22 10.37 6.15
CA PHE A 609 -75.16 9.89 5.27
C PHE A 609 -74.03 10.91 5.23
N ALA A 610 -72.82 10.50 5.56
CA ALA A 610 -71.67 11.37 5.42
C ALA A 610 -71.21 11.47 3.96
N ARG A 611 -70.56 12.60 3.65
CA ARG A 611 -69.90 12.76 2.36
C ARG A 611 -68.50 12.20 2.34
N HIS A 612 -67.89 12.04 3.51
CA HIS A 612 -66.53 11.56 3.68
C HIS A 612 -66.41 11.14 5.12
N ALA A 613 -65.58 10.12 5.38
CA ALA A 613 -65.45 9.63 6.74
C ALA A 613 -64.94 10.71 7.67
N GLY A 614 -64.09 11.60 7.16
CA GLY A 614 -63.54 12.73 7.89
C GLY A 614 -64.53 13.84 8.18
N GLN A 615 -65.71 13.80 7.61
CA GLN A 615 -66.71 14.84 7.82
C GLN A 615 -67.44 14.70 9.14
N GLN A 616 -67.34 13.55 9.78
CA GLN A 616 -68.12 13.25 10.97
C GLN A 616 -67.73 14.08 12.19
N PRO A 617 -68.67 14.38 13.08
CA PRO A 617 -70.05 13.89 13.15
C PRO A 617 -71.02 14.49 12.14
N THR A 618 -71.92 13.64 11.65
CA THR A 618 -72.94 14.04 10.71
C THR A 618 -74.33 13.72 11.18
N TYR A 619 -74.51 13.22 12.38
CA TYR A 619 -75.85 13.11 12.94
C TYR A 619 -76.45 14.51 13.16
N TYR A 620 -77.77 14.57 13.14
CA TYR A 620 -78.45 15.84 13.07
C TYR A 620 -78.32 16.65 14.37
N ASN A 621 -78.30 16.00 15.54
CA ASN A 621 -78.44 16.69 16.83
C ASN A 621 -77.09 17.08 17.41
N VAL A 622 -76.40 17.95 16.71
CA VAL A 622 -75.04 18.34 17.05
C VAL A 622 -75.06 19.46 18.09
N VAL A 623 -74.09 19.39 19.01
CA VAL A 623 -73.97 20.33 20.12
C VAL A 623 -73.36 21.63 19.62
N ARG A 624 -73.91 22.75 20.08
CA ARG A 624 -73.50 24.07 19.61
C ARG A 624 -72.08 24.40 20.03
N GLY A 625 -71.46 25.31 19.30
CA GLY A 625 -70.21 25.89 19.76
C GLY A 625 -69.10 26.09 18.78
N GLN A 626 -69.17 25.43 17.64
CA GLN A 626 -68.08 25.46 16.68
C GLN A 626 -67.81 26.89 16.19
N HIS A 627 -66.52 27.23 16.08
CA HIS A 627 -66.06 28.39 15.33
C HIS A 627 -65.99 27.99 13.86
N GLY A 628 -66.98 28.40 13.08
CA GLY A 628 -67.06 28.03 11.69
C GLY A 628 -68.21 27.07 11.43
N VAL A 629 -68.44 26.82 10.15
CA VAL A 629 -69.56 26.02 9.67
C VAL A 629 -69.10 24.93 8.70
N ARG A 630 -67.84 24.95 8.28
CA ARG A 630 -67.37 24.01 7.28
C ARG A 630 -65.89 23.72 7.48
N TYR A 631 -65.48 22.56 6.99
CA TYR A 631 -64.07 22.29 6.83
C TYR A 631 -63.53 23.14 5.69
N ALA A 632 -62.23 23.37 5.69
CA ALA A 632 -61.67 24.19 4.66
C ALA A 632 -61.70 23.50 3.31
N ASP A 633 -61.79 22.17 3.29
CA ASP A 633 -61.85 21.38 2.07
C ASP A 633 -63.18 20.67 1.87
N LEU A 634 -64.17 20.92 2.71
CA LEU A 634 -65.40 20.15 2.57
C LEU A 634 -66.49 20.78 3.40
N THR A 635 -67.69 20.82 2.86
CA THR A 635 -68.85 21.20 3.64
C THR A 635 -69.08 20.19 4.77
N GLN A 636 -69.80 20.63 5.80
CA GLN A 636 -70.27 19.77 6.87
C GLN A 636 -71.70 19.33 6.66
N SER A 637 -72.31 19.80 5.60
CA SER A 637 -73.64 19.33 5.22
C SER A 637 -73.59 17.85 4.86
N PRO A 638 -74.43 17.01 5.46
CA PRO A 638 -74.46 15.60 5.10
C PRO A 638 -74.94 15.41 3.67
N ALA A 639 -74.53 14.27 3.09
CA ALA A 639 -75.04 13.91 1.78
C ALA A 639 -76.54 13.70 1.83
N PHE A 640 -77.03 13.04 2.85
CA PHE A 640 -78.46 12.92 3.07
C PHE A 640 -78.70 12.94 4.55
N ALA A 641 -79.78 13.57 4.98
CA ALA A 641 -79.91 13.88 6.40
C ALA A 641 -81.05 13.11 7.04
N PHE A 642 -80.89 12.86 8.33
CA PHE A 642 -81.94 12.26 9.15
C PHE A 642 -83.31 12.82 8.81
N GLY A 643 -84.26 11.92 8.60
CA GLY A 643 -85.62 12.28 8.34
C GLY A 643 -85.97 12.54 6.89
N GLU A 644 -85.01 12.59 5.99
CA GLU A 644 -85.43 12.91 4.64
C GLU A 644 -85.69 11.64 3.81
N GLY A 645 -86.23 11.84 2.62
CA GLY A 645 -86.82 10.80 1.81
C GLY A 645 -87.95 11.35 0.98
N LEU A 646 -88.05 10.94 -0.29
CA LEU A 646 -89.02 11.50 -1.21
C LEU A 646 -90.26 10.65 -1.27
N SER A 647 -91.28 11.17 -1.94
CA SER A 647 -92.39 10.35 -2.40
C SER A 647 -92.48 10.50 -3.91
N TYR A 648 -93.66 10.25 -4.47
CA TYR A 648 -93.94 10.49 -5.87
C TYR A 648 -94.90 11.65 -6.07
N THR A 649 -94.96 12.57 -5.11
CA THR A 649 -95.78 13.74 -5.20
C THR A 649 -95.11 14.82 -4.38
N THR A 650 -95.71 16.00 -4.36
CA THR A 650 -95.20 17.13 -3.59
C THR A 650 -96.18 17.47 -2.49
N VAL A 651 -95.64 17.75 -1.31
CA VAL A 651 -96.43 18.13 -0.14
C VAL A 651 -95.89 19.45 0.36
N GLU A 652 -96.78 20.41 0.58
CA GLU A 652 -96.40 21.73 1.06
C GLU A 652 -96.77 21.87 2.53
N TYR A 653 -95.85 22.39 3.31
CA TYR A 653 -96.04 22.65 4.72
C TYR A 653 -96.23 24.15 4.89
N ALA A 654 -97.30 24.57 5.56
CA ALA A 654 -97.71 25.97 5.47
C ALA A 654 -97.67 26.72 6.80
N ASP A 655 -98.58 26.47 7.72
CA ASP A 655 -98.96 27.53 8.67
C ASP A 655 -98.84 27.04 10.10
N LEU A 656 -97.61 26.99 10.61
CA LEU A 656 -97.35 26.38 11.91
C LEU A 656 -97.76 27.32 13.05
N ARG A 657 -98.63 26.85 13.93
CA ARG A 657 -99.15 27.67 15.01
C ARG A 657 -99.10 26.90 16.31
N VAL A 658 -98.41 27.46 17.30
CA VAL A 658 -98.57 26.99 18.68
C VAL A 658 -99.84 27.59 19.26
N LEU A 659 -100.59 26.79 20.00
CA LEU A 659 -101.88 27.19 20.53
C LEU A 659 -101.67 27.68 21.96
N GLY A 660 -101.46 28.97 22.11
CA GLY A 660 -101.10 29.53 23.39
C GLY A 660 -99.66 29.24 23.71
N THR A 661 -98.85 30.26 24.00
CA THR A 661 -97.40 30.07 24.04
C THR A 661 -96.83 29.92 25.45
N GLU A 662 -97.60 30.18 26.51
CA GLU A 662 -97.07 30.12 27.86
C GLU A 662 -97.49 28.83 28.55
N HIS A 663 -96.50 28.09 29.09
CA HIS A 663 -96.71 26.73 29.59
C HIS A 663 -96.02 26.53 30.94
N GLY A 664 -96.55 25.61 31.72
CA GLY A 664 -95.92 25.18 32.94
C GLY A 664 -95.44 23.76 32.82
N PRO A 665 -94.72 23.27 33.83
CA PRO A 665 -94.06 21.97 33.72
C PRO A 665 -95.01 20.80 33.60
N ASP A 666 -96.29 20.97 33.86
CA ASP A 666 -97.26 19.89 33.70
C ASP A 666 -98.03 19.99 32.40
N ASP A 667 -97.75 20.99 31.57
CA ASP A 667 -98.56 21.25 30.41
C ASP A 667 -98.07 20.45 29.20
N VAL A 668 -98.85 20.55 28.13
CA VAL A 668 -98.50 20.00 26.83
C VAL A 668 -98.44 21.16 25.84
N VAL A 669 -97.37 21.23 25.07
CA VAL A 669 -97.29 22.17 23.96
C VAL A 669 -98.11 21.64 22.80
N ARG A 670 -99.00 22.47 22.27
CA ARG A 670 -99.94 22.06 21.24
C ARG A 670 -99.75 22.91 20.01
N ALA A 671 -99.63 22.27 18.85
CA ALA A 671 -99.42 23.01 17.63
C ALA A 671 -100.29 22.46 16.53
N GLU A 672 -100.40 23.23 15.46
CA GLU A 672 -101.08 22.78 14.27
C GLU A 672 -100.26 23.22 13.07
N VAL A 673 -100.30 22.41 12.02
CA VAL A 673 -99.64 22.74 10.77
C VAL A 673 -100.53 22.24 9.65
N THR A 674 -100.47 22.90 8.50
CA THR A 674 -101.32 22.57 7.37
C THR A 674 -100.48 21.94 6.27
N LEU A 675 -100.92 20.78 5.79
CA LEU A 675 -100.27 20.08 4.70
C LEU A 675 -101.19 20.03 3.49
N THR A 676 -100.61 20.23 2.32
CA THR A 676 -101.33 20.13 1.06
C THR A 676 -100.56 19.24 0.11
N ASN A 677 -101.25 18.22 -0.41
CA ASN A 677 -100.73 17.38 -1.48
C ASN A 677 -101.00 18.07 -2.81
N THR A 678 -99.96 18.63 -3.40
CA THR A 678 -100.09 19.41 -4.62
C THR A 678 -99.75 18.62 -5.87
N GLY A 679 -99.66 17.30 -5.78
CA GLY A 679 -99.32 16.48 -6.93
C GLY A 679 -100.39 15.49 -7.29
N SER A 680 -100.03 14.46 -8.04
CA SER A 680 -101.00 13.56 -8.66
C SER A 680 -101.20 12.25 -7.92
N ARG A 681 -100.38 11.92 -6.93
CA ARG A 681 -100.45 10.61 -6.32
C ARG A 681 -100.64 10.73 -4.82
N PRO A 682 -101.30 9.77 -4.19
CA PRO A 682 -101.39 9.78 -2.73
C PRO A 682 -100.03 9.60 -2.07
N VAL A 683 -99.95 9.99 -0.80
CA VAL A 683 -98.72 9.90 -0.05
C VAL A 683 -99.05 9.64 1.40
N ARG A 684 -98.22 8.86 2.06
CA ARG A 684 -98.21 8.79 3.52
C ARG A 684 -97.00 9.58 4.01
N GLU A 685 -97.26 10.78 4.49
CA GLU A 685 -96.22 11.73 4.90
C GLU A 685 -95.93 11.59 6.40
N THR A 686 -94.66 11.80 6.77
CA THR A 686 -94.19 11.66 8.15
C THR A 686 -93.75 13.03 8.65
N VAL A 687 -94.62 13.70 9.39
CA VAL A 687 -94.34 15.02 9.94
C VAL A 687 -93.42 14.89 11.14
N GLN A 688 -92.31 15.61 11.14
CA GLN A 688 -91.32 15.52 12.21
C GLN A 688 -91.32 16.79 13.04
N VAL A 689 -91.29 16.61 14.37
CA VAL A 689 -91.39 17.70 15.35
C VAL A 689 -90.11 17.73 16.18
N TYR A 690 -89.34 18.80 16.05
CA TYR A 690 -88.09 19.03 16.76
C TYR A 690 -88.26 20.18 17.75
N VAL A 691 -87.53 20.10 18.86
CA VAL A 691 -87.54 21.14 19.88
C VAL A 691 -86.12 21.68 20.04
N SER A 692 -86.00 23.00 20.04
CA SER A 692 -84.73 23.68 20.24
C SER A 692 -84.83 24.50 21.51
N ASP A 693 -83.91 24.27 22.43
CA ASP A 693 -83.83 25.04 23.67
C ASP A 693 -82.89 26.21 23.40
N THR A 694 -83.41 27.43 23.50
CA THR A 694 -82.71 28.58 22.95
C THR A 694 -81.48 28.97 23.77
N VAL A 695 -81.62 29.02 25.10
CA VAL A 695 -80.52 29.31 26.01
C VAL A 695 -80.49 28.21 27.05
N THR A 696 -79.34 27.57 27.22
CA THR A 696 -79.20 26.41 28.07
C THR A 696 -78.10 26.65 29.11
N SER A 697 -78.24 26.04 30.29
CA SER A 697 -77.23 26.24 31.33
C SER A 697 -75.90 25.58 30.95
N VAL A 698 -75.94 24.56 30.11
CA VAL A 698 -74.76 23.93 29.56
C VAL A 698 -74.97 23.79 28.06
N THR A 699 -73.88 23.67 27.32
CA THR A 699 -74.01 23.51 25.88
C THR A 699 -74.82 22.27 25.57
N TRP A 700 -75.73 22.39 24.61
CA TRP A 700 -76.66 21.33 24.27
C TRP A 700 -76.75 21.23 22.75
N ALA A 701 -77.54 20.26 22.28
CA ALA A 701 -77.82 20.13 20.85
C ALA A 701 -78.63 21.31 20.33
N GLU A 702 -78.48 21.59 19.04
CA GLU A 702 -79.24 22.69 18.43
C GLU A 702 -80.72 22.36 18.34
N LYS A 703 -81.07 21.09 18.20
CA LYS A 703 -82.46 20.66 18.24
C LYS A 703 -82.48 19.15 18.45
N GLU A 704 -83.65 18.64 18.82
CA GLU A 704 -83.85 17.23 19.10
C GLU A 704 -85.24 16.83 18.64
N LEU A 705 -85.36 15.64 18.05
CA LEU A 705 -86.67 15.10 17.71
C LEU A 705 -87.44 14.77 18.98
N LYS A 706 -88.70 15.16 19.02
CA LYS A 706 -89.53 14.88 20.18
C LYS A 706 -90.87 14.26 19.84
N ALA A 707 -91.39 14.47 18.64
CA ALA A 707 -92.60 13.79 18.20
C ALA A 707 -92.60 13.65 16.68
N TYR A 708 -93.57 12.90 16.17
CA TYR A 708 -93.76 12.74 14.73
C TYR A 708 -95.17 12.24 14.51
N ARG A 709 -95.60 12.30 13.26
CA ARG A 709 -96.98 11.93 12.98
C ARG A 709 -97.11 11.56 11.50
N LYS A 710 -97.81 10.48 11.22
CA LYS A 710 -98.05 10.06 9.85
C LYS A 710 -99.42 10.55 9.39
N VAL A 711 -99.44 11.14 8.21
CA VAL A 711 -100.63 11.76 7.65
C VAL A 711 -100.84 11.26 6.22
N ASP A 712 -102.01 10.70 5.94
CA ASP A 712 -102.36 10.25 4.60
C ASP A 712 -103.05 11.38 3.83
N LEU A 713 -102.55 11.67 2.63
CA LEU A 713 -103.12 12.73 1.81
C LEU A 713 -103.39 12.23 0.40
N ALA A 714 -104.65 12.24 0.00
CA ALA A 714 -105.01 11.99 -1.38
C ALA A 714 -104.56 13.17 -2.24
N PRO A 715 -104.49 13.00 -3.56
CA PRO A 715 -104.06 14.12 -4.40
C PRO A 715 -105.01 15.30 -4.26
N GLY A 716 -104.43 16.49 -4.13
CA GLY A 716 -105.19 17.70 -3.91
C GLY A 716 -105.65 17.93 -2.49
N GLU A 717 -105.51 16.94 -1.60
CA GLU A 717 -106.07 17.05 -0.27
C GLU A 717 -105.24 17.96 0.63
N SER A 718 -105.93 18.74 1.44
CA SER A 718 -105.34 19.54 2.52
C SER A 718 -105.74 18.95 3.86
N ALA A 719 -104.88 19.13 4.84
CA ALA A 719 -105.21 18.71 6.19
C ALA A 719 -104.50 19.63 7.17
N THR A 720 -105.19 19.95 8.24
CA THR A 720 -104.59 20.67 9.33
C THR A 720 -104.37 19.65 10.43
N VAL A 721 -103.10 19.45 10.76
CA VAL A 721 -102.66 18.35 11.61
C VAL A 721 -102.28 18.91 12.97
N GLY A 722 -102.81 18.30 14.02
CA GLY A 722 -102.48 18.70 15.37
C GLY A 722 -101.32 17.88 15.92
N LEU A 723 -100.36 18.56 16.51
CA LEU A 723 -99.15 17.96 17.02
C LEU A 723 -99.05 18.29 18.50
N GLU A 724 -98.32 17.47 19.25
CA GLU A 724 -98.11 17.86 20.63
C GLU A 724 -96.86 17.21 21.23
N VAL A 725 -96.18 18.01 22.06
CA VAL A 725 -95.01 17.56 22.79
C VAL A 725 -95.26 17.91 24.25
N PRO A 726 -95.26 16.95 25.17
CA PRO A 726 -95.36 17.30 26.58
C PRO A 726 -94.18 18.16 27.01
N VAL A 727 -94.49 19.19 27.80
CA VAL A 727 -93.46 20.06 28.35
C VAL A 727 -92.41 19.25 29.12
N ALA A 728 -92.82 18.16 29.76
CA ALA A 728 -91.88 17.31 30.47
C ALA A 728 -90.86 16.64 29.57
N ASP A 729 -91.03 16.69 28.25
CA ASP A 729 -90.06 16.06 27.36
C ASP A 729 -88.97 17.00 26.92
N CYS A 730 -89.10 18.29 27.20
CA CYS A 730 -88.17 19.30 26.71
C CYS A 730 -86.99 19.45 27.68
N THR A 731 -86.29 18.36 27.90
CA THR A 731 -85.24 18.27 28.90
C THR A 731 -83.88 18.49 28.30
N LEU A 732 -82.91 18.77 29.17
CA LEU A 732 -81.50 18.58 28.88
C LEU A 732 -80.87 17.95 30.12
N VAL A 733 -79.60 17.60 30.02
CA VAL A 733 -78.85 17.10 31.15
C VAL A 733 -77.91 18.20 31.59
N ASP A 734 -78.14 18.75 32.77
CA ASP A 734 -77.33 19.86 33.24
C ASP A 734 -76.00 19.37 33.80
N ALA A 735 -75.13 20.31 34.12
CA ALA A 735 -74.09 20.02 35.08
C ALA A 735 -74.77 19.48 36.31
N HIS A 736 -74.16 18.52 36.99
CA HIS A 736 -74.70 17.70 38.08
C HIS A 736 -75.38 16.45 37.54
N GLY A 737 -75.62 16.35 36.24
CA GLY A 737 -76.14 15.13 35.67
C GLY A 737 -77.62 14.91 35.88
N ARG A 738 -78.40 15.95 36.12
CA ARG A 738 -79.83 15.82 36.24
C ARG A 738 -80.50 16.14 34.91
N ARG A 739 -81.51 15.34 34.56
CA ARG A 739 -82.28 15.57 33.34
C ARG A 739 -83.51 16.38 33.72
N VAL A 740 -83.54 17.64 33.30
CA VAL A 740 -84.50 18.61 33.78
C VAL A 740 -84.97 19.47 32.63
N VAL A 741 -86.16 20.03 32.78
CA VAL A 741 -86.68 21.07 31.90
C VAL A 741 -86.33 22.43 32.51
N GLU A 742 -85.50 23.20 31.83
CA GLU A 742 -85.12 24.52 32.34
C GLU A 742 -86.07 25.58 31.82
N PRO A 743 -86.62 26.44 32.68
CA PRO A 743 -87.48 27.53 32.19
C PRO A 743 -86.74 28.41 31.20
N GLY A 744 -87.49 28.97 30.27
CA GLY A 744 -86.89 29.82 29.25
C GLY A 744 -87.59 29.69 27.93
N GLU A 745 -86.94 30.18 26.88
CA GLU A 745 -87.52 30.19 25.56
C GLU A 745 -87.15 28.94 24.77
N PHE A 746 -88.10 28.45 23.99
CA PHE A 746 -87.91 27.30 23.12
C PHE A 746 -88.35 27.63 21.71
N GLU A 747 -88.09 26.70 20.80
CA GLU A 747 -88.56 26.81 19.43
C GLU A 747 -89.06 25.45 19.00
N LEU A 748 -90.24 25.42 18.42
CA LEU A 748 -90.79 24.22 17.79
C LEU A 748 -90.50 24.29 16.30
N ARG A 749 -89.84 23.27 15.78
CA ARG A 749 -89.45 23.22 14.38
C ARG A 749 -90.11 21.99 13.77
N VAL A 750 -90.87 22.19 12.70
CA VAL A 750 -91.76 21.17 12.17
C VAL A 750 -91.58 21.09 10.67
N GLY A 751 -91.54 19.88 10.14
CA GLY A 751 -91.34 19.71 8.72
C GLY A 751 -91.08 18.29 8.29
N PRO A 752 -90.72 18.11 7.02
CA PRO A 752 -90.55 16.77 6.46
C PRO A 752 -89.18 16.12 6.66
N SER A 753 -88.19 16.86 7.14
CA SER A 753 -86.87 16.31 7.39
C SER A 753 -86.23 17.12 8.51
N SER A 754 -85.00 16.76 8.86
CA SER A 754 -84.26 17.48 9.89
C SER A 754 -83.48 18.66 9.32
N ARG A 755 -83.51 18.89 8.01
CA ARG A 755 -82.77 20.00 7.43
C ARG A 755 -83.40 21.34 7.80
N GLU A 756 -82.58 22.34 8.08
CA GLU A 756 -83.10 23.61 8.58
C GLU A 756 -83.90 24.33 7.52
N ASP A 757 -83.46 24.29 6.28
CA ASP A 757 -84.21 24.95 5.23
C ASP A 757 -85.53 24.27 4.91
N ALA A 758 -85.93 23.25 5.67
CA ALA A 758 -87.17 22.55 5.44
C ALA A 758 -88.07 22.57 6.66
N LEU A 759 -87.72 23.32 7.70
CA LEU A 759 -88.46 23.35 8.94
C LEU A 759 -89.15 24.71 9.11
N LEU A 760 -90.46 24.67 9.35
CA LEU A 760 -91.17 25.82 9.87
C LEU A 760 -90.89 25.97 11.36
N ARG A 761 -90.94 27.19 11.87
CA ARG A 761 -90.63 27.36 13.28
C ARG A 761 -91.61 28.29 13.98
N ALA A 762 -91.83 27.99 15.26
CA ALA A 762 -92.69 28.77 16.14
C ALA A 762 -92.15 28.62 17.56
N SER A 763 -92.08 29.72 18.29
CA SER A 763 -91.49 29.68 19.61
C SER A 763 -92.56 29.63 20.69
N PHE A 764 -92.16 29.09 21.81
CA PHE A 764 -92.97 28.91 22.99
C PHE A 764 -92.12 29.11 24.23
N THR A 765 -92.76 29.37 25.36
CA THR A 765 -92.06 29.64 26.57
C THR A 765 -92.47 28.73 27.67
N VAL A 766 -91.52 28.32 28.48
CA VAL A 766 -91.81 27.51 29.62
C VAL A 766 -91.49 28.37 30.82
N ALA A 767 -92.44 28.55 31.70
CA ALA A 767 -92.25 29.33 32.90
C ALA A 767 -92.06 28.41 34.09
CA THR B 6 -45.75 61.85 47.30
C THR B 6 -46.16 60.38 47.24
N LEU B 7 -47.24 60.11 46.50
CA LEU B 7 -48.09 58.95 46.69
C LEU B 7 -47.37 57.60 46.88
N PRO B 8 -47.85 56.80 47.83
CA PRO B 8 -47.14 55.55 48.15
C PRO B 8 -47.13 54.55 47.02
N TYR B 9 -48.16 54.52 46.16
CA TYR B 9 -48.17 53.53 45.09
C TYR B 9 -47.05 53.76 44.09
N LEU B 10 -46.43 54.94 44.10
CA LEU B 10 -45.30 55.26 43.24
C LEU B 10 -43.97 55.13 43.95
N ASP B 11 -43.95 54.60 45.17
CA ASP B 11 -42.72 54.55 45.92
C ASP B 11 -42.09 53.16 45.81
N PRO B 12 -41.00 53.01 45.07
CA PRO B 12 -40.38 51.68 44.93
C PRO B 12 -39.88 51.12 46.24
N ALA B 13 -39.70 51.95 47.26
CA ALA B 13 -39.28 51.42 48.56
C ALA B 13 -40.43 50.84 49.36
N VAL B 14 -41.67 50.97 48.90
CA VAL B 14 -42.82 50.44 49.62
C VAL B 14 -43.09 49.03 49.13
N PRO B 15 -43.44 48.09 50.02
CA PRO B 15 -43.72 46.73 49.59
C PRO B 15 -44.85 46.68 48.59
N VAL B 16 -44.75 45.72 47.68
CA VAL B 16 -45.66 45.62 46.54
C VAL B 16 -47.11 45.49 47.00
N ALA B 17 -47.36 44.73 48.05
CA ALA B 17 -48.74 44.59 48.51
C ALA B 17 -49.30 45.89 49.06
N ASP B 18 -48.44 46.72 49.65
CA ASP B 18 -48.91 48.02 50.12
C ASP B 18 -49.07 48.99 48.97
N ARG B 19 -48.22 48.91 47.95
CA ARG B 19 -48.43 49.70 46.74
C ARG B 19 -49.76 49.35 46.08
N VAL B 20 -50.09 48.05 45.99
CA VAL B 20 -51.35 47.62 45.39
C VAL B 20 -52.54 48.23 46.14
N GLU B 21 -52.50 48.19 47.47
CA GLU B 21 -53.67 48.61 48.23
C GLU B 21 -53.81 50.12 48.24
N ASP B 22 -52.71 50.84 48.08
CA ASP B 22 -52.76 52.29 47.93
C ASP B 22 -53.37 52.70 46.60
N LEU B 23 -52.98 52.03 45.52
CA LEU B 23 -53.54 52.35 44.22
C LEU B 23 -54.99 51.91 44.12
N LEU B 24 -55.30 50.70 44.58
CA LEU B 24 -56.66 50.20 44.49
C LEU B 24 -57.65 51.13 45.18
N ALA B 25 -57.26 51.72 46.31
CA ALA B 25 -58.17 52.54 47.08
C ALA B 25 -58.50 53.84 46.36
N ARG B 26 -57.65 54.26 45.46
CA ARG B 26 -57.87 55.47 44.69
C ARG B 26 -58.70 55.24 43.41
N MET B 27 -59.00 54.00 43.05
CA MET B 27 -59.59 53.71 41.74
C MET B 27 -61.11 53.74 41.77
N THR B 28 -61.69 54.38 40.77
CA THR B 28 -63.12 54.21 40.55
C THR B 28 -63.42 52.81 40.06
N LEU B 29 -64.67 52.40 40.22
CA LEU B 29 -65.08 51.09 39.73
C LEU B 29 -64.89 50.94 38.21
N PRO B 30 -65.19 51.94 37.37
CA PRO B 30 -64.81 51.80 35.95
C PRO B 30 -63.34 51.62 35.71
N GLU B 31 -62.47 52.24 36.50
CA GLU B 31 -61.04 52.06 36.29
C GLU B 31 -60.59 50.66 36.66
N LYS B 32 -61.30 50.02 37.59
CA LYS B 32 -60.98 48.66 38.03
C LYS B 32 -61.43 47.62 37.01
N VAL B 33 -62.69 47.70 36.58
CA VAL B 33 -63.17 46.84 35.52
C VAL B 33 -62.26 46.97 34.30
N GLY B 34 -61.91 48.18 33.93
CA GLY B 34 -61.10 48.38 32.74
C GLY B 34 -59.73 47.75 32.86
N GLN B 35 -59.22 47.63 34.08
CA GLN B 35 -57.92 47.03 34.29
C GLN B 35 -57.95 45.54 33.99
N MET B 36 -59.13 44.93 34.02
CA MET B 36 -59.35 43.55 33.62
C MET B 36 -59.48 43.35 32.12
N LEU B 37 -59.64 44.40 31.34
CA LEU B 37 -59.82 44.27 29.91
C LEU B 37 -58.49 44.19 29.21
N GLN B 38 -58.43 43.35 28.18
CA GLN B 38 -57.33 43.31 27.23
C GLN B 38 -57.98 43.47 25.86
N LEU B 39 -57.70 44.58 25.19
CA LEU B 39 -58.45 45.02 24.03
C LEU B 39 -57.62 44.97 22.76
N ASP B 40 -58.34 44.87 21.64
CA ASP B 40 -57.79 44.78 20.30
C ASP B 40 -57.33 46.16 19.85
N ALA B 41 -56.02 46.34 19.74
CA ALA B 41 -55.48 47.64 19.38
C ALA B 41 -55.82 48.02 17.95
N ARG B 42 -56.03 47.03 17.08
CA ARG B 42 -56.37 47.31 15.69
C ARG B 42 -57.69 48.03 15.56
N ASP B 43 -58.55 47.98 16.58
CA ASP B 43 -59.80 48.72 16.58
C ASP B 43 -59.68 50.16 17.04
N GLY B 44 -58.49 50.61 17.43
CA GLY B 44 -58.34 51.97 17.89
C GLY B 44 -57.89 52.06 19.33
N VAL B 45 -56.70 52.61 19.53
CA VAL B 45 -56.09 52.58 20.86
C VAL B 45 -56.66 53.68 21.75
N GLY B 46 -57.07 54.81 21.18
CA GLY B 46 -57.54 55.94 21.94
C GLY B 46 -58.73 55.64 22.83
N PRO B 47 -59.83 55.17 22.25
CA PRO B 47 -60.97 54.82 23.10
C PRO B 47 -60.66 53.73 24.11
N ALA B 48 -59.78 52.79 23.76
CA ALA B 48 -59.50 51.67 24.64
C ALA B 48 -58.76 52.11 25.89
N VAL B 49 -57.78 53.00 25.74
CA VAL B 49 -56.99 53.46 26.87
C VAL B 49 -57.70 54.57 27.64
N LEU B 50 -58.47 55.42 26.98
CA LEU B 50 -59.06 56.58 27.62
C LEU B 50 -60.50 56.37 28.08
N GLU B 51 -61.34 55.71 27.29
CA GLU B 51 -62.75 55.62 27.62
C GLU B 51 -63.06 54.34 28.39
N LYS B 52 -62.80 53.20 27.77
CA LYS B 52 -62.57 52.00 28.53
C LYS B 52 -61.24 52.19 29.21
N HIS B 53 -61.02 51.53 30.32
CA HIS B 53 -59.77 51.97 30.94
C HIS B 53 -58.78 50.83 30.95
N ALA B 54 -58.41 50.36 29.76
CA ALA B 54 -57.87 49.01 29.59
C ALA B 54 -56.58 48.80 30.36
N GLY B 55 -56.46 47.63 30.98
CA GLY B 55 -55.19 47.19 31.53
C GLY B 55 -54.21 46.68 30.51
N SER B 56 -54.68 46.23 29.36
CA SER B 56 -53.80 45.56 28.43
C SER B 56 -54.28 45.75 26.99
N LEU B 57 -53.34 45.69 26.06
CA LEU B 57 -53.62 45.68 24.63
C LEU B 57 -52.90 44.51 23.97
N LEU B 58 -53.54 43.94 22.94
CA LEU B 58 -52.90 42.97 22.05
C LEU B 58 -53.05 43.40 20.60
N HIS B 59 -52.20 42.84 19.73
CA HIS B 59 -52.19 43.16 18.30
C HIS B 59 -51.92 44.64 18.09
N THR B 60 -50.82 45.09 18.67
CA THR B 60 -50.44 46.49 18.67
C THR B 60 -49.33 46.71 17.65
N SER B 61 -49.65 47.44 16.60
CA SER B 61 -48.70 47.81 15.57
C SER B 61 -47.59 48.67 16.17
N PRO B 62 -46.47 48.81 15.47
CA PRO B 62 -45.42 49.71 15.99
C PRO B 62 -45.89 51.13 16.24
N GLU B 63 -46.72 51.66 15.36
CA GLU B 63 -47.29 52.99 15.57
C GLU B 63 -48.19 53.03 16.80
N ASN B 64 -49.00 52.00 17.00
CA ASN B 64 -49.92 52.02 18.13
C ASN B 64 -49.21 51.78 19.45
N VAL B 65 -48.03 51.16 19.45
CA VAL B 65 -47.28 50.99 20.69
C VAL B 65 -46.81 52.33 21.19
N LEU B 66 -46.36 53.19 20.29
CA LEU B 66 -45.95 54.53 20.68
C LEU B 66 -47.16 55.39 21.07
N ALA B 67 -48.28 55.25 20.35
CA ALA B 67 -49.48 55.99 20.72
C ALA B 67 -50.03 55.55 22.07
N ALA B 68 -49.98 54.25 22.36
CA ALA B 68 -50.50 53.77 23.63
C ALA B 68 -49.78 54.40 24.80
N HIS B 69 -48.46 54.54 24.71
CA HIS B 69 -47.73 55.11 25.83
C HIS B 69 -48.09 56.58 26.03
N GLU B 70 -48.24 57.33 24.94
CA GLU B 70 -48.68 58.73 25.04
C GLU B 70 -50.03 58.84 25.71
N LEU B 71 -50.95 57.95 25.36
CA LEU B 71 -52.29 58.03 25.92
C LEU B 71 -52.31 57.68 27.40
N THR B 72 -51.40 56.81 27.86
CA THR B 72 -51.36 56.47 29.27
C THR B 72 -51.03 57.70 30.12
N GLY B 73 -50.12 58.54 29.63
CA GLY B 73 -49.76 59.75 30.33
C GLY B 73 -50.89 60.73 30.54
N ARG B 74 -51.96 60.59 29.76
CA ARG B 74 -53.10 61.49 29.81
C ARG B 74 -54.29 60.89 30.54
N THR B 75 -54.12 59.75 31.18
CA THR B 75 -55.14 59.14 32.02
C THR B 75 -54.95 59.59 33.48
N ARG B 76 -55.99 59.42 34.27
CA ARG B 76 -55.99 59.95 35.62
C ARG B 76 -54.94 59.28 36.49
N LEU B 77 -54.87 57.95 36.47
CA LEU B 77 -53.98 57.21 37.33
C LEU B 77 -52.70 56.75 36.64
N ARG B 78 -52.57 56.94 35.32
CA ARG B 78 -51.35 56.61 34.56
C ARG B 78 -50.86 55.19 34.86
N ILE B 79 -51.77 54.24 34.96
CA ILE B 79 -51.38 52.84 35.16
C ILE B 79 -50.80 52.29 33.86
N PRO B 80 -49.54 51.86 33.87
CA PRO B 80 -48.91 51.44 32.62
C PRO B 80 -49.53 50.17 32.07
N LEU B 81 -49.56 50.08 30.74
CA LEU B 81 -50.21 49.00 30.02
C LEU B 81 -49.34 47.75 29.99
N LEU B 82 -49.99 46.58 29.98
CA LEU B 82 -49.36 45.35 29.53
C LEU B 82 -49.62 45.20 28.04
N LEU B 83 -48.55 45.11 27.27
CA LEU B 83 -48.67 44.94 25.83
C LEU B 83 -48.33 43.49 25.49
N ALA B 84 -49.28 42.78 24.88
CA ALA B 84 -49.16 41.36 24.64
C ALA B 84 -49.33 41.09 23.16
N GLU B 85 -48.63 40.08 22.66
CA GLU B 85 -48.67 39.75 21.24
C GLU B 85 -48.49 38.26 21.03
N ASP B 86 -49.06 37.74 19.94
CA ASP B 86 -48.78 36.36 19.51
C ASP B 86 -47.40 36.31 18.92
N CYS B 87 -46.43 35.81 19.67
CA CYS B 87 -45.07 35.66 19.20
C CYS B 87 -44.82 34.16 19.19
N ILE B 88 -45.30 33.52 18.13
CA ILE B 88 -45.60 32.10 18.17
C ILE B 88 -44.42 31.19 17.78
N HIS B 89 -43.57 31.62 16.84
CA HIS B 89 -42.39 30.88 16.49
C HIS B 89 -41.39 31.89 15.92
N GLY B 90 -40.87 32.72 16.81
CA GLY B 90 -40.29 33.99 16.46
C GLY B 90 -41.30 35.10 16.61
N HIS B 91 -40.85 36.32 16.36
CA HIS B 91 -41.69 37.50 16.56
C HIS B 91 -42.55 37.66 15.31
N SER B 92 -43.59 36.83 15.26
CA SER B 92 -44.50 36.63 14.13
C SER B 92 -44.77 37.89 13.31
N PHE B 93 -45.06 38.99 13.98
CA PHE B 93 -45.72 40.12 13.36
C PHE B 93 -44.86 41.37 13.44
N TRP B 94 -43.54 41.20 13.48
CA TRP B 94 -42.60 42.34 13.38
C TRP B 94 -41.85 42.18 12.05
N VAL B 95 -42.02 43.12 11.12
CA VAL B 95 -41.39 43.02 9.78
C VAL B 95 -39.87 43.02 9.93
N GLY B 96 -39.25 41.90 9.57
CA GLY B 96 -37.80 41.73 9.58
C GLY B 96 -37.31 40.93 10.75
N ALA B 97 -38.21 40.24 11.43
CA ALA B 97 -37.83 39.44 12.61
C ALA B 97 -37.43 38.02 12.19
N THR B 98 -36.74 37.33 13.09
CA THR B 98 -36.34 35.96 12.81
C THR B 98 -37.54 35.06 12.95
N ILE B 99 -37.96 34.42 11.86
CA ILE B 99 -39.08 33.50 11.91
C ILE B 99 -38.54 32.08 11.86
N PHE B 100 -38.75 31.34 12.93
CA PHE B 100 -38.28 29.97 13.11
C PHE B 100 -39.30 29.00 12.53
N PRO B 101 -38.99 27.70 12.45
CA PRO B 101 -40.04 26.75 12.11
C PRO B 101 -41.16 26.81 13.13
N THR B 102 -42.34 26.37 12.74
CA THR B 102 -43.44 26.23 13.66
C THR B 102 -43.05 25.32 14.82
N GLN B 103 -43.90 25.27 15.84
CA GLN B 103 -43.67 24.32 16.93
C GLN B 103 -43.58 22.90 16.41
N LEU B 104 -44.44 22.52 15.47
CA LEU B 104 -44.42 21.15 14.97
C LEU B 104 -43.08 20.82 14.34
N GLY B 105 -42.51 21.75 13.58
CA GLY B 105 -41.20 21.53 13.03
C GLY B 105 -40.13 21.47 14.09
N MET B 106 -40.19 22.36 15.08
CA MET B 106 -39.22 22.35 16.16
C MET B 106 -39.23 21.02 16.89
N ALA B 107 -40.42 20.44 17.09
CA ALA B 107 -40.54 19.21 17.85
C ALA B 107 -39.78 18.04 17.22
N ALA B 108 -39.57 18.08 15.90
CA ALA B 108 -38.81 17.04 15.23
C ALA B 108 -37.32 17.06 15.56
N THR B 109 -36.80 18.13 16.13
CA THR B 109 -35.42 18.11 16.60
C THR B 109 -35.26 17.30 17.87
N TRP B 110 -36.35 17.05 18.60
CA TRP B 110 -36.30 16.32 19.86
C TRP B 110 -35.26 16.92 20.82
N ASP B 111 -35.05 18.23 20.74
CA ASP B 111 -33.90 18.88 21.37
C ASP B 111 -34.35 20.07 22.21
N PRO B 112 -34.59 19.87 23.51
CA PRO B 112 -35.00 21.00 24.36
C PRO B 112 -33.97 22.10 24.47
N ALA B 113 -32.68 21.78 24.51
CA ALA B 113 -31.70 22.85 24.63
C ALA B 113 -31.77 23.80 23.43
N LEU B 114 -32.06 23.26 22.24
CA LEU B 114 -32.16 24.10 21.07
C LEU B 114 -33.45 24.91 21.08
N VAL B 115 -34.54 24.32 21.57
CA VAL B 115 -35.80 25.04 21.59
C VAL B 115 -35.76 26.17 22.61
N GLU B 116 -35.00 26.00 23.69
CA GLU B 116 -34.77 27.11 24.61
C GLU B 116 -34.02 28.26 23.93
N GLN B 117 -33.02 27.94 23.10
CA GLN B 117 -32.32 29.00 22.40
C GLN B 117 -33.25 29.77 21.47
N VAL B 118 -34.23 29.09 20.89
CA VAL B 118 -35.19 29.75 20.01
C VAL B 118 -36.11 30.66 20.80
N ALA B 119 -36.61 30.21 21.94
CA ALA B 119 -37.44 31.07 22.76
C ALA B 119 -36.66 32.27 23.28
N HIS B 120 -35.40 32.07 23.66
CA HIS B 120 -34.61 33.18 24.16
C HIS B 120 -34.34 34.19 23.07
N ALA B 121 -33.99 33.71 21.87
CA ALA B 121 -33.77 34.62 20.77
C ALA B 121 -35.05 35.37 20.40
N THR B 122 -36.20 34.73 20.54
CA THR B 122 -37.47 35.42 20.28
C THR B 122 -37.70 36.51 21.31
N ALA B 123 -37.53 36.19 22.59
CA ALA B 123 -37.75 37.16 23.64
C ALA B 123 -36.86 38.38 23.47
N VAL B 124 -35.60 38.18 23.07
CA VAL B 124 -34.69 39.30 22.84
C VAL B 124 -35.23 40.23 21.77
N GLU B 125 -35.78 39.67 20.70
CA GLU B 125 -36.35 40.52 19.66
C GLU B 125 -37.67 41.14 20.12
N VAL B 126 -38.49 40.36 20.83
CA VAL B 126 -39.79 40.87 21.27
C VAL B 126 -39.61 42.01 22.27
N ALA B 127 -38.63 41.91 23.16
CA ALA B 127 -38.47 42.92 24.18
C ALA B 127 -38.05 44.26 23.58
N ALA B 128 -37.28 44.25 22.49
CA ALA B 128 -36.84 45.48 21.88
C ALA B 128 -37.98 46.26 21.26
N THR B 129 -39.09 45.60 20.93
CA THR B 129 -40.22 46.27 20.32
C THR B 129 -41.25 46.70 21.33
N GLY B 130 -41.00 46.49 22.61
CA GLY B 130 -41.91 46.97 23.63
C GLY B 130 -43.05 46.06 23.95
N VAL B 131 -42.98 44.81 23.57
CA VAL B 131 -43.99 43.84 23.94
C VAL B 131 -43.52 43.10 25.19
N HIS B 132 -44.43 42.89 26.13
CA HIS B 132 -44.09 42.36 27.45
C HIS B 132 -44.47 40.90 27.67
N TRP B 133 -45.16 40.29 26.73
CA TRP B 133 -45.98 39.14 27.06
C TRP B 133 -46.38 38.45 25.76
N THR B 134 -45.96 37.20 25.60
CA THR B 134 -46.32 36.44 24.43
C THR B 134 -47.28 35.32 24.77
N PHE B 135 -48.27 35.12 23.91
CA PHE B 135 -49.20 34.01 24.04
C PHE B 135 -48.56 32.77 23.43
N SER B 136 -47.72 32.12 24.22
CA SER B 136 -46.83 31.09 23.75
C SER B 136 -46.10 30.54 24.96
N PRO B 137 -45.79 29.24 24.99
CA PRO B 137 -45.99 28.21 23.98
C PRO B 137 -47.37 27.57 23.98
N VAL B 138 -47.63 26.79 22.95
CA VAL B 138 -48.83 25.95 22.88
C VAL B 138 -48.50 24.57 23.46
N LEU B 139 -49.39 24.08 24.32
CA LEU B 139 -49.21 22.79 24.97
C LEU B 139 -50.31 21.80 24.59
N CYS B 140 -51.20 22.19 23.69
CA CYS B 140 -52.21 21.27 23.17
C CYS B 140 -51.55 20.03 22.55
N ILE B 141 -52.29 18.94 22.52
CA ILE B 141 -51.72 17.66 22.13
C ILE B 141 -52.46 17.19 20.88
N ALA B 142 -51.70 17.00 19.81
CA ALA B 142 -52.27 16.78 18.49
C ALA B 142 -52.80 15.37 18.36
N ARG B 143 -54.08 15.17 18.67
CA ARG B 143 -54.68 13.86 18.66
C ARG B 143 -55.59 13.60 17.47
N ASP B 144 -56.10 14.64 16.82
CA ASP B 144 -56.90 14.53 15.61
C ASP B 144 -56.27 15.38 14.52
N LEU B 145 -55.79 14.73 13.46
CA LEU B 145 -55.09 15.44 12.40
C LEU B 145 -55.99 16.36 11.62
N ARG B 146 -57.31 16.19 11.73
CA ARG B 146 -58.22 17.09 11.04
C ARG B 146 -58.15 18.51 11.58
N TRP B 147 -57.76 18.66 12.86
CA TRP B 147 -57.75 19.96 13.53
C TRP B 147 -56.81 20.92 12.83
N GLY B 148 -57.27 22.15 12.63
CA GLY B 148 -56.54 23.10 11.84
C GLY B 148 -55.31 23.69 12.48
N ARG B 149 -55.14 23.51 13.79
CA ARG B 149 -54.05 24.13 14.52
C ARG B 149 -52.97 23.13 14.95
N VAL B 150 -52.91 21.97 14.28
CA VAL B 150 -51.88 20.97 14.57
C VAL B 150 -50.48 21.55 14.45
N ASP B 151 -50.27 22.46 13.50
CA ASP B 151 -48.95 23.07 13.33
C ASP B 151 -48.49 23.79 14.59
N GLU B 152 -49.41 24.22 15.43
CA GLU B 152 -49.01 24.95 16.62
C GLU B 152 -48.61 24.04 17.76
N THR B 153 -48.78 22.73 17.63
CA THR B 153 -48.43 21.84 18.73
C THR B 153 -47.01 21.29 18.56
N PHE B 154 -46.52 20.67 19.63
CA PHE B 154 -45.30 19.90 19.59
C PHE B 154 -45.54 18.42 19.27
N GLY B 155 -46.73 18.06 18.78
CA GLY B 155 -47.01 16.70 18.39
C GLY B 155 -48.02 15.96 19.25
N GLU B 156 -47.91 14.64 19.30
CA GLU B 156 -48.93 13.80 19.89
C GLU B 156 -48.54 13.17 21.24
N ASP B 157 -47.37 13.48 21.77
CA ASP B 157 -46.92 12.78 22.96
C ASP B 157 -46.87 13.70 24.17
N PRO B 158 -47.53 13.35 25.26
CA PRO B 158 -47.50 14.21 26.46
C PRO B 158 -46.10 14.47 27.01
N PHE B 159 -45.20 13.49 27.00
CA PHE B 159 -43.87 13.71 27.58
C PHE B 159 -43.04 14.65 26.71
N LEU B 160 -43.05 14.45 25.40
CA LEU B 160 -42.27 15.32 24.52
C LEU B 160 -42.81 16.75 24.53
N ILE B 161 -44.14 16.90 24.52
CA ILE B 161 -44.73 18.24 24.63
C ILE B 161 -44.26 18.92 25.92
N GLY B 162 -44.27 18.20 27.02
CA GLY B 162 -43.81 18.78 28.27
C GLY B 162 -42.36 19.21 28.25
N GLU B 163 -41.50 18.41 27.63
CA GLU B 163 -40.09 18.77 27.57
C GLU B 163 -39.85 20.04 26.80
N LEU B 164 -40.50 20.17 25.65
CA LEU B 164 -40.28 21.31 24.76
C LEU B 164 -41.04 22.54 25.24
N ALA B 165 -42.24 22.37 25.76
CA ALA B 165 -42.96 23.51 26.31
C ALA B 165 -42.23 24.06 27.52
N SER B 166 -41.65 23.17 28.33
CA SER B 166 -40.84 23.61 29.46
C SER B 166 -39.66 24.44 28.99
N ALA B 167 -39.02 24.02 27.91
CA ALA B 167 -37.89 24.77 27.40
C ALA B 167 -38.28 26.15 26.87
N MET B 168 -39.50 26.29 26.36
CA MET B 168 -39.89 27.57 25.80
C MET B 168 -40.19 28.59 26.90
N VAL B 169 -40.86 28.14 27.96
CA VAL B 169 -41.08 28.98 29.12
C VAL B 169 -39.75 29.44 29.71
N ARG B 170 -38.80 28.52 29.88
CA ARG B 170 -37.47 28.88 30.37
C ARG B 170 -36.84 29.98 29.52
N GLY B 171 -36.78 29.76 28.21
CA GLY B 171 -36.11 30.72 27.35
C GLY B 171 -36.83 32.05 27.23
N TYR B 172 -38.17 32.04 27.25
CA TYR B 172 -38.90 33.29 27.17
C TYR B 172 -38.63 34.16 28.40
N GLN B 173 -38.74 33.57 29.58
CA GLN B 173 -38.80 34.31 30.83
C GLN B 173 -37.43 34.65 31.39
N GLY B 174 -36.37 34.02 30.91
CA GLY B 174 -35.03 34.41 31.31
C GLY B 174 -34.87 34.37 32.80
N ASP B 175 -34.23 35.39 33.35
CA ASP B 175 -33.93 35.39 34.77
C ASP B 175 -35.10 35.85 35.63
N GLY B 176 -36.23 36.20 35.05
CA GLY B 176 -37.43 36.48 35.81
C GLY B 176 -37.95 37.86 35.53
N LEU B 177 -38.84 38.32 36.42
CA LEU B 177 -39.58 39.56 36.24
C LEU B 177 -38.72 40.84 36.21
N SER B 178 -37.43 40.73 36.44
CA SER B 178 -36.56 41.88 36.32
C SER B 178 -35.61 41.79 35.14
N ASP B 179 -35.57 40.67 34.45
CA ASP B 179 -34.72 40.50 33.28
C ASP B 179 -35.22 41.40 32.17
N PRO B 180 -34.41 42.32 31.67
CA PRO B 180 -34.92 43.21 30.62
C PRO B 180 -35.14 42.51 29.30
N THR B 181 -34.51 41.35 29.07
CA THR B 181 -34.76 40.54 27.90
C THR B 181 -35.68 39.35 28.16
N GLY B 182 -36.24 39.25 29.36
CA GLY B 182 -37.30 38.31 29.61
C GLY B 182 -38.65 38.89 29.25
N ILE B 183 -39.61 38.01 28.94
CA ILE B 183 -40.98 38.39 28.69
C ILE B 183 -41.84 37.32 29.35
N LEU B 184 -43.10 37.64 29.56
CA LEU B 184 -44.01 36.67 30.14
C LEU B 184 -44.36 35.60 29.11
N ALA B 185 -44.45 34.37 29.56
CA ALA B 185 -44.87 33.27 28.73
C ALA B 185 -46.29 32.93 29.13
N THR B 186 -47.03 32.28 28.25
CA THR B 186 -48.38 31.86 28.49
C THR B 186 -48.52 30.39 28.26
N ALA B 187 -49.23 29.71 29.10
CA ALA B 187 -49.50 28.31 28.91
C ALA B 187 -50.83 28.32 28.21
N LYS B 188 -50.81 28.00 26.95
CA LYS B 188 -51.93 28.07 26.04
C LYS B 188 -52.79 26.89 25.69
N HIS B 189 -54.07 27.20 25.80
CA HIS B 189 -55.23 26.42 25.53
C HIS B 189 -55.52 25.40 26.55
N PHE B 190 -55.56 25.86 27.77
CA PHE B 190 -55.82 25.05 28.89
C PHE B 190 -57.32 24.89 29.03
N ALA B 191 -57.83 23.70 28.87
CA ALA B 191 -57.08 22.53 28.47
C ALA B 191 -58.02 21.68 27.67
N GLY B 192 -57.52 20.80 26.83
CA GLY B 192 -58.33 19.96 25.98
C GLY B 192 -58.86 20.54 24.67
N TYR B 193 -58.34 21.67 24.23
CA TYR B 193 -58.83 22.35 23.04
C TYR B 193 -58.53 21.57 21.75
N SER B 194 -57.55 20.69 21.76
CA SER B 194 -57.02 20.03 20.57
C SER B 194 -57.78 18.77 20.14
N GLU B 195 -58.72 18.26 20.94
CA GLU B 195 -59.47 17.07 20.59
C GLU B 195 -60.95 17.37 20.87
N THR B 196 -61.60 17.96 19.89
CA THR B 196 -63.01 18.27 19.94
C THR B 196 -63.71 17.54 18.81
N GLN B 197 -65.02 17.38 18.95
CA GLN B 197 -65.83 16.67 17.97
C GLN B 197 -65.46 17.05 16.54
N GLY B 198 -65.20 16.02 15.72
CA GLY B 198 -64.92 16.16 14.31
C GLY B 198 -63.63 16.84 13.96
N GLY B 199 -62.74 17.02 14.92
CA GLY B 199 -61.56 17.82 14.68
C GLY B 199 -61.84 19.26 14.38
N ARG B 200 -63.05 19.73 14.66
CA ARG B 200 -63.45 21.10 14.35
C ARG B 200 -62.90 22.07 15.38
N ASP B 201 -62.95 23.35 15.06
CA ASP B 201 -62.40 24.40 15.92
C ASP B 201 -63.40 24.76 17.00
N ALA B 202 -63.12 24.34 18.22
CA ALA B 202 -63.87 24.71 19.41
C ALA B 202 -65.28 24.14 19.40
N SER B 203 -65.46 23.01 18.74
CA SER B 203 -66.64 22.21 18.98
C SER B 203 -66.55 21.59 20.38
N GLU B 204 -67.58 20.85 20.76
CA GLU B 204 -67.63 20.20 22.05
C GLU B 204 -66.43 19.29 22.25
N ALA B 205 -65.81 19.39 23.41
CA ALA B 205 -64.77 18.47 23.84
C ALA B 205 -65.44 17.41 24.72
N ASP B 206 -65.53 16.18 24.22
CA ASP B 206 -66.15 15.08 24.96
C ASP B 206 -65.13 14.38 25.84
N ILE B 207 -64.52 15.15 26.73
CA ILE B 207 -63.38 14.72 27.51
C ILE B 207 -63.82 14.62 28.97
N SER B 208 -63.61 13.46 29.59
CA SER B 208 -63.90 13.31 31.00
C SER B 208 -62.75 13.86 31.85
N GLN B 209 -62.96 13.92 33.16
CA GLN B 209 -61.88 14.33 34.04
C GLN B 209 -60.69 13.39 33.91
N ARG B 210 -60.93 12.08 33.84
CA ARG B 210 -59.83 11.12 33.74
C ARG B 210 -59.07 11.24 32.44
N LYS B 211 -59.79 11.40 31.33
CA LYS B 211 -59.12 11.50 30.04
C LYS B 211 -58.31 12.78 29.96
N LEU B 212 -58.85 13.88 30.50
CA LEU B 212 -58.10 15.13 30.56
C LEU B 212 -56.83 14.96 31.38
N ARG B 213 -56.96 14.39 32.58
CA ARG B 213 -55.79 14.15 33.40
C ARG B 213 -54.80 13.22 32.72
N SER B 214 -55.28 12.27 31.91
CA SER B 214 -54.41 11.24 31.37
C SER B 214 -53.51 11.77 30.27
N TRP B 215 -54.08 12.49 29.30
CA TRP B 215 -53.35 12.83 28.09
C TRP B 215 -53.14 14.32 27.87
N PHE B 216 -53.82 15.20 28.62
CA PHE B 216 -53.78 16.64 28.33
C PHE B 216 -53.13 17.48 29.43
N LEU B 217 -53.39 17.20 30.68
CA LEU B 217 -52.85 17.99 31.79
C LEU B 217 -51.34 17.91 32.03
N PRO B 218 -50.65 16.79 31.80
CA PRO B 218 -49.23 16.68 32.24
C PRO B 218 -48.34 17.82 31.78
N PRO B 219 -48.39 18.26 30.51
CA PRO B 219 -47.54 19.41 30.14
C PRO B 219 -47.89 20.67 30.90
N PHE B 220 -49.17 20.89 31.18
CA PHE B 220 -49.59 22.07 31.91
C PHE B 220 -49.13 22.02 33.36
N GLU B 221 -49.24 20.85 34.00
CA GLU B 221 -48.79 20.76 35.38
C GLU B 221 -47.30 21.01 35.49
N ARG B 222 -46.54 20.56 34.51
CA ARG B 222 -45.11 20.79 34.55
C ARG B 222 -44.78 22.28 34.47
N VAL B 223 -45.36 23.01 33.50
CA VAL B 223 -45.00 24.42 33.37
C VAL B 223 -45.60 25.24 34.49
N ALA B 224 -46.75 24.84 35.04
CA ALA B 224 -47.27 25.51 36.22
C ALA B 224 -46.31 25.43 37.38
N ARG B 225 -45.73 24.27 37.63
CA ARG B 225 -44.82 24.12 38.73
C ARG B 225 -43.47 24.77 38.44
N GLU B 226 -43.12 24.95 37.18
CA GLU B 226 -41.89 25.64 36.82
C GLU B 226 -42.08 27.16 36.69
N GLY B 227 -43.21 27.71 37.10
CA GLY B 227 -43.35 29.15 37.11
C GLY B 227 -43.68 29.83 35.80
N CYS B 228 -44.66 29.30 35.05
CA CYS B 228 -45.13 29.97 33.86
C CYS B 228 -46.03 31.13 34.27
N ALA B 229 -45.73 32.33 33.75
CA ALA B 229 -46.33 33.54 34.32
C ALA B 229 -47.84 33.57 34.17
N THR B 230 -48.36 33.14 33.04
CA THR B 230 -49.78 33.23 32.76
C THR B 230 -50.29 31.90 32.19
N PHE B 231 -51.57 31.67 32.34
CA PHE B 231 -52.28 30.60 31.68
C PHE B 231 -53.39 31.21 30.84
N MET B 232 -53.66 30.63 29.68
CA MET B 232 -54.76 31.08 28.84
C MET B 232 -55.86 30.04 28.83
N LEU B 233 -57.08 30.46 29.08
CA LEU B 233 -58.23 29.58 29.18
C LEU B 233 -58.81 29.33 27.78
N GLY B 234 -59.12 28.06 27.48
CA GLY B 234 -59.50 27.68 26.14
C GLY B 234 -60.91 28.11 25.72
N TYR B 235 -61.08 28.14 24.41
CA TYR B 235 -62.37 28.42 23.78
C TYR B 235 -63.47 27.45 24.22
N GLN B 236 -63.17 26.15 24.30
CA GLN B 236 -64.20 25.14 24.08
C GLN B 236 -64.98 24.81 25.32
N SER B 237 -66.22 24.41 25.09
CA SER B 237 -67.02 23.79 26.12
C SER B 237 -66.54 22.37 26.33
N MET B 238 -66.49 21.93 27.57
CA MET B 238 -65.92 20.65 27.91
C MET B 238 -66.86 19.96 28.86
N ASP B 239 -67.49 18.89 28.40
CA ASP B 239 -68.58 18.24 29.11
C ASP B 239 -69.67 19.24 29.46
N GLY B 240 -69.88 20.22 28.59
CA GLY B 240 -70.97 21.16 28.74
C GLY B 240 -70.59 22.53 29.26
N VAL B 241 -69.36 22.70 29.72
CA VAL B 241 -68.96 23.89 30.46
C VAL B 241 -67.73 24.50 29.80
N PRO B 242 -67.81 25.71 29.28
CA PRO B 242 -66.60 26.37 28.78
C PRO B 242 -65.56 26.51 29.88
N VAL B 243 -64.30 26.45 29.48
CA VAL B 243 -63.22 26.52 30.45
C VAL B 243 -63.34 27.80 31.28
N THR B 244 -63.85 28.87 30.66
CA THR B 244 -63.94 30.18 31.28
C THR B 244 -64.74 30.16 32.58
N VAL B 245 -65.72 29.27 32.70
CA VAL B 245 -66.53 29.20 33.90
C VAL B 245 -66.47 27.81 34.50
N ASN B 246 -65.37 27.11 34.29
CA ASN B 246 -65.23 25.70 34.67
C ASN B 246 -64.62 25.60 36.05
N GLY B 247 -65.49 25.44 37.06
CA GLY B 247 -65.02 25.40 38.44
C GLY B 247 -64.06 24.26 38.74
N TRP B 248 -64.36 23.05 38.23
CA TRP B 248 -63.48 21.91 38.48
C TRP B 248 -62.09 22.19 37.97
N LEU B 249 -61.99 22.64 36.73
CA LEU B 249 -60.68 22.85 36.14
C LEU B 249 -59.95 24.03 36.78
N LEU B 250 -60.66 25.10 37.11
CA LEU B 250 -60.03 26.33 37.58
C LEU B 250 -59.69 26.27 39.07
N ASP B 251 -60.60 25.76 39.88
CA ASP B 251 -60.45 25.77 41.32
C ASP B 251 -59.87 24.46 41.88
N ASP B 252 -60.45 23.32 41.51
CA ASP B 252 -59.95 22.04 41.99
C ASP B 252 -58.58 21.71 41.43
N VAL B 253 -58.35 21.96 40.13
CA VAL B 253 -57.12 21.49 39.53
C VAL B 253 -56.05 22.58 39.52
N LEU B 254 -56.28 23.67 38.80
CA LEU B 254 -55.20 24.63 38.58
C LEU B 254 -54.82 25.34 39.88
N ARG B 255 -55.80 25.88 40.58
CA ARG B 255 -55.53 26.66 41.78
C ARG B 255 -55.54 25.82 43.03
N GLY B 256 -56.24 24.69 43.03
CA GLY B 256 -56.23 23.77 44.16
C GLY B 256 -55.09 22.79 44.18
N GLU B 257 -55.15 21.73 43.35
CA GLU B 257 -54.15 20.67 43.42
C GLU B 257 -52.77 21.17 43.04
N TRP B 258 -52.67 22.07 42.08
CA TRP B 258 -51.37 22.51 41.62
C TRP B 258 -50.87 23.75 42.34
N GLY B 259 -51.75 24.43 43.09
CA GLY B 259 -51.39 25.66 43.77
C GLY B 259 -50.85 26.74 42.89
N TYR B 260 -51.43 26.92 41.70
CA TYR B 260 -50.91 27.87 40.74
C TYR B 260 -51.31 29.29 41.13
N THR B 261 -50.32 30.19 41.13
CA THR B 261 -50.54 31.59 41.50
C THR B 261 -50.31 32.55 40.34
N GLY B 262 -50.13 32.07 39.12
CA GLY B 262 -50.01 32.95 37.98
C GLY B 262 -51.32 33.56 37.58
N THR B 263 -51.25 34.41 36.55
CA THR B 263 -52.39 35.21 36.12
C THR B 263 -53.12 34.55 34.97
N LEU B 264 -54.45 34.54 35.05
CA LEU B 264 -55.29 34.00 34.01
C LEU B 264 -55.69 35.06 33.00
N VAL B 265 -55.70 34.67 31.73
CA VAL B 265 -56.32 35.45 30.67
C VAL B 265 -57.24 34.52 29.90
N THR B 266 -58.35 35.05 29.38
CA THR B 266 -59.22 34.22 28.57
C THR B 266 -58.63 34.22 27.13
N ASP B 267 -59.04 33.66 26.03
CA ASP B 267 -58.94 33.50 24.77
C ASP B 267 -59.92 34.41 24.04
N TRP B 268 -59.85 34.64 22.68
CA TRP B 268 -60.46 35.78 22.14
C TRP B 268 -61.97 35.66 22.29
N ASP B 269 -62.55 36.59 23.06
CA ASP B 269 -64.00 36.76 23.20
C ASP B 269 -64.67 35.56 23.86
N ASN B 270 -63.97 34.85 24.76
CA ASN B 270 -64.59 33.76 25.51
C ASN B 270 -65.88 34.16 26.21
N VAL B 271 -65.89 35.36 26.82
CA VAL B 271 -67.05 35.75 27.60
C VAL B 271 -68.25 35.99 26.69
N GLY B 272 -68.05 36.73 25.60
CA GLY B 272 -69.13 36.96 24.67
C GLY B 272 -69.61 35.73 23.94
N ARG B 273 -68.71 34.78 23.64
CA ARG B 273 -69.10 33.55 22.94
C ARG B 273 -70.09 32.74 23.76
N MET B 274 -70.04 32.82 25.09
CA MET B 274 -71.06 32.20 25.90
C MET B 274 -72.45 32.75 25.62
N VAL B 275 -72.55 33.90 24.95
CA VAL B 275 -73.85 34.46 24.62
C VAL B 275 -74.18 34.06 23.19
N TRP B 276 -73.35 34.49 22.24
CA TRP B 276 -73.72 34.40 20.84
C TRP B 276 -73.28 33.12 20.13
N GLU B 277 -72.43 32.28 20.73
CA GLU B 277 -71.96 31.10 19.99
C GLU B 277 -72.22 29.80 20.73
N GLN B 278 -72.12 29.78 22.05
CA GLN B 278 -72.44 28.60 22.81
C GLN B 278 -73.84 28.62 23.39
N HIS B 279 -74.46 29.79 23.46
CA HIS B 279 -75.86 29.95 23.88
C HIS B 279 -76.12 29.43 25.30
N ILE B 280 -75.18 29.68 26.21
CA ILE B 280 -75.35 29.37 27.61
C ILE B 280 -75.58 30.59 28.48
N GLN B 281 -75.58 31.80 27.90
CA GLN B 281 -75.90 32.98 28.67
C GLN B 281 -76.89 33.84 27.89
N PRO B 282 -77.96 34.31 28.54
CA PRO B 282 -78.95 35.16 27.84
C PRO B 282 -78.42 36.51 27.38
N ASP B 283 -77.49 37.13 28.09
CA ASP B 283 -77.02 38.46 27.71
C ASP B 283 -75.64 38.68 28.29
N TYR B 284 -75.04 39.82 27.96
CA TYR B 284 -73.66 40.10 28.34
C TYR B 284 -73.50 40.54 29.78
N VAL B 285 -74.58 40.96 30.45
CA VAL B 285 -74.47 41.25 31.87
C VAL B 285 -74.29 39.96 32.66
N HIS B 286 -75.07 38.92 32.32
CA HIS B 286 -74.98 37.64 32.99
C HIS B 286 -73.75 36.84 32.56
N ALA B 287 -73.28 37.00 31.33
CA ALA B 287 -71.99 36.42 30.96
C ALA B 287 -70.87 37.02 31.80
N SER B 288 -70.83 38.35 31.89
CA SER B 288 -69.77 39.02 32.64
C SER B 288 -69.78 38.60 34.10
N ALA B 289 -70.96 38.57 34.71
CA ALA B 289 -71.11 38.11 36.08
C ALA B 289 -70.63 36.68 36.24
N ALA B 290 -70.97 35.81 35.29
CA ALA B 290 -70.49 34.43 35.35
C ALA B 290 -68.98 34.36 35.28
N ALA B 291 -68.38 35.17 34.41
CA ALA B 291 -66.92 35.17 34.32
C ALA B 291 -66.28 35.68 35.59
N VAL B 292 -66.88 36.66 36.27
CA VAL B 292 -66.28 37.18 37.49
C VAL B 292 -66.36 36.16 38.62
N ARG B 293 -67.51 35.48 38.76
CA ARG B 293 -67.67 34.45 39.78
C ARG B 293 -66.61 33.36 39.65
N ALA B 294 -66.27 32.99 38.43
CA ALA B 294 -65.35 31.88 38.23
C ALA B 294 -63.92 32.24 38.60
N GLY B 295 -63.63 33.52 38.82
CA GLY B 295 -62.30 33.92 39.21
C GLY B 295 -61.36 34.26 38.09
N ASN B 296 -61.86 34.80 37.00
CA ASN B 296 -61.00 35.23 35.91
C ASN B 296 -60.24 36.49 36.29
N ASP B 297 -59.14 36.71 35.61
CA ASP B 297 -58.31 37.88 35.81
C ASP B 297 -58.52 38.79 34.63
N MET B 298 -57.76 38.58 33.59
CA MET B 298 -57.82 39.34 32.39
C MET B 298 -58.86 38.81 31.38
N VAL B 299 -59.70 39.66 30.80
CA VAL B 299 -60.73 39.25 29.85
C VAL B 299 -60.28 39.74 28.48
N MET B 300 -60.13 38.88 27.49
CA MET B 300 -59.61 39.25 26.19
C MET B 300 -60.75 39.57 25.23
N THR B 301 -60.62 40.70 24.55
CA THR B 301 -61.44 41.13 23.40
C THR B 301 -62.92 40.79 23.52
N THR B 302 -63.50 41.10 24.68
CA THR B 302 -64.94 41.20 24.86
C THR B 302 -65.21 42.61 25.39
N PRO B 303 -65.31 43.60 24.52
CA PRO B 303 -65.43 44.99 24.98
C PRO B 303 -66.65 45.23 25.86
N ARG B 304 -67.74 44.52 25.60
CA ARG B 304 -68.97 44.68 26.35
C ARG B 304 -68.89 44.12 27.75
N PHE B 305 -67.77 43.51 28.11
CA PHE B 305 -67.53 43.18 29.50
C PHE B 305 -67.40 44.43 30.35
N PHE B 306 -66.99 45.55 29.74
CA PHE B 306 -66.89 46.81 30.48
C PHE B 306 -68.25 47.22 31.05
N GLU B 307 -69.23 47.45 30.18
CA GLU B 307 -70.53 47.85 30.68
C GLU B 307 -71.27 46.70 31.33
N GLY B 308 -70.97 45.47 30.91
CA GLY B 308 -71.67 44.33 31.49
C GLY B 308 -71.25 44.04 32.92
N ALA B 309 -69.96 44.09 33.21
CA ALA B 309 -69.53 43.91 34.59
C ALA B 309 -69.94 45.08 35.48
N LEU B 310 -69.95 46.31 34.94
CA LEU B 310 -70.38 47.44 35.75
C LEU B 310 -71.84 47.31 36.13
N GLU B 311 -72.67 46.91 35.19
CA GLU B 311 -74.07 46.70 35.50
C GLU B 311 -74.27 45.52 36.43
N ALA B 312 -73.46 44.47 36.27
CA ALA B 312 -73.58 43.33 37.17
C ALA B 312 -73.30 43.72 38.61
N VAL B 313 -72.29 44.57 38.82
CA VAL B 313 -71.99 45.07 40.15
C VAL B 313 -73.13 45.95 40.65
N ASP B 314 -73.59 46.87 39.80
CA ASP B 314 -74.65 47.79 40.19
C ASP B 314 -75.93 47.08 40.56
N ARG B 315 -76.21 45.92 39.95
CA ARG B 315 -77.44 45.18 40.21
C ARG B 315 -77.31 44.17 41.32
N GLY B 316 -76.11 43.94 41.84
CA GLY B 316 -75.89 42.99 42.90
C GLY B 316 -75.62 41.57 42.48
N LEU B 317 -75.38 41.31 41.20
CA LEU B 317 -75.12 39.94 40.75
C LEU B 317 -73.74 39.47 41.20
N VAL B 318 -72.75 40.36 41.21
CA VAL B 318 -71.46 40.11 41.81
C VAL B 318 -71.12 41.26 42.75
N GLU B 319 -70.17 41.01 43.63
CA GLU B 319 -69.69 42.01 44.56
C GLU B 319 -68.53 42.78 43.95
N GLU B 320 -68.40 44.04 44.34
CA GLU B 320 -67.23 44.83 44.00
C GLU B 320 -65.95 44.18 44.53
N ALA B 321 -66.05 43.45 45.65
CA ALA B 321 -64.89 42.76 46.20
C ALA B 321 -64.31 41.77 45.20
N ALA B 322 -65.15 41.13 44.40
CA ALA B 322 -64.66 40.16 43.43
C ALA B 322 -63.87 40.84 42.31
N ILE B 323 -64.30 42.03 41.88
CA ILE B 323 -63.50 42.85 40.98
C ILE B 323 -62.16 43.19 41.62
N ASP B 324 -62.19 43.59 42.89
CA ASP B 324 -60.96 43.98 43.59
C ASP B 324 -59.92 42.88 43.58
N ALA B 325 -60.34 41.64 43.79
CA ALA B 325 -59.40 40.53 43.89
C ALA B 325 -58.68 40.29 42.57
N ALA B 326 -59.39 40.39 41.44
CA ALA B 326 -58.71 40.26 40.16
C ALA B 326 -57.76 41.43 39.91
N VAL B 327 -58.19 42.65 40.26
CA VAL B 327 -57.35 43.84 40.07
C VAL B 327 -56.12 43.78 40.96
N ARG B 328 -56.26 43.29 42.18
CA ARG B 328 -55.09 43.08 43.02
C ARG B 328 -54.06 42.17 42.35
N ARG B 329 -54.51 41.11 41.67
CA ARG B 329 -53.60 40.20 40.99
C ARG B 329 -52.93 40.87 39.80
N ILE B 330 -53.69 41.57 38.96
CA ILE B 330 -53.12 42.22 37.79
C ILE B 330 -52.14 43.33 38.20
N LEU B 331 -52.49 44.14 39.21
CA LEU B 331 -51.57 45.20 39.61
C LEU B 331 -50.29 44.63 40.20
N THR B 332 -50.39 43.56 40.98
CA THR B 332 -49.19 42.91 41.54
C THR B 332 -48.20 42.55 40.43
N LEU B 333 -48.71 42.01 39.33
CA LEU B 333 -47.84 41.64 38.22
C LEU B 333 -47.17 42.86 37.61
N LYS B 334 -47.96 43.91 37.34
CA LYS B 334 -47.41 45.15 36.81
C LYS B 334 -46.40 45.79 37.76
N PHE B 335 -46.63 45.70 39.07
CA PHE B 335 -45.65 46.24 40.01
C PHE B 335 -44.40 45.40 40.05
N ARG B 336 -44.52 44.07 40.05
CA ARG B 336 -43.34 43.22 40.11
C ARG B 336 -42.49 43.32 38.85
N LEU B 337 -43.11 43.64 37.71
CA LEU B 337 -42.35 43.91 36.51
C LEU B 337 -41.67 45.26 36.53
N GLY B 338 -41.93 46.09 37.55
CA GLY B 338 -41.34 47.41 37.59
C GLY B 338 -41.90 48.39 36.59
N LEU B 339 -43.11 48.15 36.10
CA LEU B 339 -43.64 48.99 35.02
C LEU B 339 -43.91 50.42 35.48
N PHE B 340 -44.34 50.60 36.72
CA PHE B 340 -44.52 51.95 37.24
C PHE B 340 -43.20 52.72 37.36
N GLU B 341 -42.06 52.08 37.25
CA GLU B 341 -40.78 52.77 37.22
C GLU B 341 -40.20 52.84 35.82
N ASP B 342 -40.34 51.79 35.03
CA ASP B 342 -39.92 51.73 33.64
C ASP B 342 -40.91 50.87 32.87
N PRO B 343 -41.71 51.46 32.03
CA PRO B 343 -42.78 50.67 31.38
C PRO B 343 -42.31 49.97 30.11
N ARG B 344 -40.99 49.86 29.94
CA ARG B 344 -40.34 49.08 28.89
C ARG B 344 -40.82 49.50 27.50
N ARG B 345 -40.53 50.74 27.16
CA ARG B 345 -40.83 51.29 25.85
C ARG B 345 -39.99 50.63 24.79
N PRO B 346 -40.42 50.66 23.52
CA PRO B 346 -39.58 50.13 22.44
C PRO B 346 -38.35 50.99 22.25
N ASP B 347 -37.25 50.34 21.91
CA ASP B 347 -35.96 51.01 21.75
C ASP B 347 -35.42 50.69 20.37
N VAL B 348 -35.37 51.70 19.50
CA VAL B 348 -34.96 51.50 18.12
C VAL B 348 -33.48 51.18 18.03
N ALA B 349 -32.66 51.70 18.92
CA ALA B 349 -31.25 51.37 18.88
C ALA B 349 -31.03 49.90 19.23
N ARG B 350 -31.87 49.39 20.12
CA ARG B 350 -31.80 47.99 20.50
C ARG B 350 -32.43 47.11 19.42
N GLN B 351 -33.46 47.58 18.73
CA GLN B 351 -33.99 46.83 17.59
C GLN B 351 -32.93 46.58 16.55
N GLN B 352 -32.20 47.63 16.18
CA GLN B 352 -31.20 47.48 15.13
C GLN B 352 -30.02 46.63 15.58
N ALA B 353 -29.78 46.51 16.88
CA ALA B 353 -28.64 45.73 17.32
C ALA B 353 -28.95 44.25 17.39
N VAL B 354 -30.20 43.86 17.64
CA VAL B 354 -30.49 42.47 17.98
C VAL B 354 -31.49 41.80 17.06
N ILE B 355 -32.35 42.53 16.36
CA ILE B 355 -33.37 41.88 15.56
C ILE B 355 -32.75 41.38 14.26
N ALA B 356 -32.97 40.09 13.96
CA ALA B 356 -32.44 39.42 12.78
C ALA B 356 -30.92 39.48 12.76
N SER B 357 -30.31 39.49 13.93
CA SER B 357 -28.87 39.43 14.07
C SER B 357 -28.34 38.09 13.55
N ALA B 358 -27.03 38.04 13.35
CA ALA B 358 -26.43 36.83 12.80
C ALA B 358 -26.44 35.69 13.79
N GLU B 359 -26.44 35.96 15.09
CA GLU B 359 -26.58 34.88 16.04
C GLU B 359 -27.96 34.24 15.92
N HIS B 360 -28.99 35.07 15.78
CA HIS B 360 -30.34 34.54 15.68
C HIS B 360 -30.53 33.76 14.39
N ALA B 361 -29.96 34.24 13.29
CA ALA B 361 -30.04 33.52 12.03
C ALA B 361 -29.37 32.16 12.14
N ALA B 362 -28.27 32.08 12.89
CA ALA B 362 -27.57 30.80 13.01
C ALA B 362 -28.35 29.81 13.87
N VAL B 363 -28.99 30.27 14.95
CA VAL B 363 -29.91 29.41 15.67
C VAL B 363 -31.00 28.91 14.74
N ASN B 364 -31.50 29.81 13.88
CA ASN B 364 -32.58 29.46 12.99
C ASN B 364 -32.16 28.38 11.99
N LEU B 365 -30.95 28.49 11.45
CA LEU B 365 -30.46 27.50 10.51
C LEU B 365 -30.28 26.13 11.17
N GLU B 366 -29.80 26.12 12.41
CA GLU B 366 -29.63 24.84 13.10
C GLU B 366 -30.96 24.13 13.33
N VAL B 367 -32.00 24.86 13.72
CA VAL B 367 -33.30 24.22 13.93
C VAL B 367 -33.83 23.69 12.62
N ALA B 368 -33.68 24.47 11.55
CA ALA B 368 -34.14 24.03 10.24
C ALA B 368 -33.43 22.76 9.82
N ARG B 369 -32.11 22.73 9.97
CA ARG B 369 -31.33 21.57 9.55
C ARG B 369 -31.74 20.32 10.32
N ARG B 370 -31.97 20.46 11.62
CA ARG B 370 -32.24 19.31 12.45
C ARG B 370 -33.71 18.92 12.47
N SER B 371 -34.60 19.75 11.94
CA SER B 371 -36.03 19.45 11.99
C SER B 371 -36.51 18.62 10.80
N LEU B 372 -35.72 18.51 9.75
CA LEU B 372 -36.17 17.81 8.56
C LEU B 372 -36.17 16.31 8.80
N VAL B 373 -37.23 15.65 8.36
CA VAL B 373 -37.41 14.22 8.60
C VAL B 373 -37.47 13.49 7.26
N LEU B 374 -36.46 12.66 7.00
CA LEU B 374 -36.40 11.81 5.83
C LEU B 374 -37.24 10.56 6.07
N LEU B 375 -38.37 10.46 5.40
CA LEU B 375 -39.33 9.41 5.66
C LEU B 375 -39.12 8.15 4.81
N THR B 376 -38.76 8.31 3.53
CA THR B 376 -38.46 7.18 2.66
C THR B 376 -37.24 7.54 1.81
N ASN B 377 -36.50 6.52 1.40
CA ASN B 377 -35.34 6.73 0.54
C ASN B 377 -34.99 5.39 -0.10
N ASP B 378 -34.94 5.36 -1.42
CA ASP B 378 -34.56 4.14 -2.11
C ASP B 378 -33.06 4.05 -2.38
N GLY B 379 -32.27 5.02 -1.93
CA GLY B 379 -30.86 5.11 -2.24
C GLY B 379 -30.51 6.27 -3.13
N THR B 380 -31.50 6.87 -3.79
CA THR B 380 -31.29 8.09 -4.55
C THR B 380 -30.58 9.14 -3.74
N LEU B 381 -30.92 9.28 -2.46
CA LEU B 381 -30.29 10.27 -1.60
C LEU B 381 -29.28 9.64 -0.66
N PRO B 382 -28.17 10.35 -0.36
CA PRO B 382 -27.80 11.70 -0.80
C PRO B 382 -27.43 11.74 -2.28
N PHE B 383 -27.90 12.76 -2.97
CA PHE B 383 -27.87 12.79 -4.42
C PHE B 383 -26.45 12.72 -4.94
N ALA B 384 -26.22 11.84 -5.92
CA ALA B 384 -24.92 11.61 -6.53
C ALA B 384 -23.90 11.10 -5.51
N GLY B 385 -24.34 10.36 -4.51
CA GLY B 385 -23.46 9.87 -3.48
C GLY B 385 -23.14 10.84 -2.38
N GLY B 386 -23.58 12.09 -2.46
CA GLY B 386 -23.28 13.10 -1.45
C GLY B 386 -22.21 14.08 -1.90
N LEU B 387 -22.37 15.36 -1.61
CA LEU B 387 -21.48 16.40 -2.09
C LEU B 387 -20.65 16.98 -0.95
N ASP B 388 -19.55 17.61 -1.33
CA ASP B 388 -18.70 18.35 -0.42
C ASP B 388 -18.69 19.84 -0.77
N ARG B 389 -18.36 20.67 0.22
CA ARG B 389 -18.12 22.09 -0.01
C ARG B 389 -16.65 22.35 -0.28
N ALA B 390 -16.34 23.53 -0.74
CA ALA B 390 -14.97 23.86 -0.98
C ALA B 390 -14.27 23.71 0.36
N ALA B 391 -13.12 23.06 0.34
CA ALA B 391 -12.39 22.76 1.56
C ALA B 391 -12.06 24.00 2.35
N GLY B 392 -11.74 25.09 1.66
CA GLY B 392 -11.49 26.32 2.34
C GLY B 392 -12.67 26.97 3.02
N THR B 393 -13.83 27.00 2.38
CA THR B 393 -14.96 27.70 2.98
C THR B 393 -16.19 26.96 3.45
N PRO B 394 -16.44 27.00 4.75
CA PRO B 394 -17.63 26.37 5.29
C PRO B 394 -18.77 27.12 4.65
N ASP B 395 -19.80 26.42 4.26
CA ASP B 395 -20.90 27.07 3.62
C ASP B 395 -20.42 27.36 2.24
N GLY B 396 -21.29 27.99 1.47
CA GLY B 396 -20.91 28.26 0.12
C GLY B 396 -21.33 27.09 -0.73
N ARG B 397 -21.10 27.24 -2.00
CA ARG B 397 -21.57 26.34 -3.01
C ARG B 397 -20.81 25.05 -2.91
N ALA B 398 -21.49 23.96 -3.18
CA ALA B 398 -20.93 22.62 -3.20
C ALA B 398 -20.07 22.39 -4.43
N LEU B 399 -19.15 21.45 -4.32
CA LEU B 399 -18.32 21.03 -5.44
C LEU B 399 -18.97 19.87 -6.18
N ALA B 400 -18.75 19.82 -7.48
CA ALA B 400 -19.18 18.64 -8.25
C ALA B 400 -18.36 17.43 -7.83
N PRO B 401 -18.99 16.31 -7.48
CA PRO B 401 -18.24 15.18 -6.94
C PRO B 401 -17.68 14.30 -8.05
N ALA B 402 -16.85 13.35 -7.64
CA ALA B 402 -16.40 12.34 -8.58
C ALA B 402 -17.59 11.48 -9.00
N GLY B 403 -17.67 11.19 -10.29
CA GLY B 403 -18.75 10.39 -10.81
C GLY B 403 -19.97 11.15 -11.22
N ALA B 404 -19.95 12.49 -11.18
CA ALA B 404 -21.12 13.28 -11.56
C ALA B 404 -20.72 14.70 -11.92
N PRO B 405 -20.10 14.91 -13.09
CA PRO B 405 -19.62 16.26 -13.43
C PRO B 405 -20.74 17.24 -13.71
N ALA B 406 -21.85 16.78 -14.28
CA ALA B 406 -22.91 17.67 -14.71
C ALA B 406 -24.23 17.02 -14.39
N ARG B 407 -25.08 17.72 -13.63
CA ARG B 407 -26.41 17.25 -13.29
C ARG B 407 -27.38 18.42 -13.37
N THR B 408 -28.63 18.11 -13.66
CA THR B 408 -29.71 19.09 -13.67
C THR B 408 -30.75 18.71 -12.64
N ILE B 409 -31.08 19.62 -11.75
CA ILE B 409 -32.11 19.41 -10.73
C ILE B 409 -33.30 20.29 -11.11
N ALA B 410 -34.45 19.68 -11.22
CA ALA B 410 -35.67 20.37 -11.56
C ALA B 410 -36.49 20.52 -10.29
N VAL B 411 -36.64 21.75 -9.83
CA VAL B 411 -37.43 22.08 -8.64
C VAL B 411 -38.82 22.50 -9.10
N VAL B 412 -39.85 21.77 -8.66
CA VAL B 412 -41.21 22.00 -9.14
C VAL B 412 -42.19 21.96 -7.96
N GLY B 413 -43.41 22.42 -8.22
CA GLY B 413 -44.46 22.36 -7.24
C GLY B 413 -44.85 23.71 -6.67
N PRO B 414 -46.08 23.83 -6.21
CA PRO B 414 -46.58 25.15 -5.80
C PRO B 414 -45.93 25.71 -4.55
N ASN B 415 -45.23 24.90 -3.77
CA ASN B 415 -44.58 25.40 -2.58
C ASN B 415 -43.08 25.53 -2.75
N ALA B 416 -42.58 25.41 -3.98
CA ALA B 416 -41.15 25.40 -4.22
C ALA B 416 -40.49 26.76 -4.10
N ASP B 417 -41.24 27.84 -4.25
CA ASP B 417 -40.72 29.20 -4.21
C ASP B 417 -41.74 30.12 -3.56
N ASP B 418 -42.40 29.64 -2.51
CA ASP B 418 -43.52 30.33 -1.88
C ASP B 418 -43.13 30.76 -0.46
N ASP B 419 -42.53 31.94 -0.36
CA ASP B 419 -42.23 32.71 0.84
C ASP B 419 -43.22 32.54 1.98
N HIS B 420 -44.49 32.87 1.76
CA HIS B 420 -45.45 32.91 2.86
C HIS B 420 -45.81 31.52 3.35
N THR B 421 -45.90 30.56 2.43
CA THR B 421 -46.31 29.22 2.79
C THR B 421 -45.21 28.51 3.58
N GLN B 422 -43.95 28.82 3.29
CA GLN B 422 -42.87 28.21 4.01
C GLN B 422 -42.82 28.67 5.46
N LEU B 423 -43.28 29.89 5.75
CA LEU B 423 -43.26 30.37 7.11
C LEU B 423 -44.48 29.92 7.88
N GLY B 424 -45.59 29.70 7.22
CA GLY B 424 -46.75 29.15 7.88
C GLY B 424 -47.64 30.17 8.55
N ASP B 425 -48.57 29.65 9.32
CA ASP B 425 -49.50 30.45 10.09
C ASP B 425 -48.80 31.11 11.27
N TRP B 426 -49.39 32.21 11.73
CA TRP B 426 -48.84 33.03 12.81
C TRP B 426 -47.45 33.54 12.44
N ALA B 427 -47.35 34.15 11.27
CA ALA B 427 -46.16 34.85 10.83
C ALA B 427 -46.51 35.72 9.62
N GLY B 428 -45.97 36.93 9.61
CA GLY B 428 -46.07 37.81 8.47
C GLY B 428 -47.48 38.18 8.10
N ALA B 429 -47.84 37.85 6.88
CA ALA B 429 -49.15 38.16 6.35
C ALA B 429 -50.19 37.06 6.60
N SER B 430 -49.95 36.16 7.56
CA SER B 430 -50.90 35.08 7.79
C SER B 430 -52.28 35.58 8.18
N GLY B 431 -52.40 36.82 8.59
CA GLY B 431 -53.70 37.45 8.59
C GLY B 431 -54.16 38.08 9.90
N GLN B 432 -53.48 37.81 10.99
CA GLN B 432 -53.99 38.26 12.27
C GLN B 432 -53.53 39.67 12.64
N ALA B 433 -52.43 40.14 12.06
CA ALA B 433 -51.99 41.51 12.19
C ALA B 433 -52.24 42.23 10.87
N ASP B 434 -52.62 43.50 10.95
CA ASP B 434 -53.01 44.24 9.75
C ASP B 434 -51.98 45.27 9.33
N TRP B 435 -50.78 45.19 9.88
CA TRP B 435 -49.71 46.08 9.53
C TRP B 435 -48.59 45.47 8.69
N LEU B 436 -48.72 44.24 8.25
CA LEU B 436 -47.70 43.61 7.44
C LEU B 436 -48.35 43.02 6.21
N PRO B 437 -48.76 43.96 5.30
CA PRO B 437 -49.44 43.44 4.10
C PRO B 437 -48.63 42.51 3.22
N ASP B 438 -47.36 42.79 3.08
CA ASP B 438 -46.45 42.01 2.26
C ASP B 438 -45.67 40.99 3.07
N GLY B 439 -46.07 40.73 4.30
CA GLY B 439 -45.32 39.84 5.15
C GLY B 439 -43.93 40.37 5.45
N HIS B 440 -43.02 39.45 5.70
CA HIS B 440 -41.65 39.78 5.98
C HIS B 440 -40.90 40.05 4.68
N PRO B 441 -39.72 40.68 4.76
CA PRO B 441 -38.95 40.97 3.54
C PRO B 441 -38.54 39.70 2.81
N ARG B 442 -38.86 39.64 1.53
CA ARG B 442 -38.67 38.42 0.75
C ARG B 442 -37.24 37.90 0.84
N GLU B 443 -36.28 38.81 0.88
CA GLU B 443 -34.88 38.39 0.86
C GLU B 443 -34.45 37.68 2.12
N MET B 444 -35.24 37.71 3.18
CA MET B 444 -34.87 37.02 4.41
C MET B 444 -35.20 35.54 4.39
N THR B 445 -35.94 35.07 3.40
CA THR B 445 -36.35 33.69 3.30
C THR B 445 -35.57 33.00 2.19
N THR B 446 -35.03 31.83 2.50
CA THR B 446 -34.48 30.94 1.49
C THR B 446 -35.54 29.88 1.19
N THR B 447 -36.14 29.96 0.03
CA THR B 447 -37.05 28.93 -0.43
C THR B 447 -36.28 27.73 -0.97
N VAL B 448 -37.01 26.64 -1.24
CA VAL B 448 -36.38 25.43 -1.76
C VAL B 448 -35.64 25.73 -3.06
N LEU B 449 -36.33 26.37 -4.01
CA LEU B 449 -35.67 26.84 -5.23
C LEU B 449 -34.45 27.70 -4.93
N ASP B 450 -34.59 28.69 -4.02
CA ASP B 450 -33.48 29.53 -3.60
C ASP B 450 -32.29 28.71 -3.13
N GLY B 451 -32.56 27.70 -2.32
CA GLY B 451 -31.48 26.92 -1.75
C GLY B 451 -30.70 26.13 -2.78
N PHE B 452 -31.41 25.52 -3.73
CA PHE B 452 -30.70 24.75 -4.75
C PHE B 452 -29.93 25.66 -5.69
N ARG B 453 -30.50 26.80 -6.08
CA ARG B 453 -29.75 27.73 -6.93
C ARG B 453 -28.47 28.17 -6.25
N ALA B 454 -28.45 28.25 -4.93
CA ALA B 454 -27.29 28.75 -4.23
C ALA B 454 -26.28 27.68 -3.90
N LEU B 455 -26.68 26.42 -3.86
CA LEU B 455 -25.78 25.35 -3.42
C LEU B 455 -25.27 24.49 -4.55
N ALA B 456 -25.99 24.38 -5.65
CA ALA B 456 -25.66 23.43 -6.70
C ALA B 456 -24.28 23.73 -7.27
N PRO B 457 -23.48 22.70 -7.58
CA PRO B 457 -22.13 22.94 -8.14
C PRO B 457 -22.15 23.81 -9.38
N GLU B 458 -21.01 24.42 -9.71
CA GLU B 458 -20.94 25.33 -10.85
C GLU B 458 -21.41 24.68 -12.13
N GLY B 459 -20.97 23.45 -12.38
CA GLY B 459 -21.35 22.76 -13.59
C GLY B 459 -22.71 22.13 -13.57
N TRP B 460 -23.50 22.30 -12.53
CA TRP B 460 -24.85 21.79 -12.54
C TRP B 460 -25.82 22.89 -12.93
N ALA B 461 -27.10 22.54 -13.01
CA ALA B 461 -28.15 23.46 -13.38
C ALA B 461 -29.39 23.18 -12.55
N VAL B 462 -30.13 24.24 -12.26
CA VAL B 462 -31.37 24.19 -11.50
C VAL B 462 -32.44 24.85 -12.35
N THR B 463 -33.51 24.14 -12.60
CA THR B 463 -34.62 24.67 -13.36
C THR B 463 -35.84 24.72 -12.44
N HIS B 464 -36.84 25.48 -12.87
CA HIS B 464 -38.05 25.66 -12.07
C HIS B 464 -39.29 25.49 -12.91
N ALA B 465 -40.34 24.96 -12.30
CA ALA B 465 -41.66 24.97 -12.93
C ALA B 465 -42.72 24.86 -11.84
N ARG B 466 -43.56 25.87 -11.71
CA ARG B 466 -44.77 25.67 -10.95
C ARG B 466 -45.51 24.54 -11.63
N GLY B 467 -45.91 23.54 -10.88
CA GLY B 467 -46.41 22.42 -11.62
C GLY B 467 -47.89 22.28 -11.42
N ALA B 468 -48.39 22.99 -10.42
CA ALA B 468 -49.77 22.88 -10.05
C ALA B 468 -50.15 24.10 -9.26
N ASP B 469 -51.44 24.37 -9.23
CA ASP B 469 -52.02 25.30 -8.28
C ASP B 469 -52.75 24.48 -7.22
N ILE B 470 -53.02 25.14 -6.09
CA ILE B 470 -53.72 24.52 -4.99
C ILE B 470 -55.19 24.94 -4.95
N LEU B 471 -55.48 26.23 -4.96
CA LEU B 471 -56.85 26.65 -4.71
C LEU B 471 -57.06 28.07 -5.21
N THR B 472 -58.32 28.46 -5.19
CA THR B 472 -58.81 29.84 -5.41
C THR B 472 -59.95 30.07 -4.41
N LEU B 473 -60.19 31.31 -4.05
CA LEU B 473 -61.32 31.56 -3.13
C LEU B 473 -62.55 32.01 -3.91
N ALA B 474 -63.72 31.79 -3.33
CA ALA B 474 -65.01 32.21 -3.93
C ALA B 474 -66.00 32.55 -2.82
N PRO B 475 -67.21 33.01 -3.15
CA PRO B 475 -68.27 33.31 -2.19
C PRO B 475 -69.16 32.06 -2.13
N ASP B 476 -69.66 31.72 -0.94
CA ASP B 476 -70.46 30.50 -0.60
C ASP B 476 -71.51 30.07 -1.64
N GLN B 490 -64.83 33.49 0.43
CA GLN B 490 -65.13 32.85 1.71
C GLN B 490 -64.65 31.42 1.74
N VAL B 491 -65.00 30.64 0.72
CA VAL B 491 -64.76 29.20 0.69
C VAL B 491 -63.67 28.86 -0.30
N VAL B 492 -62.98 27.77 -0.02
CA VAL B 492 -61.91 27.27 -0.87
C VAL B 492 -62.52 26.57 -2.07
N VAL B 493 -62.03 26.88 -3.26
CA VAL B 493 -62.32 26.08 -4.46
C VAL B 493 -61.02 25.41 -4.86
N PRO B 494 -60.92 24.10 -4.81
CA PRO B 494 -59.67 23.45 -5.25
C PRO B 494 -59.44 23.68 -6.73
N ALA B 495 -58.20 24.02 -7.08
CA ALA B 495 -57.81 24.12 -8.48
C ALA B 495 -58.00 22.78 -9.15
N ALA B 496 -58.36 22.82 -10.44
CA ALA B 496 -58.34 21.65 -11.29
C ALA B 496 -56.92 21.31 -11.67
N PRO B 497 -56.63 20.05 -11.99
CA PRO B 497 -55.38 19.78 -12.71
C PRO B 497 -55.34 20.60 -13.98
N ASP B 498 -54.14 20.96 -14.39
CA ASP B 498 -53.93 21.97 -15.43
C ASP B 498 -52.94 21.34 -16.40
N ASP B 499 -53.45 20.87 -17.54
CA ASP B 499 -52.61 20.10 -18.45
C ASP B 499 -51.39 20.89 -18.88
N ALA B 500 -51.55 22.19 -19.13
CA ALA B 500 -50.40 22.97 -19.56
C ALA B 500 -49.38 23.07 -18.44
N LEU B 501 -49.85 23.41 -17.24
CA LEU B 501 -48.96 23.51 -16.08
C LEU B 501 -48.25 22.18 -15.82
N ILE B 502 -48.97 21.07 -15.92
CA ILE B 502 -48.35 19.77 -15.72
C ILE B 502 -47.34 19.46 -16.81
N ALA B 503 -47.70 19.69 -18.08
CA ALA B 503 -46.81 19.40 -19.19
C ALA B 503 -45.50 20.16 -19.07
N GLU B 504 -45.56 21.39 -18.56
CA GLU B 504 -44.34 22.17 -18.42
C GLU B 504 -43.42 21.61 -17.35
N ALA B 505 -43.97 21.01 -16.30
CA ALA B 505 -43.12 20.41 -15.26
C ALA B 505 -42.56 19.06 -15.71
N VAL B 506 -43.38 18.27 -16.38
CA VAL B 506 -42.93 17.01 -16.97
C VAL B 506 -41.79 17.23 -17.94
N ALA B 507 -41.87 18.27 -18.75
CA ALA B 507 -40.77 18.57 -19.65
C ALA B 507 -39.52 18.96 -18.88
N ALA B 508 -39.66 19.74 -17.81
CA ALA B 508 -38.52 20.08 -16.99
C ALA B 508 -37.90 18.84 -16.37
N ALA B 509 -38.74 17.90 -15.97
CA ALA B 509 -38.24 16.68 -15.36
C ALA B 509 -37.58 15.77 -16.38
N ARG B 510 -38.16 15.68 -17.58
CA ARG B 510 -37.59 14.83 -18.62
C ARG B 510 -36.20 15.30 -18.99
N ASP B 511 -35.91 16.58 -18.82
CA ASP B 511 -34.60 17.12 -19.13
C ASP B 511 -33.71 17.23 -17.90
N ALA B 512 -33.96 16.43 -16.87
CA ALA B 512 -33.21 16.56 -15.64
C ALA B 512 -32.81 15.19 -15.09
N ASP B 513 -31.86 15.21 -14.18
CA ASP B 513 -31.48 14.04 -13.41
C ASP B 513 -32.30 13.82 -12.16
N LEU B 514 -32.97 14.86 -11.64
CA LEU B 514 -33.68 14.78 -10.38
C LEU B 514 -34.85 15.74 -10.40
N ALA B 515 -36.00 15.28 -9.93
CA ALA B 515 -37.16 16.14 -9.78
C ALA B 515 -37.46 16.28 -8.29
N VAL B 516 -37.39 17.52 -7.79
CA VAL B 516 -37.74 17.84 -6.41
C VAL B 516 -39.11 18.50 -6.44
N ALA B 517 -40.13 17.79 -6.02
CA ALA B 517 -41.49 18.29 -6.02
C ALA B 517 -41.85 18.76 -4.62
N VAL B 518 -42.12 20.05 -4.49
CA VAL B 518 -42.41 20.65 -3.20
C VAL B 518 -43.90 20.91 -3.15
N VAL B 519 -44.60 20.13 -2.34
CA VAL B 519 -46.05 20.14 -2.29
C VAL B 519 -46.49 20.34 -0.84
N GLY B 520 -47.79 20.55 -0.65
CA GLY B 520 -48.33 20.63 0.69
C GLY B 520 -49.66 21.36 0.85
N ASP B 521 -49.78 22.20 1.87
CA ASP B 521 -50.96 23.03 2.02
C ASP B 521 -50.55 24.50 2.04
N ARG B 522 -51.49 25.36 2.42
CA ARG B 522 -51.24 26.79 2.48
C ARG B 522 -52.32 27.41 3.36
N ILE B 523 -52.26 28.73 3.52
CA ILE B 523 -52.86 29.37 4.69
C ILE B 523 -54.38 29.19 4.74
N GLU B 524 -55.06 29.21 3.60
CA GLU B 524 -56.51 29.06 3.62
C GLU B 524 -56.97 27.66 4.03
N LEU B 525 -56.05 26.68 4.14
CA LEU B 525 -56.36 25.33 4.57
C LEU B 525 -55.81 25.02 5.96
N VAL B 526 -55.49 26.04 6.74
CA VAL B 526 -54.72 25.92 7.98
C VAL B 526 -55.30 26.90 9.00
N GLY B 527 -55.38 26.46 10.24
CA GLY B 527 -55.54 27.37 11.36
C GLY B 527 -56.95 27.45 11.91
N GLU B 528 -57.21 28.59 12.55
CA GLU B 528 -58.49 28.82 13.20
C GLU B 528 -59.65 28.82 12.22
N GLY B 529 -60.71 28.14 12.59
CA GLY B 529 -61.86 28.01 11.73
C GLY B 529 -61.60 27.30 10.41
N ARG B 530 -60.49 26.58 10.29
CA ARG B 530 -60.11 25.95 9.04
C ARG B 530 -59.54 24.55 9.27
N SER B 531 -60.26 23.74 10.03
CA SER B 531 -59.97 22.32 10.05
C SER B 531 -60.27 21.71 8.68
N THR B 532 -59.66 20.57 8.39
CA THR B 532 -59.85 19.87 7.12
C THR B 532 -60.38 18.46 7.37
N ALA B 533 -61.19 17.98 6.44
CA ALA B 533 -61.82 16.68 6.59
C ALA B 533 -61.05 15.55 5.93
N THR B 534 -60.37 15.80 4.82
CA THR B 534 -59.80 14.71 4.03
C THR B 534 -58.31 14.49 4.26
N LEU B 535 -57.59 15.50 4.72
CA LEU B 535 -56.15 15.46 4.91
C LEU B 535 -55.36 15.30 3.62
N GLU B 536 -56.01 15.35 2.48
CA GLU B 536 -55.31 15.11 1.23
C GLU B 536 -54.74 16.40 0.65
N LEU B 537 -53.75 16.23 -0.23
CA LEU B 537 -53.26 17.33 -1.04
C LEU B 537 -54.37 17.85 -1.93
N VAL B 538 -54.58 19.17 -1.91
CA VAL B 538 -55.70 19.84 -2.54
C VAL B 538 -55.26 20.40 -3.89
N GLY B 539 -56.15 20.30 -4.88
CA GLY B 539 -55.88 20.90 -6.17
C GLY B 539 -55.24 19.98 -7.19
N GLY B 540 -54.29 20.48 -7.94
CA GLY B 540 -53.63 19.69 -8.95
C GLY B 540 -52.34 19.04 -8.50
N GLN B 541 -52.11 18.94 -7.19
CA GLN B 541 -50.83 18.42 -6.72
C GLN B 541 -50.69 16.92 -6.90
N VAL B 542 -51.78 16.16 -6.72
CA VAL B 542 -51.72 14.72 -6.92
C VAL B 542 -51.40 14.39 -8.37
N ALA B 543 -52.16 14.97 -9.30
CA ALA B 543 -51.88 14.78 -10.72
C ALA B 543 -50.46 15.17 -11.07
N LEU B 544 -49.94 16.23 -10.45
CA LEU B 544 -48.56 16.61 -10.71
C LEU B 544 -47.59 15.54 -10.25
N LEU B 545 -47.84 14.95 -9.08
CA LEU B 545 -46.95 13.91 -8.58
C LEU B 545 -47.04 12.65 -9.44
N ASP B 546 -48.26 12.24 -9.80
CA ASP B 546 -48.46 11.12 -10.72
C ASP B 546 -47.63 11.29 -11.99
N ALA B 547 -47.75 12.43 -12.64
CA ALA B 547 -47.07 12.61 -13.92
C ALA B 547 -45.55 12.72 -13.74
N LEU B 548 -45.07 13.29 -12.65
CA LEU B 548 -43.64 13.39 -12.45
C LEU B 548 -43.00 12.03 -12.23
N VAL B 549 -43.64 11.18 -11.43
CA VAL B 549 -43.12 9.84 -11.18
C VAL B 549 -43.12 9.01 -12.45
N ALA B 550 -44.09 9.22 -13.33
CA ALA B 550 -44.17 8.49 -14.59
C ALA B 550 -43.12 8.92 -15.62
N THR B 551 -42.41 10.02 -15.43
CA THR B 551 -41.38 10.37 -16.41
C THR B 551 -40.18 9.45 -16.34
N GLY B 552 -39.98 8.75 -15.23
CA GLY B 552 -38.77 7.99 -15.00
C GLY B 552 -37.58 8.78 -14.49
N THR B 553 -37.70 10.08 -14.33
CA THR B 553 -36.71 10.83 -13.57
C THR B 553 -36.98 10.67 -12.08
N PRO B 554 -35.95 10.47 -11.27
CA PRO B 554 -36.17 10.24 -9.83
C PRO B 554 -36.79 11.47 -9.17
N VAL B 555 -37.85 11.24 -8.40
CA VAL B 555 -38.63 12.29 -7.78
C VAL B 555 -38.39 12.28 -6.28
N VAL B 556 -38.06 13.45 -5.74
CA VAL B 556 -38.02 13.68 -4.29
C VAL B 556 -39.23 14.51 -3.92
N VAL B 557 -40.08 13.98 -3.06
CA VAL B 557 -41.24 14.69 -2.57
C VAL B 557 -40.87 15.40 -1.29
N VAL B 558 -40.95 16.72 -1.30
CA VAL B 558 -40.70 17.54 -0.15
C VAL B 558 -42.03 18.13 0.28
N VAL B 559 -42.47 17.80 1.48
CA VAL B 559 -43.77 18.20 1.99
C VAL B 559 -43.55 19.40 2.89
N VAL B 560 -43.98 20.57 2.41
CA VAL B 560 -44.02 21.81 3.15
C VAL B 560 -45.49 22.07 3.47
N ALA B 561 -45.89 21.74 4.68
CA ALA B 561 -47.29 21.77 5.04
C ALA B 561 -47.39 21.98 6.53
N SER B 562 -48.58 22.37 6.96
CA SER B 562 -48.78 22.71 8.36
C SER B 562 -48.85 21.47 9.24
N LYS B 563 -49.26 20.34 8.68
CA LYS B 563 -49.60 19.19 9.48
C LYS B 563 -49.43 17.95 8.61
N PRO B 564 -49.48 16.75 9.18
CA PRO B 564 -49.34 15.53 8.38
C PRO B 564 -50.51 15.33 7.43
N LEU B 565 -50.18 15.05 6.18
CA LEU B 565 -51.16 14.88 5.13
C LEU B 565 -51.17 13.45 4.62
N VAL B 566 -52.32 13.01 4.13
CA VAL B 566 -52.44 11.78 3.38
C VAL B 566 -51.75 11.95 2.03
N LEU B 567 -50.74 11.21 1.79
CA LEU B 567 -50.04 11.37 0.51
C LEU B 567 -50.51 10.32 -0.49
N PRO B 568 -50.60 10.69 -1.75
CA PRO B 568 -51.13 9.79 -2.76
C PRO B 568 -50.14 8.67 -3.08
N PRO B 569 -50.62 7.58 -3.69
CA PRO B 569 -49.72 6.47 -4.06
C PRO B 569 -48.47 6.86 -4.83
N SER B 570 -48.55 7.79 -5.77
CA SER B 570 -47.35 8.21 -6.48
C SER B 570 -46.28 8.74 -5.54
N ALA B 571 -46.66 9.31 -4.39
CA ALA B 571 -45.63 9.79 -3.47
C ALA B 571 -44.96 8.66 -2.73
N HIS B 572 -45.67 7.57 -2.47
CA HIS B 572 -45.04 6.38 -1.93
C HIS B 572 -44.24 5.59 -2.97
N ALA B 573 -44.36 5.91 -4.25
CA ALA B 573 -43.56 5.28 -5.28
C ALA B 573 -42.38 6.13 -5.71
N ALA B 574 -42.26 7.34 -5.16
CA ALA B 574 -41.17 8.23 -5.51
C ALA B 574 -39.88 7.74 -4.88
N ALA B 575 -38.78 8.34 -5.29
CA ALA B 575 -37.48 7.91 -4.79
C ALA B 575 -37.31 8.25 -3.31
N ALA B 576 -37.81 9.40 -2.85
CA ALA B 576 -37.68 9.79 -1.46
C ALA B 576 -38.79 10.75 -1.08
N VAL B 577 -39.00 10.88 0.22
CA VAL B 577 -40.00 11.75 0.81
C VAL B 577 -39.40 12.46 2.02
N VAL B 578 -39.46 13.81 2.01
CA VAL B 578 -38.98 14.64 3.10
C VAL B 578 -40.15 15.38 3.72
N TRP B 579 -40.25 15.34 5.03
CA TRP B 579 -41.22 16.16 5.78
C TRP B 579 -40.49 17.41 6.29
N ALA B 580 -41.08 18.59 6.09
CA ALA B 580 -40.46 19.85 6.43
C ALA B 580 -41.32 20.79 7.28
N ALA B 581 -42.64 20.65 7.28
CA ALA B 581 -43.54 21.22 8.30
C ALA B 581 -43.51 22.74 8.43
N ASN B 582 -43.43 23.48 7.35
CA ASN B 582 -43.16 24.92 7.55
C ASN B 582 -41.83 25.11 8.26
N PRO B 583 -40.72 25.13 7.53
CA PRO B 583 -39.40 25.09 8.18
C PRO B 583 -38.76 26.45 8.43
N GLY B 584 -39.48 27.55 8.25
CA GLY B 584 -38.95 28.87 8.58
C GLY B 584 -38.15 29.53 7.49
N MET B 585 -37.44 30.59 7.88
CA MET B 585 -36.80 31.44 6.89
C MET B 585 -35.59 30.76 6.27
N ARG B 586 -34.88 29.92 7.02
CA ARG B 586 -33.75 29.15 6.52
C ARG B 586 -34.15 27.81 5.93
N GLY B 587 -35.44 27.51 5.88
CA GLY B 587 -35.86 26.14 5.65
C GLY B 587 -35.41 25.58 4.30
N GLY B 588 -35.39 26.42 3.27
CA GLY B 588 -35.00 25.99 1.95
C GLY B 588 -33.53 25.80 1.77
N GLN B 589 -32.71 26.46 2.59
CA GLN B 589 -31.31 26.09 2.64
C GLN B 589 -31.11 24.69 3.21
N ALA B 590 -31.88 24.34 4.25
CA ALA B 590 -31.73 23.04 4.88
C ALA B 590 -32.17 21.92 3.94
N VAL B 591 -33.23 22.14 3.18
CA VAL B 591 -33.75 21.10 2.31
C VAL B 591 -32.76 20.78 1.22
N ALA B 592 -32.15 21.80 0.62
CA ALA B 592 -31.16 21.54 -0.41
C ALA B 592 -29.90 20.93 0.19
N GLU B 593 -29.52 21.34 1.39
CA GLU B 593 -28.37 20.74 2.04
C GLU B 593 -28.61 19.26 2.33
N LEU B 594 -29.82 18.93 2.78
CA LEU B 594 -30.18 17.55 3.05
C LEU B 594 -30.10 16.71 1.78
N VAL B 595 -30.73 17.19 0.70
CA VAL B 595 -30.81 16.41 -0.52
C VAL B 595 -29.43 16.19 -1.12
N LEU B 596 -28.57 17.19 -1.05
CA LEU B 596 -27.24 17.08 -1.61
C LEU B 596 -26.24 16.41 -0.66
N GLY B 597 -26.66 16.01 0.53
CA GLY B 597 -25.77 15.34 1.45
C GLY B 597 -24.75 16.23 2.14
N LEU B 598 -24.99 17.54 2.17
CA LEU B 598 -24.11 18.45 2.89
C LEU B 598 -24.36 18.43 4.37
N ILE B 599 -25.45 17.81 4.81
CA ILE B 599 -25.73 17.54 6.21
C ILE B 599 -26.32 16.14 6.26
N GLU B 600 -26.27 15.54 7.42
CA GLU B 600 -26.98 14.28 7.64
C GLU B 600 -28.38 14.56 8.17
N PRO B 601 -29.38 13.73 7.85
CA PRO B 601 -30.70 13.92 8.46
C PRO B 601 -30.67 13.58 9.94
N GLU B 602 -31.41 14.35 10.74
CA GLU B 602 -31.54 14.08 12.15
C GLU B 602 -32.98 14.06 12.67
N GLY B 603 -33.92 14.69 12.00
CA GLY B 603 -35.25 14.81 12.55
C GLY B 603 -35.93 13.47 12.73
N ARG B 604 -36.87 13.43 13.66
CA ARG B 604 -37.65 12.25 13.95
C ARG B 604 -39.06 12.72 14.23
N LEU B 605 -40.04 11.98 13.74
CA LEU B 605 -41.42 12.43 13.80
C LEU B 605 -41.86 12.66 15.24
N PRO B 606 -42.48 13.80 15.55
CA PRO B 606 -43.20 13.95 16.81
C PRO B 606 -44.69 13.71 16.67
N ILE B 607 -45.13 13.13 15.56
CA ILE B 607 -46.53 12.96 15.26
C ILE B 607 -46.63 11.85 14.22
N SER B 608 -47.76 11.17 14.21
CA SER B 608 -48.00 10.09 13.27
C SER B 608 -48.82 10.59 12.07
N PHE B 609 -48.54 10.00 10.91
CA PHE B 609 -49.25 10.26 9.66
C PHE B 609 -50.30 9.18 9.44
N ALA B 610 -51.51 9.59 9.09
CA ALA B 610 -52.56 8.64 8.77
C ALA B 610 -52.56 8.29 7.28
N ARG B 611 -53.14 7.14 6.97
CA ARG B 611 -53.34 6.73 5.60
C ARG B 611 -54.65 7.24 5.02
N HIS B 612 -55.58 7.60 5.89
CA HIS B 612 -56.90 8.06 5.58
C HIS B 612 -57.44 8.72 6.83
N ALA B 613 -58.30 9.71 6.68
CA ALA B 613 -58.83 10.38 7.85
C ALA B 613 -59.63 9.43 8.73
N GLY B 614 -60.32 8.46 8.12
CA GLY B 614 -61.10 7.49 8.87
C GLY B 614 -60.29 6.43 9.58
N GLN B 615 -58.97 6.41 9.37
CA GLN B 615 -58.08 5.51 10.09
C GLN B 615 -57.85 5.97 11.53
N GLN B 616 -58.08 7.23 11.85
CA GLN B 616 -57.80 7.76 13.18
C GLN B 616 -58.58 7.07 14.27
N PRO B 617 -57.99 6.93 15.45
CA PRO B 617 -56.73 7.51 15.90
C PRO B 617 -55.49 6.82 15.40
N THR B 618 -54.48 7.60 15.03
CA THR B 618 -53.21 7.07 14.56
C THR B 618 -52.04 7.49 15.43
N TYR B 619 -52.27 8.12 16.57
CA TYR B 619 -51.17 8.35 17.51
C TYR B 619 -50.71 7.02 18.14
N TYR B 620 -49.44 6.98 18.56
CA TYR B 620 -48.80 5.73 18.94
C TYR B 620 -49.35 5.15 20.26
N ASN B 621 -49.75 5.99 21.21
CA ASN B 621 -50.15 5.52 22.55
C ASN B 621 -51.64 5.21 22.64
N VAL B 622 -52.07 4.21 21.85
CA VAL B 622 -53.46 3.78 21.83
C VAL B 622 -53.81 2.98 23.07
N VAL B 623 -55.01 3.19 23.59
CA VAL B 623 -55.53 2.48 24.74
C VAL B 623 -55.96 1.08 24.31
N ARG B 624 -55.58 0.07 25.08
CA ARG B 624 -55.88 -1.33 24.79
C ARG B 624 -57.37 -1.63 24.87
N GLY B 625 -57.78 -2.68 24.16
CA GLY B 625 -59.13 -3.19 24.28
C GLY B 625 -59.83 -3.63 23.00
N GLN B 626 -59.32 -3.24 21.84
CA GLN B 626 -60.06 -3.43 20.59
C GLN B 626 -60.22 -4.90 20.23
N HIS B 627 -61.45 -5.29 19.85
CA HIS B 627 -61.71 -6.56 19.18
C HIS B 627 -61.23 -6.48 17.73
N GLY B 628 -60.02 -6.93 17.48
CA GLY B 628 -59.43 -6.88 16.15
C GLY B 628 -58.30 -5.88 16.09
N VAL B 629 -57.66 -5.85 14.92
CA VAL B 629 -56.45 -5.08 14.69
C VAL B 629 -56.50 -4.24 13.43
N ARG B 630 -57.57 -4.34 12.63
CA ARG B 630 -57.66 -3.53 11.43
C ARG B 630 -59.10 -3.22 11.10
N TYR B 631 -59.28 -2.26 10.23
CA TYR B 631 -60.56 -2.05 9.60
C TYR B 631 -60.72 -3.03 8.44
N ALA B 632 -61.96 -3.40 8.16
CA ALA B 632 -62.22 -4.35 7.08
C ALA B 632 -61.65 -3.85 5.75
N ASP B 633 -61.60 -2.55 5.54
CA ASP B 633 -61.13 -2.00 4.27
C ASP B 633 -59.79 -1.29 4.38
N LEU B 634 -59.12 -1.37 5.51
CA LEU B 634 -57.91 -0.60 5.71
C LEU B 634 -57.16 -1.08 6.94
N THR B 635 -55.85 -1.23 6.80
CA THR B 635 -54.99 -1.45 7.96
C THR B 635 -55.09 -0.27 8.93
N GLN B 636 -54.83 -0.56 10.20
CA GLN B 636 -54.71 0.43 11.24
C GLN B 636 -53.29 0.92 11.40
N SER B 637 -52.38 0.41 10.62
CA SER B 637 -51.00 0.84 10.69
C SER B 637 -50.84 2.23 10.06
N PRO B 638 -50.27 3.20 10.78
CA PRO B 638 -50.11 4.54 10.21
C PRO B 638 -49.16 4.55 9.04
N ALA B 639 -49.33 5.53 8.16
CA ALA B 639 -48.40 5.68 7.05
C ALA B 639 -46.98 5.87 7.55
N PHE B 640 -46.82 6.70 8.57
CA PHE B 640 -45.53 6.91 9.22
C PHE B 640 -45.82 7.08 10.69
N ALA B 641 -44.99 6.50 11.54
CA ALA B 641 -45.26 6.46 12.97
C ALA B 641 -44.42 7.46 13.74
N PHE B 642 -44.98 7.92 14.85
CA PHE B 642 -44.25 8.73 15.82
C PHE B 642 -42.86 8.16 16.04
N GLY B 643 -41.87 9.03 15.99
CA GLY B 643 -40.51 8.67 16.24
C GLY B 643 -39.71 8.22 15.04
N GLU B 644 -40.33 8.00 13.89
CA GLU B 644 -39.45 7.47 12.86
C GLU B 644 -38.84 8.57 12.02
N GLY B 645 -37.96 8.16 11.14
CA GLY B 645 -37.10 9.05 10.42
C GLY B 645 -35.79 8.37 10.14
N LEU B 646 -35.24 8.61 8.95
CA LEU B 646 -34.05 7.92 8.45
C LEU B 646 -32.82 8.79 8.65
N SER B 647 -31.67 8.17 8.51
CA SER B 647 -30.45 8.95 8.30
C SER B 647 -29.89 8.55 6.95
N TYR B 648 -28.62 8.86 6.70
CA TYR B 648 -27.92 8.34 5.54
C TYR B 648 -26.97 7.21 5.91
N THR B 649 -27.30 6.45 6.96
CA THR B 649 -26.48 5.33 7.36
C THR B 649 -27.39 4.31 8.03
N THR B 650 -26.82 3.20 8.46
CA THR B 650 -27.56 2.16 9.13
C THR B 650 -27.04 2.00 10.55
N VAL B 651 -27.94 1.81 11.50
CA VAL B 651 -27.58 1.71 12.91
C VAL B 651 -28.26 0.48 13.50
N GLU B 652 -27.48 -0.41 14.09
CA GLU B 652 -28.02 -1.63 14.68
C GLU B 652 -28.17 -1.43 16.18
N TYR B 653 -29.32 -1.81 16.70
CA TYR B 653 -29.61 -1.81 18.12
C TYR B 653 -29.49 -3.24 18.63
N ALA B 654 -28.70 -3.44 19.68
CA ALA B 654 -28.57 -4.79 20.21
C ALA B 654 -28.38 -4.78 21.72
N ASP B 655 -28.84 -5.86 22.34
CA ASP B 655 -28.44 -6.23 23.70
C ASP B 655 -29.00 -5.26 24.73
N LEU B 656 -30.31 -5.16 24.79
CA LEU B 656 -30.96 -4.36 25.82
C LEU B 656 -30.98 -5.14 27.14
N ARG B 657 -30.46 -4.53 28.20
CA ARG B 657 -30.44 -5.13 29.52
C ARG B 657 -30.87 -4.12 30.58
N VAL B 658 -31.77 -4.52 31.44
CA VAL B 658 -32.06 -3.76 32.66
C VAL B 658 -31.05 -4.17 33.72
N LEU B 659 -30.46 -3.20 34.41
CA LEU B 659 -29.47 -3.50 35.43
C LEU B 659 -30.16 -3.69 36.78
N GLY B 660 -30.48 -4.94 37.09
CA GLY B 660 -31.27 -5.28 38.25
C GLY B 660 -32.74 -5.05 37.97
N THR B 661 -33.48 -6.12 37.65
CA THR B 661 -34.84 -5.96 37.18
C THR B 661 -35.85 -5.68 38.27
N GLU B 662 -35.55 -5.96 39.53
CA GLU B 662 -36.49 -5.68 40.62
C GLU B 662 -36.26 -4.28 41.18
N HIS B 663 -37.36 -3.57 41.43
CA HIS B 663 -37.33 -2.18 41.84
C HIS B 663 -38.36 -1.91 42.93
N GLY B 664 -38.02 -0.99 43.82
CA GLY B 664 -38.99 -0.38 44.69
C GLY B 664 -39.46 0.95 44.12
N PRO B 665 -40.39 1.61 44.82
CA PRO B 665 -41.05 2.78 44.23
C PRO B 665 -40.18 4.04 44.20
N ASP B 666 -39.06 4.08 44.89
CA ASP B 666 -38.20 5.25 44.87
C ASP B 666 -36.97 5.07 43.98
N ASP B 667 -36.85 3.95 43.27
CA ASP B 667 -35.65 3.62 42.49
C ASP B 667 -35.68 4.25 41.09
N VAL B 668 -34.58 4.06 40.37
CA VAL B 668 -34.46 4.43 38.98
C VAL B 668 -34.21 3.17 38.18
N VAL B 669 -35.09 2.87 37.23
CA VAL B 669 -34.85 1.81 36.27
C VAL B 669 -33.67 2.20 35.39
N ARG B 670 -32.64 1.37 35.40
CA ARG B 670 -31.42 1.64 34.63
C ARG B 670 -31.21 0.54 33.60
N ALA B 671 -30.81 0.95 32.40
CA ALA B 671 -30.69 0.02 31.30
C ALA B 671 -29.49 0.39 30.46
N GLU B 672 -29.08 -0.53 29.60
CA GLU B 672 -28.02 -0.30 28.64
C GLU B 672 -28.43 -0.94 27.32
N VAL B 673 -28.05 -0.28 26.23
CA VAL B 673 -28.32 -0.76 24.88
C VAL B 673 -27.09 -0.43 24.04
N THR B 674 -26.82 -1.27 23.06
CA THR B 674 -25.63 -1.13 22.23
C THR B 674 -26.01 -0.73 20.81
N LEU B 675 -25.40 0.35 20.33
CA LEU B 675 -25.62 0.84 18.98
C LEU B 675 -24.36 0.65 18.16
N THR B 676 -24.52 0.28 16.90
CA THR B 676 -23.40 0.15 15.98
C THR B 676 -23.77 0.85 14.69
N ASN B 677 -22.90 1.74 14.24
CA ASN B 677 -23.03 2.38 12.93
C ASN B 677 -22.35 1.48 11.91
N THR B 678 -23.16 0.75 11.15
CA THR B 678 -22.69 -0.22 10.18
C THR B 678 -22.61 0.32 8.76
N GLY B 679 -22.68 1.64 8.60
CA GLY B 679 -22.69 2.25 7.28
C GLY B 679 -21.50 3.17 7.09
N SER B 680 -21.60 4.13 6.19
CA SER B 680 -20.42 4.87 5.81
C SER B 680 -20.49 6.37 6.10
N ARG B 681 -21.55 6.85 6.72
CA ARG B 681 -21.71 8.25 7.05
C ARG B 681 -21.98 8.39 8.54
N PRO B 682 -21.54 9.47 9.17
CA PRO B 682 -21.84 9.69 10.59
C PRO B 682 -23.30 10.00 10.82
N VAL B 683 -23.73 9.84 12.07
CA VAL B 683 -25.13 9.99 12.42
C VAL B 683 -25.23 10.50 13.85
N ARG B 684 -26.27 11.29 14.09
CA ARG B 684 -26.73 11.61 15.43
C ARG B 684 -28.08 10.90 15.59
N GLU B 685 -28.08 9.84 16.38
CA GLU B 685 -29.24 8.96 16.47
C GLU B 685 -30.05 9.30 17.71
N THR B 686 -31.36 9.18 17.62
CA THR B 686 -32.27 9.51 18.72
C THR B 686 -32.85 8.22 19.29
N VAL B 687 -32.25 7.72 20.36
CA VAL B 687 -32.74 6.51 21.01
C VAL B 687 -33.97 6.86 21.82
N GLN B 688 -35.05 6.14 21.61
CA GLN B 688 -36.31 6.39 22.29
C GLN B 688 -36.60 5.26 23.27
N VAL B 689 -37.13 5.62 24.44
CA VAL B 689 -37.33 4.69 25.55
C VAL B 689 -38.81 4.73 25.95
N TYR B 690 -39.53 3.64 25.69
CA TYR B 690 -40.94 3.52 26.02
C TYR B 690 -41.11 2.56 27.19
N VAL B 691 -42.14 2.78 27.98
CA VAL B 691 -42.49 1.93 29.10
C VAL B 691 -43.88 1.37 28.86
N SER B 692 -44.07 0.08 29.12
CA SER B 692 -45.38 -0.56 29.02
C SER B 692 -45.74 -1.20 30.35
N ASP B 693 -46.93 -0.89 30.85
CA ASP B 693 -47.44 -1.44 32.09
C ASP B 693 -48.31 -2.65 31.75
N THR B 694 -47.83 -3.84 32.09
CA THR B 694 -48.38 -5.09 31.54
C THR B 694 -49.82 -5.33 31.99
N VAL B 695 -50.11 -5.14 33.26
CA VAL B 695 -51.45 -5.29 33.80
C VAL B 695 -51.76 -4.03 34.58
N THR B 696 -52.93 -3.43 34.33
CA THR B 696 -53.30 -2.14 34.86
C THR B 696 -54.67 -2.25 35.49
N SER B 697 -54.97 -1.40 36.47
CA SER B 697 -56.28 -1.52 37.13
C SER B 697 -57.41 -0.92 36.30
N VAL B 698 -57.09 -0.02 35.39
CA VAL B 698 -57.99 0.56 34.40
C VAL B 698 -57.28 0.43 33.06
N THR B 699 -58.04 0.38 31.97
CA THR B 699 -57.40 0.23 30.67
C THR B 699 -56.49 1.41 30.38
N TRP B 700 -55.34 1.14 29.77
CA TRP B 700 -54.32 2.16 29.59
C TRP B 700 -53.69 1.99 28.22
N ALA B 701 -52.86 2.94 27.85
CA ALA B 701 -52.08 2.84 26.62
C ALA B 701 -51.18 1.62 26.63
N GLU B 702 -50.95 1.07 25.44
CA GLU B 702 -50.06 -0.07 25.30
C GLU B 702 -48.63 0.30 25.67
N LYS B 703 -48.25 1.55 25.53
CA LYS B 703 -46.91 1.99 25.87
C LYS B 703 -46.88 3.51 25.79
N GLU B 704 -45.89 4.10 26.46
CA GLU B 704 -45.74 5.54 26.54
C GLU B 704 -44.26 5.92 26.49
N LEU B 705 -43.95 6.96 25.74
CA LEU B 705 -42.60 7.51 25.73
C LEU B 705 -42.25 8.11 27.11
N LYS B 706 -41.08 7.77 27.62
CA LYS B 706 -40.66 8.23 28.95
C LYS B 706 -39.27 8.84 28.96
N ALA B 707 -38.42 8.57 27.98
CA ALA B 707 -37.06 9.09 27.97
C ALA B 707 -36.51 8.95 26.56
N TYR B 708 -35.40 9.63 26.31
CA TYR B 708 -34.77 9.53 25.01
C TYR B 708 -33.36 10.09 25.15
N ARG B 709 -32.52 9.81 24.16
CA ARG B 709 -31.14 10.21 24.26
C ARG B 709 -30.55 10.29 22.86
N LYS B 710 -29.79 11.33 22.62
CA LYS B 710 -29.09 11.50 21.36
C LYS B 710 -27.67 10.95 21.48
N VAL B 711 -27.22 10.29 20.41
CA VAL B 711 -25.94 9.56 20.41
C VAL B 711 -25.26 9.78 19.07
N ASP B 712 -24.00 10.21 19.12
CA ASP B 712 -23.20 10.47 17.93
C ASP B 712 -22.36 9.25 17.59
N LEU B 713 -22.43 8.79 16.35
CA LEU B 713 -21.70 7.62 15.89
C LEU B 713 -20.94 7.95 14.61
N ALA B 714 -19.63 7.82 14.65
CA ALA B 714 -18.83 7.84 13.46
C ALA B 714 -19.04 6.54 12.69
N PRO B 715 -18.78 6.54 11.38
CA PRO B 715 -18.91 5.31 10.61
C PRO B 715 -18.06 4.20 11.22
N GLY B 716 -18.68 3.05 11.44
CA GLY B 716 -18.01 1.95 12.10
C GLY B 716 -18.03 1.98 13.61
N GLU B 717 -18.28 3.13 14.23
CA GLU B 717 -18.22 3.24 15.68
C GLU B 717 -19.31 2.43 16.35
N SER B 718 -19.00 1.92 17.53
CA SER B 718 -19.93 1.12 18.31
C SER B 718 -19.96 1.66 19.73
N ALA B 719 -21.14 1.69 20.34
CA ALA B 719 -21.26 2.34 21.63
C ALA B 719 -22.32 1.65 22.46
N THR B 720 -22.05 1.52 23.75
CA THR B 720 -23.03 1.07 24.72
C THR B 720 -23.51 2.27 25.51
N VAL B 721 -24.82 2.44 25.59
CA VAL B 721 -25.45 3.68 26.00
C VAL B 721 -26.29 3.42 27.24
N GLY B 722 -26.05 4.21 28.29
CA GLY B 722 -26.86 4.09 29.48
C GLY B 722 -28.17 4.83 29.34
N LEU B 723 -29.23 4.23 29.86
CA LEU B 723 -30.56 4.80 29.80
C LEU B 723 -31.21 4.68 31.16
N GLU B 724 -32.07 5.63 31.50
CA GLU B 724 -32.75 5.52 32.78
C GLU B 724 -34.11 6.17 32.75
N VAL B 725 -35.00 5.64 33.56
CA VAL B 725 -36.37 6.10 33.72
C VAL B 725 -36.70 5.99 35.20
N PRO B 726 -36.97 7.09 35.91
CA PRO B 726 -37.39 6.97 37.30
C PRO B 726 -38.65 6.13 37.42
N VAL B 727 -38.70 5.29 38.45
CA VAL B 727 -39.91 4.53 38.73
C VAL B 727 -41.09 5.46 38.91
N ALA B 728 -40.85 6.62 39.50
CA ALA B 728 -41.91 7.59 39.71
C ALA B 728 -42.54 8.10 38.41
N ASP B 729 -41.92 7.89 37.24
CA ASP B 729 -42.53 8.28 35.97
C ASP B 729 -43.43 7.22 35.36
N CYS B 730 -43.45 6.01 35.90
CA CYS B 730 -44.24 4.91 35.35
C CYS B 730 -45.65 4.92 35.92
N THR B 731 -46.38 5.99 35.63
CA THR B 731 -47.67 6.24 36.23
C THR B 731 -48.83 5.89 35.30
N LEU B 732 -50.01 5.74 35.89
CA LEU B 732 -51.27 5.82 35.18
C LEU B 732 -52.23 6.65 36.00
N VAL B 733 -53.36 7.02 35.40
CA VAL B 733 -54.44 7.70 36.09
C VAL B 733 -55.47 6.64 36.40
N ASP B 734 -55.64 6.34 37.68
CA ASP B 734 -56.51 5.25 38.05
C ASP B 734 -57.95 5.72 38.02
N ALA B 735 -58.87 4.80 38.24
CA ALA B 735 -60.17 5.22 38.72
C ALA B 735 -59.93 6.02 39.99
N HIS B 736 -60.69 7.08 40.18
CA HIS B 736 -60.50 8.12 41.20
C HIS B 736 -59.63 9.25 40.68
N GLY B 737 -58.99 9.11 39.54
CA GLY B 737 -58.26 10.21 38.99
C GLY B 737 -56.91 10.48 39.61
N ARG B 738 -56.36 9.53 40.36
CA ARG B 738 -55.04 9.70 40.95
C ARG B 738 -53.98 9.19 39.99
N ARG B 739 -52.92 9.96 39.83
CA ARG B 739 -51.77 9.55 39.03
C ARG B 739 -50.82 8.81 39.95
N VAL B 740 -50.69 7.50 39.76
CA VAL B 740 -50.02 6.60 40.69
C VAL B 740 -49.19 5.59 39.91
N VAL B 741 -48.08 5.17 40.50
CA VAL B 741 -47.36 3.99 40.01
C VAL B 741 -47.98 2.77 40.65
N GLU B 742 -48.52 1.87 39.85
CA GLU B 742 -49.02 0.66 40.48
C GLU B 742 -47.95 -0.42 40.47
N PRO B 743 -47.77 -1.16 41.55
CA PRO B 743 -46.78 -2.24 41.54
C PRO B 743 -47.18 -3.32 40.55
N GLY B 744 -46.19 -3.94 39.97
CA GLY B 744 -46.43 -5.06 39.09
C GLY B 744 -45.34 -5.15 38.05
N GLU B 745 -45.67 -5.74 36.92
CA GLU B 745 -44.71 -6.00 35.86
C GLU B 745 -44.78 -4.93 34.78
N PHE B 746 -43.63 -4.59 34.23
CA PHE B 746 -43.52 -3.58 33.20
C PHE B 746 -42.64 -4.11 32.10
N GLU B 747 -42.58 -3.37 31.00
CA GLU B 747 -41.64 -3.69 29.94
C GLU B 747 -41.00 -2.42 29.45
N LEU B 748 -39.70 -2.49 29.20
CA LEU B 748 -38.94 -1.38 28.66
C LEU B 748 -38.70 -1.64 27.18
N ARG B 749 -39.11 -0.69 26.33
CA ARG B 749 -38.99 -0.88 24.89
C ARG B 749 -38.15 0.25 24.34
N VAL B 750 -37.06 -0.11 23.67
CA VAL B 750 -36.02 0.82 23.26
C VAL B 750 -35.73 0.57 21.80
N GLY B 751 -35.67 1.64 21.01
CA GLY B 751 -35.32 1.53 19.62
C GLY B 751 -35.42 2.85 18.89
N PRO B 752 -35.30 2.82 17.57
CA PRO B 752 -35.29 4.06 16.80
C PRO B 752 -36.67 4.64 16.49
N SER B 753 -37.77 4.01 16.89
CA SER B 753 -39.09 4.52 16.59
C SER B 753 -40.10 3.85 17.51
N SER B 754 -41.37 4.24 17.37
CA SER B 754 -42.43 3.65 18.16
C SER B 754 -43.00 2.38 17.53
N ARG B 755 -42.51 1.99 16.36
CA ARG B 755 -42.98 0.76 15.71
C ARG B 755 -42.55 -0.44 16.54
N GLU B 756 -43.50 -1.32 16.86
CA GLU B 756 -43.17 -2.45 17.71
C GLU B 756 -42.13 -3.36 17.09
N ASP B 757 -42.10 -3.49 15.77
CA ASP B 757 -41.06 -4.30 15.14
C ASP B 757 -39.72 -3.60 15.06
N ALA B 758 -39.58 -2.42 15.64
CA ALA B 758 -38.28 -1.78 15.72
C ALA B 758 -37.77 -1.70 17.16
N LEU B 759 -38.51 -2.23 18.12
CA LEU B 759 -38.20 -2.06 19.54
C LEU B 759 -37.64 -3.36 20.13
N LEU B 760 -36.44 -3.26 20.70
CA LEU B 760 -35.97 -4.22 21.69
C LEU B 760 -36.79 -4.09 22.97
N ARG B 761 -36.90 -5.19 23.73
CA ARG B 761 -37.73 -5.15 24.92
C ARG B 761 -37.09 -5.91 26.06
N ALA B 762 -37.40 -5.49 27.29
CA ALA B 762 -36.84 -6.10 28.50
C ALA B 762 -37.78 -5.88 29.66
N SER B 763 -38.05 -6.93 30.42
CA SER B 763 -38.94 -6.85 31.56
C SER B 763 -38.27 -6.22 32.79
N PHE B 764 -39.09 -5.54 33.60
CA PHE B 764 -38.69 -5.16 34.95
C PHE B 764 -39.94 -5.17 35.82
N THR B 765 -39.73 -5.19 37.14
CA THR B 765 -40.84 -5.19 38.07
C THR B 765 -40.67 -4.09 39.10
N VAL B 766 -41.78 -3.63 39.64
CA VAL B 766 -41.82 -2.62 40.69
C VAL B 766 -42.60 -3.20 41.84
N ALA B 767 -42.03 -3.14 43.03
CA ALA B 767 -42.63 -3.79 44.19
C ALA B 767 -43.34 -2.76 45.07
N GLY B 768 -44.32 -3.23 45.81
CA GLY B 768 -45.04 -2.37 46.73
C GLY B 768 -44.13 -1.75 47.80
CA THR C 6 0.98 -76.39 22.07
C THR C 6 1.35 -77.35 20.89
N LEU C 7 1.47 -76.77 19.71
CA LEU C 7 1.26 -77.46 18.43
C LEU C 7 2.45 -77.29 17.46
N PRO C 8 2.39 -77.87 16.24
CA PRO C 8 3.56 -77.77 15.35
C PRO C 8 3.98 -76.36 14.97
N TYR C 9 3.05 -75.40 14.88
CA TYR C 9 3.42 -74.06 14.45
C TYR C 9 4.10 -73.26 15.55
N LEU C 10 4.00 -73.71 16.80
CA LEU C 10 4.65 -73.09 17.94
C LEU C 10 5.98 -73.76 18.32
N ASP C 11 6.55 -74.57 17.43
CA ASP C 11 7.76 -75.35 17.73
C ASP C 11 8.88 -74.88 16.81
N PRO C 12 9.92 -74.21 17.34
CA PRO C 12 11.01 -73.73 16.48
C PRO C 12 11.76 -74.84 15.75
N ALA C 13 11.59 -76.10 16.16
CA ALA C 13 12.22 -77.20 15.44
C ALA C 13 11.63 -77.40 14.05
N VAL C 14 10.38 -77.00 13.85
CA VAL C 14 9.66 -77.29 12.61
C VAL C 14 10.05 -76.26 11.55
N PRO C 15 10.39 -76.68 10.33
CA PRO C 15 10.72 -75.71 9.28
C PRO C 15 9.58 -74.72 9.04
N VAL C 16 9.93 -73.51 8.70
CA VAL C 16 8.97 -72.44 8.56
C VAL C 16 7.84 -72.60 7.58
N ALA C 17 8.08 -73.16 6.41
CA ALA C 17 7.01 -73.35 5.46
C ALA C 17 5.99 -74.27 6.08
N ASP C 18 6.46 -75.28 6.79
CA ASP C 18 5.60 -76.23 7.46
C ASP C 18 4.80 -75.57 8.56
N ARG C 19 5.42 -74.64 9.26
CA ARG C 19 4.77 -73.90 10.33
C ARG C 19 3.62 -73.02 9.85
N VAL C 20 3.76 -72.41 8.70
CA VAL C 20 2.69 -71.59 8.14
C VAL C 20 1.53 -72.47 7.71
N GLU C 21 1.81 -73.64 7.15
CA GLU C 21 0.76 -74.56 6.77
C GLU C 21 -0.05 -75.00 7.98
N ASP C 22 0.65 -75.37 9.05
CA ASP C 22 -0.03 -75.82 10.26
C ASP C 22 -0.95 -74.74 10.82
N LEU C 23 -0.43 -73.53 10.97
CA LEU C 23 -1.22 -72.46 11.58
C LEU C 23 -2.32 -71.99 10.63
N LEU C 24 -2.04 -71.92 9.34
CA LEU C 24 -3.07 -71.53 8.37
C LEU C 24 -4.27 -72.44 8.47
N ALA C 25 -4.04 -73.75 8.60
CA ALA C 25 -5.13 -74.73 8.65
C ALA C 25 -5.90 -74.71 9.97
N ARG C 26 -5.44 -73.97 10.97
CA ARG C 26 -6.13 -73.84 12.24
C ARG C 26 -6.93 -72.55 12.33
N MET C 27 -6.83 -71.67 11.35
CA MET C 27 -7.47 -70.37 11.40
C MET C 27 -8.82 -70.41 10.72
N THR C 28 -9.82 -69.81 11.34
CA THR C 28 -11.08 -69.56 10.67
C THR C 28 -10.90 -68.57 9.51
N LEU C 29 -11.99 -68.30 8.79
CA LEU C 29 -11.91 -67.30 7.73
C LEU C 29 -11.88 -65.89 8.30
N PRO C 30 -12.70 -65.53 9.30
CA PRO C 30 -12.53 -64.21 9.93
C PRO C 30 -11.13 -63.95 10.45
N GLU C 31 -10.43 -64.97 10.92
CA GLU C 31 -9.09 -64.76 11.41
C GLU C 31 -8.08 -64.62 10.28
N LYS C 32 -8.33 -65.26 9.13
CA LYS C 32 -7.40 -65.14 8.03
C LYS C 32 -7.55 -63.82 7.30
N VAL C 33 -8.80 -63.41 7.01
CA VAL C 33 -9.04 -62.08 6.48
C VAL C 33 -8.56 -61.02 7.47
N GLY C 34 -8.69 -61.29 8.77
CA GLY C 34 -8.19 -60.38 9.78
C GLY C 34 -6.68 -60.20 9.75
N GLN C 35 -5.94 -61.23 9.35
CA GLN C 35 -4.48 -61.15 9.31
C GLN C 35 -3.97 -60.16 8.26
N MET C 36 -4.82 -59.70 7.36
CA MET C 36 -4.42 -58.73 6.35
C MET C 36 -4.65 -57.30 6.80
N LEU C 37 -5.60 -57.09 7.70
CA LEU C 37 -5.91 -55.74 8.18
C LEU C 37 -4.76 -55.16 8.99
N GLN C 38 -4.36 -53.95 8.63
CA GLN C 38 -3.45 -53.14 9.43
C GLN C 38 -4.28 -51.97 9.94
N LEU C 39 -4.63 -51.99 11.22
CA LEU C 39 -5.66 -51.11 11.73
C LEU C 39 -5.08 -49.95 12.53
N ASP C 40 -5.83 -48.86 12.53
CA ASP C 40 -5.49 -47.68 13.31
C ASP C 40 -5.66 -47.97 14.80
N ALA C 41 -4.57 -47.87 15.57
CA ALA C 41 -4.62 -48.22 16.99
C ALA C 41 -5.27 -47.14 17.83
N ARG C 42 -5.09 -45.87 17.48
CA ARG C 42 -6.00 -44.87 17.97
C ARG C 42 -7.42 -45.29 17.62
N ASP C 43 -8.36 -44.95 18.49
CA ASP C 43 -9.77 -45.32 18.43
C ASP C 43 -10.02 -46.80 18.67
N GLY C 44 -9.04 -47.54 19.20
CA GLY C 44 -9.35 -48.80 19.87
C GLY C 44 -8.53 -50.03 19.52
N VAL C 45 -7.44 -50.27 20.27
CA VAL C 45 -6.63 -51.46 20.06
C VAL C 45 -7.34 -52.71 20.60
N GLY C 46 -8.25 -52.55 21.54
CA GLY C 46 -9.02 -53.65 22.07
C GLY C 46 -9.81 -54.35 20.99
N PRO C 47 -10.88 -53.71 20.51
CA PRO C 47 -11.71 -54.31 19.46
C PRO C 47 -10.93 -54.77 18.24
N ALA C 48 -9.77 -54.17 17.96
CA ALA C 48 -9.03 -54.49 16.74
C ALA C 48 -8.32 -55.83 16.84
N VAL C 49 -7.77 -56.16 18.02
CA VAL C 49 -7.08 -57.43 18.14
C VAL C 49 -8.06 -58.56 18.37
N LEU C 50 -9.16 -58.30 19.08
CA LEU C 50 -10.12 -59.31 19.49
C LEU C 50 -11.22 -59.54 18.47
N GLU C 51 -11.94 -58.47 18.08
CA GLU C 51 -13.13 -58.63 17.25
C GLU C 51 -12.83 -58.67 15.75
N LYS C 52 -11.70 -58.14 15.32
CA LYS C 52 -11.31 -58.22 13.90
C LYS C 52 -10.06 -59.05 13.65
N HIS C 53 -9.49 -59.66 14.69
CA HIS C 53 -8.36 -60.58 14.56
C HIS C 53 -7.22 -59.98 13.75
N ALA C 54 -6.93 -58.71 14.02
CA ALA C 54 -6.00 -57.97 13.20
C ALA C 54 -4.59 -58.55 13.27
N GLY C 55 -3.87 -58.39 12.16
CA GLY C 55 -2.52 -58.91 12.05
C GLY C 55 -1.47 -57.82 12.22
N SER C 56 -1.88 -56.56 12.20
CA SER C 56 -0.93 -55.47 12.34
C SER C 56 -1.63 -54.21 12.82
N LEU C 57 -0.87 -53.41 13.56
CA LEU C 57 -1.32 -52.14 14.10
C LEU C 57 -0.37 -51.03 13.71
N LEU C 58 -0.92 -49.84 13.50
CA LEU C 58 -0.10 -48.64 13.38
C LEU C 58 -0.71 -47.54 14.21
N HIS C 59 0.05 -46.44 14.34
CA HIS C 59 -0.28 -45.32 15.20
C HIS C 59 -0.57 -45.81 16.62
N THR C 60 0.33 -46.67 17.10
CA THR C 60 0.25 -47.31 18.40
C THR C 60 1.02 -46.48 19.42
N SER C 61 0.31 -45.97 20.43
CA SER C 61 0.94 -45.24 21.52
C SER C 61 1.63 -46.19 22.49
N PRO C 62 2.57 -45.70 23.31
CA PRO C 62 3.29 -46.61 24.22
C PRO C 62 2.37 -47.36 25.16
N GLU C 63 1.30 -46.71 25.61
CA GLU C 63 0.26 -47.41 26.37
C GLU C 63 -0.40 -48.47 25.51
N ASN C 64 -0.65 -48.15 24.23
CA ASN C 64 -1.33 -49.10 23.35
C ASN C 64 -0.41 -50.23 22.94
N VAL C 65 0.89 -49.96 22.79
CA VAL C 65 1.84 -51.02 22.46
C VAL C 65 1.80 -52.11 23.52
N LEU C 66 1.80 -51.72 24.79
CA LEU C 66 1.76 -52.70 25.87
C LEU C 66 0.40 -53.38 25.95
N ALA C 67 -0.68 -52.62 25.80
CA ALA C 67 -2.02 -53.19 25.82
C ALA C 67 -2.21 -54.17 24.68
N ALA C 68 -1.58 -53.92 23.55
CA ALA C 68 -1.71 -54.83 22.42
C ALA C 68 -1.01 -56.15 22.67
N HIS C 69 0.08 -56.15 23.45
CA HIS C 69 0.75 -57.39 23.77
C HIS C 69 -0.09 -58.24 24.72
N GLU C 70 -0.74 -57.60 25.70
CA GLU C 70 -1.56 -58.35 26.64
C GLU C 70 -2.83 -58.87 25.97
N LEU C 71 -3.28 -58.22 24.90
CA LEU C 71 -4.46 -58.68 24.17
C LEU C 71 -4.17 -59.86 23.27
N THR C 72 -2.90 -60.11 22.94
CA THR C 72 -2.55 -61.28 22.15
C THR C 72 -2.62 -62.56 22.97
N GLY C 73 -2.38 -62.47 24.29
CA GLY C 73 -2.51 -63.62 25.16
C GLY C 73 -3.94 -64.07 25.41
N ARG C 74 -4.93 -63.30 24.95
CA ARG C 74 -6.34 -63.66 25.11
C ARG C 74 -6.97 -64.12 23.81
N THR C 75 -6.22 -64.15 22.71
CA THR C 75 -6.76 -64.64 21.45
C THR C 75 -6.62 -66.16 21.39
N ARG C 76 -7.22 -66.74 20.36
CA ARG C 76 -7.37 -68.19 20.28
C ARG C 76 -6.09 -68.87 19.80
N LEU C 77 -5.39 -68.27 18.83
CA LEU C 77 -4.15 -68.83 18.33
C LEU C 77 -2.92 -67.98 18.63
N ARG C 78 -3.10 -66.78 19.19
CA ARG C 78 -2.01 -65.92 19.64
C ARG C 78 -0.97 -65.69 18.54
N ILE C 79 -1.45 -65.28 17.38
CA ILE C 79 -0.56 -64.84 16.31
C ILE C 79 -0.04 -63.45 16.69
N PRO C 80 1.26 -63.28 16.88
CA PRO C 80 1.79 -61.99 17.32
C PRO C 80 1.57 -60.90 16.27
N LEU C 81 1.59 -59.66 16.76
CA LEU C 81 1.30 -58.50 15.95
C LEU C 81 2.57 -57.98 15.30
N LEU C 82 2.41 -57.38 14.12
CA LEU C 82 3.42 -56.53 13.48
C LEU C 82 3.05 -55.08 13.74
N LEU C 83 3.92 -54.36 14.42
CA LEU C 83 3.64 -52.99 14.85
C LEU C 83 4.35 -52.02 13.93
N ALA C 84 3.57 -51.20 13.25
CA ALA C 84 4.09 -50.28 12.27
C ALA C 84 3.94 -48.85 12.76
N GLU C 85 4.83 -47.98 12.29
CA GLU C 85 4.78 -46.57 12.62
C GLU C 85 5.66 -45.80 11.65
N ASP C 86 5.26 -44.56 11.39
CA ASP C 86 6.05 -43.63 10.61
C ASP C 86 7.21 -43.13 11.46
N CYS C 87 8.41 -43.62 11.19
CA CYS C 87 9.63 -43.14 11.81
C CYS C 87 10.44 -42.48 10.70
N ILE C 88 10.04 -41.26 10.36
CA ILE C 88 10.24 -40.66 9.04
C ILE C 88 11.62 -40.01 8.89
N HIS C 89 12.13 -39.37 9.94
CA HIS C 89 13.46 -38.77 9.98
C HIS C 89 13.84 -38.70 11.47
N GLY C 90 14.17 -39.86 12.02
CA GLY C 90 14.17 -40.07 13.44
C GLY C 90 12.82 -40.55 13.93
N HIS C 91 12.77 -40.98 15.18
CA HIS C 91 11.57 -41.61 15.70
C HIS C 91 10.49 -40.56 15.94
N SER C 92 9.69 -40.32 14.89
CA SER C 92 8.82 -39.15 14.80
C SER C 92 7.96 -38.93 16.03
N PHE C 93 7.26 -39.95 16.48
CA PHE C 93 6.23 -39.78 17.50
C PHE C 93 6.58 -40.43 18.83
N TRP C 94 7.86 -40.68 19.06
CA TRP C 94 8.19 -41.11 20.44
C TRP C 94 8.22 -39.80 21.23
N VAL C 95 8.35 -39.83 22.55
CA VAL C 95 8.57 -38.54 23.28
C VAL C 95 10.02 -38.22 22.94
N GLY C 96 10.96 -38.10 23.86
CA GLY C 96 12.12 -37.36 23.37
C GLY C 96 13.07 -38.12 22.45
N ALA C 97 12.65 -38.55 21.22
CA ALA C 97 13.70 -39.18 20.46
C ALA C 97 14.51 -38.14 19.68
N THR C 98 15.56 -38.60 19.01
CA THR C 98 16.36 -37.76 18.13
C THR C 98 15.58 -37.46 16.84
N ILE C 99 15.30 -36.20 16.59
CA ILE C 99 14.68 -35.77 15.35
C ILE C 99 15.75 -35.10 14.50
N PHE C 100 15.99 -35.65 13.34
CA PHE C 100 17.05 -35.19 12.44
C PHE C 100 16.48 -34.18 11.45
N PRO C 101 17.30 -33.62 10.57
CA PRO C 101 16.74 -32.94 9.39
C PRO C 101 15.73 -33.81 8.67
N THR C 102 14.83 -33.19 7.93
CA THR C 102 13.98 -33.93 7.02
C THR C 102 14.83 -34.55 5.90
N GLN C 103 14.19 -35.43 5.11
CA GLN C 103 14.90 -36.01 3.97
C GLN C 103 15.42 -34.94 3.03
N LEU C 104 14.61 -33.92 2.74
CA LEU C 104 15.04 -32.85 1.85
C LEU C 104 16.29 -32.17 2.38
N GLY C 105 16.31 -31.87 3.67
CA GLY C 105 17.50 -31.29 4.27
C GLY C 105 18.68 -32.23 4.22
N MET C 106 18.49 -33.47 4.66
CA MET C 106 19.55 -34.47 4.58
C MET C 106 20.17 -34.50 3.20
N ALA C 107 19.35 -34.42 2.15
CA ALA C 107 19.86 -34.52 0.79
C ALA C 107 20.91 -33.46 0.49
N ALA C 108 20.82 -32.29 1.12
CA ALA C 108 21.78 -31.22 0.85
C ALA C 108 23.19 -31.58 1.31
N THR C 109 23.34 -32.59 2.18
CA THR C 109 24.67 -33.03 2.58
C THR C 109 25.37 -33.79 1.47
N TRP C 110 24.62 -34.44 0.60
CA TRP C 110 25.18 -35.20 -0.52
C TRP C 110 26.09 -36.32 -0.04
N ASP C 111 25.68 -37.00 1.03
CA ASP C 111 26.55 -37.96 1.71
C ASP C 111 25.79 -39.19 2.20
N PRO C 112 25.89 -40.32 1.50
CA PRO C 112 25.18 -41.53 1.94
C PRO C 112 25.73 -42.12 3.22
N ALA C 113 27.03 -42.00 3.46
CA ALA C 113 27.61 -42.51 4.70
C ALA C 113 26.92 -41.90 5.91
N LEU C 114 26.71 -40.59 5.88
CA LEU C 114 26.07 -39.91 7.00
C LEU C 114 24.60 -40.26 7.10
N VAL C 115 23.92 -40.40 5.96
CA VAL C 115 22.49 -40.66 6.02
C VAL C 115 22.22 -42.07 6.53
N GLU C 116 23.15 -43.00 6.29
CA GLU C 116 22.96 -44.34 6.85
C GLU C 116 23.09 -44.34 8.37
N GLN C 117 24.03 -43.55 8.91
CA GLN C 117 24.13 -43.42 10.36
C GLN C 117 22.85 -42.85 10.95
N VAL C 118 22.27 -41.85 10.27
CA VAL C 118 20.96 -41.35 10.68
C VAL C 118 19.93 -42.47 10.70
N ALA C 119 19.93 -43.28 9.65
CA ALA C 119 18.97 -44.39 9.59
C ALA C 119 19.26 -45.40 10.68
N HIS C 120 20.52 -45.81 10.81
CA HIS C 120 20.86 -46.77 11.86
C HIS C 120 20.46 -46.25 13.24
N ALA C 121 20.89 -45.04 13.58
CA ALA C 121 20.59 -44.49 14.89
C ALA C 121 19.09 -44.41 15.14
N THR C 122 18.31 -44.17 14.10
CA THR C 122 16.86 -44.10 14.26
C THR C 122 16.28 -45.46 14.61
N ALA C 123 16.77 -46.51 13.96
CA ALA C 123 16.23 -47.84 14.22
C ALA C 123 16.64 -48.35 15.60
N VAL C 124 17.83 -47.99 16.07
CA VAL C 124 18.21 -48.30 17.45
C VAL C 124 17.16 -47.74 18.40
N GLU C 125 16.79 -46.48 18.20
CA GLU C 125 15.78 -45.88 19.06
C GLU C 125 14.41 -46.53 18.85
N VAL C 126 14.08 -46.83 17.59
CA VAL C 126 12.77 -47.43 17.32
C VAL C 126 12.68 -48.83 17.91
N ALA C 127 13.72 -49.65 17.69
CA ALA C 127 13.69 -51.03 18.16
C ALA C 127 13.48 -51.12 19.68
N ALA C 128 14.05 -50.18 20.44
CA ALA C 128 13.87 -50.17 21.87
C ALA C 128 12.46 -49.78 22.27
N THR C 129 11.65 -49.31 21.34
CA THR C 129 10.27 -48.89 21.59
C THR C 129 9.28 -50.02 21.35
N GLY C 130 9.69 -51.11 20.71
CA GLY C 130 8.77 -52.18 20.39
C GLY C 130 8.06 -52.02 19.07
N VAL C 131 8.61 -51.23 18.14
CA VAL C 131 8.04 -51.02 16.82
C VAL C 131 8.94 -51.70 15.80
N HIS C 132 8.36 -52.61 15.01
CA HIS C 132 9.12 -53.54 14.17
C HIS C 132 9.33 -53.04 12.75
N TRP C 133 8.71 -51.93 12.38
CA TRP C 133 8.51 -51.63 10.97
C TRP C 133 8.29 -50.13 10.82
N THR C 134 9.11 -49.48 9.99
CA THR C 134 8.95 -48.06 9.70
C THR C 134 8.58 -47.83 8.24
N PHE C 135 7.63 -46.94 8.03
CA PHE C 135 7.26 -46.48 6.70
C PHE C 135 8.24 -45.40 6.22
N SER C 136 9.45 -45.84 5.92
CA SER C 136 10.52 -44.96 5.50
C SER C 136 11.60 -45.81 4.86
N PRO C 137 12.38 -45.28 3.90
CA PRO C 137 12.45 -43.94 3.30
C PRO C 137 11.38 -43.62 2.25
N VAL C 138 11.28 -42.35 1.89
CA VAL C 138 10.45 -41.92 0.78
C VAL C 138 11.33 -41.80 -0.46
N LEU C 139 10.84 -42.34 -1.58
CA LEU C 139 11.62 -42.36 -2.81
C LEU C 139 11.02 -41.51 -3.92
N CYS C 140 9.85 -40.91 -3.68
CA CYS C 140 9.25 -40.00 -4.64
C CYS C 140 10.26 -38.94 -5.08
N ILE C 141 10.07 -38.42 -6.29
CA ILE C 141 10.99 -37.43 -6.86
C ILE C 141 10.23 -36.12 -6.98
N ALA C 142 10.85 -35.04 -6.50
CA ALA C 142 10.19 -33.73 -6.32
C ALA C 142 10.22 -32.95 -7.63
N ARG C 143 9.23 -33.17 -8.47
CA ARG C 143 9.19 -32.49 -9.74
C ARG C 143 8.16 -31.38 -9.79
N ASP C 144 7.31 -31.27 -8.78
CA ASP C 144 6.37 -30.17 -8.68
C ASP C 144 6.48 -29.58 -7.27
N LEU C 145 7.12 -28.41 -7.17
CA LEU C 145 7.27 -27.71 -5.90
C LEU C 145 5.95 -27.42 -5.22
N ARG C 146 4.83 -27.41 -5.96
CA ARG C 146 3.53 -27.17 -5.33
C ARG C 146 3.13 -28.33 -4.40
N TRP C 147 3.65 -29.52 -4.66
CA TRP C 147 3.30 -30.71 -3.89
C TRP C 147 3.58 -30.52 -2.41
N GLY C 148 2.59 -30.84 -1.59
CA GLY C 148 2.70 -30.61 -0.16
C GLY C 148 3.77 -31.41 0.55
N ARG C 149 4.34 -32.44 -0.08
CA ARG C 149 5.24 -33.36 0.62
C ARG C 149 6.64 -33.38 0.03
N VAL C 150 7.06 -32.28 -0.59
CA VAL C 150 8.44 -32.18 -1.09
C VAL C 150 9.45 -32.36 0.02
N ASP C 151 9.07 -32.04 1.27
CA ASP C 151 10.01 -32.14 2.38
C ASP C 151 10.41 -33.59 2.68
N GLU C 152 9.52 -34.54 2.42
CA GLU C 152 9.79 -35.94 2.66
C GLU C 152 10.65 -36.58 1.59
N THR C 153 10.98 -35.86 0.51
CA THR C 153 11.77 -36.43 -0.57
C THR C 153 13.23 -36.03 -0.43
N PHE C 154 14.09 -36.69 -1.20
CA PHE C 154 15.49 -36.36 -1.28
C PHE C 154 15.78 -35.41 -2.44
N GLY C 155 14.77 -34.80 -3.02
CA GLY C 155 14.98 -33.82 -4.06
C GLY C 155 14.48 -34.20 -5.43
N GLU C 156 15.16 -33.73 -6.46
CA GLU C 156 14.67 -33.83 -7.82
C GLU C 156 15.51 -34.72 -8.73
N ASP C 157 16.59 -35.29 -8.24
CA ASP C 157 17.41 -36.08 -9.13
C ASP C 157 17.29 -37.56 -8.82
N PRO C 158 17.07 -38.40 -9.84
CA PRO C 158 16.86 -39.83 -9.56
C PRO C 158 18.11 -40.53 -9.07
N PHE C 159 19.29 -40.09 -9.47
CA PHE C 159 20.50 -40.72 -8.99
C PHE C 159 20.73 -40.42 -7.50
N LEU C 160 20.73 -39.14 -7.13
CA LEU C 160 20.89 -38.80 -5.73
C LEU C 160 19.82 -39.47 -4.88
N ILE C 161 18.58 -39.49 -5.36
CA ILE C 161 17.51 -40.16 -4.61
C ILE C 161 17.84 -41.63 -4.44
N GLY C 162 18.45 -42.24 -5.46
CA GLY C 162 18.86 -43.63 -5.34
C GLY C 162 19.94 -43.80 -4.30
N GLU C 163 20.95 -42.93 -4.33
CA GLU C 163 22.04 -42.99 -3.35
C GLU C 163 21.51 -42.94 -1.92
N LEU C 164 20.66 -41.96 -1.62
CA LEU C 164 20.29 -41.71 -0.24
C LEU C 164 19.24 -42.69 0.25
N ALA C 165 18.24 -43.01 -0.57
CA ALA C 165 17.28 -44.03 -0.18
C ALA C 165 17.97 -45.38 0.03
N SER C 166 19.01 -45.67 -0.76
CA SER C 166 19.82 -46.86 -0.53
C SER C 166 20.40 -46.85 0.88
N ALA C 167 20.99 -45.73 1.28
CA ALA C 167 21.61 -45.60 2.59
C ALA C 167 20.61 -45.75 3.72
N MET C 168 19.42 -45.16 3.57
CA MET C 168 18.40 -45.28 4.60
C MET C 168 17.97 -46.73 4.80
N VAL C 169 17.85 -47.50 3.71
CA VAL C 169 17.43 -48.89 3.84
C VAL C 169 18.53 -49.72 4.49
N ARG C 170 19.79 -49.41 4.17
CA ARG C 170 20.93 -50.07 4.79
C ARG C 170 20.91 -49.90 6.31
N GLY C 171 20.80 -48.65 6.78
CA GLY C 171 20.88 -48.41 8.21
C GLY C 171 19.66 -48.89 8.97
N TYR C 172 18.49 -48.81 8.37
CA TYR C 172 17.26 -49.21 9.06
C TYR C 172 17.27 -50.70 9.39
N GLN C 173 17.75 -51.53 8.46
CA GLN C 173 17.49 -52.95 8.53
C GLN C 173 18.63 -53.73 9.17
N GLY C 174 19.85 -53.20 9.17
CA GLY C 174 20.91 -53.84 9.92
C GLY C 174 21.39 -55.11 9.25
N ASP C 175 21.53 -56.17 10.05
CA ASP C 175 22.07 -57.44 9.59
C ASP C 175 20.98 -58.42 9.15
N GLY C 176 19.74 -58.00 9.15
CA GLY C 176 18.66 -58.81 8.66
C GLY C 176 17.60 -59.03 9.72
N LEU C 177 16.76 -60.03 9.47
CA LEU C 177 15.61 -60.31 10.33
C LEU C 177 16.00 -60.84 11.70
N SER C 178 17.29 -61.01 11.97
CA SER C 178 17.74 -61.46 13.28
C SER C 178 18.54 -60.41 14.02
N ASP C 179 18.70 -59.21 13.46
CA ASP C 179 19.31 -58.11 14.19
C ASP C 179 18.30 -57.54 15.18
N PRO C 180 18.61 -57.50 16.47
CA PRO C 180 17.65 -56.97 17.44
C PRO C 180 17.48 -55.46 17.37
N THR C 181 18.38 -54.74 16.70
CA THR C 181 18.22 -53.32 16.45
C THR C 181 17.90 -53.03 14.99
N GLY C 182 17.60 -54.05 14.18
CA GLY C 182 17.09 -53.83 12.86
C GLY C 182 15.57 -53.79 12.84
N ILE C 183 15.02 -52.96 11.96
CA ILE C 183 13.59 -52.89 11.72
C ILE C 183 13.35 -52.95 10.22
N LEU C 184 12.10 -53.19 9.86
CA LEU C 184 11.76 -53.30 8.44
C LEU C 184 11.72 -51.93 7.79
N ALA C 185 12.25 -51.83 6.58
CA ALA C 185 12.16 -50.63 5.77
C ALA C 185 11.01 -50.74 4.77
N THR C 186 10.67 -49.61 4.15
CA THR C 186 9.55 -49.51 3.23
C THR C 186 9.94 -48.58 2.09
N ALA C 187 9.81 -49.04 0.84
CA ALA C 187 9.99 -48.18 -0.31
C ALA C 187 8.65 -47.50 -0.58
N LYS C 188 8.61 -46.19 -0.39
CA LYS C 188 7.38 -45.52 -0.03
C LYS C 188 6.77 -44.80 -1.21
N HIS C 189 5.46 -45.03 -1.39
CA HIS C 189 4.62 -44.45 -2.43
C HIS C 189 5.07 -44.97 -3.79
N PHE C 190 4.79 -46.24 -4.05
CA PHE C 190 5.43 -46.94 -5.16
C PHE C 190 4.96 -46.36 -6.48
N ALA C 191 5.88 -45.65 -7.14
CA ALA C 191 5.77 -45.11 -8.48
C ALA C 191 4.80 -43.95 -8.61
N GLY C 192 5.34 -42.73 -8.72
CA GLY C 192 4.67 -41.60 -9.34
C GLY C 192 3.77 -40.76 -8.45
N TYR C 193 3.82 -40.93 -7.13
CA TYR C 193 2.93 -40.18 -6.26
C TYR C 193 3.23 -38.67 -6.29
N SER C 194 4.46 -38.30 -6.63
CA SER C 194 4.92 -36.93 -6.46
C SER C 194 4.60 -36.00 -7.63
N GLU C 195 4.27 -36.51 -8.82
CA GLU C 195 3.98 -35.66 -9.98
C GLU C 195 2.56 -35.93 -10.47
N THR C 196 1.59 -35.35 -9.79
CA THR C 196 0.19 -35.47 -10.17
C THR C 196 -0.34 -34.09 -10.53
N GLN C 197 -1.56 -34.09 -11.04
CA GLN C 197 -2.14 -32.88 -11.63
C GLN C 197 -2.20 -31.75 -10.60
N GLY C 198 -1.68 -30.59 -11.00
CA GLY C 198 -1.76 -29.39 -10.20
C GLY C 198 -0.87 -29.42 -8.99
N GLY C 199 -0.03 -30.44 -8.89
CA GLY C 199 0.73 -30.70 -7.70
C GLY C 199 -0.13 -31.07 -6.52
N ARG C 200 -1.39 -31.42 -6.77
CA ARG C 200 -2.31 -31.76 -5.69
C ARG C 200 -1.93 -33.10 -5.07
N ASP C 201 -2.60 -33.45 -3.98
CA ASP C 201 -2.33 -34.70 -3.27
C ASP C 201 -3.23 -35.81 -3.80
N ALA C 202 -2.61 -36.86 -4.35
CA ALA C 202 -3.33 -38.03 -4.86
C ALA C 202 -4.39 -37.65 -5.89
N SER C 203 -4.06 -36.68 -6.72
CA SER C 203 -4.83 -36.39 -7.90
C SER C 203 -4.29 -37.27 -9.02
N GLU C 204 -4.93 -37.22 -10.18
CA GLU C 204 -4.56 -38.07 -11.30
C GLU C 204 -3.09 -37.86 -11.67
N ALA C 205 -2.42 -38.93 -12.03
CA ALA C 205 -1.03 -38.90 -12.48
C ALA C 205 -1.01 -39.25 -13.96
N ASP C 206 -0.90 -38.23 -14.81
CA ASP C 206 -0.80 -38.43 -16.27
C ASP C 206 0.62 -38.84 -16.66
N ILE C 207 1.04 -40.00 -16.17
CA ILE C 207 2.38 -40.53 -16.39
C ILE C 207 2.27 -41.80 -17.21
N SER C 208 2.81 -41.76 -18.43
CA SER C 208 2.87 -42.93 -19.27
C SER C 208 3.87 -43.93 -18.71
N GLN C 209 3.87 -45.13 -19.28
CA GLN C 209 4.83 -46.14 -18.84
C GLN C 209 6.27 -45.68 -19.04
N ARG C 210 6.54 -45.00 -20.15
CA ARG C 210 7.92 -44.60 -20.43
C ARG C 210 8.40 -43.49 -19.50
N LYS C 211 7.49 -42.61 -19.10
CA LYS C 211 7.87 -41.53 -18.19
C LYS C 211 8.16 -42.07 -16.80
N LEU C 212 7.29 -42.96 -16.31
CA LEU C 212 7.56 -43.59 -15.02
C LEU C 212 8.84 -44.40 -15.04
N ARG C 213 9.20 -45.00 -16.18
CA ARG C 213 10.46 -45.72 -16.25
C ARG C 213 11.63 -44.75 -16.29
N SER C 214 11.45 -43.63 -16.97
CA SER C 214 12.56 -42.71 -17.19
C SER C 214 12.98 -41.99 -15.91
N TRP C 215 12.02 -41.63 -15.05
CA TRP C 215 12.36 -40.67 -14.01
C TRP C 215 11.97 -41.14 -12.61
N PHE C 216 11.01 -42.04 -12.51
CA PHE C 216 10.47 -42.42 -11.21
C PHE C 216 10.95 -43.76 -10.71
N LEU C 217 11.07 -44.75 -11.60
CA LEU C 217 11.36 -46.10 -11.16
C LEU C 217 12.80 -46.36 -10.73
N PRO C 218 13.83 -45.76 -11.34
CA PRO C 218 15.22 -46.19 -11.08
C PRO C 218 15.55 -46.30 -9.60
N PRO C 219 15.15 -45.36 -8.73
CA PRO C 219 15.47 -45.57 -7.31
C PRO C 219 14.72 -46.72 -6.69
N PHE C 220 13.45 -46.92 -7.05
CA PHE C 220 12.70 -48.05 -6.52
C PHE C 220 13.33 -49.38 -6.91
N GLU C 221 13.85 -49.47 -8.13
CA GLU C 221 14.46 -50.71 -8.56
C GLU C 221 15.79 -50.95 -7.84
N ARG C 222 16.46 -49.88 -7.45
CA ARG C 222 17.71 -50.06 -6.73
C ARG C 222 17.48 -50.64 -5.34
N VAL C 223 16.43 -50.18 -4.65
CA VAL C 223 16.21 -50.69 -3.31
C VAL C 223 15.46 -52.03 -3.31
N ALA C 224 14.69 -52.33 -4.36
CA ALA C 224 14.15 -53.68 -4.49
C ALA C 224 15.26 -54.69 -4.69
N ARG C 225 16.24 -54.35 -5.53
CA ARG C 225 17.40 -55.20 -5.73
C ARG C 225 18.17 -55.42 -4.43
N GLU C 226 18.33 -54.37 -3.63
CA GLU C 226 19.20 -54.43 -2.45
C GLU C 226 18.45 -54.83 -1.18
N GLY C 227 17.27 -55.41 -1.30
CA GLY C 227 16.64 -56.07 -0.17
C GLY C 227 15.64 -55.26 0.63
N CYS C 228 15.05 -54.22 0.08
CA CYS C 228 14.05 -53.48 0.83
C CYS C 228 12.90 -54.40 1.20
N ALA C 229 12.62 -54.50 2.50
CA ALA C 229 11.68 -55.51 2.98
C ALA C 229 10.27 -55.29 2.46
N THR C 230 9.78 -54.06 2.46
CA THR C 230 8.40 -53.82 2.08
C THR C 230 8.31 -52.72 1.03
N PHE C 231 7.16 -52.68 0.37
CA PHE C 231 6.81 -51.62 -0.57
C PHE C 231 5.41 -51.15 -0.21
N MET C 232 5.23 -49.85 -0.11
CA MET C 232 3.90 -49.28 0.05
C MET C 232 3.38 -48.82 -1.30
N LEU C 233 2.11 -49.07 -1.55
CA LEU C 233 1.51 -48.79 -2.85
C LEU C 233 0.82 -47.43 -2.81
N GLY C 234 1.20 -46.57 -3.76
CA GLY C 234 0.81 -45.17 -3.70
C GLY C 234 -0.69 -44.95 -3.77
N TYR C 235 -1.09 -43.78 -3.30
CA TYR C 235 -2.50 -43.38 -3.27
C TYR C 235 -3.09 -43.29 -4.67
N GLN C 236 -2.30 -42.80 -5.62
CA GLN C 236 -2.86 -42.12 -6.78
C GLN C 236 -3.25 -43.08 -7.89
N SER C 237 -4.30 -42.71 -8.60
CA SER C 237 -4.66 -43.38 -9.84
C SER C 237 -3.69 -42.96 -10.92
N MET C 238 -3.11 -43.93 -11.59
CA MET C 238 -2.12 -43.65 -12.63
C MET C 238 -2.66 -44.17 -13.96
N ASP C 239 -2.96 -43.25 -14.87
CA ASP C 239 -3.60 -43.57 -16.15
C ASP C 239 -4.95 -44.24 -15.92
N GLY C 240 -5.74 -43.71 -14.98
CA GLY C 240 -7.02 -44.29 -14.67
C GLY C 240 -7.00 -45.44 -13.69
N VAL C 241 -5.84 -46.04 -13.44
CA VAL C 241 -5.77 -47.22 -12.58
C VAL C 241 -4.98 -46.93 -11.32
N PRO C 242 -5.63 -46.90 -10.15
CA PRO C 242 -4.91 -46.81 -8.89
C PRO C 242 -3.91 -47.95 -8.74
N VAL C 243 -2.80 -47.66 -8.05
CA VAL C 243 -1.73 -48.65 -7.86
C VAL C 243 -2.22 -49.89 -7.11
N THR C 244 -3.24 -49.73 -6.26
CA THR C 244 -3.72 -50.84 -5.47
C THR C 244 -4.27 -51.97 -6.34
N VAL C 245 -4.73 -51.66 -7.54
CA VAL C 245 -5.25 -52.68 -8.45
C VAL C 245 -4.54 -52.58 -9.79
N ASN C 246 -3.29 -52.15 -9.79
CA ASN C 246 -2.59 -51.82 -11.03
C ASN C 246 -1.70 -52.98 -11.45
N GLY C 247 -2.18 -53.77 -12.41
CA GLY C 247 -1.49 -54.99 -12.77
C GLY C 247 -0.13 -54.78 -13.44
N TRP C 248 -0.07 -53.86 -14.42
CA TRP C 248 1.22 -53.63 -15.08
C TRP C 248 2.29 -53.27 -14.07
N LEU C 249 1.96 -52.40 -13.10
CA LEU C 249 2.97 -51.95 -12.16
C LEU C 249 3.34 -53.06 -11.19
N LEU C 250 2.35 -53.75 -10.63
CA LEU C 250 2.61 -54.74 -9.59
C LEU C 250 3.11 -56.05 -10.17
N ASP C 251 2.40 -56.60 -11.16
CA ASP C 251 2.75 -57.91 -11.70
C ASP C 251 3.86 -57.82 -12.74
N ASP C 252 3.63 -57.05 -13.81
CA ASP C 252 4.61 -57.00 -14.89
C ASP C 252 5.94 -56.44 -14.39
N VAL C 253 5.89 -55.40 -13.56
CA VAL C 253 7.09 -54.65 -13.18
C VAL C 253 7.65 -55.10 -11.85
N LEU C 254 6.92 -54.84 -10.77
CA LEU C 254 7.48 -55.05 -9.43
C LEU C 254 7.86 -56.51 -9.23
N ARG C 255 6.90 -57.41 -9.39
CA ARG C 255 7.15 -58.82 -9.21
C ARG C 255 7.64 -59.51 -10.48
N GLY C 256 7.37 -58.94 -11.65
CA GLY C 256 7.84 -59.53 -12.90
C GLY C 256 9.29 -59.24 -13.23
N GLU C 257 9.54 -58.10 -13.88
CA GLU C 257 10.89 -57.76 -14.32
C GLU C 257 11.89 -57.73 -13.16
N TRP C 258 11.44 -57.27 -11.99
CA TRP C 258 12.33 -57.14 -10.84
C TRP C 258 12.40 -58.39 -9.97
N GLY C 259 11.37 -59.23 -10.00
CA GLY C 259 11.35 -60.40 -9.14
C GLY C 259 11.40 -60.00 -7.69
N TYR C 260 10.51 -59.10 -7.29
CA TYR C 260 10.47 -58.61 -5.93
C TYR C 260 9.55 -59.51 -5.10
N THR C 261 10.14 -60.14 -4.09
CA THR C 261 9.44 -61.08 -3.22
C THR C 261 9.00 -60.46 -1.91
N GLY C 262 9.33 -59.19 -1.66
CA GLY C 262 8.99 -58.55 -0.41
C GLY C 262 7.50 -58.41 -0.20
N THR C 263 7.15 -57.83 0.94
CA THR C 263 5.76 -57.66 1.33
C THR C 263 5.20 -56.36 0.77
N LEU C 264 3.90 -56.34 0.55
CA LEU C 264 3.21 -55.16 0.06
C LEU C 264 2.23 -54.67 1.10
N VAL C 265 2.18 -53.35 1.26
CA VAL C 265 1.18 -52.71 2.10
C VAL C 265 0.54 -51.60 1.27
N THR C 266 -0.77 -51.44 1.43
CA THR C 266 -1.41 -50.29 0.80
C THR C 266 -1.14 -49.05 1.62
N ASP C 267 -1.51 -47.91 1.08
CA ASP C 267 -1.47 -46.69 1.85
C ASP C 267 -2.80 -46.54 2.59
N TRP C 268 -2.91 -45.49 3.40
CA TRP C 268 -4.05 -45.30 4.29
C TRP C 268 -5.38 -45.31 3.54
N ASP C 269 -6.17 -46.37 3.77
CA ASP C 269 -7.52 -46.51 3.22
C ASP C 269 -7.52 -46.63 1.70
N ASN C 270 -6.43 -47.13 1.11
CA ASN C 270 -6.38 -47.33 -0.34
C ASN C 270 -7.66 -47.98 -0.85
N VAL C 271 -8.03 -49.11 -0.26
CA VAL C 271 -9.12 -49.91 -0.80
C VAL C 271 -10.44 -49.16 -0.68
N GLY C 272 -10.69 -48.53 0.46
CA GLY C 272 -11.95 -47.85 0.65
C GLY C 272 -12.15 -46.63 -0.24
N ARG C 273 -11.08 -45.91 -0.57
CA ARG C 273 -11.24 -44.72 -1.40
C ARG C 273 -11.64 -45.04 -2.82
N MET C 274 -11.36 -46.26 -3.29
CA MET C 274 -11.87 -46.68 -4.58
C MET C 274 -13.40 -46.59 -4.62
N VAL C 275 -14.04 -46.66 -3.47
CA VAL C 275 -15.48 -46.49 -3.37
C VAL C 275 -15.83 -45.02 -3.20
N TRP C 276 -15.35 -44.39 -2.12
CA TRP C 276 -15.85 -43.07 -1.75
C TRP C 276 -15.07 -41.91 -2.35
N GLU C 277 -13.81 -42.08 -2.72
CA GLU C 277 -13.02 -40.96 -3.24
C GLU C 277 -12.78 -41.03 -4.75
N GLN C 278 -12.25 -42.15 -5.25
CA GLN C 278 -12.01 -42.27 -6.68
C GLN C 278 -13.22 -42.75 -7.45
N HIS C 279 -14.24 -43.26 -6.76
CA HIS C 279 -15.52 -43.65 -7.36
C HIS C 279 -15.34 -44.66 -8.48
N ILE C 280 -14.46 -45.63 -8.28
CA ILE C 280 -14.30 -46.71 -9.24
C ILE C 280 -14.83 -48.03 -8.71
N GLN C 281 -15.50 -48.03 -7.57
CA GLN C 281 -16.09 -49.26 -7.05
C GLN C 281 -17.46 -48.97 -6.48
N PRO C 282 -18.41 -49.89 -6.66
CA PRO C 282 -19.79 -49.63 -6.24
C PRO C 282 -20.00 -49.75 -4.74
N ASP C 283 -19.29 -50.67 -4.10
CA ASP C 283 -19.43 -50.90 -2.66
C ASP C 283 -18.13 -51.52 -2.15
N TYR C 284 -18.06 -51.68 -0.82
CA TYR C 284 -16.84 -52.18 -0.20
C TYR C 284 -16.63 -53.67 -0.40
N VAL C 285 -17.69 -54.41 -0.75
CA VAL C 285 -17.54 -55.81 -1.07
C VAL C 285 -16.78 -55.98 -2.39
N HIS C 286 -17.12 -55.17 -3.39
CA HIS C 286 -16.44 -55.29 -4.68
C HIS C 286 -15.05 -54.70 -4.65
N ALA C 287 -14.80 -53.69 -3.82
CA ALA C 287 -13.44 -53.18 -3.66
C ALA C 287 -12.55 -54.17 -2.95
N SER C 288 -13.07 -54.81 -1.89
CA SER C 288 -12.28 -55.80 -1.16
C SER C 288 -11.91 -56.96 -2.07
N ALA C 289 -12.88 -57.43 -2.86
CA ALA C 289 -12.61 -58.45 -3.86
C ALA C 289 -11.50 -58.02 -4.80
N ALA C 290 -11.64 -56.83 -5.40
CA ALA C 290 -10.68 -56.36 -6.40
C ALA C 290 -9.28 -56.25 -5.82
N ALA C 291 -9.17 -55.71 -4.60
CA ALA C 291 -7.87 -55.60 -3.96
C ALA C 291 -7.23 -56.97 -3.77
N VAL C 292 -8.04 -57.95 -3.33
CA VAL C 292 -7.53 -59.31 -3.19
C VAL C 292 -7.10 -59.85 -4.53
N ARG C 293 -7.91 -59.64 -5.56
CA ARG C 293 -7.61 -60.15 -6.89
C ARG C 293 -6.31 -59.59 -7.43
N ALA C 294 -5.96 -58.36 -7.05
CA ALA C 294 -4.77 -57.70 -7.56
C ALA C 294 -3.48 -58.19 -6.92
N GLY C 295 -3.57 -58.90 -5.79
CA GLY C 295 -2.40 -59.52 -5.21
C GLY C 295 -1.76 -58.73 -4.09
N ASN C 296 -2.60 -58.21 -3.19
CA ASN C 296 -2.16 -57.37 -2.09
C ASN C 296 -1.89 -58.19 -0.82
N ASP C 297 -0.89 -57.77 -0.05
CA ASP C 297 -0.60 -58.41 1.24
C ASP C 297 -1.32 -57.69 2.39
N MET C 298 -0.76 -56.58 2.87
CA MET C 298 -1.40 -55.85 3.97
C MET C 298 -2.39 -54.82 3.43
N VAL C 299 -3.48 -54.62 4.17
CA VAL C 299 -4.52 -53.68 3.82
C VAL C 299 -4.61 -52.67 4.96
N MET C 300 -4.10 -51.47 4.71
CA MET C 300 -3.95 -50.48 5.76
C MET C 300 -5.23 -49.69 5.95
N THR C 301 -5.64 -49.53 7.22
CA THR C 301 -6.77 -48.73 7.68
C THR C 301 -8.01 -48.72 6.78
N THR C 302 -8.36 -49.86 6.19
CA THR C 302 -9.72 -50.01 5.65
C THR C 302 -10.43 -51.05 6.51
N PRO C 303 -11.26 -50.64 7.48
CA PRO C 303 -11.85 -51.61 8.40
C PRO C 303 -13.03 -52.35 7.82
N ARG C 304 -13.69 -51.80 6.79
CA ARG C 304 -14.74 -52.52 6.09
C ARG C 304 -14.21 -53.62 5.21
N PHE C 305 -12.89 -53.78 5.11
CA PHE C 305 -12.34 -54.91 4.39
C PHE C 305 -12.58 -56.22 5.12
N PHE C 306 -12.78 -56.18 6.43
CA PHE C 306 -13.09 -57.38 7.19
C PHE C 306 -14.41 -57.97 6.74
N GLU C 307 -15.51 -57.27 7.00
CA GLU C 307 -16.83 -57.75 6.61
C GLU C 307 -16.98 -57.83 5.10
N GLY C 308 -16.27 -56.98 4.35
CA GLY C 308 -16.41 -56.95 2.91
C GLY C 308 -15.71 -58.08 2.17
N ALA C 309 -14.54 -58.49 2.65
CA ALA C 309 -13.88 -59.65 2.05
C ALA C 309 -14.50 -60.97 2.50
N LEU C 310 -15.17 -60.99 3.65
CA LEU C 310 -15.90 -62.19 4.04
C LEU C 310 -17.14 -62.38 3.16
N GLU C 311 -17.90 -61.32 2.92
CA GLU C 311 -19.04 -61.44 2.02
C GLU C 311 -18.60 -61.72 0.59
N ALA C 312 -17.41 -61.27 0.21
CA ALA C 312 -16.93 -61.52 -1.14
C ALA C 312 -16.56 -62.99 -1.33
N VAL C 313 -16.00 -63.62 -0.30
CA VAL C 313 -15.66 -65.03 -0.41
C VAL C 313 -16.91 -65.90 -0.33
N ASP C 314 -17.87 -65.51 0.51
CA ASP C 314 -19.12 -66.24 0.62
C ASP C 314 -19.95 -66.16 -0.66
N ARG C 315 -19.85 -65.05 -1.39
CA ARG C 315 -20.55 -64.91 -2.66
C ARG C 315 -19.71 -65.40 -3.84
N GLY C 316 -18.48 -65.84 -3.59
CA GLY C 316 -17.68 -66.41 -4.65
C GLY C 316 -17.10 -65.41 -5.62
N LEU C 317 -17.00 -64.14 -5.23
CA LEU C 317 -16.32 -63.17 -6.09
C LEU C 317 -14.82 -63.39 -6.11
N VAL C 318 -14.28 -64.09 -5.11
CA VAL C 318 -12.87 -64.47 -5.06
C VAL C 318 -12.73 -65.72 -4.22
N GLU C 319 -11.68 -66.48 -4.48
CA GLU C 319 -11.47 -67.74 -3.77
C GLU C 319 -10.95 -67.49 -2.36
N GLU C 320 -11.35 -68.36 -1.43
CA GLU C 320 -10.66 -68.41 -0.15
C GLU C 320 -9.19 -68.74 -0.33
N ALA C 321 -8.85 -69.46 -1.41
CA ALA C 321 -7.45 -69.80 -1.66
C ALA C 321 -6.62 -68.59 -2.05
N ALA C 322 -7.28 -67.49 -2.44
CA ALA C 322 -6.55 -66.25 -2.67
C ALA C 322 -6.22 -65.57 -1.34
N ILE C 323 -7.17 -65.56 -0.40
CA ILE C 323 -6.90 -65.05 0.94
C ILE C 323 -5.80 -65.87 1.60
N ASP C 324 -5.65 -67.15 1.21
CA ASP C 324 -4.59 -68.00 1.76
C ASP C 324 -3.22 -67.57 1.26
N ALA C 325 -3.11 -67.21 -0.01
CA ALA C 325 -1.80 -66.83 -0.54
C ALA C 325 -1.26 -65.58 0.15
N ALA C 326 -2.13 -64.64 0.51
CA ALA C 326 -1.68 -63.42 1.17
C ALA C 326 -1.29 -63.67 2.62
N VAL C 327 -2.08 -64.49 3.33
CA VAL C 327 -1.80 -64.78 4.74
C VAL C 327 -0.56 -65.66 4.88
N ARG C 328 -0.30 -66.53 3.91
CA ARG C 328 0.93 -67.31 3.93
C ARG C 328 2.16 -66.40 3.88
N ARG C 329 2.09 -65.31 3.13
CA ARG C 329 3.24 -64.43 3.00
C ARG C 329 3.37 -63.48 4.19
N ILE C 330 2.23 -63.13 4.82
CA ILE C 330 2.24 -62.30 6.03
C ILE C 330 2.76 -63.09 7.22
N LEU C 331 2.35 -64.36 7.36
CA LEU C 331 2.87 -65.19 8.44
C LEU C 331 4.31 -65.59 8.20
N THR C 332 4.68 -65.90 6.96
CA THR C 332 6.06 -66.27 6.66
C THR C 332 7.04 -65.25 7.21
N LEU C 333 6.76 -63.96 7.00
CA LEU C 333 7.62 -62.90 7.49
C LEU C 333 7.63 -62.87 9.01
N LYS C 334 6.46 -63.04 9.63
CA LYS C 334 6.39 -63.02 11.09
C LYS C 334 7.22 -64.15 11.71
N PHE C 335 7.15 -65.36 11.11
CA PHE C 335 7.96 -66.46 11.62
C PHE C 335 9.45 -66.21 11.42
N ARG C 336 9.82 -65.53 10.33
CA ARG C 336 11.23 -65.31 10.01
C ARG C 336 11.82 -64.14 10.78
N LEU C 337 10.99 -63.31 11.40
CA LEU C 337 11.44 -62.32 12.37
C LEU C 337 11.62 -62.91 13.77
N GLY C 338 11.06 -64.09 14.02
CA GLY C 338 11.12 -64.68 15.34
C GLY C 338 10.01 -64.28 16.26
N LEU C 339 8.90 -63.77 15.74
CA LEU C 339 7.84 -63.22 16.59
C LEU C 339 7.12 -64.27 17.41
N PHE C 340 7.24 -65.55 17.07
CA PHE C 340 6.50 -66.57 17.80
C PHE C 340 7.24 -67.07 19.03
N GLU C 341 8.55 -66.84 19.11
CA GLU C 341 9.30 -66.98 20.36
C GLU C 341 9.57 -65.65 21.02
N ASP C 342 9.92 -64.63 20.23
CA ASP C 342 10.46 -63.36 20.69
C ASP C 342 9.61 -62.24 20.08
N PRO C 343 8.53 -61.83 20.73
CA PRO C 343 7.62 -60.85 20.12
C PRO C 343 8.10 -59.42 20.18
N ARG C 344 9.31 -59.17 20.67
CA ARG C 344 9.95 -57.86 20.68
C ARG C 344 9.07 -56.79 21.33
N ARG C 345 8.90 -56.97 22.63
CA ARG C 345 8.23 -55.98 23.43
C ARG C 345 9.16 -54.78 23.64
N PRO C 346 8.62 -53.64 24.02
CA PRO C 346 9.47 -52.52 24.40
C PRO C 346 10.22 -52.83 25.70
N ASP C 347 11.42 -52.26 25.80
CA ASP C 347 12.34 -52.54 26.91
C ASP C 347 12.78 -51.21 27.52
N VAL C 348 12.08 -50.78 28.58
CA VAL C 348 12.26 -49.46 29.16
C VAL C 348 13.70 -49.19 29.62
N ALA C 349 14.48 -50.23 29.88
CA ALA C 349 15.87 -50.00 30.29
C ALA C 349 16.75 -49.68 29.10
N ARG C 350 16.37 -50.18 27.93
CA ARG C 350 17.15 -49.97 26.72
C ARG C 350 16.74 -48.68 26.01
N GLN C 351 15.47 -48.30 26.14
CA GLN C 351 15.05 -46.93 25.88
C GLN C 351 15.99 -45.94 26.55
N GLN C 352 16.21 -46.13 27.83
CA GLN C 352 17.14 -45.32 28.60
C GLN C 352 18.62 -45.40 28.20
N ALA C 353 19.14 -46.56 27.81
CA ALA C 353 20.56 -46.66 27.48
C ALA C 353 20.79 -45.70 26.36
CA ILE C 355 17.16 -43.11 23.22
C ILE C 355 17.74 -41.75 23.60
N ALA C 356 17.99 -40.96 22.56
CA ALA C 356 18.50 -39.61 22.64
C ALA C 356 19.91 -39.55 23.14
N SER C 357 20.63 -40.62 22.94
CA SER C 357 21.97 -40.69 23.47
C SER C 357 22.86 -39.62 22.83
N ALA C 358 24.01 -39.39 23.46
CA ALA C 358 24.92 -38.38 22.94
C ALA C 358 25.50 -38.77 21.60
N GLU C 359 25.65 -40.07 21.34
CA GLU C 359 26.10 -40.51 20.02
C GLU C 359 25.12 -40.06 18.95
N HIS C 360 23.82 -40.21 19.20
CA HIS C 360 22.82 -39.87 18.20
C HIS C 360 22.65 -38.36 18.07
N ALA C 361 22.86 -37.62 19.15
CA ALA C 361 22.84 -36.16 19.06
C ALA C 361 24.05 -35.63 18.29
N ALA C 362 25.16 -36.37 18.29
CA ALA C 362 26.35 -35.94 17.56
C ALA C 362 26.24 -36.23 16.07
N VAL C 363 25.44 -37.22 15.68
CA VAL C 363 25.13 -37.40 14.26
C VAL C 363 24.19 -36.31 13.80
N ASN C 364 23.14 -36.05 14.59
CA ASN C 364 22.17 -35.03 14.24
C ASN C 364 22.83 -33.69 14.01
N LEU C 365 23.80 -33.35 14.86
CA LEU C 365 24.51 -32.09 14.70
C LEU C 365 25.38 -32.09 13.46
N GLU C 366 25.91 -33.23 13.05
CA GLU C 366 26.69 -33.24 11.82
C GLU C 366 25.80 -33.13 10.59
N VAL C 367 24.58 -33.66 10.63
CA VAL C 367 23.67 -33.48 9.50
C VAL C 367 23.24 -32.03 9.40
N ALA C 368 22.85 -31.44 10.53
CA ALA C 368 22.48 -30.04 10.56
C ALA C 368 23.56 -29.15 9.95
N ARG C 369 24.81 -29.38 10.35
CA ARG C 369 25.87 -28.47 9.95
C ARG C 369 26.19 -28.56 8.47
N ARG C 370 26.07 -29.72 7.87
CA ARG C 370 26.46 -29.89 6.49
C ARG C 370 25.29 -29.78 5.53
N SER C 371 24.08 -29.60 6.04
CA SER C 371 22.92 -29.45 5.18
C SER C 371 22.57 -28.01 4.85
N LEU C 372 23.04 -27.04 5.63
CA LEU C 372 22.76 -25.66 5.34
C LEU C 372 23.41 -25.24 4.03
N VAL C 373 22.65 -24.55 3.18
CA VAL C 373 23.13 -24.12 1.87
C VAL C 373 23.16 -22.60 1.82
N LEU C 374 24.32 -22.04 1.52
CA LEU C 374 24.52 -20.60 1.41
C LEU C 374 24.32 -20.21 -0.05
N LEU C 375 23.22 -19.54 -0.34
CA LEU C 375 22.85 -19.25 -1.71
C LEU C 375 23.34 -17.89 -2.20
N THR C 376 23.25 -16.86 -1.37
CA THR C 376 23.76 -15.55 -1.75
C THR C 376 24.53 -14.99 -0.58
N ASN C 377 25.57 -14.22 -0.91
CA ASN C 377 26.41 -13.60 0.11
C ASN C 377 27.16 -12.49 -0.59
N ASP C 378 26.98 -11.27 -0.13
CA ASP C 378 27.65 -10.12 -0.74
C ASP C 378 28.99 -9.80 -0.09
N GLY C 379 29.41 -10.61 0.87
CA GLY C 379 30.62 -10.38 1.63
C GLY C 379 30.38 -10.19 3.10
N THR C 380 29.14 -9.93 3.53
CA THR C 380 28.86 -9.75 4.95
C THR C 380 29.24 -10.97 5.76
N LEU C 381 29.00 -12.16 5.21
CA LEU C 381 29.36 -13.41 5.88
C LEU C 381 30.70 -13.88 5.39
N PRO C 382 31.51 -14.48 6.28
CA PRO C 382 31.32 -14.65 7.73
C PRO C 382 31.29 -13.31 8.46
N PHE C 383 30.47 -13.21 9.48
CA PHE C 383 30.18 -11.92 10.07
C PHE C 383 31.41 -11.38 10.81
N ALA C 384 31.67 -10.09 10.61
CA ALA C 384 32.86 -9.44 11.16
C ALA C 384 34.12 -10.18 10.76
N GLY C 385 34.07 -10.81 9.60
CA GLY C 385 35.21 -11.52 9.07
C GLY C 385 35.43 -12.89 9.66
N GLY C 386 34.64 -13.29 10.64
CA GLY C 386 34.80 -14.65 11.11
C GLY C 386 35.34 -14.72 12.51
N LEU C 387 34.72 -15.56 13.32
CA LEU C 387 35.08 -15.72 14.71
C LEU C 387 35.75 -17.06 14.93
N ASP C 388 36.39 -17.18 16.08
CA ASP C 388 36.98 -18.45 16.56
C ASP C 388 36.37 -18.73 17.93
N ARG C 389 36.55 -19.94 18.45
CA ARG C 389 36.08 -20.20 19.83
C ARG C 389 37.28 -20.04 20.75
N ALA C 390 37.15 -20.40 22.03
CA ALA C 390 38.41 -20.46 22.80
C ALA C 390 39.16 -21.59 22.11
N ASP C 395 33.51 -26.74 21.69
CA ASP C 395 32.11 -26.97 22.03
C ASP C 395 31.40 -25.66 22.30
N GLY C 396 32.08 -24.70 22.91
CA GLY C 396 31.46 -23.57 23.56
C GLY C 396 31.49 -22.29 22.75
N ARG C 397 31.55 -21.17 23.47
CA ARG C 397 31.20 -19.85 22.98
C ARG C 397 32.37 -19.17 22.29
N ALA C 398 32.06 -18.40 21.25
CA ALA C 398 33.07 -17.72 20.46
C ALA C 398 33.61 -16.52 21.20
N LEU C 399 34.76 -16.03 20.76
CA LEU C 399 35.32 -14.80 21.31
C LEU C 399 35.46 -13.77 20.21
N ALA C 400 35.31 -12.50 20.60
CA ALA C 400 35.24 -11.42 19.64
C ALA C 400 36.50 -11.36 18.80
N PRO C 401 36.40 -11.02 17.53
CA PRO C 401 37.57 -11.00 16.66
C PRO C 401 38.24 -9.63 16.65
N ALA C 402 39.48 -9.64 16.19
CA ALA C 402 40.20 -8.39 15.98
C ALA C 402 39.39 -7.45 15.12
N GLY C 403 39.12 -6.25 15.65
CA GLY C 403 38.39 -5.23 14.94
C GLY C 403 36.92 -5.12 15.25
N ALA C 404 36.40 -5.92 16.18
CA ALA C 404 34.96 -5.94 16.47
C ALA C 404 34.70 -6.35 17.90
N PRO C 405 35.00 -5.49 18.87
CA PRO C 405 34.80 -5.89 20.27
C PRO C 405 33.35 -5.90 20.71
N ALA C 406 32.48 -5.08 20.13
CA ALA C 406 31.07 -5.07 20.51
C ALA C 406 30.17 -5.07 19.28
N ARG C 407 29.31 -6.08 19.17
CA ARG C 407 28.34 -6.18 18.08
C ARG C 407 27.02 -6.65 18.64
N THR C 408 25.93 -6.23 18.00
CA THR C 408 24.59 -6.70 18.33
C THR C 408 23.98 -7.41 17.13
N ILE C 409 23.35 -8.55 17.38
CA ILE C 409 22.67 -9.33 16.36
C ILE C 409 21.21 -9.37 16.75
N ALA C 410 20.35 -8.83 15.88
CA ALA C 410 18.92 -8.92 16.09
C ALA C 410 18.40 -10.13 15.33
N VAL C 411 17.82 -11.09 16.04
CA VAL C 411 17.23 -12.27 15.44
C VAL C 411 15.72 -12.06 15.41
N VAL C 412 15.15 -12.03 14.21
CA VAL C 412 13.75 -11.68 14.04
C VAL C 412 13.08 -12.71 13.12
N GLY C 413 11.77 -12.63 13.07
CA GLY C 413 11.03 -13.48 12.15
C GLY C 413 10.26 -14.61 12.81
N PRO C 414 9.18 -15.03 12.17
CA PRO C 414 8.26 -15.96 12.83
C PRO C 414 8.85 -17.33 13.13
N ASN C 415 9.86 -17.76 12.39
CA ASN C 415 10.46 -19.07 12.58
C ASN C 415 11.79 -19.01 13.32
N ALA C 416 12.06 -17.91 14.02
CA ALA C 416 13.33 -17.75 14.73
C ALA C 416 13.35 -18.51 16.04
N ASP C 417 12.19 -18.72 16.65
CA ASP C 417 12.12 -19.33 17.97
C ASP C 417 11.00 -20.36 18.01
N ASP C 418 10.86 -21.14 16.95
CA ASP C 418 9.73 -22.06 16.77
C ASP C 418 10.27 -23.47 16.66
N ASP C 419 10.15 -24.25 17.74
CA ASP C 419 10.72 -25.59 17.75
C ASP C 419 9.89 -26.54 16.90
N HIS C 420 8.57 -26.41 16.94
CA HIS C 420 7.71 -27.31 16.18
C HIS C 420 7.93 -27.15 14.67
N THR C 421 8.01 -25.90 14.21
CA THR C 421 8.21 -25.61 12.79
C THR C 421 9.60 -25.99 12.34
N GLN C 422 10.59 -25.88 13.22
CA GLN C 422 11.95 -26.21 12.83
C GLN C 422 12.10 -27.70 12.57
N LEU C 423 11.28 -28.53 13.23
CA LEU C 423 11.44 -29.98 13.12
C LEU C 423 10.73 -30.51 11.87
N GLY C 424 9.59 -29.94 11.53
CA GLY C 424 8.91 -30.24 10.29
C GLY C 424 7.69 -31.11 10.49
N ASP C 425 7.14 -31.52 9.36
CA ASP C 425 6.11 -32.54 9.32
C ASP C 425 6.71 -33.89 9.72
N TRP C 426 5.82 -34.77 10.21
CA TRP C 426 6.19 -36.11 10.69
C TRP C 426 7.23 -36.02 11.81
N ALA C 427 6.90 -35.21 12.83
CA ALA C 427 7.69 -35.14 14.04
C ALA C 427 6.82 -34.56 15.14
N GLY C 428 7.00 -35.08 16.35
CA GLY C 428 6.32 -34.52 17.49
C GLY C 428 4.84 -34.33 17.30
N ALA C 429 4.38 -33.08 17.33
CA ALA C 429 2.96 -32.78 17.28
C ALA C 429 2.51 -32.33 15.89
N SER C 430 3.07 -32.91 14.83
CA SER C 430 2.68 -32.55 13.47
C SER C 430 1.24 -32.94 13.15
N GLY C 431 0.64 -33.83 13.93
CA GLY C 431 -0.77 -34.13 13.79
C GLY C 431 -1.14 -35.59 13.77
N GLN C 432 -0.21 -36.47 13.40
CA GLN C 432 -0.59 -37.83 13.07
C GLN C 432 -0.71 -38.73 14.30
N ALA C 433 0.09 -38.50 15.33
CA ALA C 433 -0.05 -39.18 16.61
C ALA C 433 -0.84 -38.32 17.58
N ASP C 434 -1.64 -38.97 18.42
CA ASP C 434 -2.48 -38.24 19.36
C ASP C 434 -1.98 -38.34 20.79
N TRP C 435 -0.73 -38.77 21.00
CA TRP C 435 -0.18 -38.89 22.33
C TRP C 435 1.02 -37.96 22.53
N LEU C 436 1.06 -36.86 21.78
CA LEU C 436 2.10 -35.85 21.91
C LEU C 436 1.48 -34.46 21.91
N PRO C 437 0.69 -34.13 22.93
CA PRO C 437 0.04 -32.80 22.94
C PRO C 437 1.02 -31.65 22.82
N ASP C 438 2.13 -31.69 23.56
CA ASP C 438 3.15 -30.67 23.53
C ASP C 438 4.34 -31.08 22.66
N GLY C 439 4.22 -32.14 21.89
CA GLY C 439 5.33 -32.54 21.06
C GLY C 439 6.51 -33.00 21.90
N HIS C 440 7.69 -32.83 21.35
CA HIS C 440 8.91 -33.18 22.07
C HIS C 440 9.23 -32.10 23.09
N PRO C 441 10.13 -32.39 24.03
CA PRO C 441 10.48 -31.38 25.05
C PRO C 441 11.22 -30.21 24.45
N ARG C 442 10.82 -29.00 24.86
CA ARG C 442 11.37 -27.77 24.29
C ARG C 442 12.88 -27.69 24.44
N GLU C 443 13.45 -28.30 25.48
CA GLU C 443 14.89 -28.21 25.71
C GLU C 443 15.71 -29.05 24.73
N MET C 444 15.08 -29.92 23.96
CA MET C 444 15.87 -30.72 23.04
C MET C 444 16.28 -29.94 21.80
N THR C 445 15.58 -28.87 21.46
CA THR C 445 15.80 -28.16 20.21
C THR C 445 16.50 -26.83 20.46
N THR C 446 17.62 -26.62 19.77
CA THR C 446 18.28 -25.33 19.66
C THR C 446 17.65 -24.58 18.48
N THR C 447 16.75 -23.64 18.78
CA THR C 447 16.24 -22.76 17.73
C THR C 447 17.34 -21.84 17.26
N VAL C 448 17.03 -21.04 16.22
CA VAL C 448 18.01 -20.08 15.73
C VAL C 448 18.40 -19.10 16.83
N LEU C 449 17.39 -18.58 17.54
CA LEU C 449 17.65 -17.65 18.64
C LEU C 449 18.50 -18.28 19.73
N ASP C 450 18.19 -19.52 20.13
CA ASP C 450 19.02 -20.23 21.10
C ASP C 450 20.46 -20.29 20.63
N GLY C 451 20.67 -20.49 19.34
CA GLY C 451 22.02 -20.71 18.86
C GLY C 451 22.87 -19.46 18.96
N PHE C 452 22.29 -18.32 18.63
CA PHE C 452 23.04 -17.08 18.73
C PHE C 452 23.26 -16.69 20.18
N ARG C 453 22.19 -16.74 20.98
CA ARG C 453 22.34 -16.45 22.40
C ARG C 453 23.47 -17.27 23.01
N ALA C 454 23.71 -18.47 22.50
CA ALA C 454 24.70 -19.37 23.08
C ALA C 454 26.09 -19.20 22.50
N LEU C 455 26.23 -18.66 21.29
CA LEU C 455 27.53 -18.57 20.64
C LEU C 455 28.08 -17.16 20.53
N ALA C 456 27.26 -16.12 20.70
CA ALA C 456 27.74 -14.76 20.57
C ALA C 456 28.79 -14.46 21.64
N PRO C 457 29.88 -13.78 21.29
CA PRO C 457 30.93 -13.49 22.27
C PRO C 457 30.39 -12.68 23.44
N GLU C 458 31.15 -12.70 24.53
CA GLU C 458 30.67 -12.11 25.78
C GLU C 458 30.42 -10.62 25.63
N GLY C 459 31.26 -9.92 24.89
CA GLY C 459 30.98 -8.52 24.71
C GLY C 459 29.87 -8.18 23.74
N TRP C 460 29.23 -9.17 23.13
CA TRP C 460 28.20 -8.93 22.14
C TRP C 460 26.82 -9.10 22.75
N ALA C 461 25.81 -8.76 21.97
CA ALA C 461 24.42 -8.87 22.38
C ALA C 461 23.60 -9.54 21.29
N VAL C 462 22.53 -10.20 21.70
CA VAL C 462 21.58 -10.84 20.80
C VAL C 462 20.19 -10.39 21.24
N THR C 463 19.42 -9.83 20.31
CA THR C 463 18.06 -9.43 20.63
C THR C 463 17.07 -10.25 19.80
N HIS C 464 15.79 -10.03 20.03
CA HIS C 464 14.75 -10.86 19.44
C HIS C 464 13.48 -10.06 19.22
N ALA C 465 12.91 -10.15 18.03
CA ALA C 465 11.61 -9.57 17.76
C ALA C 465 10.89 -10.47 16.76
N ARG C 466 9.81 -11.11 17.18
CA ARG C 466 8.97 -11.81 16.22
C ARG C 466 8.48 -10.80 15.19
N GLY C 467 8.86 -11.02 13.94
CA GLY C 467 8.64 -9.91 13.02
C GLY C 467 7.25 -9.87 12.44
N ALA C 468 6.64 -11.05 12.27
CA ALA C 468 5.35 -11.15 11.61
C ALA C 468 4.67 -12.43 12.04
N ASP C 469 3.39 -12.53 11.73
CA ASP C 469 2.66 -13.77 11.82
C ASP C 469 2.42 -14.34 10.43
N ILE C 470 2.18 -15.65 10.37
CA ILE C 470 2.00 -16.31 9.09
C ILE C 470 0.51 -16.48 8.80
N LEU C 471 -0.20 -17.18 9.67
CA LEU C 471 -1.57 -17.58 9.38
C LEU C 471 -2.39 -17.66 10.64
N THR C 472 -3.71 -17.71 10.47
CA THR C 472 -4.62 -18.24 11.47
C THR C 472 -5.63 -19.17 10.78
N LEU C 473 -6.31 -19.97 11.58
CA LEU C 473 -7.24 -20.97 11.06
C LEU C 473 -8.67 -20.47 11.15
N GLN C 490 -9.84 -24.97 10.30
CA GLN C 490 -10.07 -25.68 9.05
C GLN C 490 -9.22 -25.11 7.91
N VAL C 491 -9.55 -23.89 7.46
CA VAL C 491 -8.89 -23.27 6.33
C VAL C 491 -7.90 -22.21 6.81
N VAL C 492 -6.80 -22.09 6.08
CA VAL C 492 -5.72 -21.16 6.44
C VAL C 492 -6.15 -19.74 6.11
N VAL C 493 -5.99 -18.84 7.06
CA VAL C 493 -6.21 -17.41 6.81
C VAL C 493 -4.86 -16.70 6.95
N PRO C 494 -4.34 -16.12 5.88
CA PRO C 494 -3.04 -15.44 5.97
C PRO C 494 -3.15 -14.23 6.89
N ALA C 495 -2.21 -14.13 7.82
CA ALA C 495 -2.18 -12.98 8.72
C ALA C 495 -1.81 -11.72 7.95
N ALA C 496 -2.58 -10.65 8.16
CA ALA C 496 -2.21 -9.38 7.58
C ALA C 496 -0.90 -8.89 8.18
N PRO C 497 -0.13 -8.10 7.43
CA PRO C 497 1.04 -7.45 8.04
C PRO C 497 0.64 -6.60 9.23
N ASP C 498 1.47 -6.63 10.25
CA ASP C 498 1.18 -6.02 11.54
C ASP C 498 2.11 -4.82 11.69
N ASP C 499 1.57 -3.61 11.52
CA ASP C 499 2.40 -2.41 11.56
C ASP C 499 3.22 -2.34 12.85
N ALA C 500 2.59 -2.68 13.98
CA ALA C 500 3.28 -2.57 15.26
C ALA C 500 4.33 -3.68 15.42
N LEU C 501 4.01 -4.90 14.99
CA LEU C 501 4.97 -6.00 15.11
C LEU C 501 6.20 -5.76 14.24
N ILE C 502 5.99 -5.15 13.07
CA ILE C 502 7.09 -4.82 12.18
C ILE C 502 7.93 -3.70 12.76
N ALA C 503 7.28 -2.72 13.37
CA ALA C 503 8.00 -1.58 13.94
C ALA C 503 8.91 -2.03 15.07
N GLU C 504 8.49 -3.02 15.85
CA GLU C 504 9.36 -3.56 16.89
C GLU C 504 10.56 -4.27 16.27
N ALA C 505 10.37 -4.95 15.14
CA ALA C 505 11.49 -5.59 14.48
C ALA C 505 12.38 -4.57 13.78
N VAL C 506 11.76 -3.56 13.17
CA VAL C 506 12.56 -2.51 12.54
C VAL C 506 13.37 -1.77 13.59
N ALA C 507 12.78 -1.54 14.77
CA ALA C 507 13.50 -0.88 15.85
C ALA C 507 14.71 -1.69 16.28
N ALA C 508 14.53 -2.99 16.45
CA ALA C 508 15.65 -3.80 16.91
C ALA C 508 16.74 -3.87 15.86
N ALA C 509 16.38 -3.74 14.58
CA ALA C 509 17.38 -3.82 13.52
C ALA C 509 18.14 -2.52 13.36
N ARG C 510 17.47 -1.38 13.55
CA ARG C 510 18.21 -0.13 13.52
C ARG C 510 19.21 -0.05 14.66
N ASP C 511 19.00 -0.80 15.74
CA ASP C 511 19.88 -0.82 16.90
C ASP C 511 20.81 -2.04 16.91
N ALA C 512 21.08 -2.63 15.76
CA ALA C 512 21.95 -3.79 15.71
C ALA C 512 22.91 -3.65 14.54
N ASP C 513 23.91 -4.52 14.51
CA ASP C 513 24.85 -4.59 13.41
C ASP C 513 24.44 -5.58 12.33
N LEU C 514 23.59 -6.54 12.65
CA LEU C 514 23.20 -7.60 11.74
C LEU C 514 21.79 -8.05 12.08
N ALA C 515 20.94 -8.17 11.09
CA ALA C 515 19.60 -8.71 11.29
C ALA C 515 19.54 -10.08 10.64
N VAL C 516 19.25 -11.10 11.43
CA VAL C 516 19.07 -12.46 10.96
C VAL C 516 17.58 -12.73 10.95
N ALA C 517 16.98 -12.73 9.76
CA ALA C 517 15.54 -12.90 9.62
C ALA C 517 15.23 -14.33 9.21
N VAL C 518 14.48 -15.03 10.05
CA VAL C 518 14.22 -16.44 9.90
C VAL C 518 12.77 -16.60 9.48
N VAL C 519 12.58 -17.02 8.22
CA VAL C 519 11.28 -17.02 7.55
C VAL C 519 11.07 -18.37 6.89
N GLY C 520 9.84 -18.62 6.49
CA GLY C 520 9.52 -19.85 5.75
C GLY C 520 8.07 -20.22 5.85
N ASP C 521 7.77 -21.50 6.07
CA ASP C 521 6.38 -21.89 6.26
C ASP C 521 6.17 -22.61 7.59
N ARG C 522 5.06 -23.31 7.71
CA ARG C 522 4.73 -24.03 8.94
C ARG C 522 3.68 -25.08 8.60
N ILE C 523 3.25 -25.81 9.63
CA ILE C 523 2.63 -27.12 9.43
C ILE C 523 1.31 -27.01 8.66
N GLU C 524 0.54 -25.94 8.89
CA GLU C 524 -0.74 -25.86 8.20
C GLU C 524 -0.57 -25.59 6.70
N LEU C 525 0.66 -25.48 6.24
CA LEU C 525 0.97 -25.23 4.83
C LEU C 525 1.88 -26.32 4.28
N VAL C 526 1.85 -27.51 4.87
CA VAL C 526 2.78 -28.59 4.52
C VAL C 526 2.03 -29.91 4.57
N GLY C 527 2.34 -30.80 3.63
CA GLY C 527 2.03 -32.21 3.79
C GLY C 527 0.75 -32.67 3.12
N GLU C 528 0.23 -33.78 3.66
CA GLU C 528 -0.92 -34.44 3.08
C GLU C 528 -2.11 -33.50 2.96
N GLY C 529 -2.64 -33.39 1.75
CA GLY C 529 -3.80 -32.58 1.51
C GLY C 529 -3.56 -31.11 1.69
N ARG C 530 -2.29 -30.69 1.72
CA ARG C 530 -1.94 -29.30 1.94
C ARG C 530 -0.84 -28.88 0.94
N SER C 531 -1.14 -29.03 -0.34
CA SER C 531 -0.30 -28.49 -1.38
C SER C 531 -0.50 -26.97 -1.45
N THR C 532 0.45 -26.29 -2.06
CA THR C 532 0.39 -24.84 -2.18
C THR C 532 0.49 -24.43 -3.63
N ALA C 533 -0.26 -23.39 -3.99
CA ALA C 533 -0.31 -22.89 -5.34
C ALA C 533 0.75 -21.83 -5.63
N THR C 534 0.93 -20.84 -4.75
CA THR C 534 1.77 -19.69 -5.07
C THR C 534 3.24 -19.89 -4.71
N LEU C 535 3.57 -20.83 -3.83
CA LEU C 535 4.92 -21.06 -3.35
C LEU C 535 5.53 -19.87 -2.63
N GLU C 536 4.71 -18.88 -2.25
CA GLU C 536 5.19 -17.65 -1.65
C GLU C 536 5.17 -17.75 -0.13
N LEU C 537 5.89 -16.82 0.51
CA LEU C 537 5.80 -16.66 1.95
C LEU C 537 4.42 -16.13 2.34
N VAL C 538 3.82 -16.73 3.36
CA VAL C 538 2.44 -16.42 3.72
C VAL C 538 2.42 -15.43 4.88
N GLY C 539 1.46 -14.51 4.83
CA GLY C 539 1.20 -13.64 5.96
C GLY C 539 1.97 -12.34 5.89
N GLY C 540 2.50 -11.91 7.02
CA GLY C 540 3.25 -10.68 7.06
C GLY C 540 4.73 -10.83 6.83
N GLN C 541 5.19 -11.99 6.36
CA GLN C 541 6.63 -12.20 6.23
C GLN C 541 7.24 -11.34 5.13
N VAL C 542 6.55 -11.15 4.02
CA VAL C 542 7.11 -10.34 2.95
C VAL C 542 7.28 -8.89 3.39
N ALA C 543 6.26 -8.33 4.05
CA ALA C 543 6.34 -6.95 4.51
C ALA C 543 7.47 -6.77 5.51
N LEU C 544 7.72 -7.78 6.35
CA LEU C 544 8.81 -7.71 7.30
C LEU C 544 10.15 -7.62 6.60
N LEU C 545 10.37 -8.47 5.60
CA LEU C 545 11.64 -8.47 4.90
C LEU C 545 11.87 -7.15 4.18
N ASP C 546 10.82 -6.60 3.56
CA ASP C 546 10.94 -5.30 2.91
C ASP C 546 11.40 -4.24 3.88
N ALA C 547 10.78 -4.21 5.06
CA ALA C 547 11.11 -3.18 6.04
C ALA C 547 12.50 -3.39 6.62
N LEU C 548 12.89 -4.64 6.86
CA LEU C 548 14.21 -4.89 7.42
C LEU C 548 15.30 -4.43 6.48
N VAL C 549 15.17 -4.79 5.21
CA VAL C 549 16.22 -4.44 4.25
C VAL C 549 16.33 -2.94 4.10
N ALA C 550 15.21 -2.22 4.22
CA ALA C 550 15.21 -0.77 4.05
C ALA C 550 15.92 -0.03 5.17
N THR C 551 16.21 -0.67 6.30
CA THR C 551 16.85 0.06 7.40
C THR C 551 18.33 0.34 7.17
N GLY C 552 18.98 -0.38 6.27
CA GLY C 552 20.40 -0.25 6.07
C GLY C 552 21.24 -1.16 6.93
N THR C 553 20.68 -1.78 7.93
CA THR C 553 21.39 -2.84 8.62
C THR C 553 21.47 -4.05 7.70
N PRO C 554 22.64 -4.65 7.53
CA PRO C 554 22.74 -5.84 6.69
C PRO C 554 21.85 -6.97 7.22
N VAL C 555 21.04 -7.52 6.32
CA VAL C 555 20.04 -8.54 6.62
C VAL C 555 20.52 -9.86 6.06
N VAL C 556 20.46 -10.91 6.89
CA VAL C 556 20.72 -12.28 6.46
C VAL C 556 19.40 -13.03 6.52
N VAL C 557 18.99 -13.59 5.40
CA VAL C 557 17.72 -14.32 5.30
C VAL C 557 18.00 -15.81 5.48
N VAL C 558 17.42 -16.40 6.52
CA VAL C 558 17.50 -17.84 6.77
C VAL C 558 16.12 -18.42 6.56
N VAL C 559 16.00 -19.37 5.65
CA VAL C 559 14.71 -19.95 5.29
C VAL C 559 14.57 -21.28 6.02
N VAL C 560 13.64 -21.35 6.95
CA VAL C 560 13.24 -22.61 7.57
C VAL C 560 11.88 -22.93 6.95
N ALA C 561 11.89 -23.80 5.96
CA ALA C 561 10.68 -24.14 5.24
C ALA C 561 10.75 -25.58 4.80
N SER C 562 9.58 -26.15 4.55
CA SER C 562 9.49 -27.54 4.11
C SER C 562 10.08 -27.74 2.72
N LYS C 563 9.95 -26.75 1.84
CA LYS C 563 10.26 -26.92 0.44
C LYS C 563 10.71 -25.59 -0.13
N PRO C 564 11.33 -25.58 -1.31
CA PRO C 564 11.79 -24.31 -1.89
C PRO C 564 10.63 -23.36 -2.18
N LEU C 565 10.76 -22.13 -1.68
CA LEU C 565 9.76 -21.10 -1.83
C LEU C 565 10.22 -20.04 -2.82
N VAL C 566 9.26 -19.27 -3.32
CA VAL C 566 9.55 -18.06 -4.07
C VAL C 566 9.87 -16.95 -3.09
N LEU C 567 11.06 -16.38 -3.18
CA LEU C 567 11.36 -15.32 -2.23
C LEU C 567 11.09 -13.95 -2.86
N PRO C 568 10.65 -12.98 -2.08
CA PRO C 568 10.32 -11.65 -2.63
C PRO C 568 11.59 -10.90 -3.04
N PRO C 569 11.47 -9.90 -3.90
CA PRO C 569 12.64 -9.10 -4.31
C PRO C 569 13.54 -8.62 -3.17
N SER C 570 12.99 -8.32 -1.99
CA SER C 570 13.82 -7.83 -0.91
C SER C 570 14.78 -8.89 -0.38
N ALA C 571 14.40 -10.16 -0.50
CA ALA C 571 15.30 -11.24 -0.10
C ALA C 571 16.47 -11.36 -1.06
N HIS C 572 16.26 -11.06 -2.33
CA HIS C 572 17.36 -11.03 -3.30
C HIS C 572 18.23 -9.79 -3.15
N ALA C 573 17.71 -8.73 -2.56
CA ALA C 573 18.48 -7.53 -2.29
C ALA C 573 19.16 -7.56 -0.93
N ALA C 574 18.92 -8.59 -0.14
CA ALA C 574 19.48 -8.67 1.20
C ALA C 574 20.92 -9.16 1.13
N ALA C 575 21.61 -9.08 2.27
CA ALA C 575 23.04 -9.34 2.28
C ALA C 575 23.37 -10.81 2.02
N ALA C 576 22.61 -11.73 2.60
CA ALA C 576 22.85 -13.15 2.37
C ALA C 576 21.54 -13.91 2.53
N VAL C 577 21.47 -15.06 1.86
CA VAL C 577 20.34 -15.97 1.96
C VAL C 577 20.86 -17.35 2.30
N VAL C 578 20.32 -17.95 3.34
CA VAL C 578 20.70 -19.30 3.76
C VAL C 578 19.48 -20.21 3.75
N TRP C 579 19.61 -21.36 3.10
CA TRP C 579 18.55 -22.37 3.01
C TRP C 579 18.77 -23.44 4.07
N ALA C 580 17.77 -23.64 4.92
CA ALA C 580 17.89 -24.52 6.07
C ALA C 580 16.94 -25.72 6.05
N ALA C 581 15.72 -25.58 5.52
CA ALA C 581 14.90 -26.71 5.13
C ALA C 581 14.52 -27.62 6.31
N ASN C 582 13.88 -27.07 7.34
CA ASN C 582 13.58 -27.90 8.50
C ASN C 582 14.82 -28.66 8.99
N PRO C 583 15.74 -28.05 9.71
CA PRO C 583 17.02 -28.73 9.94
C PRO C 583 17.11 -29.50 11.26
N GLY C 584 15.99 -29.78 11.91
CA GLY C 584 16.00 -30.67 13.05
C GLY C 584 16.32 -29.98 14.37
N MET C 585 16.66 -30.81 15.36
CA MET C 585 16.81 -30.32 16.72
C MET C 585 18.06 -29.48 16.90
N ARG C 586 19.13 -29.76 16.17
CA ARG C 586 20.39 -29.05 16.28
C ARG C 586 20.54 -27.95 15.24
N GLY C 587 19.44 -27.55 14.60
CA GLY C 587 19.54 -26.64 13.47
C GLY C 587 20.06 -25.26 13.85
N GLY C 588 19.45 -24.64 14.87
CA GLY C 588 19.82 -23.28 15.26
C GLY C 588 21.27 -23.13 15.65
N GLN C 589 21.86 -24.15 16.26
CA GLN C 589 23.28 -24.10 16.54
C GLN C 589 24.08 -24.05 15.25
N ALA C 590 23.61 -24.75 14.21
CA ALA C 590 24.35 -24.79 12.97
C ALA C 590 24.22 -23.48 12.20
N VAL C 591 23.07 -22.83 12.28
CA VAL C 591 22.87 -21.58 11.55
C VAL C 591 23.71 -20.48 12.17
N ALA C 592 23.67 -20.37 13.49
CA ALA C 592 24.53 -19.42 14.20
C ALA C 592 25.99 -19.69 13.88
N GLU C 593 26.42 -20.94 13.97
CA GLU C 593 27.81 -21.27 13.66
C GLU C 593 28.19 -20.84 12.26
N LEU C 594 27.30 -21.06 11.28
CA LEU C 594 27.62 -20.70 9.91
C LEU C 594 27.69 -19.19 9.72
N VAL C 595 26.72 -18.45 10.27
CA VAL C 595 26.72 -17.00 10.14
C VAL C 595 27.98 -16.40 10.72
N LEU C 596 28.52 -16.99 11.78
CA LEU C 596 29.66 -16.43 12.47
C LEU C 596 30.99 -16.96 11.96
N GLY C 597 30.98 -17.91 11.04
CA GLY C 597 32.22 -18.45 10.51
C GLY C 597 32.87 -19.50 11.38
N LEU C 598 32.16 -20.03 12.37
CA LEU C 598 32.69 -21.14 13.15
C LEU C 598 32.72 -22.44 12.36
N ILE C 599 31.95 -22.54 11.28
CA ILE C 599 32.02 -23.67 10.38
C ILE C 599 32.13 -23.14 8.96
N GLU C 600 32.29 -24.05 8.02
CA GLU C 600 32.27 -23.73 6.61
C GLU C 600 30.98 -24.25 6.00
N PRO C 601 30.42 -23.54 5.03
CA PRO C 601 29.27 -24.09 4.31
C PRO C 601 29.72 -25.13 3.28
N GLU C 602 29.07 -26.28 3.29
CA GLU C 602 29.29 -27.27 2.25
C GLU C 602 28.02 -27.84 1.62
N GLY C 603 26.86 -27.62 2.22
CA GLY C 603 25.60 -28.00 1.62
C GLY C 603 25.46 -27.56 0.17
N ARG C 604 24.77 -28.36 -0.63
CA ARG C 604 24.52 -28.08 -2.03
C ARG C 604 23.08 -28.43 -2.34
N LEU C 605 22.46 -27.64 -3.21
CA LEU C 605 21.03 -27.80 -3.45
C LEU C 605 20.74 -29.16 -4.04
N PRO C 606 19.77 -29.88 -3.51
CA PRO C 606 19.36 -31.13 -4.15
C PRO C 606 18.07 -30.93 -4.95
N ILE C 607 17.73 -29.67 -5.19
CA ILE C 607 16.46 -29.32 -5.80
C ILE C 607 16.57 -27.89 -6.29
N SER C 608 15.83 -27.57 -7.34
CA SER C 608 15.88 -26.27 -7.95
C SER C 608 14.80 -25.36 -7.38
N PHE C 609 15.09 -24.07 -7.36
CA PHE C 609 14.14 -23.06 -6.89
C PHE C 609 13.54 -22.35 -8.10
N ALA C 610 12.23 -22.23 -8.12
CA ALA C 610 11.53 -21.52 -9.17
C ALA C 610 11.36 -20.05 -8.80
N ARG C 611 11.34 -19.19 -9.82
CA ARG C 611 11.06 -17.79 -9.61
C ARG C 611 9.57 -17.50 -9.52
N HIS C 612 8.73 -18.42 -9.99
CA HIS C 612 7.29 -18.27 -9.97
C HIS C 612 6.72 -19.66 -10.20
N ALA C 613 5.57 -19.94 -9.59
CA ALA C 613 4.94 -21.25 -9.77
C ALA C 613 4.71 -21.56 -11.25
N GLY C 614 4.34 -20.55 -12.03
CA GLY C 614 4.14 -20.71 -13.47
C GLY C 614 5.38 -20.95 -14.28
N GLN C 615 6.57 -20.92 -13.68
CA GLN C 615 7.80 -21.17 -14.41
C GLN C 615 8.09 -22.66 -14.56
N GLN C 616 7.51 -23.50 -13.73
CA GLN C 616 7.72 -24.94 -13.76
C GLN C 616 7.45 -25.58 -15.14
N PRO C 617 8.21 -26.62 -15.50
CA PRO C 617 9.19 -27.31 -14.67
C PRO C 617 10.50 -26.58 -14.53
N THR C 618 11.15 -26.71 -13.38
CA THR C 618 12.43 -26.07 -13.15
C THR C 618 13.50 -27.05 -12.73
N TYR C 619 13.19 -28.35 -12.63
CA TYR C 619 14.22 -29.32 -12.36
C TYR C 619 15.30 -29.31 -13.43
N TYR C 620 16.54 -29.54 -13.01
CA TYR C 620 17.70 -29.34 -13.87
C TYR C 620 17.68 -30.26 -15.08
N ASN C 621 17.11 -31.46 -14.95
CA ASN C 621 17.17 -32.49 -15.99
C ASN C 621 15.95 -32.44 -16.91
N VAL C 622 15.64 -31.27 -17.43
CA VAL C 622 14.46 -31.10 -18.27
C VAL C 622 14.74 -31.68 -19.66
N VAL C 623 13.70 -32.26 -20.27
CA VAL C 623 13.83 -32.86 -21.59
C VAL C 623 14.06 -31.78 -22.65
N ARG C 624 15.01 -32.00 -23.53
CA ARG C 624 15.36 -31.03 -24.57
C ARG C 624 14.27 -30.94 -25.63
N GLY C 625 13.99 -29.70 -26.06
CA GLY C 625 13.00 -29.45 -27.09
C GLY C 625 12.05 -28.32 -26.77
N GLN C 626 12.18 -27.19 -27.46
CA GLN C 626 11.27 -26.08 -27.29
C GLN C 626 11.44 -25.10 -28.43
N HIS C 627 10.35 -24.45 -28.82
CA HIS C 627 10.40 -23.28 -29.70
C HIS C 627 10.45 -22.04 -28.83
N GLY C 628 11.57 -21.35 -28.85
CA GLY C 628 11.82 -20.27 -27.92
C GLY C 628 12.54 -20.74 -26.66
N VAL C 629 13.13 -19.79 -25.95
CA VAL C 629 13.97 -20.08 -24.80
C VAL C 629 13.44 -19.47 -23.51
N ARG C 630 12.44 -18.60 -23.57
CA ARG C 630 11.94 -17.92 -22.40
C ARG C 630 10.44 -17.79 -22.50
N TYR C 631 9.80 -17.52 -21.38
CA TYR C 631 8.44 -17.03 -21.44
C TYR C 631 8.45 -15.57 -21.85
N ALA C 632 7.35 -15.12 -22.45
CA ALA C 632 7.32 -13.72 -22.86
C ALA C 632 7.36 -12.78 -21.66
N ASP C 633 6.92 -13.23 -20.48
CA ASP C 633 6.90 -12.37 -19.30
C ASP C 633 7.84 -12.84 -18.20
N LEU C 634 8.77 -13.75 -18.49
CA LEU C 634 9.60 -14.30 -17.43
C LEU C 634 10.68 -15.18 -18.03
N THR C 635 11.87 -15.12 -17.44
CA THR C 635 12.96 -16.02 -17.79
C THR C 635 12.63 -17.45 -17.37
N GLN C 636 13.29 -18.39 -18.01
CA GLN C 636 13.20 -19.78 -17.59
C GLN C 636 14.36 -20.20 -16.70
N SER C 637 15.36 -19.34 -16.54
CA SER C 637 16.39 -19.58 -15.56
C SER C 637 15.77 -19.68 -14.16
N PRO C 638 16.06 -20.75 -13.42
CA PRO C 638 15.52 -20.86 -12.07
C PRO C 638 16.19 -19.85 -11.14
N ALA C 639 15.57 -19.62 -9.99
CA ALA C 639 16.17 -18.73 -8.99
C ALA C 639 17.48 -19.29 -8.48
N PHE C 640 17.48 -20.54 -8.04
CA PHE C 640 18.71 -21.22 -7.68
C PHE C 640 18.63 -22.63 -8.25
N ALA C 641 19.73 -23.07 -8.86
CA ALA C 641 19.73 -24.31 -9.62
C ALA C 641 20.21 -25.48 -8.78
N PHE C 642 19.74 -26.67 -9.13
CA PHE C 642 20.22 -27.91 -8.54
C PHE C 642 21.74 -27.91 -8.46
N GLY C 643 22.25 -28.28 -7.29
CA GLY C 643 23.66 -28.43 -7.05
C GLY C 643 24.41 -27.16 -6.67
N GLU C 644 23.76 -26.01 -6.61
CA GLU C 644 24.55 -24.84 -6.33
C GLU C 644 24.54 -24.53 -4.84
N GLY C 645 25.45 -23.68 -4.43
CA GLY C 645 25.76 -23.49 -3.03
C GLY C 645 27.13 -22.88 -2.88
N LEU C 646 27.28 -21.99 -1.92
CA LEU C 646 28.51 -21.21 -1.79
C LEU C 646 29.36 -21.76 -0.66
N SER C 647 30.59 -21.33 -0.63
CA SER C 647 31.43 -21.50 0.55
C SER C 647 31.87 -20.10 0.98
N TYR C 648 32.87 -20.04 1.84
CA TYR C 648 33.48 -18.78 2.23
C TYR C 648 34.82 -18.57 1.53
N THR C 649 35.06 -19.27 0.42
CA THR C 649 36.29 -19.13 -0.33
C THR C 649 35.98 -19.40 -1.80
N THR C 650 36.96 -19.15 -2.67
CA THR C 650 36.80 -19.31 -4.10
C THR C 650 37.59 -20.51 -4.61
N VAL C 651 36.88 -21.54 -5.08
CA VAL C 651 37.47 -22.72 -5.70
C VAL C 651 37.45 -22.53 -7.20
N GLU C 652 38.56 -22.88 -7.85
CA GLU C 652 38.68 -22.76 -9.29
C GLU C 652 38.79 -24.14 -9.93
N TYR C 653 38.01 -24.34 -11.00
CA TYR C 653 38.03 -25.58 -11.77
C TYR C 653 38.83 -25.34 -13.04
N ALA C 654 39.78 -26.21 -13.33
CA ALA C 654 40.82 -25.88 -14.29
C ALA C 654 40.79 -26.67 -15.59
N ASP C 655 41.29 -27.91 -15.56
CA ASP C 655 41.58 -28.66 -16.79
C ASP C 655 40.86 -29.99 -16.76
N LEU C 656 39.74 -30.06 -17.49
CA LEU C 656 38.97 -31.28 -17.59
C LEU C 656 39.53 -32.15 -18.70
N ARG C 657 39.87 -33.39 -18.38
CA ARG C 657 40.39 -34.33 -19.35
C ARG C 657 39.74 -35.68 -19.10
N VAL C 658 39.26 -36.29 -20.17
CA VAL C 658 38.80 -37.67 -20.12
C VAL C 658 39.93 -38.56 -20.62
N LEU C 659 40.09 -39.71 -19.98
CA LEU C 659 41.22 -40.59 -20.29
C LEU C 659 40.83 -41.45 -21.48
N GLY C 660 40.94 -40.88 -22.66
CA GLY C 660 40.65 -41.61 -23.88
C GLY C 660 39.22 -41.46 -24.33
N THR C 661 39.04 -41.07 -25.58
CA THR C 661 37.71 -40.94 -26.15
C THR C 661 36.93 -42.23 -26.42
N GLU C 662 37.60 -43.23 -26.99
CA GLU C 662 37.01 -44.50 -27.37
C GLU C 662 36.49 -45.31 -26.18
N HIS C 663 35.34 -45.93 -26.32
CA HIS C 663 34.75 -46.69 -25.22
C HIS C 663 33.85 -47.81 -25.68
N GLY C 664 33.42 -48.64 -24.76
CA GLY C 664 32.57 -49.76 -25.12
C GLY C 664 31.65 -50.13 -23.99
N PRO C 665 30.62 -50.93 -24.29
CA PRO C 665 29.56 -51.20 -23.30
C PRO C 665 30.03 -51.69 -21.93
N ASP C 666 31.15 -52.42 -21.85
CA ASP C 666 31.64 -52.89 -20.56
C ASP C 666 32.53 -51.89 -19.84
N ASP C 667 32.93 -50.82 -20.52
CA ASP C 667 33.96 -49.94 -19.99
C ASP C 667 33.41 -48.98 -18.94
N VAL C 668 34.35 -48.38 -18.21
CA VAL C 668 34.12 -47.21 -17.36
C VAL C 668 34.80 -46.03 -18.04
N VAL C 669 34.14 -44.89 -18.05
CA VAL C 669 34.75 -43.67 -18.56
C VAL C 669 35.39 -42.94 -17.40
N ARG C 670 36.69 -42.65 -17.54
CA ARG C 670 37.49 -42.06 -16.47
C ARG C 670 37.95 -40.68 -16.90
N ALA C 671 37.99 -39.77 -15.94
CA ALA C 671 38.41 -38.41 -16.22
C ALA C 671 39.09 -37.83 -14.99
N GLU C 672 39.79 -36.73 -15.21
CA GLU C 672 40.42 -35.98 -14.14
C GLU C 672 40.21 -34.50 -14.38
N VAL C 673 40.06 -33.76 -13.28
CA VAL C 673 39.96 -32.31 -13.31
C VAL C 673 40.79 -31.74 -12.17
N THR C 674 41.23 -30.50 -12.32
CA THR C 674 42.11 -29.84 -11.36
C THR C 674 41.33 -28.76 -10.62
N LEU C 675 41.17 -28.94 -9.31
CA LEU C 675 40.60 -27.91 -8.45
C LEU C 675 41.71 -27.09 -7.80
N THR C 676 41.43 -25.81 -7.55
CA THR C 676 42.41 -24.90 -6.97
C THR C 676 41.71 -23.94 -6.03
N ASN C 677 42.05 -24.01 -4.74
CA ASN C 677 41.45 -23.14 -3.72
C ASN C 677 42.23 -21.83 -3.66
N THR C 678 41.67 -20.78 -4.27
CA THR C 678 42.35 -19.50 -4.36
C THR C 678 41.90 -18.51 -3.29
N GLY C 679 41.49 -19.01 -2.13
CA GLY C 679 41.04 -18.12 -1.07
C GLY C 679 41.59 -18.46 0.30
N SER C 680 41.10 -17.77 1.33
CA SER C 680 41.72 -17.80 2.64
C SER C 680 41.04 -18.77 3.61
N ARG C 681 40.22 -19.68 3.12
CA ARG C 681 39.54 -20.60 4.02
C ARG C 681 39.49 -21.99 3.41
N PRO C 682 39.54 -23.02 4.24
CA PRO C 682 39.37 -24.39 3.72
C PRO C 682 37.96 -24.60 3.21
N VAL C 683 37.79 -25.64 2.40
CA VAL C 683 36.49 -25.92 1.79
C VAL C 683 36.38 -27.42 1.46
N ARG C 684 35.24 -27.99 1.82
CA ARG C 684 34.82 -29.30 1.30
C ARG C 684 33.94 -29.04 0.08
N GLU C 685 34.52 -29.16 -1.11
CA GLU C 685 33.80 -28.91 -2.35
C GLU C 685 33.17 -30.20 -2.86
N THR C 686 31.99 -30.08 -3.46
CA THR C 686 31.23 -31.22 -3.96
C THR C 686 31.22 -31.14 -5.49
N VAL C 687 32.17 -31.80 -6.11
CA VAL C 687 32.24 -31.81 -7.55
C VAL C 687 31.15 -32.67 -8.17
N GLN C 688 30.47 -32.13 -9.16
CA GLN C 688 29.38 -32.85 -9.79
C GLN C 688 29.65 -33.31 -11.22
N VAL C 689 29.29 -34.54 -11.53
CA VAL C 689 29.48 -35.06 -12.87
C VAL C 689 28.18 -35.26 -13.58
N TYR C 690 28.00 -34.62 -14.71
CA TYR C 690 26.78 -34.75 -15.48
C TYR C 690 27.08 -35.34 -16.83
N VAL C 691 26.20 -36.17 -17.34
CA VAL C 691 26.41 -36.76 -18.64
C VAL C 691 25.39 -36.24 -19.62
N SER C 692 25.82 -35.88 -20.81
CA SER C 692 24.90 -35.46 -21.84
C SER C 692 25.05 -36.31 -23.09
N ASP C 693 23.97 -36.94 -23.54
CA ASP C 693 23.95 -37.74 -24.76
C ASP C 693 23.57 -36.71 -25.76
N THR C 694 24.52 -36.29 -26.59
CA THR C 694 24.30 -35.24 -27.55
C THR C 694 23.23 -35.49 -28.57
N VAL C 695 23.18 -36.69 -29.09
CA VAL C 695 22.21 -37.04 -30.09
C VAL C 695 21.52 -38.28 -29.62
N THR C 696 20.21 -38.24 -29.71
CA THR C 696 19.37 -39.33 -29.27
C THR C 696 18.25 -39.66 -30.23
N SER C 697 17.88 -40.91 -30.24
CA SER C 697 16.81 -41.38 -31.11
C SER C 697 15.43 -41.06 -30.55
N VAL C 698 15.35 -40.66 -29.28
CA VAL C 698 14.15 -40.16 -28.65
C VAL C 698 14.54 -38.91 -27.86
N THR C 699 13.55 -38.09 -27.54
CA THR C 699 13.83 -36.91 -26.75
C THR C 699 14.20 -37.31 -25.33
N TRP C 700 15.24 -36.69 -24.81
CA TRP C 700 15.79 -37.04 -23.51
C TRP C 700 16.24 -35.79 -22.78
N ALA C 701 16.47 -35.94 -21.47
CA ALA C 701 17.07 -34.86 -20.68
C ALA C 701 18.34 -34.36 -21.35
N GLU C 702 18.57 -33.07 -21.28
CA GLU C 702 19.75 -32.47 -21.84
C GLU C 702 21.01 -32.96 -21.14
N LYS C 703 20.93 -33.18 -19.85
CA LYS C 703 22.03 -33.68 -19.07
C LYS C 703 21.46 -34.34 -17.83
N GLU C 704 22.26 -35.19 -17.20
CA GLU C 704 21.84 -35.87 -16.00
C GLU C 704 23.01 -36.09 -15.07
N LEU C 705 22.72 -36.15 -13.78
CA LEU C 705 23.72 -36.44 -12.77
C LEU C 705 24.03 -37.92 -12.73
N LYS C 706 25.32 -38.27 -12.79
CA LYS C 706 25.70 -39.68 -12.74
C LYS C 706 26.73 -39.97 -11.64
N ALA C 707 27.54 -38.98 -11.27
CA ALA C 707 28.53 -39.18 -10.22
C ALA C 707 28.85 -37.85 -9.55
N TYR C 708 29.40 -37.94 -8.35
CA TYR C 708 29.83 -36.76 -7.60
C TYR C 708 30.95 -37.14 -6.65
N ARG C 709 31.77 -36.16 -6.31
CA ARG C 709 33.00 -36.41 -5.55
C ARG C 709 33.28 -35.22 -4.65
N LYS C 710 33.41 -35.48 -3.34
CA LYS C 710 33.75 -34.44 -2.37
C LYS C 710 35.27 -34.32 -2.24
N VAL C 711 35.76 -33.08 -2.22
CA VAL C 711 37.19 -32.78 -2.29
C VAL C 711 37.55 -31.72 -1.26
N ASP C 712 38.27 -32.11 -0.21
CA ASP C 712 38.74 -31.17 0.79
C ASP C 712 39.94 -30.39 0.26
N LEU C 713 39.99 -29.10 0.58
CA LEU C 713 41.03 -28.23 0.04
C LEU C 713 41.38 -27.18 1.08
N ALA C 714 42.59 -27.26 1.62
CA ALA C 714 43.09 -26.18 2.45
C ALA C 714 43.38 -24.96 1.58
N PRO C 715 43.45 -23.77 2.18
CA PRO C 715 43.70 -22.56 1.38
C PRO C 715 44.98 -22.65 0.57
N GLY C 716 44.88 -22.21 -0.69
CA GLY C 716 45.99 -22.26 -1.61
C GLY C 716 46.26 -23.61 -2.24
N GLU C 717 45.68 -24.66 -1.70
CA GLU C 717 45.88 -26.02 -2.18
C GLU C 717 45.30 -26.31 -3.55
N SER C 718 46.05 -27.03 -4.36
CA SER C 718 45.63 -27.39 -5.68
C SER C 718 45.62 -28.90 -5.81
N ALA C 719 44.55 -29.46 -6.34
CA ALA C 719 44.48 -30.90 -6.46
C ALA C 719 43.84 -31.42 -7.71
N THR C 720 44.34 -32.55 -8.20
CA THR C 720 43.75 -33.19 -9.37
C THR C 720 43.03 -34.45 -8.91
N VAL C 721 41.79 -34.61 -9.34
CA VAL C 721 40.90 -35.62 -8.79
C VAL C 721 40.43 -36.54 -9.92
N GLY C 722 40.32 -37.83 -9.61
CA GLY C 722 39.88 -38.79 -10.59
C GLY C 722 38.37 -38.98 -10.53
N LEU C 723 37.77 -39.14 -11.72
CA LEU C 723 36.32 -39.19 -11.87
C LEU C 723 35.93 -40.36 -12.76
N GLU C 724 34.83 -41.01 -12.42
CA GLU C 724 34.42 -42.25 -13.04
C GLU C 724 32.92 -42.30 -13.21
N VAL C 725 32.47 -42.65 -14.41
CA VAL C 725 31.08 -43.05 -14.61
C VAL C 725 31.06 -44.36 -15.38
N PRO C 726 30.33 -45.37 -14.93
CA PRO C 726 30.16 -46.57 -15.76
C PRO C 726 29.35 -46.26 -17.00
N VAL C 727 29.86 -46.70 -18.15
CA VAL C 727 29.15 -46.53 -19.42
C VAL C 727 27.77 -47.15 -19.33
N ALA C 728 27.63 -48.27 -18.64
CA ALA C 728 26.34 -48.91 -18.40
C ALA C 728 25.36 -48.03 -17.62
N ASP C 729 25.72 -46.81 -17.25
CA ASP C 729 24.80 -45.87 -16.62
C ASP C 729 24.38 -44.74 -17.53
N CYS C 730 25.09 -44.52 -18.64
CA CYS C 730 24.74 -43.51 -19.63
C CYS C 730 23.59 -43.98 -20.51
N THR C 731 22.48 -44.37 -19.89
CA THR C 731 21.35 -44.92 -20.59
C THR C 731 20.36 -43.83 -20.99
N LEU C 732 19.45 -44.19 -21.88
CA LEU C 732 18.20 -43.50 -22.07
C LEU C 732 17.10 -44.55 -22.07
N VAL C 733 15.85 -44.12 -22.12
CA VAL C 733 14.71 -45.01 -22.30
C VAL C 733 14.15 -44.76 -23.68
N ASP C 734 14.23 -45.77 -24.55
CA ASP C 734 13.72 -45.61 -25.91
C ASP C 734 12.19 -45.68 -25.90
N ALA C 735 11.58 -45.48 -27.06
CA ALA C 735 10.18 -45.88 -27.20
C ALA C 735 10.10 -47.38 -26.99
N HIS C 736 9.03 -47.82 -26.34
CA HIS C 736 8.76 -49.18 -25.85
C HIS C 736 9.35 -49.39 -24.47
N GLY C 737 10.16 -48.47 -23.97
CA GLY C 737 10.46 -48.45 -22.55
C GLY C 737 11.60 -49.33 -22.11
N ARG C 738 12.65 -49.43 -22.90
CA ARG C 738 13.81 -50.23 -22.57
C ARG C 738 14.98 -49.31 -22.26
N ARG C 739 15.55 -49.47 -21.06
CA ARG C 739 16.69 -48.66 -20.65
C ARG C 739 17.94 -49.23 -21.31
N VAL C 740 18.58 -48.44 -22.17
CA VAL C 740 19.64 -48.91 -23.04
C VAL C 740 20.69 -47.82 -23.17
N VAL C 741 21.93 -48.23 -23.42
CA VAL C 741 23.01 -47.30 -23.76
C VAL C 741 23.09 -47.20 -25.26
N GLU C 742 22.84 -46.01 -25.79
CA GLU C 742 22.79 -45.82 -27.23
C GLU C 742 24.11 -45.26 -27.74
N PRO C 743 24.81 -45.96 -28.62
CA PRO C 743 26.11 -45.48 -29.11
C PRO C 743 26.07 -44.08 -29.69
N GLY C 744 27.21 -43.43 -29.73
CA GLY C 744 27.33 -42.13 -30.33
C GLY C 744 28.18 -41.22 -29.48
N GLU C 745 28.01 -39.92 -29.67
CA GLU C 745 28.78 -38.95 -28.92
C GLU C 745 28.14 -38.69 -27.57
N PHE C 746 28.99 -38.32 -26.62
CA PHE C 746 28.54 -37.89 -25.31
C PHE C 746 29.42 -36.74 -24.85
N GLU C 747 28.91 -35.98 -23.89
CA GLU C 747 29.68 -34.94 -23.22
C GLU C 747 29.68 -35.21 -21.73
N LEU C 748 30.86 -35.07 -21.12
CA LEU C 748 31.01 -35.08 -19.68
C LEU C 748 31.12 -33.63 -19.22
N ARG C 749 30.29 -33.24 -18.27
CA ARG C 749 30.25 -31.88 -17.78
C ARG C 749 30.47 -31.89 -16.28
N VAL C 750 31.52 -31.20 -15.84
CA VAL C 750 31.97 -31.26 -14.46
C VAL C 750 32.14 -29.84 -13.94
N GLY C 751 31.67 -29.60 -12.72
CA GLY C 751 31.71 -28.29 -12.11
C GLY C 751 31.04 -28.27 -10.76
N PRO C 752 30.82 -27.07 -10.23
CA PRO C 752 30.26 -26.95 -8.88
C PRO C 752 28.74 -26.94 -8.83
N SER C 753 28.06 -26.71 -9.95
CA SER C 753 26.60 -26.73 -9.95
C SER C 753 26.11 -27.28 -11.28
N SER C 754 24.79 -27.34 -11.43
CA SER C 754 24.18 -27.75 -12.67
C SER C 754 24.02 -26.63 -13.64
N ARG C 755 24.55 -25.45 -13.35
CA ARG C 755 24.46 -24.32 -14.28
C ARG C 755 25.47 -24.47 -15.40
N GLU C 756 24.99 -24.29 -16.64
CA GLU C 756 25.86 -24.45 -17.79
C GLU C 756 27.01 -23.46 -17.77
N ASP C 757 26.77 -22.23 -17.32
CA ASP C 757 27.84 -21.26 -17.15
C ASP C 757 28.95 -21.74 -16.23
N ALA C 758 28.71 -22.78 -15.44
CA ALA C 758 29.64 -23.23 -14.42
C ALA C 758 30.20 -24.63 -14.68
N LEU C 759 30.06 -25.16 -15.89
CA LEU C 759 30.45 -26.53 -16.16
C LEU C 759 31.54 -26.59 -17.21
N LEU C 760 32.62 -27.27 -16.89
CA LEU C 760 33.62 -27.58 -17.89
C LEU C 760 33.13 -28.72 -18.76
N ARG C 761 33.63 -28.76 -20.00
CA ARG C 761 33.05 -29.58 -21.05
C ARG C 761 34.12 -30.47 -21.68
N ALA C 762 33.86 -31.77 -21.74
CA ALA C 762 34.74 -32.71 -22.43
C ALA C 762 33.95 -33.83 -23.09
N SER C 763 34.37 -34.21 -24.30
CA SER C 763 33.64 -35.15 -25.15
C SER C 763 34.15 -36.57 -25.02
N PHE C 764 33.28 -37.52 -25.33
CA PHE C 764 33.70 -38.90 -25.47
C PHE C 764 32.69 -39.67 -26.32
N THR C 765 33.09 -40.88 -26.73
CA THR C 765 32.39 -41.69 -27.70
C THR C 765 32.12 -43.08 -27.13
N VAL C 766 30.95 -43.62 -27.40
CA VAL C 766 30.61 -44.99 -27.06
C VAL C 766 30.31 -45.73 -28.37
N ALA C 767 31.06 -46.79 -28.62
CA ALA C 767 30.80 -47.66 -29.76
C ALA C 767 29.95 -48.84 -29.33
CA THR D 6 -8.72 -38.39 -74.68
C THR D 6 -8.03 -39.35 -73.70
N LEU D 7 -6.90 -38.92 -73.16
CA LEU D 7 -6.30 -39.49 -71.93
C LEU D 7 -7.37 -39.60 -70.84
N PRO D 8 -7.56 -40.80 -70.24
CA PRO D 8 -8.59 -41.01 -69.22
C PRO D 8 -8.53 -40.14 -67.95
N TYR D 9 -7.34 -39.73 -67.51
CA TYR D 9 -7.27 -38.86 -66.34
C TYR D 9 -7.90 -37.50 -66.61
N LEU D 10 -8.13 -37.15 -67.87
CA LEU D 10 -8.80 -35.91 -68.24
C LEU D 10 -10.26 -36.12 -68.63
N ASP D 11 -10.78 -37.33 -68.46
CA ASP D 11 -12.16 -37.61 -68.81
C ASP D 11 -13.02 -37.42 -67.57
N PRO D 12 -13.87 -36.41 -67.51
CA PRO D 12 -14.74 -36.24 -66.34
C PRO D 12 -15.73 -37.37 -66.15
N ALA D 13 -16.03 -38.14 -67.20
CA ALA D 13 -16.95 -39.26 -67.07
C ALA D 13 -16.35 -40.41 -66.26
N VAL D 14 -15.03 -40.58 -66.31
CA VAL D 14 -14.38 -41.69 -65.61
C VAL D 14 -14.44 -41.45 -64.12
N PRO D 15 -14.71 -42.45 -63.30
CA PRO D 15 -14.70 -42.26 -61.84
C PRO D 15 -13.37 -41.68 -61.38
N VAL D 16 -13.39 -41.08 -60.20
CA VAL D 16 -12.20 -40.41 -59.69
C VAL D 16 -11.09 -41.41 -59.43
N ALA D 17 -11.41 -42.57 -58.88
CA ALA D 17 -10.36 -43.51 -58.52
C ALA D 17 -9.65 -44.04 -59.76
N ASP D 18 -10.33 -44.07 -60.91
CA ASP D 18 -9.68 -44.53 -62.12
C ASP D 18 -8.88 -43.42 -62.78
N ARG D 19 -9.40 -42.20 -62.76
CA ARG D 19 -8.62 -41.06 -63.23
C ARG D 19 -7.31 -40.95 -62.47
N VAL D 20 -7.33 -41.23 -61.16
CA VAL D 20 -6.11 -41.15 -60.35
C VAL D 20 -5.12 -42.19 -60.79
N GLU D 21 -5.58 -43.43 -61.00
CA GLU D 21 -4.65 -44.48 -61.37
C GLU D 21 -4.06 -44.21 -62.75
N ASP D 22 -4.88 -43.72 -63.68
CA ASP D 22 -4.36 -43.38 -65.00
C ASP D 22 -3.26 -42.34 -64.90
N LEU D 23 -3.52 -41.26 -64.16
CA LEU D 23 -2.51 -40.22 -64.03
C LEU D 23 -1.27 -40.77 -63.32
N LEU D 24 -1.48 -41.46 -62.21
CA LEU D 24 -0.34 -41.98 -61.45
C LEU D 24 0.58 -42.84 -62.29
N ALA D 25 0.01 -43.62 -63.22
CA ALA D 25 0.86 -44.50 -64.00
C ALA D 25 1.72 -43.73 -65.00
N ARG D 26 1.37 -42.49 -65.33
CA ARG D 26 2.14 -41.68 -66.26
C ARG D 26 3.22 -40.85 -65.59
N MET D 27 3.19 -40.71 -64.27
CA MET D 27 4.13 -39.82 -63.59
C MET D 27 5.45 -40.52 -63.33
N THR D 28 6.54 -39.78 -63.50
CA THR D 28 7.83 -40.27 -63.08
C THR D 28 7.94 -40.21 -61.55
N LEU D 29 8.99 -40.84 -61.04
CA LEU D 29 9.24 -40.82 -59.60
C LEU D 29 9.51 -39.42 -59.08
N PRO D 30 10.36 -38.60 -59.72
CA PRO D 30 10.45 -37.20 -59.29
C PRO D 30 9.13 -36.46 -59.35
N GLU D 31 8.29 -36.72 -60.34
CA GLU D 31 7.01 -36.05 -60.36
C GLU D 31 6.11 -36.50 -59.22
N LYS D 32 6.20 -37.78 -58.83
CA LYS D 32 5.43 -38.28 -57.72
C LYS D 32 5.88 -37.66 -56.40
N VAL D 33 7.19 -37.70 -56.14
CA VAL D 33 7.74 -37.07 -54.96
C VAL D 33 7.42 -35.58 -54.94
N GLY D 34 7.57 -34.92 -56.08
CA GLY D 34 7.28 -33.49 -56.12
C GLY D 34 5.84 -33.18 -55.74
N GLN D 35 4.92 -34.05 -56.10
CA GLN D 35 3.52 -33.84 -55.77
C GLN D 35 3.27 -33.82 -54.27
N MET D 36 4.20 -34.36 -53.47
CA MET D 36 4.09 -34.37 -52.03
C MET D 36 4.69 -33.12 -51.38
N LEU D 37 5.25 -32.20 -52.16
CA LEU D 37 5.86 -30.99 -51.66
C LEU D 37 4.85 -29.86 -51.60
N GLN D 38 4.86 -29.13 -50.50
CA GLN D 38 4.15 -27.86 -50.36
C GLN D 38 5.21 -26.79 -50.10
N LEU D 39 5.56 -26.04 -51.12
CA LEU D 39 6.69 -25.13 -51.07
C LEU D 39 6.23 -23.71 -50.85
N ASP D 40 7.10 -22.92 -50.21
CA ASP D 40 6.87 -21.50 -49.98
C ASP D 40 7.03 -20.75 -51.29
N ALA D 41 5.95 -20.14 -51.77
CA ALA D 41 5.98 -19.50 -53.09
C ALA D 41 6.90 -18.31 -53.14
N ARG D 42 7.19 -17.66 -52.00
CA ARG D 42 8.02 -16.46 -52.03
C ARG D 42 9.45 -16.75 -52.47
N ASP D 43 9.91 -17.98 -52.29
CA ASP D 43 11.28 -18.33 -52.63
C ASP D 43 11.51 -18.56 -54.11
N GLY D 44 10.51 -18.34 -54.97
CA GLY D 44 10.68 -18.51 -56.40
C GLY D 44 9.76 -19.55 -57.01
N VAL D 45 8.75 -19.08 -57.73
CA VAL D 45 7.66 -19.97 -58.12
C VAL D 45 8.06 -20.84 -59.32
N GLY D 46 8.93 -20.35 -60.19
CA GLY D 46 9.43 -21.11 -61.32
C GLY D 46 10.12 -22.40 -60.95
N PRO D 47 11.19 -22.32 -60.17
CA PRO D 47 11.87 -23.54 -59.72
C PRO D 47 10.99 -24.49 -58.94
N ALA D 48 10.05 -23.98 -58.15
CA ALA D 48 9.22 -24.86 -57.34
C ALA D 48 8.31 -25.70 -58.21
N VAL D 49 7.73 -25.10 -59.24
CA VAL D 49 6.78 -25.78 -60.09
C VAL D 49 7.49 -26.59 -61.16
N LEU D 50 8.53 -26.04 -61.76
CA LEU D 50 9.20 -26.74 -62.85
C LEU D 50 10.27 -27.69 -62.35
N GLU D 51 11.19 -27.21 -61.52
CA GLU D 51 12.31 -28.04 -61.10
C GLU D 51 11.94 -29.02 -60.00
N LYS D 52 10.91 -28.72 -59.21
CA LYS D 52 10.55 -29.58 -58.09
C LYS D 52 9.20 -30.26 -58.26
N HIS D 53 8.42 -29.87 -59.27
CA HIS D 53 7.16 -30.54 -59.59
C HIS D 53 6.21 -30.49 -58.41
N ALA D 54 6.26 -29.38 -57.68
CA ALA D 54 5.50 -29.24 -56.44
C ALA D 54 4.03 -29.49 -56.66
N GLY D 55 3.39 -30.12 -55.68
CA GLY D 55 1.95 -30.30 -55.71
C GLY D 55 1.19 -29.17 -55.03
N SER D 56 1.85 -28.36 -54.22
CA SER D 56 1.18 -27.28 -53.51
C SER D 56 2.12 -26.11 -53.23
N LEU D 57 1.55 -24.90 -53.21
CA LEU D 57 2.25 -23.69 -52.80
C LEU D 57 1.47 -22.98 -51.71
N LEU D 58 2.19 -22.36 -50.79
CA LEU D 58 1.59 -21.44 -49.84
C LEU D 58 2.30 -20.09 -49.91
N HIS D 59 1.71 -19.11 -49.23
CA HIS D 59 2.20 -17.73 -49.20
C HIS D 59 2.40 -17.19 -50.61
N THR D 60 1.37 -17.30 -51.42
CA THR D 60 1.45 -16.99 -52.83
C THR D 60 0.84 -15.62 -53.08
N SER D 61 1.68 -14.67 -53.49
CA SER D 61 1.28 -13.32 -53.82
C SER D 61 0.32 -13.31 -55.00
N PRO D 62 -0.37 -12.20 -55.25
CA PRO D 62 -1.24 -12.16 -56.43
C PRO D 62 -0.49 -12.27 -57.75
N GLU D 63 0.72 -11.70 -57.83
CA GLU D 63 1.55 -11.90 -59.01
C GLU D 63 1.87 -13.38 -59.18
N ASN D 64 2.26 -14.03 -58.10
CA ASN D 64 2.71 -15.40 -58.18
C ASN D 64 1.59 -16.39 -58.34
N VAL D 65 0.34 -16.01 -58.13
CA VAL D 65 -0.77 -16.91 -58.40
C VAL D 65 -0.96 -17.10 -59.89
N LEU D 66 -1.00 -15.99 -60.65
CA LEU D 66 -1.09 -16.11 -62.09
C LEU D 66 0.14 -16.81 -62.65
N ALA D 67 1.31 -16.42 -62.20
CA ALA D 67 2.51 -17.03 -62.68
C ALA D 67 2.56 -18.52 -62.44
N ALA D 68 2.05 -18.97 -61.31
CA ALA D 68 2.01 -20.38 -61.00
C ALA D 68 1.13 -21.13 -61.96
N HIS D 69 0.01 -20.56 -62.32
CA HIS D 69 -0.90 -21.18 -63.25
C HIS D 69 -0.32 -21.34 -64.62
N GLU D 70 0.42 -20.33 -65.04
CA GLU D 70 1.10 -20.34 -66.27
C GLU D 70 2.18 -21.41 -66.23
N LEU D 71 2.86 -21.54 -65.10
CA LEU D 71 3.95 -22.49 -65.02
C LEU D 71 3.46 -23.92 -65.12
N THR D 72 2.43 -24.28 -64.36
CA THR D 72 1.56 -25.36 -64.78
C THR D 72 1.07 -25.02 -66.18
N GLY D 73 1.05 -25.96 -67.08
CA GLY D 73 0.65 -25.50 -68.38
C GLY D 73 1.82 -25.54 -69.32
N ARG D 74 3.00 -25.23 -68.80
CA ARG D 74 4.25 -25.58 -69.46
C ARG D 74 4.84 -26.87 -68.93
N THR D 75 4.23 -27.47 -67.91
CA THR D 75 4.70 -28.75 -67.41
C THR D 75 4.12 -29.88 -68.24
N ARG D 76 4.71 -31.06 -68.04
CA ARG D 76 4.40 -32.19 -68.89
C ARG D 76 2.96 -32.65 -68.71
N LEU D 77 2.53 -32.85 -67.47
CA LEU D 77 1.22 -33.40 -67.17
C LEU D 77 0.20 -32.36 -66.75
N ARG D 78 0.62 -31.11 -66.59
CA ARG D 78 -0.24 -30.00 -66.22
C ARG D 78 -1.12 -30.33 -65.02
N ILE D 79 -0.50 -30.88 -63.99
CA ILE D 79 -1.24 -31.18 -62.76
C ILE D 79 -1.46 -29.88 -62.00
N PRO D 80 -2.70 -29.46 -61.81
CA PRO D 80 -2.94 -28.15 -61.20
C PRO D 80 -2.54 -28.14 -59.73
N LEU D 81 -2.10 -26.97 -59.29
CA LEU D 81 -1.59 -26.80 -57.93
C LEU D 81 -2.72 -26.59 -56.94
N LEU D 82 -2.53 -27.08 -55.73
CA LEU D 82 -3.29 -26.60 -54.60
C LEU D 82 -2.56 -25.39 -54.02
N LEU D 83 -3.25 -24.26 -53.93
CA LEU D 83 -2.70 -23.07 -53.30
C LEU D 83 -3.33 -22.90 -51.93
N ALA D 84 -2.50 -22.81 -50.90
CA ALA D 84 -2.97 -22.85 -49.53
C ALA D 84 -2.49 -21.63 -48.76
N GLU D 85 -3.21 -21.29 -47.70
CA GLU D 85 -2.89 -20.09 -46.96
C GLU D 85 -3.44 -20.18 -45.56
N ASP D 86 -2.85 -19.39 -44.67
CA ASP D 86 -3.32 -19.27 -43.29
C ASP D 86 -4.48 -18.29 -43.26
N CYS D 87 -5.69 -18.80 -43.14
CA CYS D 87 -6.91 -17.99 -43.10
C CYS D 87 -7.63 -18.36 -41.81
N ILE D 88 -7.19 -17.75 -40.71
CA ILE D 88 -7.43 -18.28 -39.37
C ILE D 88 -8.73 -17.78 -38.75
N HIS D 89 -9.09 -16.50 -38.93
CA HIS D 89 -10.40 -16.02 -38.46
C HIS D 89 -10.80 -14.88 -39.39
N GLY D 90 -11.05 -15.26 -40.64
CA GLY D 90 -11.06 -14.35 -41.77
C GLY D 90 -9.79 -14.49 -42.59
N HIS D 91 -9.79 -13.83 -43.74
CA HIS D 91 -8.67 -13.95 -44.66
C HIS D 91 -7.51 -13.14 -44.08
N SER D 92 -6.84 -13.75 -43.11
CA SER D 92 -5.91 -13.10 -42.19
C SER D 92 -5.02 -12.04 -42.80
N PHE D 93 -4.33 -12.38 -43.88
CA PHE D 93 -3.28 -11.53 -44.42
C PHE D 93 -3.61 -10.96 -45.78
N TRP D 94 -4.87 -10.96 -46.16
CA TRP D 94 -5.34 -10.26 -47.35
C TRP D 94 -5.79 -8.87 -46.93
N VAL D 95 -5.02 -7.85 -47.30
CA VAL D 95 -5.31 -6.48 -46.86
C VAL D 95 -6.73 -6.09 -47.24
N GLY D 96 -7.48 -5.61 -46.26
CA GLY D 96 -8.85 -5.22 -46.47
C GLY D 96 -9.89 -6.31 -46.30
N ALA D 97 -9.50 -7.52 -45.93
CA ALA D 97 -10.46 -8.59 -45.73
C ALA D 97 -11.15 -8.44 -44.38
N THR D 98 -12.29 -9.12 -44.23
CA THR D 98 -13.03 -9.14 -42.98
C THR D 98 -12.31 -9.97 -41.92
N ILE D 99 -11.89 -9.35 -40.82
CA ILE D 99 -11.22 -10.06 -39.73
C ILE D 99 -12.21 -10.25 -38.58
N PHE D 100 -12.58 -11.49 -38.32
CA PHE D 100 -13.53 -11.85 -37.28
C PHE D 100 -12.85 -11.98 -35.92
N PRO D 101 -13.61 -12.20 -34.83
CA PRO D 101 -12.98 -12.59 -33.56
C PRO D 101 -12.08 -13.80 -33.74
N THR D 102 -11.12 -13.97 -32.86
CA THR D 102 -10.37 -15.20 -32.80
C THR D 102 -11.31 -16.38 -32.53
N GLN D 103 -10.78 -17.59 -32.64
CA GLN D 103 -11.61 -18.76 -32.34
C GLN D 103 -12.03 -18.79 -30.87
N LEU D 104 -11.18 -18.33 -29.95
CA LEU D 104 -11.59 -18.26 -28.56
C LEU D 104 -12.74 -17.29 -28.37
N GLY D 105 -12.76 -16.21 -29.14
CA GLY D 105 -13.88 -15.28 -29.06
C GLY D 105 -15.16 -15.86 -29.57
N MET D 106 -15.11 -16.46 -30.76
CA MET D 106 -16.29 -17.06 -31.37
C MET D 106 -16.90 -18.14 -30.48
N ALA D 107 -16.06 -18.94 -29.84
CA ALA D 107 -16.52 -20.00 -28.94
C ALA D 107 -17.47 -19.49 -27.86
N ALA D 108 -17.30 -18.25 -27.38
CA ALA D 108 -18.19 -17.74 -26.34
C ALA D 108 -19.61 -17.50 -26.82
N THR D 109 -19.86 -17.49 -28.12
CA THR D 109 -21.23 -17.46 -28.61
C THR D 109 -21.97 -18.77 -28.38
N TRP D 110 -21.26 -19.88 -28.19
CA TRP D 110 -21.88 -21.20 -28.09
C TRP D 110 -22.87 -21.47 -29.23
N ASP D 111 -22.56 -21.01 -30.44
CA ASP D 111 -23.53 -20.98 -31.53
C ASP D 111 -22.93 -21.53 -32.83
N PRO D 112 -23.11 -22.83 -33.11
CA PRO D 112 -22.50 -23.40 -34.33
C PRO D 112 -23.05 -22.85 -35.63
N ALA D 113 -24.33 -22.52 -35.69
CA ALA D 113 -24.89 -21.92 -36.90
C ALA D 113 -24.20 -20.59 -37.23
N LEU D 114 -23.86 -19.81 -36.22
CA LEU D 114 -23.21 -18.53 -36.49
C LEU D 114 -21.76 -18.72 -36.87
N VAL D 115 -21.07 -19.67 -36.22
CA VAL D 115 -19.69 -19.95 -36.56
C VAL D 115 -19.59 -20.51 -37.97
N GLU D 116 -20.59 -21.27 -38.42
CA GLU D 116 -20.60 -21.69 -39.82
C GLU D 116 -20.72 -20.51 -40.76
N GLN D 117 -21.53 -19.51 -40.42
CA GLN D 117 -21.64 -18.34 -41.27
C GLN D 117 -20.31 -17.59 -41.36
N VAL D 118 -19.56 -17.54 -40.26
CA VAL D 118 -18.25 -16.91 -40.27
C VAL D 118 -17.31 -17.65 -41.22
N ALA D 119 -17.26 -18.97 -41.10
CA ALA D 119 -16.37 -19.75 -41.95
C ALA D 119 -16.76 -19.65 -43.41
N HIS D 120 -18.05 -19.58 -43.69
CA HIS D 120 -18.50 -19.45 -45.08
C HIS D 120 -18.18 -18.09 -45.66
N ALA D 121 -18.35 -17.03 -44.88
CA ALA D 121 -17.99 -15.71 -45.37
C ALA D 121 -16.49 -15.62 -45.64
N THR D 122 -15.69 -16.29 -44.82
CA THR D 122 -14.25 -16.34 -45.05
C THR D 122 -13.94 -17.05 -46.35
N ALA D 123 -14.63 -18.15 -46.63
CA ALA D 123 -14.34 -18.94 -47.80
C ALA D 123 -14.63 -18.15 -49.06
N VAL D 124 -15.78 -17.49 -49.10
CA VAL D 124 -16.12 -16.60 -50.19
C VAL D 124 -15.00 -15.59 -50.44
N GLU D 125 -14.45 -15.02 -49.38
CA GLU D 125 -13.38 -14.04 -49.58
C GLU D 125 -12.08 -14.73 -49.99
N VAL D 126 -11.82 -15.92 -49.44
CA VAL D 126 -10.57 -16.60 -49.74
C VAL D 126 -10.59 -17.13 -51.17
N ALA D 127 -11.72 -17.68 -51.60
CA ALA D 127 -11.82 -18.25 -52.94
C ALA D 127 -11.67 -17.19 -54.03
N ALA D 128 -12.23 -16.00 -53.82
CA ALA D 128 -12.11 -14.93 -54.79
C ALA D 128 -10.67 -14.53 -55.03
N THR D 129 -9.75 -14.89 -54.15
CA THR D 129 -8.34 -14.57 -54.31
C THR D 129 -7.53 -15.73 -54.86
N GLY D 130 -8.18 -16.81 -55.28
CA GLY D 130 -7.49 -17.91 -55.90
C GLY D 130 -6.87 -18.92 -54.96
N VAL D 131 -7.23 -18.89 -53.68
CA VAL D 131 -6.74 -19.88 -52.72
C VAL D 131 -7.80 -20.97 -52.58
N HIS D 132 -7.34 -22.22 -52.52
CA HIS D 132 -8.24 -23.36 -52.47
C HIS D 132 -8.34 -23.97 -51.09
N TRP D 133 -7.49 -23.56 -50.16
CA TRP D 133 -7.23 -24.38 -48.98
C TRP D 133 -6.75 -23.49 -47.85
N THR D 134 -7.43 -23.54 -46.71
CA THR D 134 -7.02 -22.78 -45.54
C THR D 134 -6.59 -23.71 -44.41
N PHE D 135 -5.59 -23.28 -43.67
CA PHE D 135 -5.06 -24.06 -42.55
C PHE D 135 -5.87 -23.74 -41.30
N SER D 136 -7.11 -24.22 -41.31
CA SER D 136 -8.09 -23.84 -40.30
C SER D 136 -9.22 -24.85 -40.43
N PRO D 137 -9.89 -25.21 -39.32
CA PRO D 137 -9.83 -24.67 -37.97
C PRO D 137 -8.83 -25.36 -37.08
N VAL D 138 -8.67 -24.82 -35.88
CA VAL D 138 -7.81 -25.40 -34.86
C VAL D 138 -8.67 -26.22 -33.91
N LEU D 139 -8.20 -27.42 -33.56
CA LEU D 139 -8.93 -28.31 -32.68
C LEU D 139 -8.19 -28.59 -31.38
N CYS D 140 -7.02 -27.98 -31.19
CA CYS D 140 -6.32 -28.03 -29.91
C CYS D 140 -7.26 -27.62 -28.78
N ILE D 141 -6.99 -28.14 -27.60
CA ILE D 141 -7.85 -27.94 -26.44
C ILE D 141 -7.05 -27.20 -25.38
N ALA D 142 -7.61 -26.08 -24.91
CA ALA D 142 -6.92 -25.14 -24.03
C ALA D 142 -6.86 -25.69 -22.62
N ARG D 143 -5.81 -26.45 -22.32
CA ARG D 143 -5.72 -27.08 -21.01
C ARG D 143 -4.67 -26.45 -20.11
N ASP D 144 -3.72 -25.70 -20.66
CA ASP D 144 -2.73 -24.96 -19.89
C ASP D 144 -2.80 -23.50 -20.34
N LEU D 145 -3.21 -22.62 -19.43
CA LEU D 145 -3.38 -21.21 -19.77
C LEU D 145 -2.07 -20.52 -20.10
N ARG D 146 -0.95 -21.08 -19.66
CA ARG D 146 0.35 -20.52 -20.00
C ARG D 146 0.63 -20.57 -21.50
N TRP D 147 -0.04 -21.43 -22.24
CA TRP D 147 0.29 -21.65 -23.64
C TRP D 147 0.06 -20.39 -24.46
N GLY D 148 0.98 -20.11 -25.38
CA GLY D 148 0.87 -18.88 -26.14
C GLY D 148 -0.25 -18.88 -27.16
N ARG D 149 -0.75 -20.05 -27.54
CA ARG D 149 -1.67 -20.14 -28.66
C ARG D 149 -3.10 -20.42 -28.24
N VAL D 150 -3.43 -20.20 -26.96
CA VAL D 150 -4.79 -20.43 -26.48
C VAL D 150 -5.82 -19.67 -27.30
N ASP D 151 -5.44 -18.55 -27.89
CA ASP D 151 -6.39 -17.73 -28.64
C ASP D 151 -6.85 -18.41 -29.91
N GLU D 152 -6.07 -19.37 -30.42
CA GLU D 152 -6.43 -20.11 -31.60
C GLU D 152 -7.45 -21.20 -31.34
N THR D 153 -7.68 -21.57 -30.08
CA THR D 153 -8.55 -22.70 -29.76
C THR D 153 -9.98 -22.26 -29.51
N PHE D 154 -10.85 -23.24 -29.37
CA PHE D 154 -12.25 -23.03 -29.03
C PHE D 154 -12.53 -23.22 -27.55
N GLY D 155 -11.51 -23.37 -26.71
CA GLY D 155 -11.71 -23.46 -25.28
C GLY D 155 -11.13 -24.75 -24.71
N GLU D 156 -11.72 -25.20 -23.59
CA GLU D 156 -11.22 -26.33 -22.83
C GLU D 156 -12.09 -27.58 -22.90
N ASP D 157 -13.16 -27.59 -23.68
CA ASP D 157 -14.15 -28.66 -23.66
C ASP D 157 -14.13 -29.47 -24.95
N PRO D 158 -13.94 -30.79 -24.88
CA PRO D 158 -13.95 -31.59 -26.11
C PRO D 158 -15.24 -31.52 -26.88
N PHE D 159 -16.38 -31.49 -26.21
CA PHE D 159 -17.64 -31.43 -26.93
C PHE D 159 -17.79 -30.08 -27.65
N LEU D 160 -17.61 -28.97 -26.94
CA LEU D 160 -17.82 -27.66 -27.55
C LEU D 160 -16.83 -27.42 -28.69
N ILE D 161 -15.59 -27.87 -28.54
CA ILE D 161 -14.61 -27.79 -29.62
C ILE D 161 -15.13 -28.52 -30.85
N GLY D 162 -15.55 -29.77 -30.68
CA GLY D 162 -16.09 -30.52 -31.81
C GLY D 162 -17.26 -29.84 -32.46
N GLU D 163 -18.21 -29.34 -31.65
CA GLU D 163 -19.36 -28.65 -32.19
C GLU D 163 -18.95 -27.48 -33.07
N LEU D 164 -17.94 -26.72 -32.63
CA LEU D 164 -17.60 -25.51 -33.34
C LEU D 164 -16.61 -25.78 -34.47
N ALA D 165 -15.68 -26.72 -34.29
CA ALA D 165 -14.84 -27.15 -35.39
C ALA D 165 -15.69 -27.73 -36.53
N SER D 166 -16.68 -28.55 -36.18
CA SER D 166 -17.56 -29.11 -37.18
C SER D 166 -18.26 -28.02 -37.96
N ALA D 167 -18.70 -26.98 -37.28
CA ALA D 167 -19.33 -25.86 -37.97
C ALA D 167 -18.35 -25.17 -38.92
N MET D 168 -17.08 -25.03 -38.52
CA MET D 168 -16.12 -24.39 -39.41
C MET D 168 -15.86 -25.24 -40.65
N VAL D 169 -15.78 -26.57 -40.52
CA VAL D 169 -15.53 -27.40 -41.68
C VAL D 169 -16.70 -27.31 -42.66
N ARG D 170 -17.92 -27.44 -42.15
CA ARG D 170 -19.11 -27.24 -43.00
C ARG D 170 -19.05 -25.91 -43.73
N GLY D 171 -18.83 -24.81 -43.00
CA GLY D 171 -18.88 -23.49 -43.61
C GLY D 171 -17.79 -23.27 -44.65
N TYR D 172 -16.57 -23.71 -44.37
CA TYR D 172 -15.48 -23.58 -45.33
C TYR D 172 -15.76 -24.37 -46.61
N GLN D 173 -16.05 -25.65 -46.45
CA GLN D 173 -16.12 -26.56 -47.57
C GLN D 173 -17.42 -26.46 -48.34
N GLY D 174 -18.42 -25.76 -47.81
CA GLY D 174 -19.64 -25.51 -48.56
C GLY D 174 -20.33 -26.80 -48.91
N ASP D 175 -20.81 -26.85 -50.16
CA ASP D 175 -21.50 -28.03 -50.72
C ASP D 175 -20.45 -29.14 -50.92
N GLY D 176 -19.18 -28.77 -51.05
CA GLY D 176 -18.13 -29.80 -51.06
C GLY D 176 -17.41 -30.06 -52.36
N LEU D 177 -18.12 -30.45 -53.41
CA LEU D 177 -17.42 -30.85 -54.66
C LEU D 177 -16.95 -29.67 -55.52
N SER D 178 -17.77 -29.25 -56.47
CA SER D 178 -17.33 -28.25 -57.37
C SER D 178 -17.86 -26.92 -56.92
N ASP D 179 -18.38 -26.89 -55.70
CA ASP D 179 -18.90 -25.66 -55.12
C ASP D 179 -17.87 -24.56 -55.31
N PRO D 180 -18.16 -23.53 -56.10
CA PRO D 180 -17.17 -22.47 -56.36
C PRO D 180 -16.83 -21.61 -55.14
N THR D 181 -17.63 -21.64 -54.08
CA THR D 181 -17.31 -20.88 -52.88
C THR D 181 -16.81 -21.77 -51.75
N GLY D 182 -16.54 -23.04 -52.03
CA GLY D 182 -15.98 -23.93 -51.04
C GLY D 182 -14.46 -23.99 -51.14
N ILE D 183 -13.81 -24.20 -50.01
CA ILE D 183 -12.37 -24.42 -49.96
C ILE D 183 -12.11 -25.65 -49.10
N LEU D 184 -10.89 -26.18 -49.18
CA LEU D 184 -10.47 -27.25 -48.30
C LEU D 184 -10.19 -26.70 -46.91
N ALA D 185 -10.70 -27.39 -45.89
CA ALA D 185 -10.38 -27.10 -44.51
C ALA D 185 -9.30 -28.03 -44.00
N THR D 186 -8.79 -27.74 -42.80
CA THR D 186 -7.72 -28.51 -42.20
C THR D 186 -8.03 -28.72 -40.73
N ALA D 187 -8.06 -29.98 -40.30
CA ALA D 187 -8.08 -30.30 -38.89
C ALA D 187 -6.65 -30.10 -38.38
N LYS D 188 -6.44 -29.05 -37.60
CA LYS D 188 -5.13 -28.48 -37.39
C LYS D 188 -4.57 -28.86 -36.03
N HIS D 189 -3.29 -29.20 -36.05
CA HIS D 189 -2.45 -29.65 -34.95
C HIS D 189 -2.84 -30.95 -34.29
N PHE D 190 -2.77 -32.00 -35.08
CA PHE D 190 -3.05 -33.36 -34.64
C PHE D 190 -1.77 -34.03 -34.15
N ALA D 191 -1.63 -34.38 -32.89
CA ALA D 191 -2.55 -34.14 -31.81
C ALA D 191 -1.76 -33.94 -30.52
N GLY D 192 -2.40 -33.29 -29.56
CA GLY D 192 -1.84 -33.00 -28.26
C GLY D 192 -0.83 -31.89 -28.14
N TYR D 193 -0.80 -31.00 -29.09
CA TYR D 193 0.17 -29.95 -29.15
C TYR D 193 -0.12 -28.87 -28.12
N SER D 194 -1.32 -28.84 -27.59
CA SER D 194 -1.72 -27.77 -26.69
C SER D 194 -1.46 -28.03 -25.20
N GLU D 195 -1.01 -29.21 -24.79
CA GLU D 195 -0.70 -29.47 -23.38
C GLU D 195 0.69 -30.08 -23.33
N THR D 196 1.70 -29.22 -23.22
CA THR D 196 3.10 -29.62 -23.18
C THR D 196 3.75 -29.07 -21.92
N GLN D 197 4.95 -29.57 -21.63
CA GLN D 197 5.62 -29.22 -20.38
C GLN D 197 5.75 -27.71 -20.23
N GLY D 198 5.35 -27.21 -19.06
CA GLY D 198 5.48 -25.81 -18.74
C GLY D 198 4.56 -24.88 -19.49
N GLY D 199 3.60 -25.43 -20.24
CA GLY D 199 2.83 -24.65 -21.18
C GLY D 199 3.67 -24.03 -22.27
N ARG D 200 4.90 -24.51 -22.47
CA ARG D 200 5.82 -23.97 -23.45
C ARG D 200 5.47 -24.45 -24.85
N ASP D 201 6.06 -23.81 -25.85
CA ASP D 201 5.72 -24.07 -27.23
C ASP D 201 6.59 -25.21 -27.78
N ALA D 202 5.93 -26.28 -28.21
CA ALA D 202 6.59 -27.43 -28.83
C ALA D 202 7.54 -28.13 -27.88
N SER D 203 7.30 -27.99 -26.58
CA SER D 203 8.04 -28.76 -25.61
C SER D 203 7.42 -30.15 -25.50
N GLU D 204 8.01 -31.00 -24.67
CA GLU D 204 7.58 -32.39 -24.59
C GLU D 204 6.14 -32.50 -24.10
N ALA D 205 5.36 -33.33 -24.78
CA ALA D 205 4.02 -33.67 -24.37
C ALA D 205 4.05 -34.99 -23.62
N ASP D 206 3.72 -34.96 -22.33
CA ASP D 206 3.68 -36.15 -21.51
C ASP D 206 2.28 -36.77 -21.54
N ILE D 207 1.87 -37.14 -22.75
CA ILE D 207 0.50 -37.58 -23.01
C ILE D 207 0.53 -39.05 -23.38
N SER D 208 -0.17 -39.88 -22.62
CA SER D 208 -0.26 -41.29 -22.94
C SER D 208 -1.32 -41.52 -24.01
N GLN D 209 -1.29 -42.70 -24.62
CA GLN D 209 -2.30 -43.03 -25.60
C GLN D 209 -3.70 -42.92 -25.02
N ARG D 210 -3.85 -43.31 -23.75
CA ARG D 210 -5.16 -43.18 -23.12
C ARG D 210 -5.54 -41.73 -22.90
N LYS D 211 -4.60 -40.88 -22.48
CA LYS D 211 -4.96 -39.49 -22.25
C LYS D 211 -5.34 -38.81 -23.56
N LEU D 212 -4.61 -39.12 -24.63
CA LEU D 212 -4.90 -38.52 -25.91
C LEU D 212 -6.29 -38.89 -26.40
N ARG D 213 -6.67 -40.16 -26.26
CA ARG D 213 -8.01 -40.57 -26.63
C ARG D 213 -9.06 -39.92 -25.73
N SER D 214 -8.68 -39.57 -24.52
CA SER D 214 -9.70 -39.11 -23.59
C SER D 214 -10.10 -37.67 -23.84
N TRP D 215 -9.12 -36.78 -24.03
CA TRP D 215 -9.41 -35.36 -24.03
C TRP D 215 -9.03 -34.65 -25.32
N PHE D 216 -8.23 -35.26 -26.19
CA PHE D 216 -7.69 -34.61 -27.37
C PHE D 216 -8.29 -35.10 -28.68
N LEU D 217 -8.41 -36.40 -28.85
CA LEU D 217 -8.89 -36.98 -30.10
C LEU D 217 -10.36 -36.73 -30.43
N PRO D 218 -11.29 -36.65 -29.48
CA PRO D 218 -12.72 -36.67 -29.84
C PRO D 218 -13.12 -35.68 -30.92
N PRO D 219 -12.68 -34.41 -30.89
CA PRO D 219 -13.08 -33.51 -32.00
C PRO D 219 -12.40 -33.83 -33.32
N PHE D 220 -11.17 -34.36 -33.31
CA PHE D 220 -10.54 -34.79 -34.55
C PHE D 220 -11.31 -35.94 -35.20
N GLU D 221 -11.81 -36.88 -34.40
CA GLU D 221 -12.56 -37.99 -34.96
C GLU D 221 -13.87 -37.51 -35.54
N ARG D 222 -14.47 -36.48 -34.94
CA ARG D 222 -15.74 -35.99 -35.44
C ARG D 222 -15.60 -35.41 -36.85
N VAL D 223 -14.62 -34.54 -37.05
CA VAL D 223 -14.49 -33.92 -38.36
C VAL D 223 -13.86 -34.89 -39.38
N ALA D 224 -13.10 -35.89 -38.93
CA ALA D 224 -12.71 -36.96 -39.84
C ALA D 224 -13.94 -37.70 -40.34
N ARG D 225 -14.84 -38.06 -39.43
CA ARG D 225 -16.07 -38.76 -39.79
C ARG D 225 -16.95 -37.90 -40.68
N GLU D 226 -16.89 -36.58 -40.54
CA GLU D 226 -17.71 -35.66 -41.32
C GLU D 226 -17.06 -35.23 -42.63
N GLY D 227 -15.83 -35.65 -42.90
CA GLY D 227 -15.28 -35.36 -44.20
C GLY D 227 -14.43 -34.12 -44.30
N CYS D 228 -13.69 -33.80 -43.24
CA CYS D 228 -12.76 -32.69 -43.30
C CYS D 228 -11.62 -33.02 -44.26
N ALA D 229 -11.36 -32.14 -45.22
CA ALA D 229 -10.57 -32.51 -46.38
C ALA D 229 -9.15 -32.92 -46.02
N THR D 230 -8.52 -32.23 -45.09
CA THR D 230 -7.13 -32.49 -44.76
C THR D 230 -6.93 -32.49 -43.25
N PHE D 231 -5.77 -32.99 -42.84
CA PHE D 231 -5.31 -32.99 -41.47
C PHE D 231 -3.90 -32.42 -41.46
N MET D 232 -3.56 -31.69 -40.40
CA MET D 232 -2.19 -31.21 -40.26
C MET D 232 -1.64 -31.54 -38.88
N LEU D 233 -0.35 -31.85 -38.85
CA LEU D 233 0.38 -32.12 -37.63
C LEU D 233 0.67 -30.85 -36.83
N GLY D 234 1.11 -31.05 -35.60
CA GLY D 234 1.74 -30.03 -34.80
C GLY D 234 3.23 -30.22 -34.73
N TYR D 235 3.85 -29.54 -33.78
CA TYR D 235 5.30 -29.50 -33.74
C TYR D 235 5.93 -30.47 -32.74
N GLN D 236 5.18 -30.93 -31.76
CA GLN D 236 5.78 -31.40 -30.52
C GLN D 236 6.10 -32.88 -30.57
N SER D 237 7.20 -33.25 -29.92
CA SER D 237 7.45 -34.65 -29.63
C SER D 237 6.55 -35.06 -28.49
N MET D 238 6.06 -36.29 -28.54
CA MET D 238 5.10 -36.78 -27.57
C MET D 238 5.57 -38.13 -27.08
N ASP D 239 5.82 -38.25 -25.78
CA ASP D 239 6.23 -39.50 -25.18
C ASP D 239 7.53 -40.01 -25.79
N GLY D 240 8.39 -39.08 -26.21
CA GLY D 240 9.68 -39.41 -26.76
C GLY D 240 9.79 -39.25 -28.26
N VAL D 241 8.67 -39.27 -28.97
CA VAL D 241 8.63 -39.48 -30.41
C VAL D 241 8.08 -38.21 -31.06
N PRO D 242 8.78 -37.61 -32.01
CA PRO D 242 8.17 -36.51 -32.80
C PRO D 242 6.87 -36.97 -33.44
N VAL D 243 5.82 -36.12 -33.34
CA VAL D 243 4.52 -36.52 -33.89
C VAL D 243 4.63 -36.86 -35.36
N THR D 244 5.62 -36.29 -36.05
CA THR D 244 5.77 -36.55 -37.47
C THR D 244 6.03 -38.02 -37.77
N VAL D 245 6.65 -38.75 -36.85
CA VAL D 245 6.94 -40.15 -37.07
C VAL D 245 6.14 -41.04 -36.12
N ASN D 246 5.02 -40.58 -35.62
CA ASN D 246 4.22 -41.36 -34.67
C ASN D 246 3.20 -42.17 -35.45
N GLY D 247 3.67 -43.33 -35.95
CA GLY D 247 2.84 -44.16 -36.80
C GLY D 247 1.60 -44.70 -36.13
N TRP D 248 1.63 -44.86 -34.81
CA TRP D 248 0.42 -45.30 -34.12
C TRP D 248 -0.72 -44.30 -34.34
N LEU D 249 -0.39 -43.02 -34.36
CA LEU D 249 -1.43 -41.99 -34.51
C LEU D 249 -1.72 -41.70 -35.97
N LEU D 250 -0.69 -41.45 -36.77
CA LEU D 250 -0.91 -41.05 -38.15
C LEU D 250 -1.41 -42.21 -39.01
N ASP D 251 -1.14 -43.45 -38.61
CA ASP D 251 -1.54 -44.63 -39.37
C ASP D 251 -2.59 -45.45 -38.64
N ASP D 252 -2.26 -46.09 -37.52
CA ASP D 252 -3.19 -47.03 -36.89
C ASP D 252 -4.50 -46.36 -36.53
N VAL D 253 -4.44 -45.15 -35.97
CA VAL D 253 -5.67 -44.50 -35.50
C VAL D 253 -6.37 -43.79 -36.64
N LEU D 254 -5.66 -42.92 -37.35
CA LEU D 254 -6.28 -42.07 -38.35
C LEU D 254 -6.83 -42.89 -39.51
N ARG D 255 -5.99 -43.74 -40.10
CA ARG D 255 -6.45 -44.58 -41.20
C ARG D 255 -7.19 -45.82 -40.68
N GLY D 256 -6.57 -46.54 -39.74
CA GLY D 256 -7.10 -47.78 -39.26
C GLY D 256 -8.43 -47.68 -38.54
N GLU D 257 -8.47 -47.01 -37.39
CA GLU D 257 -9.68 -47.01 -36.59
C GLU D 257 -10.75 -46.08 -37.15
N TRP D 258 -10.35 -45.01 -37.84
CA TRP D 258 -11.30 -44.00 -38.31
C TRP D 258 -11.62 -44.11 -39.78
N GLY D 259 -10.82 -44.81 -40.58
CA GLY D 259 -11.09 -44.90 -41.99
C GLY D 259 -10.98 -43.59 -42.72
N TYR D 260 -10.08 -42.72 -42.29
CA TYR D 260 -9.94 -41.40 -42.88
C TYR D 260 -9.19 -41.47 -44.20
N THR D 261 -9.75 -40.83 -45.24
CA THR D 261 -9.15 -40.88 -46.57
C THR D 261 -8.67 -39.52 -47.07
N GLY D 262 -8.60 -38.51 -46.22
CA GLY D 262 -8.06 -37.24 -46.61
C GLY D 262 -6.55 -37.19 -46.55
N THR D 263 -6.01 -36.03 -46.86
CA THR D 263 -4.57 -35.82 -46.93
C THR D 263 -4.03 -35.32 -45.60
N LEU D 264 -2.86 -35.80 -45.23
CA LEU D 264 -2.19 -35.41 -44.00
C LEU D 264 -0.96 -34.60 -44.38
N VAL D 265 -0.91 -33.34 -43.95
CA VAL D 265 0.25 -32.50 -44.18
C VAL D 265 1.00 -32.29 -42.86
N THR D 266 2.31 -32.19 -42.97
CA THR D 266 3.11 -31.85 -41.80
C THR D 266 2.98 -30.37 -41.50
N ASP D 267 3.51 -29.98 -40.34
CA ASP D 267 3.65 -28.57 -40.04
C ASP D 267 4.94 -28.04 -40.64
N TRP D 268 5.17 -26.75 -40.47
CA TRP D 268 6.25 -26.04 -41.18
C TRP D 268 7.61 -26.68 -40.91
N ASP D 269 8.15 -27.36 -41.92
CA ASP D 269 9.50 -27.93 -41.88
C ASP D 269 9.64 -29.02 -40.82
N ASN D 270 8.55 -29.72 -40.49
CA ASN D 270 8.64 -30.80 -39.52
C ASN D 270 9.68 -31.83 -39.92
N VAL D 271 9.77 -32.14 -41.21
CA VAL D 271 10.70 -33.18 -41.63
C VAL D 271 12.14 -32.69 -41.47
N GLY D 272 12.43 -31.48 -41.92
CA GLY D 272 13.77 -30.94 -41.76
C GLY D 272 14.15 -30.65 -40.32
N ARG D 273 13.17 -30.33 -39.47
CA ARG D 273 13.48 -30.03 -38.09
C ARG D 273 14.04 -31.24 -37.36
N MET D 274 13.58 -32.44 -37.70
CA MET D 274 14.12 -33.64 -37.07
C MET D 274 15.62 -33.76 -37.29
N VAL D 275 16.16 -33.04 -38.25
CA VAL D 275 17.58 -33.09 -38.54
C VAL D 275 18.29 -31.93 -37.87
N TRP D 276 18.00 -30.70 -38.31
CA TRP D 276 18.81 -29.56 -37.91
C TRP D 276 18.43 -29.00 -36.55
N GLU D 277 17.23 -29.25 -36.07
CA GLU D 277 16.78 -28.69 -34.81
C GLU D 277 16.77 -29.72 -33.69
N GLN D 278 16.03 -30.79 -33.88
CA GLN D 278 15.91 -31.82 -32.90
C GLN D 278 17.02 -32.87 -32.89
N HIS D 279 17.66 -33.07 -34.02
CA HIS D 279 18.72 -34.06 -34.15
C HIS D 279 18.26 -35.47 -33.86
N ILE D 280 17.05 -35.80 -34.28
CA ILE D 280 16.54 -37.13 -34.06
C ILE D 280 16.80 -38.01 -35.27
N GLN D 281 17.19 -37.41 -36.38
CA GLN D 281 17.50 -38.16 -37.59
C GLN D 281 18.87 -37.69 -37.98
N PRO D 282 19.68 -38.53 -38.60
CA PRO D 282 21.06 -38.14 -38.93
C PRO D 282 21.18 -37.30 -40.18
N ASP D 283 20.28 -37.48 -41.15
CA ASP D 283 20.32 -36.69 -42.37
C ASP D 283 18.93 -36.66 -42.97
N TYR D 284 18.81 -35.94 -44.08
CA TYR D 284 17.51 -35.74 -44.70
C TYR D 284 16.98 -37.00 -45.38
N VAL D 285 17.83 -37.99 -45.64
CA VAL D 285 17.36 -39.21 -46.27
C VAL D 285 16.55 -40.04 -45.29
N HIS D 286 17.04 -40.21 -44.06
CA HIS D 286 16.29 -40.96 -43.07
C HIS D 286 15.11 -40.19 -42.52
N ALA D 287 15.21 -38.86 -42.43
CA ALA D 287 14.05 -38.08 -42.03
C ALA D 287 12.92 -38.20 -43.03
N SER D 288 13.25 -38.08 -44.33
CA SER D 288 12.24 -38.23 -45.37
C SER D 288 11.61 -39.61 -45.35
N ALA D 289 12.44 -40.65 -45.25
CA ALA D 289 11.91 -42.00 -45.24
C ALA D 289 10.97 -42.22 -44.07
N ALA D 290 11.38 -41.80 -42.87
CA ALA D 290 10.58 -42.04 -41.67
C ALA D 290 9.27 -41.27 -41.69
N ALA D 291 9.28 -40.05 -42.24
CA ALA D 291 8.04 -39.32 -42.42
C ALA D 291 7.10 -40.04 -43.38
N VAL D 292 7.63 -40.71 -44.40
CA VAL D 292 6.77 -41.46 -45.30
C VAL D 292 6.26 -42.72 -44.62
N ARG D 293 7.14 -43.43 -43.91
CA ARG D 293 6.74 -44.64 -43.22
C ARG D 293 5.59 -44.40 -42.26
N ALA D 294 5.55 -43.23 -41.62
CA ALA D 294 4.56 -42.98 -40.58
C ALA D 294 3.17 -42.70 -41.13
N GLY D 295 3.05 -42.22 -42.36
CA GLY D 295 1.74 -42.02 -42.95
C GLY D 295 1.49 -40.62 -43.46
N ASN D 296 2.52 -39.78 -43.50
CA ASN D 296 2.38 -38.43 -44.03
C ASN D 296 2.21 -38.47 -45.54
N ASP D 297 1.37 -37.55 -46.03
CA ASP D 297 1.10 -37.44 -47.46
C ASP D 297 1.77 -36.25 -48.10
N MET D 298 1.78 -35.09 -47.45
CA MET D 298 2.34 -33.88 -48.03
C MET D 298 3.33 -33.30 -47.03
N VAL D 299 4.47 -32.87 -47.53
CA VAL D 299 5.57 -32.40 -46.69
C VAL D 299 5.68 -30.89 -46.86
N MET D 300 5.48 -30.16 -45.78
CA MET D 300 5.40 -28.71 -45.82
C MET D 300 6.78 -28.09 -45.65
N THR D 301 7.15 -27.23 -46.60
CA THR D 301 8.35 -26.39 -46.57
C THR D 301 9.58 -27.09 -46.00
N THR D 302 9.86 -28.28 -46.52
CA THR D 302 11.18 -28.89 -46.43
C THR D 302 11.60 -29.24 -47.85
N PRO D 303 12.22 -28.32 -48.56
CA PRO D 303 12.55 -28.59 -49.98
C PRO D 303 13.49 -29.78 -50.15
N ARG D 304 14.41 -29.99 -49.22
CA ARG D 304 15.35 -31.11 -49.31
C ARG D 304 14.67 -32.46 -49.17
N PHE D 305 13.38 -32.51 -48.87
CA PHE D 305 12.64 -33.76 -48.95
C PHE D 305 12.64 -34.30 -50.37
N PHE D 306 12.76 -33.44 -51.37
CA PHE D 306 12.78 -33.87 -52.76
C PHE D 306 13.96 -34.81 -53.02
N GLU D 307 15.18 -34.33 -52.85
CA GLU D 307 16.33 -35.20 -53.06
C GLU D 307 16.40 -36.29 -52.00
N GLY D 308 15.86 -36.04 -50.82
CA GLY D 308 15.93 -37.04 -49.76
C GLY D 308 14.98 -38.20 -49.99
N ALA D 309 13.79 -37.91 -50.51
CA ALA D 309 12.86 -39.00 -50.81
C ALA D 309 13.32 -39.80 -52.01
N LEU D 310 13.80 -39.11 -53.04
CA LEU D 310 14.31 -39.82 -54.20
C LEU D 310 15.42 -40.79 -53.81
N GLU D 311 16.35 -40.34 -52.98
CA GLU D 311 17.43 -41.23 -52.58
C GLU D 311 16.98 -42.28 -51.59
N ALA D 312 15.91 -42.02 -50.85
CA ALA D 312 15.41 -43.03 -49.94
C ALA D 312 14.76 -44.18 -50.70
N VAL D 313 13.96 -43.86 -51.72
CA VAL D 313 13.40 -44.91 -52.55
C VAL D 313 14.52 -45.64 -53.28
N ASP D 314 15.52 -44.89 -53.72
CA ASP D 314 16.65 -45.50 -54.43
C ASP D 314 17.37 -46.52 -53.56
N ARG D 315 17.56 -46.23 -52.28
CA ARG D 315 18.31 -47.09 -51.38
C ARG D 315 17.44 -48.15 -50.69
N GLY D 316 16.18 -48.29 -51.10
CA GLY D 316 15.31 -49.26 -50.47
C GLY D 316 14.83 -48.89 -49.07
N LEU D 317 15.23 -47.72 -48.56
CA LEU D 317 14.81 -47.31 -47.22
C LEU D 317 13.30 -47.11 -47.13
N VAL D 318 12.66 -46.74 -48.24
CA VAL D 318 11.21 -46.71 -48.34
C VAL D 318 10.84 -47.18 -49.75
N GLU D 319 9.61 -47.65 -49.90
CA GLU D 319 9.16 -48.30 -51.10
C GLU D 319 8.27 -47.38 -51.93
N GLU D 320 8.54 -47.34 -53.25
CA GLU D 320 7.79 -46.49 -54.18
C GLU D 320 6.29 -46.65 -54.04
N ALA D 321 5.81 -47.78 -53.55
CA ALA D 321 4.38 -47.96 -53.36
C ALA D 321 3.85 -47.06 -52.26
N ALA D 322 4.67 -46.75 -51.25
CA ALA D 322 4.23 -45.83 -50.21
C ALA D 322 4.16 -44.41 -50.73
N ILE D 323 5.10 -44.04 -51.60
CA ILE D 323 5.06 -42.72 -52.24
C ILE D 323 3.75 -42.52 -52.99
N ASP D 324 3.37 -43.47 -53.82
CA ASP D 324 2.17 -43.15 -54.56
C ASP D 324 0.88 -43.46 -53.79
N ALA D 325 0.97 -44.14 -52.66
CA ALA D 325 -0.18 -44.17 -51.77
C ALA D 325 -0.47 -42.76 -51.24
N ALA D 326 0.59 -42.00 -50.98
CA ALA D 326 0.44 -40.59 -50.64
C ALA D 326 -0.06 -39.79 -51.83
N VAL D 327 0.55 -39.97 -53.00
CA VAL D 327 0.14 -39.23 -54.19
C VAL D 327 -1.32 -39.50 -54.56
N ARG D 328 -1.81 -40.71 -54.31
CA ARG D 328 -3.22 -40.96 -54.62
C ARG D 328 -4.14 -40.07 -53.81
N ARG D 329 -3.75 -39.76 -52.57
CA ARG D 329 -4.59 -38.92 -51.74
C ARG D 329 -4.57 -37.48 -52.23
N ILE D 330 -3.39 -36.96 -52.55
CA ILE D 330 -3.26 -35.62 -53.06
C ILE D 330 -4.07 -35.44 -54.34
N LEU D 331 -3.86 -36.33 -55.32
CA LEU D 331 -4.54 -36.20 -56.60
C LEU D 331 -6.05 -36.38 -56.46
N THR D 332 -6.48 -37.23 -55.54
CA THR D 332 -7.91 -37.38 -55.32
C THR D 332 -8.54 -36.06 -54.91
N LEU D 333 -7.87 -35.31 -54.02
CA LEU D 333 -8.34 -33.98 -53.65
C LEU D 333 -8.44 -33.08 -54.87
N LYS D 334 -7.42 -33.09 -55.72
CA LYS D 334 -7.44 -32.22 -56.89
C LYS D 334 -8.58 -32.59 -57.84
N PHE D 335 -8.84 -33.89 -58.02
CA PHE D 335 -9.94 -34.28 -58.89
C PHE D 335 -11.29 -33.93 -58.28
N ARG D 336 -11.47 -34.12 -56.98
CA ARG D 336 -12.76 -33.81 -56.37
C ARG D 336 -13.05 -32.32 -56.44
N LEU D 337 -12.03 -31.50 -56.34
CA LEU D 337 -12.24 -30.09 -56.43
C LEU D 337 -12.57 -29.66 -57.84
N GLY D 338 -12.40 -30.55 -58.79
CA GLY D 338 -12.58 -30.20 -60.18
C GLY D 338 -11.45 -29.41 -60.79
N LEU D 339 -10.26 -29.47 -60.20
CA LEU D 339 -9.19 -28.58 -60.66
C LEU D 339 -8.71 -28.92 -62.06
N PHE D 340 -8.82 -30.19 -62.47
CA PHE D 340 -8.37 -30.54 -63.81
C PHE D 340 -9.26 -29.95 -64.89
N GLU D 341 -10.51 -29.61 -64.54
CA GLU D 341 -11.42 -28.91 -65.43
C GLU D 341 -11.41 -27.41 -65.21
N ASP D 342 -11.36 -26.97 -63.96
CA ASP D 342 -11.36 -25.56 -63.62
C ASP D 342 -10.35 -25.31 -62.51
N PRO D 343 -9.20 -24.72 -62.81
CA PRO D 343 -8.17 -24.53 -61.78
C PRO D 343 -8.51 -23.44 -60.78
N ARG D 344 -9.66 -22.78 -60.92
CA ARG D 344 -10.14 -21.75 -59.99
C ARG D 344 -9.17 -20.57 -59.89
N ARG D 345 -8.99 -19.90 -61.02
CA ARG D 345 -8.16 -18.70 -61.07
C ARG D 345 -8.76 -17.62 -60.18
N PRO D 346 -7.94 -16.72 -59.65
CA PRO D 346 -8.49 -15.59 -58.90
C PRO D 346 -9.26 -14.65 -59.82
N ASP D 347 -10.26 -13.99 -59.25
CA ASP D 347 -11.24 -13.22 -60.02
C ASP D 347 -11.32 -11.84 -59.38
N VAL D 348 -10.68 -10.85 -60.02
CA VAL D 348 -10.53 -9.53 -59.41
C VAL D 348 -11.85 -8.79 -59.35
N ALA D 349 -12.74 -9.03 -60.30
CA ALA D 349 -14.08 -8.45 -60.21
C ALA D 349 -14.83 -9.01 -59.02
N ARG D 350 -14.75 -10.32 -58.81
CA ARG D 350 -15.45 -10.93 -57.69
C ARG D 350 -14.84 -10.51 -56.35
N GLN D 351 -13.52 -10.28 -56.30
CA GLN D 351 -12.91 -9.76 -55.09
C GLN D 351 -13.52 -8.42 -54.69
N GLN D 352 -13.73 -7.54 -55.66
CA GLN D 352 -14.26 -6.22 -55.35
C GLN D 352 -15.72 -6.27 -54.94
N ALA D 353 -16.43 -7.35 -55.29
CA ALA D 353 -17.85 -7.43 -54.97
C ALA D 353 -18.14 -8.21 -53.69
N VAL D 354 -17.21 -9.02 -53.18
CA VAL D 354 -17.52 -9.84 -52.02
C VAL D 354 -16.58 -9.63 -50.85
N ILE D 355 -15.37 -9.14 -51.07
CA ILE D 355 -14.42 -8.98 -49.96
C ILE D 355 -14.82 -7.74 -49.15
N ALA D 356 -15.10 -7.94 -47.87
CA ALA D 356 -15.54 -6.89 -46.95
C ALA D 356 -16.92 -6.36 -47.36
N SER D 357 -17.79 -7.23 -47.82
CA SER D 357 -19.10 -6.76 -48.23
C SER D 357 -19.95 -6.43 -47.01
N ALA D 358 -21.06 -5.74 -47.26
CA ALA D 358 -21.97 -5.38 -46.19
C ALA D 358 -22.52 -6.62 -45.50
N GLU D 359 -22.81 -7.65 -46.28
CA GLU D 359 -23.32 -8.89 -45.70
C GLU D 359 -22.30 -9.53 -44.77
N HIS D 360 -21.01 -9.42 -45.11
CA HIS D 360 -19.96 -10.01 -44.29
C HIS D 360 -19.72 -9.18 -43.03
N ALA D 361 -19.79 -7.86 -43.14
CA ALA D 361 -19.62 -7.01 -41.99
C ALA D 361 -20.75 -7.21 -40.99
N ALA D 362 -21.95 -7.57 -41.48
CA ALA D 362 -23.05 -7.83 -40.58
C ALA D 362 -22.89 -9.15 -39.85
N VAL D 363 -22.32 -10.16 -40.50
CA VAL D 363 -22.00 -11.40 -39.78
C VAL D 363 -20.97 -11.11 -38.70
N ASN D 364 -19.97 -10.29 -39.03
CA ASN D 364 -18.92 -9.96 -38.07
C ASN D 364 -19.48 -9.23 -36.87
N LEU D 365 -20.44 -8.33 -37.08
CA LEU D 365 -21.03 -7.61 -35.95
C LEU D 365 -21.83 -8.54 -35.06
N GLU D 366 -22.57 -9.48 -35.65
CA GLU D 366 -23.37 -10.40 -34.87
C GLU D 366 -22.50 -11.26 -33.96
N VAL D 367 -21.42 -11.80 -34.51
CA VAL D 367 -20.60 -12.67 -33.68
C VAL D 367 -19.85 -11.85 -32.64
N ALA D 368 -19.50 -10.60 -32.95
CA ALA D 368 -18.95 -9.72 -31.94
C ALA D 368 -19.94 -9.49 -30.81
N ARG D 369 -21.18 -9.17 -31.14
CA ARG D 369 -22.18 -8.88 -30.11
C ARG D 369 -22.42 -10.07 -29.19
N ARG D 370 -22.51 -11.27 -29.74
CA ARG D 370 -22.87 -12.43 -28.94
C ARG D 370 -21.69 -13.07 -28.27
N SER D 371 -20.48 -12.60 -28.53
CA SER D 371 -19.29 -13.21 -27.95
C SER D 371 -18.83 -12.55 -26.66
N LEU D 372 -19.23 -11.31 -26.41
CA LEU D 372 -18.78 -10.61 -25.21
C LEU D 372 -19.42 -11.24 -23.98
N VAL D 373 -18.64 -11.36 -22.92
CA VAL D 373 -19.06 -12.06 -21.72
C VAL D 373 -19.03 -11.08 -20.56
N LEU D 374 -20.20 -10.79 -20.00
CA LEU D 374 -20.29 -10.01 -18.77
C LEU D 374 -19.95 -10.93 -17.61
N LEU D 375 -18.84 -10.66 -16.94
CA LEU D 375 -18.38 -11.51 -15.85
C LEU D 375 -18.82 -11.04 -14.48
N THR D 376 -18.79 -9.74 -14.22
CA THR D 376 -19.23 -9.18 -12.95
C THR D 376 -20.02 -7.91 -13.23
N ASN D 377 -21.01 -7.63 -12.38
CA ASN D 377 -21.83 -6.43 -12.54
C ASN D 377 -22.51 -6.12 -11.20
N ASP D 378 -22.14 -5.00 -10.60
CA ASP D 378 -22.77 -4.58 -9.35
C ASP D 378 -24.09 -3.84 -9.57
N GLY D 379 -24.54 -3.68 -10.81
CA GLY D 379 -25.72 -2.90 -11.11
C GLY D 379 -25.43 -1.60 -11.82
N THR D 380 -24.16 -1.24 -11.97
CA THR D 380 -23.82 -0.11 -12.83
C THR D 380 -24.27 -0.32 -14.27
N LEU D 381 -24.26 -1.54 -14.76
CA LEU D 381 -24.63 -1.78 -16.14
C LEU D 381 -25.99 -2.42 -16.21
N PRO D 382 -26.80 -2.09 -17.25
CA PRO D 382 -26.55 -1.11 -18.32
C PRO D 382 -26.47 0.33 -17.84
N PHE D 383 -25.54 1.09 -18.42
CA PHE D 383 -25.23 2.40 -17.89
C PHE D 383 -26.42 3.34 -18.03
N ALA D 384 -26.68 4.09 -16.96
CA ALA D 384 -27.78 5.06 -16.87
C ALA D 384 -29.13 4.39 -17.04
N GLY D 385 -29.21 3.11 -16.70
CA GLY D 385 -30.42 2.35 -16.83
C GLY D 385 -30.68 1.74 -18.19
N GLY D 386 -29.79 1.93 -19.16
CA GLY D 386 -30.00 1.39 -20.48
C GLY D 386 -30.48 2.46 -21.44
N LEU D 387 -29.96 2.46 -22.64
CA LEU D 387 -30.33 3.46 -23.64
C LEU D 387 -31.11 2.82 -24.77
N ASP D 388 -31.75 3.66 -25.56
CA ASP D 388 -32.39 3.31 -26.82
C ASP D 388 -31.73 4.09 -27.94
N ARG D 389 -31.95 3.63 -29.17
CA ARG D 389 -31.58 4.40 -30.33
C ARG D 389 -32.78 5.17 -30.82
N ALA D 390 -32.52 6.19 -31.65
CA ALA D 390 -33.61 6.88 -32.33
C ALA D 390 -34.58 5.85 -32.88
N GLY D 392 -36.82 3.24 -34.43
CA GLY D 392 -37.14 2.90 -35.80
C GLY D 392 -35.96 2.96 -36.76
N THR D 393 -34.88 3.61 -36.37
CA THR D 393 -33.63 3.61 -37.15
C THR D 393 -32.51 3.01 -36.29
N PRO D 394 -32.54 1.67 -36.02
CA PRO D 394 -31.60 1.08 -35.05
C PRO D 394 -30.20 0.79 -35.57
N ASP D 395 -29.62 1.61 -36.42
CA ASP D 395 -28.22 1.46 -36.79
C ASP D 395 -27.79 2.89 -36.64
N GLY D 396 -27.61 3.33 -35.41
CA GLY D 396 -27.27 4.72 -35.15
C GLY D 396 -26.98 5.11 -33.72
N ARG D 397 -26.91 6.40 -33.49
CA ARG D 397 -26.61 6.96 -32.20
C ARG D 397 -27.70 6.72 -31.21
N ALA D 398 -27.33 6.61 -29.96
CA ALA D 398 -28.30 6.42 -28.90
C ALA D 398 -28.92 7.74 -28.45
N LEU D 399 -30.03 7.63 -27.76
CA LEU D 399 -30.71 8.79 -27.23
C LEU D 399 -30.54 8.80 -25.74
N ALA D 400 -30.33 9.97 -25.16
CA ALA D 400 -30.21 10.06 -23.71
C ALA D 400 -31.42 9.43 -23.06
N PRO D 401 -31.25 8.59 -22.06
CA PRO D 401 -32.37 7.91 -21.42
C PRO D 401 -33.05 8.79 -20.39
N ALA D 402 -34.07 8.23 -19.75
CA ALA D 402 -34.76 8.94 -18.69
C ALA D 402 -33.86 9.08 -17.48
N GLY D 403 -33.61 10.32 -17.08
CA GLY D 403 -32.82 10.58 -15.88
C GLY D 403 -31.35 10.79 -16.10
N ALA D 404 -30.91 11.00 -17.34
CA ALA D 404 -29.49 11.17 -17.62
C ALA D 404 -29.28 12.00 -18.89
N PRO D 405 -29.48 13.31 -18.87
CA PRO D 405 -29.34 14.10 -20.09
C PRO D 405 -27.90 14.44 -20.45
N ALA D 406 -26.98 14.42 -19.49
CA ALA D 406 -25.59 14.74 -19.74
C ALA D 406 -24.71 13.76 -18.95
N ARG D 407 -23.98 12.90 -19.67
CA ARG D 407 -23.00 12.03 -19.05
C ARG D 407 -21.69 12.15 -19.80
N THR D 408 -20.60 11.88 -19.09
CA THR D 408 -19.27 11.77 -19.69
C THR D 408 -18.71 10.38 -19.43
N ILE D 409 -18.24 9.71 -20.48
CA ILE D 409 -17.60 8.41 -20.37
C ILE D 409 -16.14 8.59 -20.73
N ALA D 410 -15.25 8.23 -19.83
CA ALA D 410 -13.82 8.26 -20.12
C ALA D 410 -13.38 6.85 -20.53
N VAL D 411 -12.79 6.74 -21.71
CA VAL D 411 -12.29 5.47 -22.21
C VAL D 411 -10.78 5.49 -22.09
N VAL D 412 -10.24 4.59 -21.26
CA VAL D 412 -8.83 4.66 -20.91
C VAL D 412 -8.21 3.27 -21.03
N GLY D 413 -6.89 3.25 -21.04
CA GLY D 413 -6.15 2.00 -21.07
C GLY D 413 -5.48 1.77 -22.40
N PRO D 414 -4.44 0.93 -22.39
CA PRO D 414 -3.63 0.75 -23.61
C PRO D 414 -4.36 0.09 -24.75
N ASN D 415 -5.36 -0.75 -24.48
CA ASN D 415 -6.08 -1.44 -25.55
C ASN D 415 -7.37 -0.75 -25.93
N ALA D 416 -7.53 0.53 -25.61
CA ALA D 416 -8.79 1.22 -25.84
C ALA D 416 -8.90 1.76 -27.25
N ASP D 417 -7.77 2.01 -27.90
CA ASP D 417 -7.73 2.60 -29.23
C ASP D 417 -6.71 1.89 -30.11
N ASP D 418 -6.51 0.59 -29.89
CA ASP D 418 -5.43 -0.15 -30.53
C ASP D 418 -6.03 -1.19 -31.45
N ASP D 419 -6.03 -0.91 -32.75
CA ASP D 419 -6.69 -1.79 -33.72
C ASP D 419 -5.94 -3.10 -33.91
N HIS D 420 -4.61 -3.06 -33.94
CA HIS D 420 -3.84 -4.29 -34.12
C HIS D 420 -4.08 -5.27 -32.99
N THR D 421 -4.10 -4.79 -31.74
CA THR D 421 -4.31 -5.66 -30.60
C THR D 421 -5.73 -6.20 -30.56
N GLN D 422 -6.71 -5.44 -31.03
CA GLN D 422 -8.07 -5.90 -30.97
C GLN D 422 -8.33 -7.02 -31.96
N LEU D 423 -7.62 -7.01 -33.09
CA LEU D 423 -7.73 -8.09 -34.06
C LEU D 423 -7.01 -9.36 -33.63
N GLY D 424 -5.91 -9.26 -32.90
CA GLY D 424 -5.27 -10.43 -32.36
C GLY D 424 -4.20 -11.04 -33.25
N ASP D 425 -3.78 -12.23 -32.86
CA ASP D 425 -2.82 -13.01 -33.62
C ASP D 425 -3.46 -13.58 -34.90
N TRP D 426 -2.61 -13.91 -35.86
CA TRP D 426 -3.03 -14.49 -37.14
C TRP D 426 -4.01 -13.56 -37.84
N ALA D 427 -3.61 -12.31 -37.99
CA ALA D 427 -4.33 -11.32 -38.77
C ALA D 427 -3.44 -10.10 -38.94
N GLY D 428 -3.46 -9.53 -40.14
CA GLY D 428 -2.85 -8.23 -40.36
C GLY D 428 -1.36 -8.23 -40.14
N ALA D 429 -0.89 -7.32 -39.30
CA ALA D 429 0.53 -7.17 -39.05
C ALA D 429 1.02 -8.00 -37.87
N SER D 430 0.31 -9.07 -37.51
CA SER D 430 0.70 -9.87 -36.36
C SER D 430 2.05 -10.54 -36.51
N GLY D 431 2.61 -10.62 -37.71
CA GLY D 431 3.98 -11.09 -37.83
C GLY D 431 4.24 -12.18 -38.84
N GLN D 432 3.27 -13.08 -39.04
CA GLN D 432 3.50 -14.23 -39.92
C GLN D 432 3.66 -13.84 -41.38
N ALA D 433 3.16 -12.68 -41.78
CA ALA D 433 3.20 -12.25 -43.17
C ALA D 433 4.10 -11.04 -43.29
N ASP D 434 5.24 -11.22 -43.96
CA ASP D 434 6.15 -10.10 -44.23
C ASP D 434 5.62 -9.16 -45.30
N TRP D 435 4.55 -9.52 -45.99
CA TRP D 435 4.01 -8.67 -47.04
C TRP D 435 2.96 -7.71 -46.54
N LEU D 436 2.68 -7.71 -45.24
CA LEU D 436 1.65 -6.85 -44.66
C LEU D 436 2.15 -6.26 -43.34
N PRO D 437 3.26 -5.50 -43.38
CA PRO D 437 3.82 -4.97 -42.13
C PRO D 437 2.94 -3.91 -41.48
N ASP D 438 2.01 -3.32 -42.22
CA ASP D 438 1.17 -2.25 -41.72
C ASP D 438 -0.22 -2.72 -41.33
N GLY D 439 -0.54 -3.98 -41.56
CA GLY D 439 -1.84 -4.49 -41.20
C GLY D 439 -2.94 -4.00 -42.12
N HIS D 440 -4.16 -4.24 -41.67
CA HIS D 440 -5.33 -3.84 -42.41
C HIS D 440 -5.59 -2.34 -42.26
N PRO D 441 -6.38 -1.76 -43.16
CA PRO D 441 -6.65 -0.32 -43.09
C PRO D 441 -7.37 0.03 -41.80
N ARG D 442 -6.85 1.06 -41.12
CA ARG D 442 -7.32 1.46 -39.80
C ARG D 442 -8.84 1.63 -39.74
N GLU D 443 -9.42 2.32 -40.72
CA GLU D 443 -10.84 2.63 -40.64
C GLU D 443 -11.75 1.41 -40.73
N MET D 444 -11.24 0.22 -40.98
CA MET D 444 -12.09 -0.95 -41.00
C MET D 444 -12.40 -1.46 -39.60
N THR D 445 -11.62 -1.05 -38.61
CA THR D 445 -11.77 -1.51 -37.23
C THR D 445 -12.43 -0.42 -36.40
N THR D 446 -13.47 -0.79 -35.67
CA THR D 446 -14.05 0.03 -34.61
C THR D 446 -13.43 -0.37 -33.29
N THR D 447 -12.56 0.48 -32.74
CA THR D 447 -12.02 0.30 -31.40
C THR D 447 -13.06 0.70 -30.38
N VAL D 448 -12.80 0.33 -29.11
CA VAL D 448 -13.72 0.68 -28.03
C VAL D 448 -13.94 2.18 -27.97
N LEU D 449 -12.87 2.96 -28.08
CA LEU D 449 -13.02 4.42 -28.16
C LEU D 449 -13.93 4.83 -29.33
N ASP D 450 -13.71 4.25 -30.51
CA ASP D 450 -14.56 4.57 -31.65
C ASP D 450 -16.02 4.19 -31.40
N GLY D 451 -16.26 3.05 -30.76
CA GLY D 451 -17.62 2.62 -30.51
C GLY D 451 -18.37 3.58 -29.61
N PHE D 452 -17.68 4.11 -28.60
CA PHE D 452 -18.34 5.06 -27.71
C PHE D 452 -18.52 6.42 -28.36
N ARG D 453 -17.49 6.89 -29.07
CA ARG D 453 -17.63 8.17 -29.75
C ARG D 453 -18.77 8.16 -30.76
N ALA D 454 -19.23 6.98 -31.18
CA ALA D 454 -20.26 6.89 -32.20
C ALA D 454 -21.64 6.58 -31.64
N LEU D 455 -21.73 5.99 -30.47
CA LEU D 455 -23.03 5.64 -29.89
C LEU D 455 -23.48 6.59 -28.79
N ALA D 456 -22.56 7.24 -28.10
CA ALA D 456 -22.94 8.14 -27.02
C ALA D 456 -23.88 9.22 -27.56
N PRO D 457 -24.94 9.56 -26.85
CA PRO D 457 -25.91 10.51 -27.37
C PRO D 457 -25.33 11.90 -27.58
N GLU D 458 -26.11 12.72 -28.30
CA GLU D 458 -25.65 14.05 -28.66
C GLU D 458 -25.26 14.88 -27.44
N GLY D 459 -26.01 14.77 -26.35
CA GLY D 459 -25.68 15.51 -25.16
C GLY D 459 -24.55 14.94 -24.32
N TRP D 460 -24.10 13.72 -24.59
CA TRP D 460 -23.03 13.13 -23.81
C TRP D 460 -21.68 13.43 -24.45
N ALA D 461 -20.62 13.03 -23.76
CA ALA D 461 -19.25 13.29 -24.19
C ALA D 461 -18.40 12.07 -23.88
N VAL D 462 -17.35 11.87 -24.66
CA VAL D 462 -16.45 10.73 -24.52
C VAL D 462 -15.04 11.26 -24.55
N THR D 463 -14.27 10.97 -23.52
CA THR D 463 -12.89 11.39 -23.45
C THR D 463 -11.97 10.17 -23.49
N HIS D 464 -10.68 10.43 -23.60
CA HIS D 464 -9.71 9.37 -23.81
C HIS D 464 -8.41 9.66 -23.08
N ALA D 465 -7.80 8.63 -22.50
CA ALA D 465 -6.46 8.76 -21.95
C ALA D 465 -5.81 7.40 -21.94
N ARG D 466 -4.69 7.26 -22.63
CA ARG D 466 -3.89 6.06 -22.45
C ARG D 466 -3.43 6.08 -21.02
N GLY D 467 -3.86 5.15 -20.21
CA GLY D 467 -3.46 5.29 -18.82
C GLY D 467 -2.17 4.60 -18.46
N ALA D 468 -1.64 3.80 -19.38
CA ALA D 468 -0.52 2.94 -19.08
C ALA D 468 0.02 2.38 -20.38
N ASP D 469 1.28 2.02 -20.35
CA ASP D 469 1.93 1.20 -21.37
C ASP D 469 2.10 -0.21 -20.84
N ILE D 470 2.23 -1.15 -21.77
CA ILE D 470 2.43 -2.55 -21.43
C ILE D 470 3.90 -2.92 -21.42
N LEU D 471 4.62 -2.69 -22.51
CA LEU D 471 5.98 -3.21 -22.61
C LEU D 471 6.80 -2.37 -23.58
N THR D 472 8.11 -2.64 -23.58
CA THR D 472 9.04 -2.20 -24.59
C THR D 472 9.92 -3.39 -24.96
N LEU D 473 10.60 -3.29 -26.09
CA LEU D 473 11.47 -4.35 -26.55
C LEU D 473 12.94 -3.95 -26.37
N ALA D 474 13.73 -4.88 -25.88
CA ALA D 474 15.16 -4.67 -25.70
C ALA D 474 15.95 -5.72 -26.47
N PRO D 475 17.18 -5.41 -26.88
CA PRO D 475 18.06 -6.45 -27.37
C PRO D 475 18.33 -7.50 -26.30
N ASP D 476 18.46 -8.74 -26.72
CA ASP D 476 18.81 -9.80 -25.79
C ASP D 476 20.23 -9.59 -25.30
N GLN D 490 14.36 -7.97 -28.85
CA GLN D 490 13.88 -9.34 -28.92
C GLN D 490 13.36 -9.85 -27.57
N VAL D 491 13.51 -9.07 -26.50
CA VAL D 491 13.00 -9.46 -25.18
C VAL D 491 12.02 -8.41 -24.67
N VAL D 492 10.90 -8.87 -24.12
CA VAL D 492 9.92 -8.00 -23.52
C VAL D 492 10.49 -7.39 -22.24
N VAL D 493 10.42 -6.07 -22.14
CA VAL D 493 10.68 -5.34 -20.90
C VAL D 493 9.36 -4.74 -20.44
N PRO D 494 8.77 -5.21 -19.35
CA PRO D 494 7.51 -4.64 -18.89
C PRO D 494 7.66 -3.16 -18.57
N ALA D 495 6.71 -2.36 -19.01
CA ALA D 495 6.77 -0.93 -18.76
C ALA D 495 6.57 -0.61 -17.28
N ALA D 496 7.31 0.36 -16.80
CA ALA D 496 7.11 0.87 -15.46
C ALA D 496 5.76 1.57 -15.37
N PRO D 497 5.12 1.56 -14.20
CA PRO D 497 4.02 2.50 -13.97
C PRO D 497 4.53 3.92 -14.12
N ASP D 498 3.71 4.77 -14.74
CA ASP D 498 4.11 6.13 -15.09
C ASP D 498 3.17 7.11 -14.41
N ASP D 499 3.72 7.90 -13.53
CA ASP D 499 2.93 8.80 -12.76
C ASP D 499 2.15 9.77 -13.57
N ALA D 500 2.76 10.32 -14.59
CA ALA D 500 2.07 11.27 -15.41
C ALA D 500 0.92 10.66 -16.18
N LEU D 501 1.16 9.51 -16.77
CA LEU D 501 0.16 8.83 -17.54
C LEU D 501 -1.01 8.44 -16.68
N ILE D 502 -0.73 7.98 -15.48
CA ILE D 502 -1.73 7.60 -14.52
C ILE D 502 -2.52 8.80 -14.01
N ALA D 503 -1.87 9.92 -13.81
CA ALA D 503 -2.57 11.10 -13.32
C ALA D 503 -3.48 11.69 -14.39
N GLU D 504 -3.08 11.58 -15.66
CA GLU D 504 -3.95 12.05 -16.73
C GLU D 504 -5.22 11.22 -16.82
N ALA D 505 -5.12 9.91 -16.58
CA ALA D 505 -6.31 9.08 -16.64
C ALA D 505 -7.16 9.25 -15.41
N VAL D 506 -6.54 9.54 -14.27
CA VAL D 506 -7.28 9.82 -13.06
C VAL D 506 -8.05 11.13 -13.18
N ALA D 507 -7.43 12.15 -13.77
CA ALA D 507 -8.13 13.40 -14.01
C ALA D 507 -9.36 13.18 -14.87
N ALA D 508 -9.21 12.46 -15.97
CA ALA D 508 -10.34 12.21 -16.85
C ALA D 508 -11.42 11.38 -16.17
N ALA D 509 -11.04 10.41 -15.35
CA ALA D 509 -12.06 9.62 -14.65
C ALA D 509 -12.79 10.45 -13.60
N ARG D 510 -12.06 11.28 -12.86
CA ARG D 510 -12.70 12.16 -11.88
C ARG D 510 -13.72 13.07 -12.54
N ASP D 511 -13.40 13.57 -13.73
CA ASP D 511 -14.30 14.45 -14.46
C ASP D 511 -15.27 13.67 -15.33
N ALA D 512 -15.63 12.46 -14.92
CA ALA D 512 -16.50 11.63 -15.73
C ALA D 512 -17.51 10.90 -14.85
N ASP D 513 -18.58 10.46 -15.48
CA ASP D 513 -19.59 9.64 -14.84
C ASP D 513 -19.29 8.15 -14.91
N LEU D 514 -18.32 7.74 -15.72
CA LEU D 514 -18.02 6.33 -15.92
C LEU D 514 -16.65 6.22 -16.58
N ALA D 515 -15.81 5.34 -16.08
CA ALA D 515 -14.50 5.08 -16.66
C ALA D 515 -14.50 3.66 -17.22
N VAL D 516 -14.26 3.54 -18.53
CA VAL D 516 -14.16 2.26 -19.20
C VAL D 516 -12.67 2.02 -19.44
N ALA D 517 -12.09 1.07 -18.71
CA ALA D 517 -10.67 0.77 -18.80
C ALA D 517 -10.46 -0.50 -19.62
N VAL D 518 -9.81 -0.36 -20.78
CA VAL D 518 -9.59 -1.46 -21.69
C VAL D 518 -8.15 -1.92 -21.54
N VAL D 519 -7.97 -3.13 -21.00
CA VAL D 519 -6.66 -3.65 -20.65
C VAL D 519 -6.54 -5.06 -21.19
N GLY D 520 -5.33 -5.63 -21.09
CA GLY D 520 -5.13 -6.96 -21.62
C GLY D 520 -3.69 -7.31 -21.93
N ASP D 521 -3.47 -8.03 -23.03
CA ASP D 521 -2.12 -8.29 -23.51
C ASP D 521 -1.96 -7.73 -24.92
N ARG D 522 -0.85 -8.06 -25.57
CA ARG D 522 -0.61 -7.69 -26.95
C ARG D 522 0.37 -8.69 -27.56
N ILE D 523 0.70 -8.47 -28.84
CA ILE D 523 1.22 -9.54 -29.69
C ILE D 523 2.54 -10.10 -29.20
N GLU D 524 3.40 -9.28 -28.59
CA GLU D 524 4.67 -9.82 -28.09
C GLU D 524 4.47 -10.73 -26.89
N LEU D 525 3.27 -10.74 -26.32
CA LEU D 525 2.93 -11.63 -25.22
C LEU D 525 2.03 -12.79 -25.67
N VAL D 526 2.06 -13.14 -26.96
CA VAL D 526 1.05 -14.01 -27.55
C VAL D 526 1.70 -14.85 -28.64
N GLY D 527 1.25 -16.09 -28.77
CA GLY D 527 1.55 -16.86 -29.97
C GLY D 527 2.75 -17.78 -29.85
N GLU D 528 3.25 -18.17 -31.00
CA GLU D 528 4.33 -19.14 -31.08
C GLU D 528 5.58 -18.61 -30.38
N GLY D 529 6.28 -19.49 -29.69
CA GLY D 529 7.48 -19.07 -29.01
C GLY D 529 7.26 -17.98 -27.97
N ARG D 530 6.02 -17.75 -27.53
CA ARG D 530 5.66 -16.65 -26.63
C ARG D 530 4.58 -17.09 -25.64
N SER D 531 4.81 -18.23 -24.99
CA SER D 531 4.05 -18.58 -23.79
C SER D 531 4.37 -17.60 -22.65
N THR D 532 3.52 -17.62 -21.62
CA THR D 532 3.70 -16.76 -20.46
C THR D 532 3.56 -17.56 -19.19
N ALA D 533 4.29 -17.15 -18.16
CA ALA D 533 4.32 -17.88 -16.90
C ALA D 533 3.37 -17.34 -15.85
N THR D 534 3.13 -16.03 -15.78
CA THR D 534 2.38 -15.48 -14.67
C THR D 534 0.91 -15.24 -14.96
N LEU D 535 0.51 -15.13 -16.23
CA LEU D 535 -0.84 -14.84 -16.66
C LEU D 535 -1.33 -13.46 -16.23
N GLU D 536 -0.47 -12.63 -15.65
CA GLU D 536 -0.88 -11.34 -15.14
C GLU D 536 -0.81 -10.27 -16.22
N LEU D 537 -1.51 -9.17 -15.97
CA LEU D 537 -1.40 -7.97 -16.79
C LEU D 537 -0.01 -7.39 -16.67
N VAL D 538 0.61 -7.12 -17.79
CA VAL D 538 1.99 -6.67 -17.85
C VAL D 538 2.03 -5.14 -17.95
N GLY D 539 3.07 -4.55 -17.36
CA GLY D 539 3.34 -3.14 -17.48
C GLY D 539 2.67 -2.31 -16.41
N GLY D 540 2.26 -1.10 -16.75
CA GLY D 540 1.61 -0.24 -15.78
C GLY D 540 0.13 -0.47 -15.60
N GLN D 541 -0.42 -1.56 -16.12
CA GLN D 541 -1.88 -1.69 -16.17
C GLN D 541 -2.49 -1.89 -14.79
N VAL D 542 -1.84 -2.67 -13.92
CA VAL D 542 -2.38 -2.87 -12.57
C VAL D 542 -2.45 -1.55 -11.83
N ALA D 543 -1.37 -0.78 -11.86
CA ALA D 543 -1.36 0.54 -11.22
C ALA D 543 -2.46 1.44 -11.77
N LEU D 544 -2.71 1.38 -13.08
CA LEU D 544 -3.79 2.17 -13.64
C LEU D 544 -5.13 1.74 -13.08
N LEU D 545 -5.40 0.43 -13.03
CA LEU D 545 -6.67 -0.05 -12.50
C LEU D 545 -6.82 0.30 -11.02
N ASP D 546 -5.73 0.21 -10.26
CA ASP D 546 -5.76 0.61 -8.85
C ASP D 546 -6.20 2.07 -8.73
N ALA D 547 -5.50 2.96 -9.41
CA ALA D 547 -5.79 4.38 -9.29
C ALA D 547 -7.18 4.73 -9.81
N LEU D 548 -7.66 4.02 -10.83
CA LEU D 548 -8.98 4.33 -11.37
C LEU D 548 -10.07 3.97 -10.37
N VAL D 549 -9.99 2.79 -9.77
CA VAL D 549 -11.05 2.37 -8.86
C VAL D 549 -11.12 3.27 -7.64
N ALA D 550 -9.96 3.75 -7.16
CA ALA D 550 -9.89 4.61 -5.99
C ALA D 550 -10.53 5.99 -6.20
N THR D 551 -10.83 6.40 -7.44
CA THR D 551 -11.36 7.75 -7.65
C THR D 551 -12.80 7.91 -7.21
N GLY D 552 -13.57 6.83 -7.20
CA GLY D 552 -15.00 6.94 -6.95
C GLY D 552 -15.86 6.99 -8.20
N THR D 553 -15.27 7.20 -9.34
CA THR D 553 -16.01 6.99 -10.58
C THR D 553 -16.14 5.50 -10.83
N PRO D 554 -17.34 5.00 -11.10
CA PRO D 554 -17.49 3.57 -11.36
C PRO D 554 -16.66 3.16 -12.58
N VAL D 555 -16.00 2.02 -12.46
CA VAL D 555 -15.07 1.51 -13.45
C VAL D 555 -15.63 0.24 -14.05
N VAL D 556 -15.74 0.22 -15.38
CA VAL D 556 -15.97 -1.01 -16.13
C VAL D 556 -14.64 -1.47 -16.68
N VAL D 557 -14.21 -2.67 -16.33
CA VAL D 557 -12.96 -3.23 -16.83
C VAL D 557 -13.26 -4.09 -18.04
N VAL D 558 -12.72 -3.70 -19.21
CA VAL D 558 -12.87 -4.45 -20.45
C VAL D 558 -11.54 -5.12 -20.76
N VAL D 559 -11.55 -6.44 -20.88
CA VAL D 559 -10.33 -7.21 -21.09
C VAL D 559 -10.26 -7.58 -22.57
N VAL D 560 -9.34 -6.96 -23.28
CA VAL D 560 -9.05 -7.31 -24.65
C VAL D 560 -7.73 -8.05 -24.60
N ALA D 561 -7.80 -9.37 -24.72
CA ALA D 561 -6.66 -10.24 -24.49
C ALA D 561 -6.82 -11.48 -25.33
N SER D 562 -5.71 -12.14 -25.57
CA SER D 562 -5.74 -13.36 -26.34
C SER D 562 -6.24 -14.54 -25.53
N LYS D 563 -6.06 -14.52 -24.21
CA LYS D 563 -6.37 -15.67 -23.38
C LYS D 563 -6.75 -15.18 -21.99
N PRO D 564 -7.38 -16.01 -21.17
CA PRO D 564 -7.77 -15.57 -19.82
C PRO D 564 -6.57 -15.19 -18.97
N LEU D 565 -6.64 -14.01 -18.37
CA LEU D 565 -5.58 -13.49 -17.52
C LEU D 565 -6.02 -13.49 -16.06
N VAL D 566 -5.04 -13.51 -15.18
CA VAL D 566 -5.26 -13.23 -13.77
C VAL D 566 -5.46 -11.73 -13.57
N LEU D 567 -6.53 -11.36 -12.90
CA LEU D 567 -6.85 -9.95 -12.77
C LEU D 567 -6.55 -9.44 -11.37
N PRO D 568 -6.08 -8.22 -11.23
CA PRO D 568 -5.70 -7.70 -9.92
C PRO D 568 -6.91 -7.59 -9.02
N PRO D 569 -6.71 -7.47 -7.72
CA PRO D 569 -7.82 -7.35 -6.79
C PRO D 569 -8.64 -6.15 -7.13
N SER D 570 -7.99 -5.20 -7.76
CA SER D 570 -8.64 -4.01 -8.20
C SER D 570 -9.75 -4.26 -9.21
N ALA D 571 -9.54 -5.17 -10.14
CA ALA D 571 -10.53 -5.49 -11.13
C ALA D 571 -11.76 -6.09 -10.48
N HIS D 572 -11.53 -6.91 -9.49
CA HIS D 572 -12.55 -7.56 -8.72
C HIS D 572 -13.40 -6.60 -7.90
N ALA D 573 -12.88 -5.44 -7.60
CA ALA D 573 -13.62 -4.42 -6.88
C ALA D 573 -14.21 -3.33 -7.77
N ALA D 574 -13.90 -3.34 -9.06
CA ALA D 574 -14.54 -2.44 -10.00
C ALA D 574 -16.03 -2.76 -10.11
N ALA D 575 -16.75 -1.93 -10.84
CA ALA D 575 -18.19 -2.12 -10.98
C ALA D 575 -18.51 -3.29 -11.90
N ALA D 576 -17.81 -3.40 -13.02
CA ALA D 576 -18.11 -4.48 -13.94
C ALA D 576 -16.83 -4.92 -14.61
N VAL D 577 -16.81 -6.19 -15.01
CA VAL D 577 -15.74 -6.77 -15.80
C VAL D 577 -16.35 -7.41 -17.05
N VAL D 578 -15.80 -7.08 -18.22
CA VAL D 578 -16.25 -7.65 -19.49
C VAL D 578 -15.06 -8.34 -20.16
N TRP D 579 -15.28 -9.58 -20.59
CA TRP D 579 -14.30 -10.36 -21.34
C TRP D 579 -14.60 -10.21 -22.83
N ALA D 580 -13.61 -9.74 -23.58
CA ALA D 580 -13.82 -9.47 -25.01
C ALA D 580 -12.96 -10.30 -25.94
N ALA D 581 -11.77 -10.73 -25.51
CA ALA D 581 -11.06 -11.85 -26.12
C ALA D 581 -10.67 -11.62 -27.57
N ASN D 582 -10.04 -10.48 -27.88
CA ASN D 582 -9.79 -10.20 -29.30
C ASN D 582 -11.08 -10.27 -30.12
N PRO D 583 -11.90 -9.23 -30.12
CA PRO D 583 -13.24 -9.32 -30.71
C PRO D 583 -13.35 -8.91 -32.18
N GLY D 584 -12.26 -8.68 -32.89
CA GLY D 584 -12.36 -8.47 -34.31
C GLY D 584 -12.60 -7.04 -34.70
N MET D 585 -13.00 -6.85 -35.96
CA MET D 585 -13.10 -5.48 -36.47
C MET D 585 -14.30 -4.74 -35.93
N ARG D 586 -15.39 -5.43 -35.59
CA ARG D 586 -16.54 -4.75 -35.02
C ARG D 586 -16.56 -4.78 -33.49
N GLY D 587 -15.46 -5.19 -32.85
CA GLY D 587 -15.49 -5.43 -31.42
C GLY D 587 -15.81 -4.19 -30.60
N GLY D 588 -15.25 -3.05 -30.97
CA GLY D 588 -15.46 -1.84 -30.21
C GLY D 588 -16.88 -1.35 -30.28
N GLN D 589 -17.57 -1.60 -31.39
CA GLN D 589 -18.97 -1.23 -31.45
C GLN D 589 -19.78 -2.09 -30.50
N ALA D 590 -19.49 -3.39 -30.45
CA ALA D 590 -20.25 -4.28 -29.58
C ALA D 590 -20.01 -3.94 -28.12
N VAL D 591 -18.79 -3.56 -27.77
CA VAL D 591 -18.47 -3.22 -26.38
C VAL D 591 -19.27 -1.99 -25.94
N ALA D 592 -19.26 -0.94 -26.75
CA ALA D 592 -20.07 0.22 -26.46
C ALA D 592 -21.54 -0.13 -26.33
N GLU D 593 -22.04 -0.98 -27.22
CA GLU D 593 -23.45 -1.34 -27.18
C GLU D 593 -23.80 -2.07 -25.89
N LEU D 594 -22.97 -3.02 -25.47
CA LEU D 594 -23.29 -3.79 -24.28
C LEU D 594 -23.29 -2.90 -23.04
N VAL D 595 -22.24 -2.09 -22.87
CA VAL D 595 -22.18 -1.17 -21.75
C VAL D 595 -23.39 -0.25 -21.74
N LEU D 596 -23.82 0.24 -22.90
CA LEU D 596 -24.94 1.18 -22.95
C LEU D 596 -26.31 0.51 -22.97
N GLY D 597 -26.40 -0.81 -22.94
CA GLY D 597 -27.68 -1.46 -22.88
C GLY D 597 -28.45 -1.52 -24.17
N LEU D 598 -27.80 -1.22 -25.30
CA LEU D 598 -28.45 -1.33 -26.60
C LEU D 598 -28.50 -2.76 -27.10
N ILE D 599 -27.78 -3.69 -26.46
CA ILE D 599 -27.97 -5.13 -26.62
C ILE D 599 -27.95 -5.76 -25.23
N GLU D 600 -28.38 -7.04 -25.15
CA GLU D 600 -28.21 -7.84 -23.95
C GLU D 600 -26.93 -8.69 -24.06
N PRO D 601 -26.28 -8.98 -22.95
CA PRO D 601 -25.14 -9.90 -23.00
C PRO D 601 -25.62 -11.32 -23.26
N GLU D 602 -24.83 -12.07 -24.03
CA GLU D 602 -25.19 -13.44 -24.34
C GLU D 602 -24.03 -14.40 -24.12
N GLY D 603 -22.81 -13.95 -24.35
CA GLY D 603 -21.65 -14.78 -24.22
C GLY D 603 -21.55 -15.58 -22.94
N ARG D 604 -21.08 -16.81 -23.02
CA ARG D 604 -20.77 -17.63 -21.86
C ARG D 604 -19.41 -18.27 -22.07
N LEU D 605 -18.65 -18.38 -21.01
CA LEU D 605 -17.24 -18.68 -21.13
C LEU D 605 -17.02 -20.06 -21.76
N PRO D 606 -16.13 -20.19 -22.74
CA PRO D 606 -15.68 -21.51 -23.20
C PRO D 606 -14.42 -21.99 -22.51
N ILE D 607 -13.97 -21.30 -21.47
CA ILE D 607 -12.67 -21.56 -20.86
C ILE D 607 -12.72 -20.93 -19.47
N SER D 608 -11.94 -21.47 -18.55
CA SER D 608 -11.97 -21.03 -17.16
C SER D 608 -10.83 -20.07 -16.89
N PHE D 609 -11.10 -19.08 -16.05
CA PHE D 609 -10.09 -18.11 -15.63
C PHE D 609 -9.48 -18.57 -14.30
N ALA D 610 -8.18 -18.75 -14.29
CA ALA D 610 -7.51 -19.16 -13.07
C ALA D 610 -7.27 -17.95 -12.18
N ARG D 611 -7.14 -18.20 -10.88
CA ARG D 611 -6.82 -17.14 -9.93
C ARG D 611 -5.33 -16.89 -9.82
N HIS D 612 -4.51 -17.87 -10.17
CA HIS D 612 -3.06 -17.79 -10.11
C HIS D 612 -2.56 -18.93 -10.98
N ALA D 613 -1.36 -18.76 -11.53
CA ALA D 613 -0.84 -19.76 -12.46
C ALA D 613 -0.70 -21.12 -11.79
N GLY D 614 -0.30 -21.13 -10.53
CA GLY D 614 -0.17 -22.35 -9.75
C GLY D 614 -1.48 -22.99 -9.37
N GLN D 615 -2.61 -22.33 -9.61
CA GLN D 615 -3.90 -22.95 -9.36
C GLN D 615 -4.24 -24.02 -10.40
N GLN D 616 -3.63 -23.99 -11.57
CA GLN D 616 -3.95 -24.96 -12.63
C GLN D 616 -3.72 -26.39 -12.20
N PRO D 617 -4.55 -27.32 -12.71
CA PRO D 617 -5.57 -27.12 -13.74
C PRO D 617 -6.84 -26.49 -13.23
N THR D 618 -7.40 -25.60 -14.04
CA THR D 618 -8.67 -24.98 -13.72
C THR D 618 -9.78 -25.33 -14.69
N TYR D 619 -9.57 -26.29 -15.60
CA TYR D 619 -10.66 -26.69 -16.49
C TYR D 619 -11.73 -27.47 -15.74
N TYR D 620 -12.98 -27.27 -16.13
CA TYR D 620 -14.11 -27.78 -15.37
C TYR D 620 -14.10 -29.31 -15.26
N ASN D 621 -13.64 -30.03 -16.28
CA ASN D 621 -13.75 -31.49 -16.31
C ASN D 621 -12.52 -32.16 -15.71
N VAL D 622 -12.31 -31.89 -14.41
CA VAL D 622 -11.20 -32.49 -13.67
C VAL D 622 -11.49 -33.95 -13.34
N VAL D 623 -10.46 -34.79 -13.41
CA VAL D 623 -10.56 -36.19 -13.01
C VAL D 623 -10.63 -36.32 -11.49
N ARG D 624 -11.55 -37.15 -11.01
CA ARG D 624 -11.69 -37.45 -9.59
C ARG D 624 -10.42 -38.04 -8.99
N GLY D 625 -10.28 -37.87 -7.68
CA GLY D 625 -9.21 -38.50 -6.93
C GLY D 625 -8.59 -37.71 -5.79
N GLN D 626 -8.68 -36.39 -5.84
CA GLN D 626 -7.84 -35.55 -4.97
C GLN D 626 -8.17 -35.74 -3.50
N HIS D 627 -7.11 -35.80 -2.69
CA HIS D 627 -7.19 -35.67 -1.24
C HIS D 627 -7.30 -34.21 -0.87
N GLY D 628 -8.48 -33.75 -0.50
CA GLY D 628 -8.69 -32.34 -0.20
C GLY D 628 -9.39 -31.62 -1.34
N VAL D 629 -9.71 -30.36 -1.08
CA VAL D 629 -10.47 -29.56 -2.03
C VAL D 629 -9.82 -28.22 -2.34
N ARG D 630 -8.71 -27.89 -1.70
CA ARG D 630 -8.06 -26.59 -1.88
C ARG D 630 -6.57 -26.73 -1.62
N TYR D 631 -5.82 -25.77 -2.14
CA TYR D 631 -4.45 -25.60 -1.72
C TYR D 631 -4.44 -24.94 -0.34
N ALA D 632 -3.36 -25.17 0.40
CA ALA D 632 -3.31 -24.60 1.74
C ALA D 632 -3.27 -23.07 1.71
N ASP D 633 -2.76 -22.48 0.63
CA ASP D 633 -2.67 -21.02 0.50
C ASP D 633 -3.58 -20.44 -0.57
N LEU D 634 -4.52 -21.21 -1.13
CA LEU D 634 -5.39 -20.70 -2.18
C LEU D 634 -6.51 -21.67 -2.51
N THR D 635 -7.75 -21.18 -2.61
CA THR D 635 -8.88 -21.95 -3.11
C THR D 635 -8.56 -22.60 -4.44
N GLN D 636 -9.33 -23.62 -4.83
CA GLN D 636 -9.27 -24.17 -6.18
C GLN D 636 -10.45 -23.74 -7.03
N SER D 637 -11.38 -23.01 -6.45
CA SER D 637 -12.42 -22.40 -7.25
C SER D 637 -11.78 -21.45 -8.26
N PRO D 638 -12.12 -21.55 -9.53
CA PRO D 638 -11.56 -20.62 -10.51
C PRO D 638 -12.13 -19.23 -10.30
N ALA D 639 -11.42 -18.24 -10.82
CA ALA D 639 -11.94 -16.89 -10.76
C ALA D 639 -13.25 -16.79 -11.51
N PHE D 640 -13.32 -17.39 -12.71
CA PHE D 640 -14.53 -17.50 -13.49
C PHE D 640 -14.54 -18.85 -14.17
N ALA D 641 -15.70 -19.48 -14.21
CA ALA D 641 -15.80 -20.90 -14.54
C ALA D 641 -16.36 -21.09 -15.94
N PHE D 642 -15.98 -22.20 -16.57
CA PHE D 642 -16.57 -22.62 -17.83
C PHE D 642 -18.09 -22.48 -17.80
N GLY D 643 -18.64 -21.83 -18.81
CA GLY D 643 -20.06 -21.67 -18.89
C GLY D 643 -20.61 -20.45 -18.20
N GLU D 644 -19.79 -19.73 -17.44
CA GLU D 644 -20.26 -18.57 -16.70
C GLU D 644 -20.52 -17.41 -17.64
N GLY D 645 -21.30 -16.46 -17.17
CA GLY D 645 -21.60 -15.25 -17.89
C GLY D 645 -22.93 -14.69 -17.42
N LEU D 646 -23.02 -13.38 -17.29
CA LEU D 646 -24.23 -12.75 -16.83
C LEU D 646 -25.03 -12.22 -18.01
N SER D 647 -26.28 -11.87 -17.72
CA SER D 647 -27.10 -11.06 -18.61
C SER D 647 -27.49 -9.81 -17.84
N TYR D 648 -28.45 -9.05 -18.38
CA TYR D 648 -29.02 -7.91 -17.68
C TYR D 648 -30.37 -8.26 -17.05
N THR D 649 -30.61 -9.53 -16.75
CA THR D 649 -31.77 -9.94 -15.99
C THR D 649 -31.40 -11.19 -15.20
N THR D 650 -32.38 -11.69 -14.46
CA THR D 650 -32.22 -12.90 -13.66
C THR D 650 -33.11 -13.99 -14.22
N VAL D 651 -32.61 -15.23 -14.20
CA VAL D 651 -33.34 -16.38 -14.70
C VAL D 651 -33.22 -17.51 -13.70
N GLU D 652 -34.35 -18.09 -13.32
CA GLU D 652 -34.39 -19.15 -12.34
C GLU D 652 -34.69 -20.48 -13.02
N TYR D 653 -34.04 -21.54 -12.51
CA TYR D 653 -34.12 -22.90 -13.02
C TYR D 653 -34.86 -23.77 -12.03
N ALA D 654 -35.76 -24.64 -12.51
CA ALA D 654 -36.64 -25.35 -11.58
C ALA D 654 -36.71 -26.88 -11.74
N ASP D 655 -37.77 -27.39 -12.34
CA ASP D 655 -38.14 -28.79 -12.21
C ASP D 655 -37.33 -29.64 -13.19
N LEU D 656 -36.19 -30.14 -12.73
CA LEU D 656 -35.40 -31.03 -13.57
C LEU D 656 -35.98 -32.44 -13.48
N ARG D 657 -36.68 -32.86 -14.52
CA ARG D 657 -37.29 -34.17 -14.58
C ARG D 657 -36.70 -34.95 -15.75
N VAL D 658 -36.24 -36.14 -15.49
CA VAL D 658 -35.91 -37.09 -16.55
C VAL D 658 -37.16 -37.88 -16.87
N LEU D 659 -37.33 -38.23 -18.14
CA LEU D 659 -38.47 -39.02 -18.60
C LEU D 659 -38.00 -40.45 -18.76
N GLY D 660 -38.47 -41.32 -17.89
CA GLY D 660 -38.05 -42.70 -17.87
C GLY D 660 -36.72 -42.70 -17.15
N THR D 661 -36.34 -43.77 -16.47
CA THR D 661 -35.05 -43.79 -15.79
C THR D 661 -34.12 -44.90 -16.28
N GLU D 662 -34.64 -46.08 -16.63
CA GLU D 662 -33.78 -47.10 -17.22
C GLU D 662 -33.68 -46.88 -18.73
N HIS D 663 -32.45 -46.96 -19.24
CA HIS D 663 -32.13 -46.60 -20.61
C HIS D 663 -31.21 -47.65 -21.22
N GLY D 664 -31.38 -47.89 -22.51
CA GLY D 664 -30.62 -48.92 -23.19
C GLY D 664 -29.65 -48.34 -24.19
N PRO D 665 -28.64 -49.14 -24.58
CA PRO D 665 -27.53 -48.62 -25.39
C PRO D 665 -27.90 -47.70 -26.53
N ASP D 666 -29.10 -47.86 -27.10
CA ASP D 666 -29.50 -47.08 -28.27
C ASP D 666 -30.64 -46.11 -27.98
N ASP D 667 -30.93 -45.85 -26.72
CA ASP D 667 -31.97 -44.90 -26.35
C ASP D 667 -31.40 -43.49 -26.18
N VAL D 668 -32.32 -42.53 -26.07
CA VAL D 668 -31.99 -41.12 -25.85
C VAL D 668 -32.51 -40.73 -24.48
N VAL D 669 -31.64 -40.17 -23.64
CA VAL D 669 -32.09 -39.62 -22.38
C VAL D 669 -32.82 -38.33 -22.64
N ARG D 670 -34.04 -38.22 -22.15
CA ARG D 670 -34.93 -37.10 -22.44
C ARG D 670 -35.36 -36.44 -21.14
N ALA D 671 -35.31 -35.12 -21.09
CA ALA D 671 -35.53 -34.42 -19.85
C ALA D 671 -36.23 -33.09 -20.11
N GLU D 672 -36.74 -32.50 -19.04
CA GLU D 672 -37.32 -31.17 -19.09
C GLU D 672 -36.83 -30.37 -17.90
N VAL D 673 -36.75 -29.05 -18.10
CA VAL D 673 -36.42 -28.12 -17.02
C VAL D 673 -37.22 -26.85 -17.27
N THR D 674 -37.54 -26.14 -16.20
CA THR D 674 -38.36 -24.94 -16.31
C THR D 674 -37.52 -23.71 -16.00
N LEU D 675 -37.71 -22.68 -16.82
CA LEU D 675 -36.97 -21.43 -16.72
C LEU D 675 -37.96 -20.28 -16.58
N THR D 676 -37.64 -19.33 -15.70
CA THR D 676 -38.45 -18.13 -15.54
C THR D 676 -37.55 -16.90 -15.61
N ASN D 677 -37.95 -15.94 -16.45
CA ASN D 677 -37.29 -14.64 -16.51
C ASN D 677 -37.94 -13.77 -15.45
N THR D 678 -37.32 -13.68 -14.27
CA THR D 678 -37.90 -12.96 -13.15
C THR D 678 -37.49 -11.49 -13.11
N GLY D 679 -36.90 -10.98 -14.18
CA GLY D 679 -36.45 -9.61 -14.19
C GLY D 679 -37.17 -8.73 -15.18
N SER D 680 -36.56 -7.63 -15.58
CA SER D 680 -37.20 -6.64 -16.43
C SER D 680 -36.69 -6.63 -17.86
N ARG D 681 -35.66 -7.39 -18.19
CA ARG D 681 -35.09 -7.38 -19.52
C ARG D 681 -35.15 -8.77 -20.13
N PRO D 682 -35.33 -8.87 -21.44
CA PRO D 682 -35.32 -10.18 -22.10
C PRO D 682 -33.91 -10.75 -22.14
N VAL D 683 -33.81 -12.05 -22.43
CA VAL D 683 -32.53 -12.72 -22.45
C VAL D 683 -32.57 -13.89 -23.42
N ARG D 684 -31.44 -14.17 -24.04
CA ARG D 684 -31.20 -15.46 -24.68
C ARG D 684 -30.31 -16.25 -23.73
N GLU D 685 -30.88 -17.25 -23.08
CA GLU D 685 -30.21 -18.01 -22.04
C GLU D 685 -29.67 -19.31 -22.61
N THR D 686 -28.53 -19.74 -22.08
CA THR D 686 -27.81 -20.91 -22.61
C THR D 686 -27.84 -22.05 -21.58
N VAL D 687 -28.86 -22.90 -21.69
CA VAL D 687 -28.97 -24.05 -20.80
C VAL D 687 -27.87 -25.05 -21.13
N GLN D 688 -27.11 -25.45 -20.13
CA GLN D 688 -26.00 -26.36 -20.31
C GLN D 688 -26.29 -27.68 -19.62
N VAL D 689 -25.91 -28.77 -20.27
CA VAL D 689 -26.26 -30.13 -19.87
C VAL D 689 -24.97 -30.90 -19.70
N TYR D 690 -24.69 -31.33 -18.48
CA TYR D 690 -23.52 -32.14 -18.17
C TYR D 690 -23.94 -33.53 -17.74
N VAL D 691 -23.06 -34.51 -17.93
CA VAL D 691 -23.33 -35.90 -17.61
C VAL D 691 -22.27 -36.41 -16.65
N SER D 692 -22.70 -37.02 -15.55
CA SER D 692 -21.79 -37.54 -14.53
C SER D 692 -22.01 -39.05 -14.36
N ASP D 693 -20.94 -39.81 -14.59
CA ASP D 693 -20.96 -41.27 -14.45
C ASP D 693 -20.53 -41.60 -13.02
N THR D 694 -21.49 -41.98 -12.17
CA THR D 694 -21.28 -42.04 -10.73
C THR D 694 -20.18 -43.03 -10.34
N VAL D 695 -20.15 -44.21 -10.95
CA VAL D 695 -19.09 -45.18 -10.72
C VAL D 695 -18.54 -45.61 -12.07
N THR D 696 -17.22 -45.68 -12.18
CA THR D 696 -16.55 -45.92 -13.44
C THR D 696 -15.45 -46.95 -13.23
N SER D 697 -15.13 -47.71 -14.27
CA SER D 697 -14.12 -48.74 -14.12
C SER D 697 -12.72 -48.16 -13.96
N VAL D 698 -12.49 -46.93 -14.44
CA VAL D 698 -11.26 -46.20 -14.24
C VAL D 698 -11.65 -44.77 -13.86
N THR D 699 -10.68 -44.01 -13.33
CA THR D 699 -10.99 -42.65 -12.89
C THR D 699 -11.32 -41.76 -14.08
N TRP D 700 -12.22 -40.81 -13.85
CA TRP D 700 -12.78 -40.05 -14.94
C TRP D 700 -13.18 -38.67 -14.42
N ALA D 701 -13.63 -37.83 -15.32
CA ALA D 701 -14.08 -36.51 -14.92
C ALA D 701 -15.31 -36.62 -14.03
N GLU D 702 -15.42 -35.70 -13.07
CA GLU D 702 -16.63 -35.63 -12.27
C GLU D 702 -17.85 -35.38 -13.15
N LYS D 703 -17.67 -34.66 -14.26
CA LYS D 703 -18.78 -34.41 -15.17
C LYS D 703 -18.22 -33.86 -16.48
N GLU D 704 -19.02 -33.99 -17.54
CA GLU D 704 -18.63 -33.53 -18.86
C GLU D 704 -19.82 -32.92 -19.57
N LEU D 705 -19.57 -31.91 -20.39
CA LEU D 705 -20.64 -31.31 -21.16
C LEU D 705 -21.05 -32.24 -22.30
N LYS D 706 -22.35 -32.38 -22.51
CA LYS D 706 -22.83 -33.22 -23.60
C LYS D 706 -23.92 -32.58 -24.44
N ALA D 707 -24.55 -31.50 -23.97
CA ALA D 707 -25.58 -30.83 -24.75
C ALA D 707 -25.78 -29.43 -24.19
N TYR D 708 -26.38 -28.57 -25.01
CA TYR D 708 -26.77 -27.26 -24.55
C TYR D 708 -27.96 -26.80 -25.37
N ARG D 709 -28.59 -25.72 -24.93
CA ARG D 709 -29.77 -25.24 -25.63
C ARG D 709 -30.00 -23.77 -25.31
N LYS D 710 -30.12 -22.95 -26.34
CA LYS D 710 -30.40 -21.55 -26.16
C LYS D 710 -31.91 -21.31 -26.12
N VAL D 711 -32.33 -20.45 -25.21
CA VAL D 711 -33.75 -20.21 -24.94
C VAL D 711 -33.97 -18.70 -24.85
N ASP D 712 -34.95 -18.20 -25.59
CA ASP D 712 -35.33 -16.79 -25.49
C ASP D 712 -36.44 -16.63 -24.46
N LEU D 713 -36.25 -15.69 -23.53
CA LEU D 713 -37.23 -15.42 -22.48
C LEU D 713 -37.46 -13.93 -22.38
N ALA D 714 -38.69 -13.50 -22.65
CA ALA D 714 -39.09 -12.13 -22.41
C ALA D 714 -39.37 -11.93 -20.92
N PRO D 715 -39.41 -10.68 -20.45
CA PRO D 715 -39.70 -10.46 -19.04
C PRO D 715 -40.97 -11.16 -18.60
N GLY D 716 -40.87 -11.92 -17.52
CA GLY D 716 -41.99 -12.62 -16.96
C GLY D 716 -42.24 -13.98 -17.55
N GLU D 717 -41.71 -14.26 -18.74
CA GLU D 717 -42.04 -15.48 -19.43
C GLU D 717 -41.44 -16.69 -18.73
N SER D 718 -42.25 -17.74 -18.60
CA SER D 718 -41.78 -19.07 -18.25
C SER D 718 -41.70 -19.91 -19.51
N ALA D 719 -40.95 -21.00 -19.42
CA ALA D 719 -40.87 -21.95 -20.51
C ALA D 719 -40.28 -23.23 -19.97
N THR D 720 -40.89 -24.36 -20.30
CA THR D 720 -40.38 -25.66 -19.93
C THR D 720 -39.69 -26.27 -21.15
N VAL D 721 -38.42 -26.60 -20.99
CA VAL D 721 -37.51 -26.80 -22.11
C VAL D 721 -37.13 -28.26 -22.19
N GLY D 722 -37.28 -28.84 -23.39
CA GLY D 722 -36.89 -30.22 -23.59
C GLY D 722 -35.39 -30.33 -23.84
N LEU D 723 -34.78 -31.33 -23.22
CA LEU D 723 -33.36 -31.60 -23.36
C LEU D 723 -33.16 -33.07 -23.72
N GLU D 724 -32.00 -33.39 -24.28
CA GLU D 724 -31.77 -34.75 -24.72
C GLU D 724 -30.29 -35.02 -24.84
N VAL D 725 -29.87 -36.20 -24.39
CA VAL D 725 -28.50 -36.67 -24.56
C VAL D 725 -28.52 -38.13 -24.98
N PRO D 726 -28.08 -38.46 -26.19
CA PRO D 726 -28.00 -39.87 -26.59
C PRO D 726 -27.12 -40.65 -25.62
N VAL D 727 -27.60 -41.84 -25.25
CA VAL D 727 -26.83 -42.71 -24.36
C VAL D 727 -25.48 -43.03 -24.97
N ALA D 728 -25.40 -43.10 -26.30
CA ALA D 728 -24.14 -43.40 -26.95
C ALA D 728 -23.08 -42.35 -26.65
N ASP D 729 -23.48 -41.15 -26.24
CA ASP D 729 -22.56 -40.08 -25.90
C ASP D 729 -22.07 -40.14 -24.46
N CYS D 730 -22.81 -40.80 -23.57
CA CYS D 730 -22.40 -40.95 -22.17
C CYS D 730 -21.30 -41.99 -22.08
N THR D 731 -20.16 -41.63 -22.63
CA THR D 731 -19.08 -42.54 -22.92
C THR D 731 -17.86 -42.22 -22.06
N LEU D 732 -16.97 -43.21 -21.93
CA LEU D 732 -15.67 -43.00 -21.28
C LEU D 732 -14.65 -43.90 -21.95
N VAL D 733 -13.37 -43.59 -21.74
CA VAL D 733 -12.26 -44.39 -22.24
C VAL D 733 -11.79 -45.27 -21.10
N ASP D 734 -11.78 -46.58 -21.31
CA ASP D 734 -11.31 -47.48 -20.27
C ASP D 734 -9.81 -47.74 -20.46
N ALA D 735 -9.26 -48.60 -19.61
CA ALA D 735 -7.97 -49.18 -19.96
C ALA D 735 -8.17 -50.01 -21.22
N HIS D 736 -7.08 -50.50 -21.78
CA HIS D 736 -7.10 -51.01 -23.15
C HIS D 736 -7.26 -49.84 -24.11
N GLY D 737 -8.22 -48.97 -23.84
CA GLY D 737 -8.34 -47.72 -24.57
C GLY D 737 -9.56 -47.65 -25.46
N ARG D 738 -10.66 -48.24 -25.02
CA ARG D 738 -11.89 -48.23 -25.80
C ARG D 738 -12.87 -47.21 -25.23
N ARG D 739 -13.50 -46.47 -26.14
CA ARG D 739 -14.49 -45.47 -25.75
C ARG D 739 -15.84 -46.16 -25.69
N VAL D 740 -16.32 -46.44 -24.47
CA VAL D 740 -17.45 -47.32 -24.26
C VAL D 740 -18.47 -46.63 -23.35
N VAL D 741 -19.71 -47.11 -23.41
CA VAL D 741 -20.75 -46.76 -22.46
C VAL D 741 -20.84 -47.92 -21.48
N GLU D 742 -20.30 -47.75 -20.28
CA GLU D 742 -20.42 -48.77 -19.26
C GLU D 742 -21.75 -48.62 -18.53
N PRO D 743 -22.48 -49.70 -18.29
CA PRO D 743 -23.79 -49.58 -17.62
C PRO D 743 -23.62 -49.23 -16.15
N GLY D 744 -24.62 -48.53 -15.60
CA GLY D 744 -24.60 -48.11 -14.20
C GLY D 744 -25.45 -46.87 -13.99
N GLU D 745 -25.27 -46.21 -12.85
CA GLU D 745 -26.00 -44.97 -12.62
C GLU D 745 -25.19 -43.79 -13.17
N PHE D 746 -25.90 -42.90 -13.83
CA PHE D 746 -25.41 -41.64 -14.33
C PHE D 746 -26.22 -40.55 -13.65
N GLU D 747 -25.75 -39.32 -13.77
CA GLU D 747 -26.47 -38.20 -13.24
C GLU D 747 -26.47 -37.07 -14.28
N LEU D 748 -27.60 -36.42 -14.42
CA LEU D 748 -27.79 -35.36 -15.40
C LEU D 748 -27.79 -34.02 -14.67
N ARG D 749 -26.88 -33.14 -15.06
CA ARG D 749 -26.68 -31.86 -14.37
C ARG D 749 -26.93 -30.73 -15.36
N VAL D 750 -27.87 -29.85 -15.02
CA VAL D 750 -28.39 -28.86 -15.97
C VAL D 750 -28.47 -27.51 -15.27
N GLY D 751 -28.03 -26.46 -15.95
CA GLY D 751 -28.06 -25.13 -15.39
C GLY D 751 -27.36 -24.09 -16.24
N PRO D 752 -27.13 -22.91 -15.67
CA PRO D 752 -26.53 -21.81 -16.42
C PRO D 752 -25.02 -21.78 -16.44
N SER D 753 -24.33 -22.70 -15.77
CA SER D 753 -22.88 -22.73 -15.82
C SER D 753 -22.43 -24.09 -15.33
N SER D 754 -21.11 -24.29 -15.26
CA SER D 754 -20.55 -25.55 -14.82
C SER D 754 -20.29 -25.60 -13.32
N ARG D 755 -20.68 -24.58 -12.57
CA ARG D 755 -20.44 -24.57 -11.14
C ARG D 755 -21.42 -25.49 -10.44
N GLU D 756 -20.94 -26.38 -9.60
CA GLU D 756 -21.80 -27.35 -8.96
C GLU D 756 -22.92 -26.71 -8.20
N ASP D 757 -22.66 -25.57 -7.60
CA ASP D 757 -23.73 -24.89 -6.88
C ASP D 757 -24.74 -24.20 -7.79
N ALA D 758 -24.61 -24.35 -9.10
CA ALA D 758 -25.57 -23.80 -10.05
C ALA D 758 -26.35 -24.88 -10.77
N LEU D 759 -26.02 -26.13 -10.55
CA LEU D 759 -26.64 -27.21 -11.26
C LEU D 759 -27.70 -28.07 -10.60
N LEU D 760 -28.86 -28.16 -11.23
CA LEU D 760 -29.94 -29.03 -10.81
C LEU D 760 -29.47 -30.42 -11.25
N ARG D 761 -29.77 -31.43 -10.47
CA ARG D 761 -29.34 -32.77 -10.77
C ARG D 761 -30.48 -33.80 -10.82
N ALA D 762 -30.39 -34.77 -11.72
CA ALA D 762 -31.40 -35.80 -11.84
C ALA D 762 -30.70 -37.09 -12.19
N SER D 763 -31.13 -38.21 -11.66
CA SER D 763 -30.46 -39.47 -11.96
C SER D 763 -31.11 -40.36 -12.99
N PHE D 764 -30.30 -41.14 -13.68
CA PHE D 764 -30.77 -42.08 -14.68
C PHE D 764 -29.88 -43.28 -14.74
N THR D 765 -30.38 -44.37 -15.28
CA THR D 765 -29.65 -45.63 -15.34
C THR D 765 -29.46 -46.06 -16.79
N VAL D 766 -28.32 -46.68 -17.06
CA VAL D 766 -28.05 -47.37 -18.30
C VAL D 766 -27.78 -48.83 -17.96
N ALA D 767 -28.54 -49.74 -18.57
CA ALA D 767 -28.35 -51.16 -18.37
C ALA D 767 -28.00 -51.81 -19.71
N GLY D 768 -27.28 -52.93 -19.62
CA GLY D 768 -26.95 -53.69 -20.82
C GLY D 768 -28.17 -54.26 -21.51
N LEU E 82 91.20 7.92 -38.64
CA LEU E 82 91.61 7.80 -37.25
C LEU E 82 90.79 6.77 -36.50
N LEU E 83 91.48 5.98 -35.71
CA LEU E 83 90.89 4.89 -34.95
C LEU E 83 90.94 5.23 -33.47
N ALA E 84 89.78 5.22 -32.83
CA ALA E 84 89.67 5.65 -31.45
C ALA E 84 88.89 4.63 -30.65
N GLU E 85 89.35 4.39 -29.43
CA GLU E 85 88.70 3.47 -28.52
C GLU E 85 88.68 4.08 -27.13
N ASP E 86 87.74 3.62 -26.32
CA ASP E 86 87.74 3.93 -24.90
C ASP E 86 88.83 3.13 -24.21
N CYS E 87 89.88 3.81 -23.76
CA CYS E 87 90.96 3.21 -22.98
C CYS E 87 90.97 3.92 -21.64
N ILE E 88 90.03 3.54 -20.77
CA ILE E 88 89.63 4.38 -19.65
C ILE E 88 90.60 4.27 -18.49
N HIS E 89 91.04 3.06 -18.16
CA HIS E 89 92.07 2.87 -17.15
C HIS E 89 92.84 1.60 -17.49
N GLY E 90 93.68 1.72 -18.52
CA GLY E 90 94.21 0.57 -19.21
C GLY E 90 93.37 0.22 -20.42
N HIS E 91 93.93 -0.59 -21.30
CA HIS E 91 93.22 -0.86 -22.54
C HIS E 91 91.96 -1.65 -22.25
N SER E 92 90.87 -0.94 -22.00
CA SER E 92 89.75 -1.51 -21.28
C SER E 92 89.18 -2.74 -21.96
N PHE E 93 89.10 -2.75 -23.28
CA PHE E 93 88.34 -3.78 -23.97
C PHE E 93 89.18 -4.65 -24.88
N TRP E 94 90.50 -4.71 -24.63
CA TRP E 94 91.41 -5.65 -25.33
C TRP E 94 91.48 -6.93 -24.50
N VAL E 95 91.04 -8.07 -25.04
CA VAL E 95 90.90 -9.36 -24.30
C VAL E 95 91.90 -9.63 -23.16
N GLY E 96 93.19 -9.36 -23.29
CA GLY E 96 94.07 -9.70 -22.15
C GLY E 96 95.05 -8.62 -21.74
N ALA E 97 94.56 -7.41 -21.52
CA ALA E 97 95.48 -6.29 -21.22
C ALA E 97 95.51 -5.92 -19.75
N THR E 98 96.41 -5.02 -19.38
CA THR E 98 96.51 -4.54 -18.02
C THR E 98 95.34 -3.60 -17.72
N ILE E 99 94.46 -4.02 -16.82
CA ILE E 99 93.43 -3.15 -16.27
C ILE E 99 93.94 -2.59 -14.95
N PHE E 100 94.06 -1.28 -14.88
CA PHE E 100 94.48 -0.57 -13.69
C PHE E 100 93.28 -0.21 -12.84
N PRO E 101 93.47 0.30 -11.63
CA PRO E 101 92.33 0.79 -10.86
C PRO E 101 91.65 1.94 -11.59
N THR E 102 90.35 2.11 -11.33
CA THR E 102 89.62 3.21 -11.92
C THR E 102 90.27 4.53 -11.55
N GLN E 103 89.81 5.60 -12.20
CA GLN E 103 90.39 6.91 -11.91
C GLN E 103 90.13 7.33 -10.47
N LEU E 104 88.99 6.94 -9.90
CA LEU E 104 88.76 7.27 -8.51
C LEU E 104 89.75 6.56 -7.62
N GLY E 105 90.10 5.32 -7.96
CA GLY E 105 91.09 4.60 -7.18
C GLY E 105 92.48 5.18 -7.33
N MET E 106 92.87 5.50 -8.56
CA MET E 106 94.22 6.05 -8.75
C MET E 106 94.35 7.37 -8.04
N ALA E 107 93.26 8.12 -7.90
CA ALA E 107 93.33 9.44 -7.28
C ALA E 107 93.77 9.34 -5.82
N ALA E 108 93.43 8.24 -5.16
CA ALA E 108 93.79 8.07 -3.76
C ALA E 108 95.29 8.04 -3.57
N THR E 109 96.05 7.80 -4.62
CA THR E 109 97.51 7.75 -4.51
C THR E 109 98.10 9.13 -4.33
N TRP E 110 97.43 10.17 -4.84
CA TRP E 110 97.95 11.53 -4.77
C TRP E 110 99.34 11.63 -5.41
N ASP E 111 99.62 10.79 -6.40
CA ASP E 111 100.96 10.70 -6.99
C ASP E 111 100.87 10.81 -8.51
N PRO E 112 101.09 12.01 -9.06
CA PRO E 112 100.98 12.16 -10.51
C PRO E 112 102.09 11.46 -11.28
N ALA E 113 103.28 11.35 -10.71
CA ALA E 113 104.32 10.54 -11.34
C ALA E 113 103.81 9.14 -11.61
N LEU E 114 103.18 8.53 -10.60
CA LEU E 114 102.66 7.20 -10.76
C LEU E 114 101.56 7.13 -11.83
N VAL E 115 100.69 8.15 -11.86
CA VAL E 115 99.58 8.10 -12.81
C VAL E 115 100.09 8.32 -14.23
N GLU E 116 101.18 9.05 -14.37
CA GLU E 116 101.84 9.17 -15.66
C GLU E 116 102.33 7.81 -16.16
N GLN E 117 102.98 7.04 -15.28
CA GLN E 117 103.44 5.72 -15.66
C GLN E 117 102.28 4.83 -16.08
N VAL E 118 101.13 4.98 -15.41
CA VAL E 118 99.95 4.22 -15.82
C VAL E 118 99.49 4.65 -17.20
N ALA E 119 99.47 5.95 -17.46
CA ALA E 119 99.03 6.42 -18.76
C ALA E 119 99.95 5.92 -19.86
N HIS E 120 101.25 6.08 -19.66
CA HIS E 120 102.21 5.63 -20.67
C HIS E 120 102.09 4.14 -20.91
N ALA E 121 102.13 3.35 -19.83
CA ALA E 121 101.97 1.91 -19.97
C ALA E 121 100.69 1.56 -20.71
N THR E 122 99.62 2.29 -20.44
CA THR E 122 98.40 2.11 -21.22
C THR E 122 98.64 2.44 -22.69
N ALA E 123 99.30 3.57 -22.95
CA ALA E 123 99.54 3.99 -24.33
C ALA E 123 100.31 2.93 -25.10
N VAL E 124 101.39 2.41 -24.51
CA VAL E 124 102.18 1.35 -25.14
C VAL E 124 101.27 0.23 -25.62
N GLU E 125 100.41 -0.27 -24.74
CA GLU E 125 99.59 -1.42 -25.09
C GLU E 125 98.53 -1.07 -26.11
N VAL E 126 98.01 0.16 -26.08
CA VAL E 126 97.03 0.55 -27.08
C VAL E 126 97.72 0.80 -28.42
N ALA E 127 98.87 1.47 -28.41
CA ALA E 127 99.60 1.74 -29.64
C ALA E 127 99.90 0.44 -30.39
N ALA E 128 100.37 -0.55 -29.66
CA ALA E 128 100.67 -1.82 -30.24
C ALA E 128 99.45 -2.44 -30.89
N THR E 129 98.25 -2.01 -30.54
CA THR E 129 97.06 -2.60 -31.14
C THR E 129 96.56 -1.83 -32.32
N GLY E 130 97.24 -0.76 -32.65
CA GLY E 130 96.80 0.03 -33.78
C GLY E 130 95.82 1.16 -33.54
N VAL E 131 95.56 1.51 -32.28
CA VAL E 131 94.69 2.63 -32.02
C VAL E 131 95.50 3.92 -31.85
N HIS E 132 94.94 5.05 -32.24
CA HIS E 132 95.66 6.32 -32.17
C HIS E 132 95.16 7.23 -31.07
N TRP E 133 93.99 6.96 -30.52
CA TRP E 133 93.19 8.02 -29.91
C TRP E 133 92.31 7.43 -28.83
N THR E 134 92.58 7.80 -27.58
CA THR E 134 91.81 7.31 -26.44
C THR E 134 90.94 8.42 -25.88
N PHE E 135 89.73 8.05 -25.45
CA PHE E 135 88.82 8.99 -24.81
C PHE E 135 89.11 8.99 -23.31
N SER E 136 90.22 9.62 -22.96
CA SER E 136 90.74 9.58 -21.62
C SER E 136 91.82 10.65 -21.53
N PRO E 137 91.92 11.34 -20.39
CA PRO E 137 91.24 11.15 -19.13
C PRO E 137 89.91 11.86 -18.97
N VAL E 138 89.19 11.52 -17.91
CA VAL E 138 87.96 12.21 -17.53
C VAL E 138 88.32 13.33 -16.57
N LEU E 139 87.78 14.52 -16.81
CA LEU E 139 88.06 15.65 -15.96
C LEU E 139 86.84 16.12 -15.18
N CYS E 140 85.72 15.41 -15.29
CA CYS E 140 84.55 15.74 -14.50
C CYS E 140 84.87 15.67 -13.01
N ILE E 141 84.22 16.52 -12.23
CA ILE E 141 84.46 16.67 -10.80
C ILE E 141 83.28 16.08 -10.05
N ALA E 142 83.56 15.16 -9.13
CA ALA E 142 82.50 14.42 -8.45
C ALA E 142 81.88 15.27 -7.35
N ARG E 143 80.77 15.92 -7.65
CA ARG E 143 80.10 16.78 -6.68
C ARG E 143 78.76 16.23 -6.21
N ASP E 144 78.20 15.25 -6.90
CA ASP E 144 76.95 14.63 -6.50
C ASP E 144 77.15 13.11 -6.48
N LEU E 145 77.17 12.53 -5.28
CA LEU E 145 77.55 11.13 -5.12
C LEU E 145 76.53 10.18 -5.71
N ARG E 146 75.31 10.66 -5.98
CA ARG E 146 74.30 9.87 -6.64
C ARG E 146 74.63 9.59 -8.09
N TRP E 147 75.57 10.32 -8.67
CA TRP E 147 75.87 10.22 -10.09
C TRP E 147 76.52 8.88 -10.42
N GLY E 148 76.00 8.21 -11.45
CA GLY E 148 76.46 6.86 -11.75
C GLY E 148 77.92 6.75 -12.10
N ARG E 149 78.55 7.82 -12.55
CA ARG E 149 79.90 7.73 -13.10
C ARG E 149 80.94 8.45 -12.25
N VAL E 150 80.73 8.50 -10.93
CA VAL E 150 81.74 9.04 -10.03
C VAL E 150 83.04 8.23 -10.09
N ASP E 151 82.95 6.93 -10.42
CA ASP E 151 84.13 6.07 -10.48
C ASP E 151 85.10 6.52 -11.57
N GLU E 152 84.60 7.15 -12.62
CA GLU E 152 85.45 7.62 -13.71
C GLU E 152 86.18 8.92 -13.39
N THR E 153 85.86 9.58 -12.29
CA THR E 153 86.46 10.86 -11.98
C THR E 153 87.68 10.70 -11.10
N PHE E 154 88.42 11.78 -10.94
CA PHE E 154 89.50 11.86 -9.98
C PHE E 154 89.05 12.43 -8.64
N GLY E 155 87.75 12.45 -8.38
CA GLY E 155 87.26 12.96 -7.12
C GLY E 155 86.56 14.30 -7.19
N GLU E 156 86.68 15.09 -6.12
CA GLU E 156 85.88 16.30 -5.94
C GLU E 156 86.70 17.58 -5.85
N ASP E 157 88.02 17.52 -6.04
CA ASP E 157 88.85 18.68 -5.87
C ASP E 157 89.35 19.18 -7.22
N PRO E 158 89.08 20.45 -7.56
CA PRO E 158 89.57 20.98 -8.84
C PRO E 158 91.06 20.94 -9.00
N PHE E 159 91.83 21.19 -7.93
CA PHE E 159 93.28 21.17 -8.07
C PHE E 159 93.80 19.76 -8.32
N LEU E 160 93.35 18.79 -7.52
CA LEU E 160 93.86 17.43 -7.65
C LEU E 160 93.45 16.82 -8.99
N ILE E 161 92.22 17.08 -9.42
CA ILE E 161 91.82 16.65 -10.75
C ILE E 161 92.76 17.20 -11.80
N GLY E 162 93.19 18.46 -11.64
CA GLY E 162 94.10 19.05 -12.61
C GLY E 162 95.45 18.38 -12.58
N GLU E 163 95.97 18.10 -11.38
CA GLU E 163 97.23 17.39 -11.25
C GLU E 163 97.22 16.07 -12.01
N LEU E 164 96.21 15.25 -11.76
CA LEU E 164 96.23 13.89 -12.29
C LEU E 164 95.79 13.85 -13.76
N ALA E 165 94.84 14.70 -14.15
CA ALA E 165 94.53 14.83 -15.56
C ALA E 165 95.76 15.27 -16.34
N SER E 166 96.51 16.22 -15.79
CA SER E 166 97.75 16.65 -16.44
C SER E 166 98.73 15.50 -16.58
N ALA E 167 98.71 14.56 -15.64
CA ALA E 167 99.63 13.42 -15.70
C ALA E 167 99.17 12.36 -16.69
N MET E 168 97.87 12.20 -16.90
CA MET E 168 97.40 11.21 -17.87
C MET E 168 97.60 11.68 -19.30
N VAL E 169 97.48 12.99 -19.56
CA VAL E 169 97.69 13.45 -20.93
C VAL E 169 99.16 13.33 -21.30
N ARG E 170 100.06 13.69 -20.39
CA ARG E 170 101.48 13.54 -20.62
C ARG E 170 101.83 12.10 -21.00
N GLY E 171 101.52 11.16 -20.10
CA GLY E 171 101.91 9.78 -20.34
C GLY E 171 101.26 9.18 -21.57
N TYR E 172 100.00 9.58 -21.84
CA TYR E 172 99.33 9.10 -23.03
C TYR E 172 100.06 9.52 -24.30
N GLN E 173 100.45 10.79 -24.37
CA GLN E 173 101.00 11.35 -25.65
C GLN E 173 102.51 11.26 -25.75
N GLY E 174 103.25 11.57 -24.69
CA GLY E 174 104.71 11.39 -24.70
C GLY E 174 105.45 12.46 -25.49
N ASP E 175 106.31 12.05 -26.42
CA ASP E 175 107.15 13.02 -27.16
C ASP E 175 106.38 13.74 -28.27
N GLY E 176 105.26 13.18 -28.74
CA GLY E 176 104.46 13.90 -29.74
C GLY E 176 103.50 12.99 -30.48
N SER E 178 104.56 12.52 -32.88
CA SER E 178 105.18 11.59 -33.81
C SER E 178 105.54 10.26 -33.15
N ASP E 179 105.50 10.20 -31.82
CA ASP E 179 106.03 9.12 -31.00
C ASP E 179 105.40 7.79 -31.40
N PRO E 180 106.17 6.69 -31.49
CA PRO E 180 105.50 5.41 -31.81
C PRO E 180 104.60 4.95 -30.69
N THR E 181 104.92 5.28 -29.44
CA THR E 181 104.15 4.84 -28.28
C THR E 181 103.13 5.86 -27.81
N GLY E 182 103.18 7.08 -28.32
CA GLY E 182 102.19 8.07 -27.97
C GLY E 182 100.88 7.87 -28.69
N ILE E 183 99.82 8.42 -28.09
CA ILE E 183 98.49 8.39 -28.67
C ILE E 183 97.80 9.72 -28.34
N LEU E 184 96.68 9.95 -28.99
CA LEU E 184 95.94 11.18 -28.77
C LEU E 184 95.13 11.08 -27.49
N ALA E 185 95.26 12.09 -26.63
CA ALA E 185 94.48 12.18 -25.40
C ALA E 185 93.25 13.05 -25.63
N THR E 186 92.14 12.68 -24.99
CA THR E 186 90.91 13.44 -25.00
C THR E 186 90.65 13.98 -23.60
N ALA E 187 90.61 15.31 -23.46
CA ALA E 187 90.06 15.92 -22.25
C ALA E 187 88.54 15.81 -22.35
N LYS E 188 87.95 14.94 -21.52
CA LYS E 188 86.64 14.39 -21.81
C LYS E 188 85.55 14.96 -20.91
N HIS E 189 84.39 15.18 -21.52
CA HIS E 189 83.16 15.69 -20.91
C HIS E 189 83.23 17.17 -20.65
N PHE E 190 83.20 17.95 -21.72
CA PHE E 190 83.52 19.36 -21.58
C PHE E 190 82.38 20.09 -20.87
N ALA E 191 82.64 20.49 -19.63
CA ALA E 191 81.85 21.36 -18.78
C ALA E 191 80.61 20.73 -18.18
N GLY E 192 80.68 20.47 -16.87
CA GLY E 192 79.50 20.40 -16.03
C GLY E 192 78.68 19.14 -16.12
N TYR E 193 79.13 18.12 -16.81
CA TYR E 193 78.36 16.89 -16.96
C TYR E 193 78.20 16.17 -15.64
N SER E 194 79.18 16.40 -14.81
CA SER E 194 79.29 15.86 -13.50
C SER E 194 78.16 16.28 -12.51
N GLU E 195 77.70 17.52 -12.54
CA GLU E 195 76.63 17.94 -11.65
C GLU E 195 75.32 18.31 -12.33
N THR E 196 74.38 17.39 -12.33
CA THR E 196 73.09 17.61 -12.96
C THR E 196 71.92 17.29 -12.03
N GLN E 197 70.79 17.92 -12.26
CA GLN E 197 69.62 17.74 -11.41
C GLN E 197 69.45 16.30 -10.93
N GLY E 198 69.47 16.12 -9.62
CA GLY E 198 69.21 14.84 -9.01
C GLY E 198 70.31 13.82 -9.15
N GLY E 199 71.53 14.26 -9.47
CA GLY E 199 72.60 13.34 -9.83
C GLY E 199 72.24 12.37 -10.92
N ARG E 200 71.23 12.71 -11.73
CA ARG E 200 70.76 11.87 -12.81
C ARG E 200 71.67 12.01 -14.03
N ASP E 201 71.58 11.02 -14.92
CA ASP E 201 72.50 10.93 -16.05
C ASP E 201 72.06 11.90 -17.13
N ALA E 202 72.86 12.94 -17.34
CA ALA E 202 72.60 13.93 -18.37
C ALA E 202 71.22 14.56 -18.19
N SER E 203 70.88 14.90 -16.96
CA SER E 203 69.72 15.75 -16.72
C SER E 203 70.16 17.20 -16.91
N GLU E 204 69.28 18.14 -16.58
CA GLU E 204 69.58 19.55 -16.77
C GLU E 204 70.66 20.00 -15.81
N ALA E 205 71.72 20.59 -16.33
CA ALA E 205 72.77 21.17 -15.51
C ALA E 205 72.39 22.62 -15.19
N ASP E 206 72.01 22.87 -13.94
CA ASP E 206 71.65 24.21 -13.47
C ASP E 206 72.90 24.97 -13.04
N ILE E 207 73.85 25.11 -13.96
CA ILE E 207 75.13 25.71 -13.68
C ILE E 207 75.21 27.04 -14.43
N SER E 208 75.43 28.11 -13.68
CA SER E 208 75.63 29.42 -14.28
C SER E 208 77.02 29.49 -14.87
N GLN E 209 77.33 30.61 -15.54
CA GLN E 209 78.66 30.76 -16.09
C GLN E 209 79.69 30.88 -14.98
N ARG E 210 79.36 31.60 -13.92
CA ARG E 210 80.29 31.74 -12.83
C ARG E 210 80.65 30.44 -12.12
N LYS E 211 79.64 29.64 -11.89
CA LYS E 211 79.86 28.36 -11.23
C LYS E 211 80.73 27.45 -12.09
N LEU E 212 80.44 27.37 -13.39
CA LEU E 212 81.26 26.58 -14.28
C LEU E 212 82.72 27.01 -14.25
N ARG E 213 82.97 28.32 -14.22
CA ARG E 213 84.34 28.78 -14.19
C ARG E 213 84.98 28.52 -12.83
N SER E 214 84.16 28.50 -11.78
CA SER E 214 84.69 28.42 -10.43
C SER E 214 85.19 27.02 -10.11
N TRP E 215 84.42 25.99 -10.46
CA TRP E 215 84.66 24.64 -9.98
C TRP E 215 84.90 23.61 -11.07
N PHE E 216 84.40 23.81 -12.28
CA PHE E 216 84.49 22.80 -13.32
C PHE E 216 85.57 23.09 -14.34
N LEU E 217 85.80 24.35 -14.70
CA LEU E 217 86.71 24.71 -15.78
C LEU E 217 88.20 24.63 -15.48
N PRO E 218 88.67 24.81 -14.24
CA PRO E 218 90.12 24.89 -14.01
C PRO E 218 90.88 23.71 -14.59
N PRO E 219 90.48 22.46 -14.34
CA PRO E 219 91.26 21.35 -14.92
C PRO E 219 91.21 21.28 -16.44
N PHE E 220 90.11 21.70 -17.06
CA PHE E 220 90.10 21.79 -18.51
C PHE E 220 91.05 22.86 -19.02
N GLU E 221 91.10 24.02 -18.37
CA GLU E 221 92.02 25.06 -18.80
C GLU E 221 93.45 24.58 -18.72
N ARG E 222 93.79 23.79 -17.72
CA ARG E 222 95.17 23.39 -17.54
C ARG E 222 95.66 22.49 -18.67
N VAL E 223 94.92 21.42 -18.96
CA VAL E 223 95.41 20.50 -19.99
C VAL E 223 95.33 21.15 -21.36
N ALA E 224 94.39 22.07 -21.57
CA ALA E 224 94.35 22.81 -22.83
C ALA E 224 95.61 23.64 -23.00
N ARG E 225 96.06 24.30 -21.93
CA ARG E 225 97.29 25.08 -22.01
C ARG E 225 98.49 24.19 -22.23
N GLU E 226 98.47 22.97 -21.70
CA GLU E 226 99.57 22.04 -21.90
C GLU E 226 99.38 21.19 -23.14
N GLY E 227 98.36 21.47 -23.94
CA GLY E 227 98.25 20.83 -25.24
C GLY E 227 97.65 19.45 -25.24
N CYS E 228 96.59 19.22 -24.47
CA CYS E 228 95.83 17.99 -24.63
C CYS E 228 95.26 17.95 -26.03
N ALA E 229 95.49 16.85 -26.74
CA ALA E 229 95.31 16.83 -28.18
C ALA E 229 93.87 17.14 -28.58
N THR E 230 92.89 16.56 -27.90
CA THR E 230 91.49 16.76 -28.29
C THR E 230 90.63 16.98 -27.06
N PHE E 231 89.41 17.48 -27.32
CA PHE E 231 88.36 17.67 -26.33
C PHE E 231 87.11 16.95 -26.78
N MET E 232 86.36 16.43 -25.82
CA MET E 232 85.06 15.82 -26.09
C MET E 232 84.00 16.59 -25.32
N LEU E 233 82.83 16.74 -25.93
CA LEU E 233 81.72 17.44 -25.30
C LEU E 233 80.93 16.51 -24.39
N GLY E 234 79.95 17.09 -23.70
CA GLY E 234 79.12 16.33 -22.77
C GLY E 234 77.68 16.22 -23.24
N TYR E 235 76.95 15.24 -22.72
CA TYR E 235 75.59 14.95 -23.19
C TYR E 235 74.58 16.02 -22.85
N GLN E 236 74.81 16.83 -21.82
CA GLN E 236 73.71 17.46 -21.10
C GLN E 236 73.47 18.90 -21.53
N SER E 237 72.22 19.33 -21.36
CA SER E 237 71.87 20.72 -21.56
C SER E 237 72.21 21.51 -20.32
N MET E 238 72.81 22.67 -20.51
CA MET E 238 73.29 23.48 -19.40
C MET E 238 72.69 24.86 -19.53
N ASP E 239 71.88 25.26 -18.55
CA ASP E 239 71.14 26.53 -18.60
C ASP E 239 70.21 26.58 -19.81
N GLY E 240 69.73 25.43 -20.27
CA GLY E 240 68.78 25.34 -21.35
C GLY E 240 69.36 24.87 -22.67
N VAL E 241 70.66 24.97 -22.85
CA VAL E 241 71.30 24.84 -24.15
C VAL E 241 72.32 23.71 -24.10
N PRO E 242 72.14 22.65 -24.90
CA PRO E 242 73.10 21.54 -24.88
C PRO E 242 74.49 22.02 -25.26
N VAL E 243 75.50 21.38 -24.68
CA VAL E 243 76.88 21.79 -24.91
C VAL E 243 77.23 21.76 -26.38
N THR E 244 76.54 20.92 -27.16
CA THR E 244 76.88 20.74 -28.57
C THR E 244 76.76 22.04 -29.35
N VAL E 245 75.77 22.88 -29.03
CA VAL E 245 75.60 24.13 -29.75
C VAL E 245 75.76 25.29 -28.79
N ASN E 246 76.66 25.16 -27.84
CA ASN E 246 76.82 26.15 -26.78
C ASN E 246 77.89 27.13 -27.20
N GLY E 247 77.46 28.18 -27.89
CA GLY E 247 78.40 29.13 -28.44
C GLY E 247 79.35 29.69 -27.40
N TRP E 248 78.82 30.08 -26.25
CA TRP E 248 79.66 30.72 -25.24
C TRP E 248 80.83 29.83 -24.85
N LEU E 249 80.56 28.55 -24.62
CA LEU E 249 81.60 27.70 -24.05
C LEU E 249 82.62 27.29 -25.10
N LEU E 250 82.15 26.86 -26.27
CA LEU E 250 83.06 26.40 -27.30
C LEU E 250 83.84 27.56 -27.90
N ASP E 251 83.18 28.68 -28.14
CA ASP E 251 83.81 29.81 -28.87
C ASP E 251 84.60 30.72 -27.94
N ASP E 252 83.90 31.46 -27.08
CA ASP E 252 84.54 32.53 -26.32
C ASP E 252 85.52 31.97 -25.28
N VAL E 253 85.21 30.84 -24.67
CA VAL E 253 86.07 30.30 -23.63
C VAL E 253 87.16 29.41 -24.23
N LEU E 254 86.76 28.34 -24.91
CA LEU E 254 87.73 27.38 -25.41
C LEU E 254 88.65 28.02 -26.44
N ARG E 255 88.08 28.46 -27.56
CA ARG E 255 88.87 29.17 -28.56
C ARG E 255 89.24 30.56 -28.07
N GLY E 256 88.25 31.36 -27.69
CA GLY E 256 88.49 32.74 -27.35
C GLY E 256 89.47 32.98 -26.23
N GLU E 257 89.11 32.61 -25.00
CA GLU E 257 89.97 32.93 -23.88
C GLU E 257 91.18 32.02 -23.81
N TRP E 258 90.99 30.75 -24.09
CA TRP E 258 92.07 29.78 -23.92
C TRP E 258 92.95 29.65 -25.15
N GLY E 259 92.39 29.82 -26.34
CA GLY E 259 93.18 29.75 -27.54
C GLY E 259 93.59 28.32 -27.84
N TYR E 260 92.61 27.45 -28.01
CA TYR E 260 92.87 26.02 -28.04
C TYR E 260 93.06 25.55 -29.48
N THR E 261 94.28 25.10 -29.76
CA THR E 261 94.69 24.67 -31.09
C THR E 261 94.10 23.32 -31.50
N GLY E 262 93.43 22.61 -30.60
CA GLY E 262 93.13 21.21 -30.78
C GLY E 262 91.76 20.94 -31.35
N THR E 263 91.43 19.64 -31.40
CA THR E 263 90.28 19.11 -32.11
C THR E 263 89.13 18.82 -31.16
N LEU E 264 87.90 18.93 -31.67
CA LEU E 264 86.70 18.79 -30.87
C LEU E 264 85.85 17.63 -31.36
N VAL E 265 85.52 16.73 -30.46
CA VAL E 265 84.64 15.62 -30.77
C VAL E 265 83.36 15.76 -29.97
N THR E 266 82.36 15.02 -30.40
CA THR E 266 81.06 14.98 -29.80
C THR E 266 80.93 13.68 -29.06
N ASP E 267 80.12 13.67 -28.03
CA ASP E 267 79.88 12.46 -27.27
C ASP E 267 78.92 11.68 -28.12
N TRP E 268 78.69 10.43 -27.77
CA TRP E 268 77.84 9.57 -28.57
C TRP E 268 76.59 10.20 -29.08
N ASP E 269 76.62 10.48 -30.37
CA ASP E 269 75.49 11.04 -31.08
C ASP E 269 74.89 12.23 -30.39
N ASN E 270 75.66 13.25 -30.09
CA ASN E 270 75.01 14.38 -29.45
C ASN E 270 74.04 15.06 -30.39
N VAL E 271 74.34 15.06 -31.68
CA VAL E 271 73.55 15.84 -32.62
C VAL E 271 72.24 15.12 -32.95
N GLY E 272 72.29 13.81 -33.21
CA GLY E 272 71.07 13.08 -33.44
C GLY E 272 70.18 13.03 -32.22
N ARG E 273 70.76 13.24 -31.04
CA ARG E 273 70.00 13.22 -29.80
C ARG E 273 69.24 14.51 -29.57
N MET E 274 69.63 15.59 -30.25
CA MET E 274 68.98 16.87 -30.06
C MET E 274 67.53 16.87 -30.49
N VAL E 275 67.12 15.88 -31.28
CA VAL E 275 65.76 15.83 -31.76
C VAL E 275 64.85 15.09 -30.79
N TRP E 276 65.29 13.95 -30.26
CA TRP E 276 64.38 13.00 -29.65
C TRP E 276 64.47 12.94 -28.13
N GLU E 277 65.53 13.46 -27.52
CA GLU E 277 65.65 13.41 -26.07
C GLU E 277 65.48 14.76 -25.41
N GLN E 278 66.24 15.76 -25.85
CA GLN E 278 66.06 17.10 -25.33
C GLN E 278 64.96 17.86 -26.05
N HIS E 279 64.59 17.44 -27.26
CA HIS E 279 63.58 18.10 -28.07
C HIS E 279 64.00 19.55 -28.36
N ILE E 280 65.14 19.67 -29.02
CA ILE E 280 65.69 20.97 -29.38
C ILE E 280 65.47 21.29 -30.85
N GLN E 281 65.35 20.28 -31.69
CA GLN E 281 65.08 20.42 -33.11
C GLN E 281 64.12 19.30 -33.51
N PRO E 282 63.23 19.55 -34.47
CA PRO E 282 62.53 18.44 -35.14
C PRO E 282 63.13 18.05 -36.48
N ASP E 283 64.14 18.78 -36.94
CA ASP E 283 64.71 18.63 -38.27
C ASP E 283 66.17 18.24 -38.13
N TYR E 284 66.56 17.20 -38.87
CA TYR E 284 67.88 16.62 -38.68
C TYR E 284 68.98 17.35 -39.42
N VAL E 285 68.69 18.48 -40.08
CA VAL E 285 69.73 19.24 -40.81
C VAL E 285 70.29 20.48 -40.11
N ALA E 291 74.11 23.69 -36.90
CA ALA E 291 73.81 23.91 -35.50
C ALA E 291 75.16 23.89 -34.84
N VAL E 292 76.03 23.00 -35.27
CA VAL E 292 77.36 22.96 -34.70
C VAL E 292 78.24 24.03 -35.35
N ARG E 293 77.97 25.28 -34.97
CA ARG E 293 78.68 26.42 -35.48
C ARG E 293 79.66 26.97 -34.45
N ALA E 294 79.70 26.38 -33.26
CA ALA E 294 80.59 26.87 -32.22
C ALA E 294 81.73 25.89 -31.96
N PRO E 346 98.96 -2.00 -36.82
CA PRO E 346 99.11 -3.05 -35.81
C PRO E 346 100.46 -3.75 -35.86
N ASP E 347 100.68 -4.65 -34.91
CA ASP E 347 101.91 -5.42 -34.83
C ASP E 347 101.73 -6.53 -33.81
N VAL E 348 101.30 -7.71 -34.27
CA VAL E 348 101.11 -8.84 -33.37
C VAL E 348 102.39 -9.15 -32.63
N ALA E 349 103.53 -9.03 -33.30
CA ALA E 349 104.81 -9.30 -32.64
C ALA E 349 104.99 -8.41 -31.41
N ARG E 350 104.68 -7.13 -31.52
CA ARG E 350 104.86 -6.25 -30.37
C ARG E 350 103.78 -6.44 -29.32
N GLN E 351 102.55 -6.77 -29.74
CA GLN E 351 101.52 -7.10 -28.76
C GLN E 351 101.95 -8.24 -27.86
N GLN E 352 102.63 -9.23 -28.42
CA GLN E 352 103.19 -10.28 -27.57
C GLN E 352 104.28 -9.73 -26.66
N ALA E 353 104.95 -8.67 -27.09
CA ALA E 353 106.07 -8.17 -26.32
C ALA E 353 105.63 -7.32 -25.14
N VAL E 354 104.64 -6.44 -25.35
CA VAL E 354 104.37 -5.34 -24.43
C VAL E 354 103.07 -5.53 -23.66
N ILE E 355 102.02 -6.04 -24.31
CA ILE E 355 100.76 -6.17 -23.62
C ILE E 355 100.90 -7.13 -22.45
N ALA E 356 100.53 -6.69 -21.26
CA ALA E 356 100.60 -7.46 -20.03
C ALA E 356 102.03 -7.86 -19.70
N SER E 357 103.00 -7.03 -20.07
CA SER E 357 104.37 -7.33 -19.72
C SER E 357 104.59 -7.20 -18.22
N ALA E 358 105.76 -7.61 -17.77
CA ALA E 358 106.04 -7.60 -16.33
C ALA E 358 106.24 -6.18 -15.83
N GLU E 359 106.86 -5.33 -16.63
CA GLU E 359 107.01 -3.93 -16.25
C GLU E 359 105.66 -3.28 -15.98
N HIS E 360 104.65 -3.64 -16.76
CA HIS E 360 103.34 -3.05 -16.62
C HIS E 360 102.62 -3.60 -15.41
N ALA E 361 102.72 -4.90 -15.17
CA ALA E 361 102.07 -5.48 -14.01
C ALA E 361 102.68 -4.96 -12.73
N ALA E 362 103.95 -4.57 -12.77
CA ALA E 362 104.58 -3.99 -11.59
C ALA E 362 104.09 -2.58 -11.35
N VAL E 363 103.83 -1.82 -12.42
CA VAL E 363 103.17 -0.53 -12.28
C VAL E 363 101.79 -0.73 -11.67
N ASN E 364 101.04 -1.70 -12.20
CA ASN E 364 99.67 -1.91 -11.75
C ASN E 364 99.62 -2.15 -10.26
N LEU E 365 100.53 -2.97 -9.74
CA LEU E 365 100.48 -3.36 -8.34
C LEU E 365 100.97 -2.24 -7.44
N GLU E 366 101.82 -1.36 -7.95
CA GLU E 366 102.22 -0.20 -7.17
C GLU E 366 101.04 0.74 -6.97
N VAL E 367 100.26 0.99 -8.01
CA VAL E 367 99.07 1.82 -7.87
C VAL E 367 98.07 1.17 -6.93
N ALA E 368 97.90 -0.15 -7.04
CA ALA E 368 96.94 -0.83 -6.18
C ALA E 368 97.34 -0.75 -4.71
N ARG E 369 98.63 -0.92 -4.43
CA ARG E 369 99.11 -0.80 -3.06
C ARG E 369 98.94 0.61 -2.52
N ARG E 370 99.31 1.60 -3.30
CA ARG E 370 99.28 2.96 -2.78
C ARG E 370 97.90 3.60 -2.86
N SER E 371 96.91 2.91 -3.38
CA SER E 371 95.60 3.51 -3.53
C SER E 371 94.63 3.10 -2.44
N LEU E 372 94.94 2.09 -1.65
CA LEU E 372 94.03 1.64 -0.60
C LEU E 372 94.02 2.63 0.54
N VAL E 373 92.83 3.02 0.98
CA VAL E 373 92.67 3.99 2.06
C VAL E 373 92.15 3.27 3.30
N LEU E 374 92.94 3.23 4.36
CA LEU E 374 92.51 2.76 5.67
C LEU E 374 91.71 3.86 6.36
N LEU E 375 90.41 3.64 6.58
CA LEU E 375 89.53 4.67 7.12
C LEU E 375 89.27 4.55 8.62
N THR E 376 89.21 3.35 9.17
CA THR E 376 89.12 3.13 10.61
C THR E 376 89.99 1.95 10.97
N ASN E 377 90.42 1.92 12.23
CA ASN E 377 91.24 0.85 12.75
C ASN E 377 91.35 0.93 14.27
N ASP E 378 90.71 0.02 15.00
CA ASP E 378 90.80 0.03 16.44
C ASP E 378 92.08 -0.61 16.97
N GLY E 379 93.04 -0.91 16.12
CA GLY E 379 94.26 -1.55 16.52
C GLY E 379 94.39 -2.98 16.06
N THR E 380 93.29 -3.57 15.59
CA THR E 380 93.32 -4.92 15.06
C THR E 380 94.30 -5.04 13.90
N LEU E 381 94.38 -4.03 13.06
CA LEU E 381 95.33 -4.04 11.96
C LEU E 381 96.58 -3.27 12.37
N PRO E 382 97.76 -3.69 11.89
CA PRO E 382 98.05 -4.87 11.07
C PRO E 382 97.88 -6.17 11.84
N PHE E 383 97.23 -7.16 11.21
CA PHE E 383 96.74 -8.32 11.92
C PHE E 383 97.88 -9.09 12.58
N ALA E 384 97.65 -9.51 13.83
CA ALA E 384 98.63 -10.26 14.62
C ALA E 384 99.93 -9.49 14.82
N GLY E 385 99.88 -8.16 14.75
CA GLY E 385 101.05 -7.33 14.88
C GLY E 385 101.81 -7.05 13.60
N GLY E 386 101.45 -7.67 12.48
CA GLY E 386 102.18 -7.50 11.24
C GLY E 386 103.12 -8.65 10.91
N LEU E 387 103.24 -8.99 9.63
CA LEU E 387 104.02 -10.14 9.20
C LEU E 387 105.21 -9.70 8.37
N ASP E 388 106.12 -10.60 8.16
CA ASP E 388 107.29 -10.39 7.38
C ASP E 388 107.25 -11.44 6.36
N ARG E 389 107.99 -11.28 5.30
CA ARG E 389 108.03 -12.29 4.27
C ARG E 389 109.16 -13.31 4.32
N THR E 393 112.77 -15.02 -0.39
CA THR E 393 111.64 -15.03 -1.32
C THR E 393 110.78 -13.84 -1.00
N PRO E 394 111.25 -12.65 -1.27
CA PRO E 394 110.46 -11.48 -0.88
C PRO E 394 109.27 -11.18 -1.74
N ASP E 395 108.91 -12.07 -2.65
CA ASP E 395 107.76 -11.75 -3.49
C ASP E 395 106.61 -12.72 -3.27
N GLY E 396 106.71 -13.61 -2.29
CA GLY E 396 105.76 -14.68 -2.09
C GLY E 396 105.27 -14.73 -0.65
N ARG E 397 105.09 -15.95 -0.16
CA ARG E 397 104.29 -16.18 1.03
C ARG E 397 104.94 -15.60 2.28
N ALA E 398 104.10 -15.28 3.26
CA ALA E 398 104.51 -14.64 4.49
C ALA E 398 104.78 -15.65 5.59
N LEU E 399 105.66 -15.28 6.51
CA LEU E 399 105.97 -16.13 7.64
C LEU E 399 105.04 -15.83 8.81
N ALA E 400 104.79 -16.85 9.60
CA ALA E 400 104.03 -16.66 10.83
C ALA E 400 104.79 -15.74 11.76
N PRO E 401 104.15 -14.75 12.37
CA PRO E 401 104.85 -13.82 13.24
C PRO E 401 105.02 -14.38 14.64
N ALA E 402 105.88 -13.74 15.41
CA ALA E 402 106.05 -14.10 16.81
C ALA E 402 104.73 -13.94 17.54
N GLY E 403 104.31 -15.00 18.23
CA GLY E 403 103.11 -14.97 19.03
C GLY E 403 101.84 -15.38 18.34
N ALA E 404 101.90 -15.86 17.09
CA ALA E 404 100.70 -16.22 16.32
C ALA E 404 101.02 -17.37 15.38
N PRO E 405 101.21 -18.57 15.92
CA PRO E 405 101.58 -19.70 15.04
C PRO E 405 100.43 -20.22 14.19
N ALA E 406 99.19 -20.18 14.66
CA ALA E 406 98.04 -20.64 13.89
C ALA E 406 96.93 -19.61 13.96
N ARG E 407 96.54 -19.07 12.81
CA ARG E 407 95.39 -18.18 12.70
C ARG E 407 94.52 -18.63 11.54
N THR E 408 93.22 -18.37 11.67
CA THR E 408 92.27 -18.62 10.60
C THR E 408 91.61 -17.31 10.19
N ILE E 409 91.69 -17.00 8.90
CA ILE E 409 91.05 -15.82 8.33
C ILE E 409 89.91 -16.28 7.43
N ALA E 410 88.70 -15.85 7.77
CA ALA E 410 87.51 -16.12 6.98
C ALA E 410 87.19 -14.93 6.08
N VAL E 411 87.23 -15.14 4.77
CA VAL E 411 86.98 -14.08 3.79
C VAL E 411 85.56 -14.24 3.26
N VAL E 412 84.73 -13.22 3.44
CA VAL E 412 83.31 -13.33 3.17
C VAL E 412 82.83 -12.11 2.40
N GLY E 413 81.59 -12.17 1.96
CA GLY E 413 81.01 -11.09 1.19
C GLY E 413 80.93 -11.34 -0.29
N PRO E 414 79.93 -10.76 -0.93
CA PRO E 414 79.72 -11.02 -2.36
C PRO E 414 80.81 -10.49 -3.26
N ASN E 415 81.62 -9.53 -2.80
CA ASN E 415 82.67 -8.98 -3.63
C ASN E 415 84.05 -9.55 -3.31
N ALA E 416 84.12 -10.61 -2.50
CA ALA E 416 85.38 -11.16 -2.05
C ALA E 416 86.08 -12.01 -3.09
N ASP E 417 85.35 -12.52 -4.08
CA ASP E 417 85.91 -13.40 -5.11
C ASP E 417 85.23 -13.11 -6.44
N ASP E 418 85.07 -11.82 -6.75
CA ASP E 418 84.36 -11.35 -7.93
C ASP E 418 85.33 -10.48 -8.74
N ASP E 419 85.97 -11.08 -9.73
CA ASP E 419 86.96 -10.34 -10.51
C ASP E 419 86.32 -9.28 -11.38
N HIS E 420 85.08 -9.49 -11.84
CA HIS E 420 84.48 -8.47 -12.69
C HIS E 420 84.21 -7.20 -11.90
N THR E 421 83.61 -7.34 -10.73
CA THR E 421 83.36 -6.18 -9.89
C THR E 421 84.65 -5.50 -9.46
N GLN E 422 85.69 -6.30 -9.18
CA GLN E 422 86.95 -5.71 -8.77
C GLN E 422 87.59 -4.89 -9.88
N LEU E 423 87.29 -5.16 -11.14
CA LEU E 423 87.83 -4.33 -12.20
C LEU E 423 86.97 -3.12 -12.47
N GLY E 424 85.72 -3.16 -12.10
CA GLY E 424 84.87 -2.00 -12.23
C GLY E 424 84.36 -1.79 -13.64
N ASP E 425 83.83 -0.59 -13.85
CA ASP E 425 83.21 -0.22 -15.10
C ASP E 425 84.28 0.18 -16.10
N TRP E 426 83.89 0.19 -17.38
CA TRP E 426 84.77 0.49 -18.50
C TRP E 426 85.98 -0.44 -18.50
N ALA E 427 85.71 -1.75 -18.43
CA ALA E 427 86.75 -2.76 -18.52
C ALA E 427 86.09 -4.11 -18.75
N GLY E 428 86.69 -4.91 -19.62
CA GLY E 428 86.24 -6.28 -19.81
C GLY E 428 84.79 -6.33 -20.22
N ALA E 429 84.00 -7.09 -19.48
CA ALA E 429 82.60 -7.27 -19.80
C ALA E 429 81.67 -6.27 -19.12
N SER E 430 82.10 -5.02 -18.93
CA SER E 430 81.22 -4.01 -18.35
C SER E 430 79.93 -3.91 -19.14
N GLY E 431 80.05 -3.77 -20.46
CA GLY E 431 78.89 -3.77 -21.33
C GLY E 431 79.10 -3.02 -22.62
N GLN E 432 79.99 -2.04 -22.61
CA GLN E 432 80.17 -1.18 -23.78
C GLN E 432 80.82 -1.89 -24.95
N ALA E 433 81.41 -3.07 -24.76
CA ALA E 433 82.04 -3.80 -25.84
C ALA E 433 81.42 -5.18 -25.93
N ASP E 434 80.71 -5.44 -27.02
CA ASP E 434 80.05 -6.71 -27.24
C ASP E 434 80.95 -7.74 -27.91
N TRP E 435 82.15 -7.37 -28.31
CA TRP E 435 83.12 -8.33 -28.82
C TRP E 435 83.90 -9.01 -27.70
N LEU E 436 83.28 -9.24 -26.56
CA LEU E 436 84.00 -9.47 -25.33
C LEU E 436 83.05 -9.98 -24.25
N PRO E 437 82.23 -10.99 -24.54
CA PRO E 437 81.16 -11.31 -23.59
C PRO E 437 81.67 -11.79 -22.24
N ASP E 438 82.76 -12.56 -22.20
CA ASP E 438 83.13 -13.29 -21.00
C ASP E 438 84.18 -12.57 -20.16
N GLY E 439 84.84 -11.56 -20.67
CA GLY E 439 85.68 -10.71 -19.86
C GLY E 439 87.15 -10.92 -20.14
N HIS E 440 87.96 -10.52 -19.18
CA HIS E 440 89.38 -10.81 -19.22
C HIS E 440 89.65 -12.17 -18.64
N PRO E 441 90.84 -12.72 -18.88
CA PRO E 441 91.20 -14.04 -18.33
C PRO E 441 91.35 -13.98 -16.81
N ARG E 442 90.57 -14.80 -16.11
CA ARG E 442 90.54 -14.92 -14.67
C ARG E 442 91.92 -14.88 -14.02
N GLU E 443 92.88 -15.59 -14.61
CA GLU E 443 94.21 -15.70 -14.02
C GLU E 443 94.94 -14.38 -13.94
N MET E 444 94.47 -13.36 -14.64
CA MET E 444 95.15 -12.08 -14.58
C MET E 444 94.71 -11.22 -13.40
N THR E 445 93.67 -11.62 -12.70
CA THR E 445 93.13 -10.87 -11.57
C THR E 445 93.37 -11.62 -10.27
N THR E 446 93.92 -10.92 -9.28
CA THR E 446 93.98 -11.43 -7.91
C THR E 446 92.81 -10.84 -7.13
N THR E 447 91.87 -11.68 -6.73
CA THR E 447 90.79 -11.22 -5.88
C THR E 447 91.24 -11.17 -4.42
N VAL E 448 90.34 -10.73 -3.53
CA VAL E 448 90.69 -10.67 -2.11
C VAL E 448 90.93 -12.06 -1.58
N LEU E 449 90.05 -13.00 -1.91
CA LEU E 449 90.26 -14.39 -1.51
C LEU E 449 91.56 -14.95 -2.04
N ASP E 450 91.80 -14.80 -3.36
CA ASP E 450 93.08 -15.21 -3.94
C ASP E 450 94.25 -14.62 -3.19
N GLY E 451 94.17 -13.33 -2.85
CA GLY E 451 95.29 -12.68 -2.18
C GLY E 451 95.59 -13.31 -0.83
N PHE E 452 94.57 -13.55 -0.03
CA PHE E 452 94.79 -14.16 1.27
C PHE E 452 95.27 -15.60 1.11
N ARG E 453 94.63 -16.37 0.25
CA ARG E 453 95.06 -17.74 0.02
C ARG E 453 96.53 -17.80 -0.38
N ALA E 454 97.02 -16.80 -1.10
CA ALA E 454 98.39 -16.84 -1.56
C ALA E 454 99.40 -16.31 -0.55
N LEU E 455 99.02 -15.47 0.41
CA LEU E 455 100.00 -14.86 1.29
C LEU E 455 99.95 -15.35 2.72
N ALA E 456 98.84 -15.95 3.16
CA ALA E 456 98.77 -16.45 4.52
C ALA E 456 99.88 -17.48 4.77
N PRO E 457 100.49 -17.48 5.95
CA PRO E 457 101.56 -18.44 6.24
C PRO E 457 101.09 -19.89 6.17
N GLU E 458 102.09 -20.78 6.06
CA GLU E 458 101.82 -22.21 6.00
C GLU E 458 100.93 -22.66 7.15
N GLY E 459 101.21 -22.20 8.36
CA GLY E 459 100.44 -22.63 9.50
C GLY E 459 99.08 -22.01 9.65
N TRP E 460 98.68 -21.15 8.73
CA TRP E 460 97.41 -20.44 8.80
C TRP E 460 96.46 -21.01 7.77
N ALA E 461 95.17 -20.74 7.95
CA ALA E 461 94.14 -21.20 7.04
C ALA E 461 93.25 -20.05 6.64
N VAL E 462 92.76 -20.11 5.40
CA VAL E 462 91.87 -19.11 4.83
C VAL E 462 90.59 -19.84 4.42
N THR E 463 89.47 -19.43 4.99
CA THR E 463 88.19 -20.00 4.61
C THR E 463 87.41 -18.97 3.82
N HIS E 464 86.27 -19.41 3.31
CA HIS E 464 85.50 -18.58 2.40
C HIS E 464 84.02 -18.89 2.56
N ALA E 465 83.22 -17.85 2.50
CA ALA E 465 81.78 -18.00 2.47
C ALA E 465 81.22 -16.80 1.75
N ARG E 466 80.57 -17.01 0.63
CA ARG E 466 79.68 -15.98 0.15
C ARG E 466 78.71 -15.68 1.27
N GLY E 467 78.42 -14.42 1.50
CA GLY E 467 77.62 -14.22 2.70
C GLY E 467 76.26 -13.65 2.40
N ALA E 468 76.16 -13.00 1.25
CA ALA E 468 74.92 -12.38 0.84
C ALA E 468 74.98 -12.18 -0.65
N ASP E 469 73.82 -11.99 -1.25
CA ASP E 469 73.74 -11.56 -2.63
C ASP E 469 73.32 -10.11 -2.68
N ILE E 470 73.61 -9.47 -3.80
CA ILE E 470 73.28 -8.06 -3.97
C ILE E 470 71.95 -7.94 -4.70
N LEU E 471 71.87 -8.46 -5.92
CA LEU E 471 70.70 -8.20 -6.73
C LEU E 471 70.45 -9.32 -7.74
N THR E 472 69.23 -9.32 -8.27
CA THR E 472 68.86 -10.04 -9.47
C THR E 472 68.10 -9.09 -10.37
N LEU E 473 68.04 -9.40 -11.65
CA LEU E 473 67.35 -8.58 -12.60
C LEU E 473 65.99 -9.13 -12.88
N ALA E 474 65.09 -8.23 -13.20
CA ALA E 474 63.74 -8.54 -13.53
C ALA E 474 63.37 -7.55 -14.58
N GLN E 490 65.93 -6.14 -16.99
CA GLN E 490 66.37 -4.78 -17.26
C GLN E 490 66.31 -3.92 -15.98
N VAL E 491 65.61 -4.41 -14.97
CA VAL E 491 65.39 -3.67 -13.72
C VAL E 491 65.99 -4.44 -12.55
N VAL E 492 66.52 -3.69 -11.57
CA VAL E 492 67.25 -4.27 -10.44
C VAL E 492 66.28 -4.61 -9.32
N VAL E 493 66.33 -5.86 -8.87
CA VAL E 493 65.61 -6.32 -7.69
C VAL E 493 66.64 -6.63 -6.60
N PRO E 494 66.68 -5.88 -5.51
CA PRO E 494 67.63 -6.20 -4.45
C PRO E 494 67.35 -7.55 -3.83
N ALA E 495 68.41 -8.28 -3.51
CA ALA E 495 68.27 -9.57 -2.86
C ALA E 495 67.79 -9.40 -1.43
N ALA E 496 66.85 -10.25 -1.02
CA ALA E 496 66.50 -10.31 0.38
C ALA E 496 67.63 -10.99 1.15
N PRO E 497 67.87 -10.59 2.40
CA PRO E 497 68.77 -11.38 3.25
C PRO E 497 68.39 -12.84 3.21
N ASP E 498 69.40 -13.69 3.17
CA ASP E 498 69.26 -15.12 2.97
C ASP E 498 69.82 -15.78 4.21
N ASP E 499 68.94 -16.32 5.04
CA ASP E 499 69.34 -16.79 6.36
C ASP E 499 70.41 -17.87 6.27
N ALA E 500 70.29 -18.77 5.30
CA ALA E 500 71.27 -19.84 5.17
C ALA E 500 72.62 -19.29 4.74
N LEU E 501 72.62 -18.39 3.74
CA LEU E 501 73.86 -17.77 3.30
C LEU E 501 74.55 -17.04 4.45
N ILE E 502 73.76 -16.37 5.28
CA ILE E 502 74.32 -15.65 6.42
C ILE E 502 74.85 -16.61 7.45
N ALA E 503 74.08 -17.66 7.75
CA ALA E 503 74.48 -18.59 8.79
C ALA E 503 75.80 -19.25 8.44
N GLU E 504 76.00 -19.53 7.16
CA GLU E 504 77.26 -20.13 6.72
C GLU E 504 78.44 -19.20 6.96
N ALA E 505 78.25 -17.91 6.70
CA ALA E 505 79.31 -16.95 6.99
C ALA E 505 79.50 -16.75 8.49
N VAL E 506 78.41 -16.75 9.26
CA VAL E 506 78.55 -16.59 10.71
C VAL E 506 79.36 -17.74 11.28
N ALA E 507 79.05 -18.96 10.85
CA ALA E 507 79.79 -20.12 11.34
C ALA E 507 81.26 -20.06 10.95
N ALA E 508 81.55 -19.60 9.74
CA ALA E 508 82.94 -19.43 9.36
C ALA E 508 83.62 -18.38 10.23
N ALA E 509 82.92 -17.31 10.58
CA ALA E 509 83.51 -16.27 11.43
C ALA E 509 83.68 -16.76 12.87
N ARG E 510 82.73 -17.53 13.37
CA ARG E 510 82.84 -18.13 14.69
C ARG E 510 83.97 -19.14 14.78
N ASP E 511 84.54 -19.57 13.65
CA ASP E 511 85.67 -20.49 13.68
C ASP E 511 86.95 -19.84 13.21
N ALA E 512 87.04 -18.52 13.26
CA ALA E 512 88.21 -17.84 12.75
C ALA E 512 88.66 -16.79 13.75
N ASP E 513 89.82 -16.19 13.47
CA ASP E 513 90.42 -15.14 14.26
C ASP E 513 90.17 -13.76 13.68
N LEU E 514 89.65 -13.70 12.46
CA LEU E 514 89.48 -12.46 11.73
C LEU E 514 88.50 -12.74 10.60
N ALA E 515 87.52 -11.87 10.43
CA ALA E 515 86.58 -11.97 9.33
C ALA E 515 86.79 -10.76 8.42
N VAL E 516 87.16 -11.01 7.17
CA VAL E 516 87.36 -9.95 6.20
C VAL E 516 86.12 -9.94 5.29
N ALA E 517 85.25 -8.96 5.52
CA ALA E 517 83.98 -8.84 4.81
C ALA E 517 84.13 -7.87 3.64
N VAL E 518 83.98 -8.38 2.42
CA VAL E 518 84.22 -7.60 1.22
C VAL E 518 82.87 -7.28 0.58
N VAL E 519 82.50 -6.01 0.63
CA VAL E 519 81.19 -5.53 0.23
C VAL E 519 81.35 -4.34 -0.70
N GLY E 520 80.24 -3.95 -1.31
CA GLY E 520 80.22 -2.83 -2.23
C GLY E 520 79.03 -2.85 -3.17
N ASP E 521 79.23 -2.40 -4.39
CA ASP E 521 78.21 -2.40 -5.44
C ASP E 521 78.73 -3.23 -6.62
N ARG E 522 77.91 -3.33 -7.68
CA ARG E 522 78.31 -4.05 -8.88
C ARG E 522 77.72 -3.34 -10.10
N ILE E 523 77.98 -3.90 -11.29
CA ILE E 523 77.90 -3.15 -12.53
C ILE E 523 76.49 -2.61 -12.81
N GLU E 524 75.45 -3.33 -12.40
CA GLU E 524 74.10 -2.84 -12.61
C GLU E 524 73.74 -1.67 -11.70
N LEU E 525 74.64 -1.24 -10.82
CA LEU E 525 74.43 -0.07 -9.96
C LEU E 525 75.45 1.02 -10.25
N VAL E 526 76.07 1.00 -11.42
CA VAL E 526 77.23 1.84 -11.73
C VAL E 526 77.10 2.32 -13.17
N GLY E 527 77.47 3.57 -13.42
CA GLY E 527 77.71 4.05 -14.76
C GLY E 527 76.50 4.68 -15.45
N GLU E 528 76.60 4.74 -16.78
CA GLU E 528 75.62 5.45 -17.60
C GLU E 528 74.21 4.91 -17.40
N GLY E 529 73.27 5.83 -17.20
CA GLY E 529 71.90 5.46 -17.00
C GLY E 529 71.61 4.85 -15.66
N ARG E 530 72.59 4.73 -14.79
CA ARG E 530 72.50 3.95 -13.55
C ARG E 530 72.97 4.77 -12.36
N SER E 531 72.39 5.94 -12.19
CA SER E 531 72.55 6.68 -10.95
C SER E 531 71.80 5.94 -9.83
N THR E 532 72.21 6.21 -8.59
CA THR E 532 71.56 5.66 -7.42
C THR E 532 71.03 6.78 -6.53
N ALA E 533 69.96 6.49 -5.81
CA ALA E 533 69.30 7.45 -4.93
C ALA E 533 69.71 7.34 -3.48
N THR E 534 69.94 6.14 -2.97
CA THR E 534 70.17 5.96 -1.54
C THR E 534 71.63 5.84 -1.15
N LEU E 535 72.51 5.47 -2.07
CA LEU E 535 73.93 5.27 -1.81
C LEU E 535 74.21 4.15 -0.82
N GLU E 536 73.22 3.35 -0.44
CA GLU E 536 73.38 2.31 0.56
C GLU E 536 73.79 0.99 -0.09
N LEU E 537 74.34 0.09 0.72
CA LEU E 537 74.64 -1.25 0.24
C LEU E 537 73.36 -1.97 -0.09
N VAL E 538 73.27 -2.48 -1.32
CA VAL E 538 72.06 -3.13 -1.81
C VAL E 538 72.11 -4.61 -1.47
N GLY E 539 70.93 -5.17 -1.19
CA GLY E 539 70.79 -6.61 -1.01
C GLY E 539 71.01 -7.07 0.42
N GLY E 540 71.55 -8.26 0.58
CA GLY E 540 71.72 -8.79 1.91
C GLY E 540 72.97 -8.38 2.64
N GLN E 541 73.68 -7.34 2.17
CA GLN E 541 74.99 -7.04 2.71
C GLN E 541 74.91 -6.43 4.11
N VAL E 542 73.89 -5.61 4.36
CA VAL E 542 73.73 -5.04 5.70
C VAL E 542 73.52 -6.14 6.72
N ALA E 543 72.57 -7.04 6.46
CA ALA E 543 72.30 -8.15 7.38
C ALA E 543 73.55 -8.99 7.59
N LEU E 544 74.34 -9.18 6.54
CA LEU E 544 75.56 -9.96 6.69
C LEU E 544 76.53 -9.26 7.62
N LEU E 545 76.73 -7.95 7.44
CA LEU E 545 77.64 -7.19 8.30
C LEU E 545 77.14 -7.20 9.75
N ASP E 546 75.86 -6.94 9.95
CA ASP E 546 75.29 -6.95 11.29
C ASP E 546 75.59 -8.25 12.00
N ALA E 547 75.44 -9.38 11.31
CA ALA E 547 75.58 -10.69 11.95
C ALA E 547 77.03 -11.05 12.16
N LEU E 548 77.92 -10.61 11.26
CA LEU E 548 79.33 -10.91 11.43
C LEU E 548 79.88 -10.22 12.66
N VAL E 549 79.60 -8.93 12.80
CA VAL E 549 80.08 -8.16 13.93
C VAL E 549 79.56 -8.73 15.23
N ALA E 550 78.37 -9.32 15.22
CA ALA E 550 77.76 -9.84 16.43
C ALA E 550 78.42 -11.13 16.90
N THR E 551 79.33 -11.72 16.14
CA THR E 551 79.92 -13.00 16.52
C THR E 551 81.01 -12.86 17.55
N GLY E 552 81.60 -11.69 17.69
CA GLY E 552 82.75 -11.51 18.54
C GLY E 552 84.07 -11.55 17.82
N THR E 553 84.11 -12.16 16.65
CA THR E 553 85.34 -12.19 15.87
C THR E 553 85.56 -10.83 15.23
N PRO E 554 86.76 -10.27 15.29
CA PRO E 554 86.97 -8.93 14.74
C PRO E 554 86.76 -8.92 13.23
N VAL E 555 85.96 -7.97 12.77
CA VAL E 555 85.56 -7.84 11.38
C VAL E 555 86.32 -6.69 10.74
N VAL E 556 86.92 -6.93 9.59
CA VAL E 556 87.47 -5.90 8.72
C VAL E 556 86.55 -5.75 7.52
N VAL E 557 85.93 -4.60 7.36
CA VAL E 557 85.11 -4.32 6.19
C VAL E 557 86.00 -3.77 5.09
N VAL E 558 86.03 -4.45 3.94
CA VAL E 558 86.72 -3.99 2.74
C VAL E 558 85.65 -3.60 1.74
N VAL E 559 85.69 -2.36 1.26
CA VAL E 559 84.65 -1.85 0.38
C VAL E 559 85.21 -1.79 -1.03
N VAL E 560 84.77 -2.72 -1.87
CA VAL E 560 85.07 -2.69 -3.29
C VAL E 560 83.84 -2.15 -3.99
N ALA E 561 83.90 -0.89 -4.41
CA ALA E 561 82.74 -0.24 -4.97
C ALA E 561 83.18 0.82 -5.95
N SER E 562 82.24 1.28 -6.79
CA SER E 562 82.55 2.33 -7.73
C SER E 562 82.72 3.67 -7.05
N LYS E 563 81.91 3.94 -6.03
CA LYS E 563 81.81 5.28 -5.48
C LYS E 563 81.63 5.18 -3.97
N PRO E 564 81.89 6.26 -3.24
CA PRO E 564 81.60 6.25 -1.80
C PRO E 564 80.16 5.90 -1.50
N LEU E 565 79.95 4.95 -0.60
CA LEU E 565 78.63 4.49 -0.24
C LEU E 565 78.33 4.87 1.20
N VAL E 566 77.05 4.86 1.55
CA VAL E 566 76.63 5.02 2.94
C VAL E 566 76.78 3.66 3.63
N LEU E 567 77.58 3.60 4.68
CA LEU E 567 77.81 2.34 5.38
C LEU E 567 76.89 2.21 6.58
N PRO E 568 76.37 1.03 6.87
CA PRO E 568 75.44 0.88 7.99
C PRO E 568 76.17 0.99 9.31
N PRO E 569 75.43 1.14 10.41
CA PRO E 569 76.05 1.23 11.73
C PRO E 569 77.05 0.14 12.06
N SER E 570 76.73 -1.12 11.74
CA SER E 570 77.65 -2.22 12.04
C SER E 570 78.99 -2.04 11.37
N ALA E 571 79.05 -1.33 10.23
CA ALA E 571 80.34 -1.07 9.62
C ALA E 571 81.17 -0.11 10.45
N HIS E 572 80.52 0.84 11.12
CA HIS E 572 81.25 1.76 11.97
C HIS E 572 81.62 1.15 13.31
N ALA E 573 81.01 0.04 13.67
CA ALA E 573 81.38 -0.73 14.84
C ALA E 573 82.42 -1.81 14.55
N ALA E 574 82.72 -2.08 13.29
CA ALA E 574 83.68 -3.13 12.95
C ALA E 574 85.07 -2.74 13.44
N ALA E 575 85.98 -3.70 13.39
CA ALA E 575 87.34 -3.44 13.83
C ALA E 575 88.04 -2.43 12.93
N ALA E 576 87.82 -2.52 11.63
CA ALA E 576 88.51 -1.66 10.69
C ALA E 576 87.70 -1.61 9.42
N VAL E 577 87.97 -0.59 8.61
CA VAL E 577 87.26 -0.34 7.36
C VAL E 577 88.28 0.13 6.34
N VAL E 578 88.38 -0.58 5.22
CA VAL E 578 89.28 -0.25 4.12
C VAL E 578 88.45 0.11 2.90
N TRP E 579 88.85 1.17 2.21
CA TRP E 579 88.21 1.60 0.97
C TRP E 579 89.14 1.25 -0.19
N ALA E 580 88.62 0.50 -1.16
CA ALA E 580 89.44 -0.04 -2.25
C ALA E 580 89.00 0.38 -3.64
N ALA E 581 87.71 0.58 -3.88
CA ALA E 581 87.21 1.35 -5.02
C ALA E 581 87.64 0.77 -6.37
N ASN E 582 87.21 -0.44 -6.66
CA ASN E 582 87.67 -1.07 -7.91
C ASN E 582 89.18 -0.95 -8.07
N PRO E 583 89.97 -1.78 -7.43
CA PRO E 583 91.42 -1.60 -7.49
C PRO E 583 92.14 -2.38 -8.59
N GLY E 584 91.43 -2.88 -9.57
CA GLY E 584 92.10 -3.47 -10.70
C GLY E 584 92.55 -4.91 -10.48
N MET E 585 93.31 -5.40 -11.46
CA MET E 585 93.63 -6.82 -11.50
C MET E 585 94.49 -7.24 -10.31
N ARG E 586 95.32 -6.34 -9.79
CA ARG E 586 96.21 -6.63 -8.67
C ARG E 586 95.62 -6.19 -7.33
N GLY E 587 94.35 -5.80 -7.28
CA GLY E 587 93.80 -5.23 -6.07
C GLY E 587 93.74 -6.18 -4.90
N GLY E 588 93.47 -7.45 -5.16
CA GLY E 588 93.35 -8.43 -4.09
C GLY E 588 94.67 -8.72 -3.39
N GLN E 589 95.78 -8.62 -4.11
CA GLN E 589 97.08 -8.75 -3.46
C GLN E 589 97.34 -7.57 -2.54
N ALA E 590 96.99 -6.36 -2.98
CA ALA E 590 97.17 -5.20 -2.13
C ALA E 590 96.36 -5.30 -0.86
N VAL E 591 95.08 -5.67 -0.97
CA VAL E 591 94.24 -5.76 0.22
C VAL E 591 94.82 -6.75 1.21
N ALA E 592 95.27 -7.90 0.73
CA ALA E 592 95.82 -8.88 1.65
C ALA E 592 97.15 -8.40 2.19
N GLU E 593 97.98 -7.78 1.35
CA GLU E 593 99.23 -7.26 1.87
C GLU E 593 98.98 -6.24 2.97
N LEU E 594 97.94 -5.41 2.80
CA LEU E 594 97.66 -4.37 3.78
C LEU E 594 97.19 -4.95 5.09
N VAL E 595 96.22 -5.86 5.05
CA VAL E 595 95.67 -6.45 6.27
C VAL E 595 96.76 -7.16 7.07
N LEU E 596 97.74 -7.74 6.41
CA LEU E 596 98.78 -8.47 7.13
C LEU E 596 100.01 -7.63 7.43
N GLY E 597 100.02 -6.35 7.08
CA GLY E 597 101.18 -5.54 7.41
C GLY E 597 102.38 -5.81 6.55
N LEU E 598 102.19 -6.29 5.33
CA LEU E 598 103.29 -6.44 4.40
C LEU E 598 103.55 -5.17 3.61
N ILE E 599 102.63 -4.21 3.68
CA ILE E 599 102.83 -2.86 3.17
C ILE E 599 102.27 -1.90 4.21
N GLU E 600 102.62 -0.66 4.08
CA GLU E 600 101.99 0.32 4.93
C GLU E 600 100.88 1.04 4.15
N PRO E 601 99.81 1.43 4.81
CA PRO E 601 98.74 2.19 4.12
C PRO E 601 99.24 3.57 3.73
N GLU E 602 98.87 4.01 2.52
CA GLU E 602 99.31 5.32 2.05
C GLU E 602 98.17 6.13 1.47
N GLY E 603 97.16 5.48 0.92
CA GLY E 603 96.04 6.16 0.33
C GLY E 603 95.40 7.25 1.17
N ARG E 604 94.83 8.24 0.51
CA ARG E 604 94.08 9.32 1.14
C ARG E 604 92.87 9.59 0.28
N LEU E 605 91.76 9.90 0.90
CA LEU E 605 90.52 10.06 0.15
C LEU E 605 90.65 11.21 -0.84
N PRO E 606 90.31 11.00 -2.11
CA PRO E 606 90.16 12.12 -3.04
C PRO E 606 88.73 12.66 -3.09
N ILE E 607 87.87 12.24 -2.17
CA ILE E 607 86.46 12.56 -2.22
C ILE E 607 85.88 12.24 -0.86
N SER E 608 84.75 12.82 -0.55
CA SER E 608 84.17 12.67 0.78
C SER E 608 82.99 11.70 0.77
N PHE E 609 82.63 11.24 1.95
CA PHE E 609 81.56 10.27 2.14
C PHE E 609 80.43 10.90 2.92
N ALA E 610 79.23 10.85 2.36
CA ALA E 610 78.06 11.32 3.08
C ALA E 610 77.55 10.25 4.03
N ARG E 611 76.82 10.70 5.06
CA ARG E 611 76.12 9.80 5.97
C ARG E 611 74.72 9.49 5.51
N HIS E 612 74.25 10.15 4.48
CA HIS E 612 72.91 10.03 3.94
C HIS E 612 72.89 10.87 2.68
N ALA E 613 72.09 10.44 1.70
CA ALA E 613 71.98 11.20 0.46
C ALA E 613 71.49 12.62 0.71
N GLY E 614 70.54 12.78 1.63
CA GLY E 614 70.01 14.07 2.02
C GLY E 614 70.98 14.99 2.72
N GLN E 615 72.19 14.54 2.98
CA GLN E 615 73.19 15.35 3.61
C GLN E 615 74.00 16.16 2.61
N GLN E 616 73.87 15.85 1.33
CA GLN E 616 74.66 16.51 0.30
C GLN E 616 74.26 17.97 0.16
N PRO E 617 75.21 18.83 -0.21
CA PRO E 617 76.59 18.54 -0.62
C PRO E 617 77.53 18.19 0.51
N THR E 618 78.54 17.36 0.22
CA THR E 618 79.47 16.94 1.24
C THR E 618 80.93 17.11 0.83
N TYR E 619 81.22 17.68 -0.34
CA TYR E 619 82.59 17.97 -0.70
C TYR E 619 83.19 19.00 0.25
N TYR E 620 84.52 18.96 0.38
CA TYR E 620 85.20 19.73 1.41
C TYR E 620 85.15 21.24 1.16
N ASN E 621 85.13 21.66 -0.10
CA ASN E 621 85.25 23.08 -0.47
C ASN E 621 83.89 23.72 -0.67
N VAL E 622 82.96 23.47 0.24
CA VAL E 622 81.63 24.06 0.16
C VAL E 622 81.73 25.56 0.38
N VAL E 623 80.78 26.28 -0.22
CA VAL E 623 80.79 27.75 -0.17
C VAL E 623 80.35 28.23 1.20
N ARG E 624 80.99 29.33 1.66
CA ARG E 624 80.64 29.97 2.93
C ARG E 624 79.23 30.54 2.88
N GLY E 625 78.48 30.34 3.97
CA GLY E 625 77.15 30.92 4.06
C GLY E 625 76.03 29.97 4.43
N GLN E 626 75.47 30.13 5.62
CA GLN E 626 74.37 29.29 6.08
C GLN E 626 73.81 29.89 7.36
N HIS E 627 72.51 29.74 7.54
CA HIS E 627 71.87 29.97 8.83
C HIS E 627 71.70 28.62 9.51
N GLY E 628 72.45 28.38 10.55
CA GLY E 628 72.51 27.08 11.18
C GLY E 628 73.76 26.32 10.76
N VAL E 629 74.08 25.28 11.50
CA VAL E 629 75.28 24.49 11.26
C VAL E 629 74.97 23.02 11.02
N ARG E 630 73.71 22.61 11.12
CA ARG E 630 73.35 21.21 11.01
C ARG E 630 71.89 21.10 10.63
N TYR E 631 71.53 19.98 10.03
CA TYR E 631 70.13 19.66 9.86
C TYR E 631 69.53 19.28 11.19
N ALA E 632 68.24 19.55 11.37
CA ALA E 632 67.61 19.23 12.63
C ALA E 632 67.57 17.73 12.90
N ASP E 633 67.82 16.88 11.90
CA ASP E 633 67.92 15.44 12.12
C ASP E 633 69.27 14.85 11.75
N LEU E 634 70.29 15.65 11.47
CA LEU E 634 71.53 15.08 10.98
C LEU E 634 72.63 16.15 10.98
N THR E 635 73.87 15.69 11.04
CA THR E 635 74.99 16.49 11.52
C THR E 635 75.68 17.35 10.47
N GLN E 636 75.55 17.05 9.19
CA GLN E 636 76.30 17.77 8.14
C GLN E 636 77.78 17.40 8.10
N SER E 637 78.34 16.95 9.20
CA SER E 637 79.68 16.41 9.13
C SER E 637 79.70 15.16 8.26
N PRO E 638 80.61 15.03 7.30
CA PRO E 638 80.64 13.83 6.48
C PRO E 638 81.13 12.64 7.28
N ALA E 639 80.77 11.44 6.80
CA ALA E 639 81.27 10.22 7.43
C ALA E 639 82.78 10.10 7.30
N PHE E 640 83.32 10.43 6.13
CA PHE E 640 84.76 10.53 5.99
C PHE E 640 85.03 11.71 5.09
N ALA E 641 86.05 12.48 5.44
CA ALA E 641 86.30 13.73 4.76
C ALA E 641 87.37 13.57 3.70
N PHE E 642 87.24 14.35 2.63
CA PHE E 642 88.32 14.52 1.66
C PHE E 642 89.67 14.61 2.36
N GLY E 643 90.63 13.85 1.84
CA GLY E 643 91.99 13.92 2.32
C GLY E 643 92.35 13.02 3.48
N GLU E 644 91.39 12.34 4.12
CA GLU E 644 91.75 11.61 5.32
C GLU E 644 92.15 10.15 4.99
N GLY E 645 92.67 9.46 6.00
CA GLY E 645 93.16 8.11 5.84
C GLY E 645 94.29 7.79 6.80
N LEU E 646 94.32 6.58 7.34
CA LEU E 646 95.26 6.25 8.41
C LEU E 646 96.56 5.67 7.87
N SER E 647 97.53 5.52 8.77
CA SER E 647 98.71 4.72 8.54
C SER E 647 98.75 3.63 9.60
N TYR E 648 99.91 3.00 9.76
CA TYR E 648 100.15 2.09 10.86
C TYR E 648 101.09 2.71 11.89
N THR E 649 101.07 4.04 11.98
CA THR E 649 101.90 4.79 12.90
C THR E 649 101.20 6.11 13.19
N THR E 650 101.74 6.89 14.11
CA THR E 650 101.20 8.21 14.42
C THR E 650 102.19 9.29 14.01
N VAL E 651 101.68 10.34 13.40
CA VAL E 651 102.49 11.45 12.90
C VAL E 651 101.95 12.71 13.53
N GLU E 652 102.82 13.45 14.21
CA GLU E 652 102.44 14.71 14.83
C GLU E 652 102.96 15.88 14.01
N TYR E 653 102.04 16.77 13.66
CA TYR E 653 102.36 18.03 12.99
C TYR E 653 102.53 19.12 14.04
N ALA E 654 103.56 19.93 13.89
CA ALA E 654 103.88 20.85 14.97
C ALA E 654 103.89 22.32 14.56
N ASP E 655 104.97 22.77 13.95
CA ASP E 655 105.32 24.19 13.98
C ASP E 655 105.21 24.79 12.58
N LEU E 656 104.02 25.29 12.26
CA LEU E 656 103.75 25.88 10.96
C LEU E 656 104.15 27.34 10.97
N ARG E 657 104.96 27.74 9.98
CA ARG E 657 105.49 29.09 9.91
C ARG E 657 105.48 29.58 8.47
N VAL E 658 104.83 30.72 8.23
CA VAL E 658 104.99 31.41 6.96
C VAL E 658 106.28 32.21 7.02
N LEU E 659 107.10 32.07 6.00
CA LEU E 659 108.40 32.72 5.96
C LEU E 659 108.25 34.02 5.17
N GLY E 660 108.31 35.14 5.88
CA GLY E 660 108.11 36.42 5.23
C GLY E 660 106.68 36.89 5.35
N THR E 661 106.51 38.16 5.71
CA THR E 661 105.19 38.68 6.04
C THR E 661 104.46 39.30 4.85
N GLU E 662 105.18 39.88 3.90
CA GLU E 662 104.60 40.66 2.82
C GLU E 662 104.75 39.92 1.49
N HIS E 663 103.68 39.92 0.69
CA HIS E 663 103.64 39.15 -0.54
C HIS E 663 103.01 39.96 -1.67
N GLY E 664 103.43 39.68 -2.89
CA GLY E 664 102.93 40.37 -4.05
C GLY E 664 102.53 39.45 -5.17
N PRO E 665 101.79 39.99 -6.14
CA PRO E 665 101.13 39.16 -7.15
C PRO E 665 102.00 38.10 -7.82
N ASP E 666 103.29 38.36 -8.01
CA ASP E 666 104.14 37.41 -8.69
C ASP E 666 105.01 36.61 -7.74
N ASP E 667 104.73 36.68 -6.44
CA ASP E 667 105.56 36.05 -5.44
C ASP E 667 105.08 34.63 -5.16
N VAL E 668 105.78 33.97 -4.24
CA VAL E 668 105.46 32.63 -3.78
C VAL E 668 105.41 32.67 -2.26
N VAL E 669 104.34 32.13 -1.69
CA VAL E 669 104.24 32.01 -0.24
C VAL E 669 105.05 30.80 0.18
N ARG E 670 105.94 30.99 1.14
CA ARG E 670 106.83 29.93 1.57
C ARG E 670 106.57 29.63 3.04
N ALA E 671 106.42 28.35 3.36
CA ALA E 671 106.12 27.95 4.71
C ALA E 671 106.96 26.74 5.09
N GLU E 672 106.92 26.41 6.37
CA GLU E 672 107.58 25.24 6.91
C GLU E 672 106.67 24.61 7.96
N VAL E 673 106.69 23.29 8.03
CA VAL E 673 105.99 22.56 9.08
C VAL E 673 106.89 21.41 9.50
N THR E 674 106.70 20.96 10.74
CA THR E 674 107.57 19.96 11.35
C THR E 674 106.76 18.71 11.67
N LEU E 675 107.17 17.57 11.11
CA LEU E 675 106.51 16.30 11.32
C LEU E 675 107.39 15.38 12.15
N THR E 676 106.78 14.67 13.09
CA THR E 676 107.48 13.64 13.85
C THR E 676 106.69 12.34 13.78
N ASN E 677 107.36 11.28 13.33
CA ASN E 677 106.83 9.93 13.44
C ASN E 677 107.07 9.47 14.86
N THR E 678 106.02 9.47 15.67
CA THR E 678 106.12 9.03 17.06
C THR E 678 105.75 7.57 17.24
N GLY E 679 105.66 6.80 16.17
CA GLY E 679 105.23 5.42 16.24
C GLY E 679 106.35 4.45 15.97
N SER E 680 105.98 3.21 15.65
CA SER E 680 106.91 2.12 15.52
C SER E 680 107.16 1.69 14.09
N ARG E 681 106.38 2.19 13.14
CA ARG E 681 106.45 1.78 11.76
C ARG E 681 106.77 2.97 10.86
N PRO E 682 107.41 2.74 9.72
CA PRO E 682 107.65 3.83 8.78
C PRO E 682 106.35 4.22 8.10
N VAL E 683 106.39 5.35 7.39
CA VAL E 683 105.17 5.91 6.80
C VAL E 683 105.56 6.84 5.66
N ARG E 684 104.73 6.88 4.64
CA ARG E 684 104.77 7.94 3.63
C ARG E 684 103.57 8.83 3.89
N GLU E 685 103.82 9.95 4.56
CA GLU E 685 102.79 10.90 4.94
C GLU E 685 102.53 11.86 3.79
N THR E 686 101.27 12.24 3.61
CA THR E 686 100.88 13.18 2.56
C THR E 686 100.45 14.47 3.23
N VAL E 687 101.30 15.48 3.18
CA VAL E 687 101.00 16.76 3.82
C VAL E 687 100.15 17.60 2.88
N GLN E 688 99.01 18.07 3.37
CA GLN E 688 98.04 18.78 2.56
C GLN E 688 98.01 20.25 2.93
N VAL E 689 97.98 21.11 1.91
CA VAL E 689 98.05 22.55 2.08
C VAL E 689 96.80 23.18 1.49
N TYR E 690 95.98 23.76 2.35
CA TYR E 690 94.77 24.46 1.95
C TYR E 690 94.97 25.96 2.11
N VAL E 691 94.34 26.74 1.22
CA VAL E 691 94.32 28.19 1.33
C VAL E 691 92.89 28.65 1.58
N SER E 692 92.74 29.58 2.50
CA SER E 692 91.45 30.19 2.79
C SER E 692 91.59 31.69 2.65
N ASP E 693 90.67 32.30 1.89
CA ASP E 693 90.60 33.74 1.73
C ASP E 693 89.62 34.26 2.77
N THR E 694 90.14 34.94 3.80
CA THR E 694 89.34 35.25 4.98
C THR E 694 88.16 36.14 4.65
N VAL E 695 88.38 37.21 3.88
CA VAL E 695 87.32 38.10 3.44
C VAL E 695 87.33 38.15 1.92
N THR E 696 86.14 38.14 1.34
CA THR E 696 85.97 38.06 -0.10
C THR E 696 84.86 39.00 -0.52
N SER E 697 84.96 39.51 -1.73
CA SER E 697 83.91 40.37 -2.26
C SER E 697 82.72 39.59 -2.79
N VAL E 698 82.88 38.28 -3.00
CA VAL E 698 81.78 37.40 -3.35
C VAL E 698 81.91 36.13 -2.53
N THR E 699 80.83 35.36 -2.46
CA THR E 699 80.83 34.16 -1.65
C THR E 699 81.73 33.09 -2.28
N TRP E 700 82.62 32.54 -1.49
CA TRP E 700 83.62 31.60 -1.99
C TRP E 700 83.71 30.40 -1.06
N ALA E 701 84.53 29.44 -1.46
CA ALA E 701 84.78 28.29 -0.62
C ALA E 701 85.47 28.71 0.66
N GLU E 702 85.11 28.07 1.76
CA GLU E 702 85.82 28.29 3.01
C GLU E 702 87.30 28.07 2.83
N LYS E 703 87.68 27.00 2.13
CA LYS E 703 89.07 26.70 1.90
C LYS E 703 89.20 25.88 0.63
N GLU E 704 90.42 25.83 0.10
CA GLU E 704 90.69 25.07 -1.10
C GLU E 704 92.09 24.47 -1.00
N LEU E 705 92.25 23.28 -1.56
CA LEU E 705 93.55 22.66 -1.64
C LEU E 705 94.38 23.32 -2.73
N LYS E 706 95.65 23.62 -2.44
CA LYS E 706 96.49 24.33 -3.39
C LYS E 706 97.80 23.62 -3.64
N ALA E 707 98.27 22.83 -2.67
CA ALA E 707 99.48 22.05 -2.87
C ALA E 707 99.45 20.88 -1.91
N TYR E 708 100.38 19.95 -2.11
CA TYR E 708 100.58 18.82 -1.22
C TYR E 708 102.00 18.33 -1.39
N ARG E 709 102.47 17.59 -0.39
CA ARG E 709 103.85 17.13 -0.38
C ARG E 709 103.90 15.78 0.31
N LYS E 710 104.61 14.83 -0.29
CA LYS E 710 104.76 13.50 0.28
C LYS E 710 106.07 13.40 1.03
N VAL E 711 106.03 12.84 2.23
CA VAL E 711 107.17 12.86 3.14
C VAL E 711 107.34 11.49 3.77
N ASP E 712 108.50 10.87 3.57
CA ASP E 712 108.83 9.59 4.19
C ASP E 712 109.45 9.83 5.55
N LEU E 713 109.08 9.00 6.52
CA LEU E 713 109.49 9.20 7.92
C LEU E 713 109.72 7.86 8.58
N ALA E 714 110.96 7.57 8.95
CA ALA E 714 111.28 6.37 9.71
C ALA E 714 110.76 6.53 11.13
N PRO E 715 110.58 5.41 11.84
CA PRO E 715 110.08 5.51 13.22
C PRO E 715 111.02 6.32 14.10
N GLY E 716 110.45 7.30 14.80
CA GLY E 716 111.21 8.21 15.62
C GLY E 716 111.77 9.42 14.92
N GLU E 717 111.69 9.49 13.59
CA GLU E 717 112.35 10.54 12.85
C GLU E 717 111.52 11.81 12.80
N SER E 718 112.18 12.94 13.02
CA SER E 718 111.61 14.28 12.85
C SER E 718 112.04 14.87 11.51
N ALA E 719 111.24 15.80 11.01
CA ALA E 719 111.56 16.42 9.73
C ALA E 719 110.79 17.72 9.59
N THR E 720 111.52 18.79 9.25
CA THR E 720 110.91 20.06 8.90
C THR E 720 110.84 20.15 7.40
N VAL E 721 109.68 20.57 6.88
CA VAL E 721 109.28 20.34 5.51
C VAL E 721 108.95 21.67 4.85
N GLY E 722 109.36 21.82 3.58
CA GLY E 722 109.11 23.05 2.85
C GLY E 722 107.80 22.97 2.08
N LEU E 723 106.99 24.01 2.22
CA LEU E 723 105.74 24.14 1.50
C LEU E 723 105.73 25.46 0.76
N GLU E 724 105.13 25.49 -0.43
CA GLU E 724 105.01 26.75 -1.13
C GLU E 724 103.77 26.77 -2.01
N VAL E 725 103.11 27.92 -2.03
CA VAL E 725 101.96 28.16 -2.88
C VAL E 725 102.23 29.41 -3.70
N PRO E 726 102.14 29.35 -5.03
CA PRO E 726 102.20 30.60 -5.81
C PRO E 726 101.05 31.52 -5.44
N VAL E 727 101.38 32.77 -5.13
CA VAL E 727 100.36 33.77 -4.89
C VAL E 727 99.36 33.79 -6.03
N ALA E 728 99.85 33.62 -7.26
CA ALA E 728 98.99 33.63 -8.43
C ALA E 728 97.87 32.62 -8.33
N ASP E 729 98.00 31.60 -7.48
CA ASP E 729 96.97 30.58 -7.39
C ASP E 729 95.92 30.88 -6.34
N CYS E 730 96.14 31.88 -5.49
CA CYS E 730 95.19 32.16 -4.42
C CYS E 730 93.99 32.95 -4.94
N THR E 731 93.42 32.50 -6.05
CA THR E 731 92.40 33.27 -6.73
C THR E 731 91.02 32.97 -6.19
N LEU E 732 90.08 33.83 -6.59
CA LEU E 732 88.66 33.54 -6.60
C LEU E 732 88.11 34.01 -7.93
N VAL E 733 86.86 33.69 -8.19
CA VAL E 733 86.16 34.18 -9.36
C VAL E 733 85.14 35.22 -8.91
N ASP E 734 85.21 36.42 -9.47
CA ASP E 734 84.30 37.46 -9.03
C ASP E 734 82.93 37.29 -9.70
N ALA E 735 82.01 38.19 -9.39
CA ALA E 735 80.87 38.38 -10.27
C ALA E 735 81.35 38.98 -11.57
N HIS E 736 80.76 38.58 -12.67
CA HIS E 736 81.18 38.79 -14.05
C HIS E 736 82.24 37.78 -14.46
N GLY E 737 82.77 36.99 -13.54
CA GLY E 737 83.47 35.78 -13.90
C GLY E 737 84.95 35.90 -14.15
N ARG E 738 85.63 36.82 -13.48
CA ARG E 738 87.06 36.95 -13.65
C ARG E 738 87.77 36.26 -12.50
N ARG E 739 88.73 35.40 -12.84
CA ARG E 739 89.55 34.73 -11.84
C ARG E 739 90.70 35.66 -11.49
N VAL E 740 90.65 36.23 -10.29
CA VAL E 740 91.63 37.21 -9.86
C VAL E 740 92.02 36.91 -8.42
N VAL E 741 93.17 37.43 -8.03
CA VAL E 741 93.59 37.43 -6.63
C VAL E 741 93.09 38.72 -6.00
N GLU E 742 92.43 38.60 -4.86
CA GLU E 742 91.92 39.76 -4.14
C GLU E 742 92.81 40.04 -2.95
N PRO E 743 93.39 41.22 -2.84
CA PRO E 743 94.30 41.48 -1.73
C PRO E 743 93.57 41.40 -0.40
N GLY E 744 94.30 41.02 0.64
CA GLY E 744 93.73 40.93 1.96
C GLY E 744 94.38 39.81 2.74
N GLU E 745 93.78 39.50 3.88
CA GLU E 745 94.29 38.44 4.73
C GLU E 745 93.92 37.08 4.16
N PHE E 746 94.85 36.14 4.26
CA PHE E 746 94.64 34.76 3.89
C PHE E 746 95.07 33.86 5.04
N GLU E 747 94.51 32.66 5.07
CA GLU E 747 94.95 31.64 6.01
C GLU E 747 95.53 30.47 5.25
N LEU E 748 96.65 29.98 5.74
CA LEU E 748 97.29 28.80 5.21
C LEU E 748 97.05 27.69 6.22
N ARG E 749 96.31 26.66 5.82
CA ARG E 749 95.97 25.55 6.70
C ARG E 749 96.67 24.30 6.22
N VAL E 750 97.43 23.68 7.12
CA VAL E 750 98.29 22.57 6.80
C VAL E 750 97.98 21.43 7.75
N GLY E 751 97.90 20.21 7.21
CA GLY E 751 97.64 19.05 8.01
C GLY E 751 97.46 17.79 7.20
N PRO E 752 97.04 16.71 7.85
CA PRO E 752 96.89 15.41 7.16
C PRO E 752 95.53 15.17 6.53
N SER E 753 94.52 15.98 6.77
CA SER E 753 93.23 15.83 6.11
C SER E 753 92.60 17.20 5.95
N SER E 754 91.40 17.24 5.35
CA SER E 754 90.64 18.47 5.18
C SER E 754 89.76 18.79 6.38
N ARG E 755 89.80 17.97 7.44
CA ARG E 755 89.04 18.26 8.65
C ARG E 755 89.71 19.39 9.42
N GLU E 756 88.92 20.40 9.79
CA GLU E 756 89.51 21.58 10.41
C GLU E 756 90.16 21.26 11.75
N ASP E 757 89.58 20.34 12.51
CA ASP E 757 90.19 19.94 13.77
C ASP E 757 91.51 19.20 13.59
N ALA E 758 92.03 19.08 12.37
CA ALA E 758 93.31 18.43 12.12
C ALA E 758 94.31 19.36 11.44
N LEU E 759 93.97 20.63 11.25
CA LEU E 759 94.77 21.54 10.45
C LEU E 759 95.46 22.58 11.34
N LEU E 760 96.74 22.79 11.10
CA LEU E 760 97.43 23.93 11.66
C LEU E 760 97.15 25.17 10.81
N ARG E 761 97.22 26.34 11.44
CA ARG E 761 96.90 27.60 10.77
C ARG E 761 98.06 28.58 10.83
N ALA E 762 98.18 29.37 9.77
CA ALA E 762 99.09 30.51 9.78
C ALA E 762 98.57 31.54 8.79
N SER E 763 98.52 32.79 9.20
CA SER E 763 97.99 33.84 8.36
C SER E 763 99.10 34.46 7.51
N PHE E 764 98.71 34.95 6.33
CA PHE E 764 99.61 35.71 5.48
C PHE E 764 98.81 36.75 4.72
N THR E 765 99.51 37.75 4.20
CA THR E 765 98.90 38.94 3.63
C THR E 765 99.35 39.15 2.19
N VAL E 766 98.41 39.45 1.32
CA VAL E 766 98.68 39.76 -0.08
C VAL E 766 98.39 41.23 -0.28
N ALA E 767 99.41 41.98 -0.70
CA ALA E 767 99.25 43.36 -1.10
C ALA E 767 98.94 43.42 -2.60
CA THR F 6 48.01 74.98 5.63
C THR F 6 49.03 74.51 4.59
N LEU F 7 50.06 73.82 5.05
CA LEU F 7 51.12 73.32 4.17
C LEU F 7 50.57 72.35 3.13
N PRO F 8 51.17 72.35 1.95
CA PRO F 8 50.63 71.53 0.87
C PRO F 8 50.60 70.04 1.18
N TYR F 9 51.67 69.50 1.77
CA TYR F 9 51.70 68.07 2.01
C TYR F 9 50.64 67.62 3.00
N LEU F 10 50.03 68.53 3.74
CA LEU F 10 48.91 68.23 4.63
C LEU F 10 47.56 68.55 4.01
N ASP F 11 47.51 68.82 2.72
CA ASP F 11 46.27 69.20 2.06
C ASP F 11 45.72 68.00 1.30
N PRO F 12 44.63 67.38 1.76
CA PRO F 12 44.12 66.18 1.09
C PRO F 12 43.72 66.42 -0.33
N ALA F 13 43.37 67.65 -0.70
CA ALA F 13 43.03 67.99 -2.07
C ALA F 13 44.23 68.09 -2.98
N VAL F 14 45.45 67.93 -2.46
CA VAL F 14 46.63 67.98 -3.31
C VAL F 14 46.95 66.56 -3.77
N PRO F 15 47.21 66.32 -5.05
CA PRO F 15 47.57 64.98 -5.50
C PRO F 15 48.78 64.45 -4.74
N VAL F 16 48.87 63.12 -4.70
CA VAL F 16 49.81 62.43 -3.83
C VAL F 16 51.25 62.79 -4.19
N ALA F 17 51.57 62.76 -5.49
CA ALA F 17 52.94 63.01 -5.88
C ALA F 17 53.38 64.43 -5.57
N ASP F 18 52.44 65.37 -5.44
CA ASP F 18 52.77 66.73 -5.06
C ASP F 18 52.93 66.85 -3.55
N ARG F 19 52.10 66.14 -2.78
CA ARG F 19 52.31 66.07 -1.35
C ARG F 19 53.66 65.47 -1.02
N VAL F 20 54.04 64.40 -1.72
CA VAL F 20 55.34 63.78 -1.50
C VAL F 20 56.45 64.78 -1.74
N GLU F 21 56.37 65.51 -2.85
CA GLU F 21 57.43 66.45 -3.19
C GLU F 21 57.49 67.62 -2.22
N ASP F 22 56.34 68.06 -1.73
CA ASP F 22 56.33 69.14 -0.76
C ASP F 22 56.97 68.70 0.54
N LEU F 23 56.66 67.50 1.01
CA LEU F 23 57.23 67.04 2.27
C LEU F 23 58.70 66.69 2.11
N LEU F 24 59.09 66.16 0.97
CA LEU F 24 60.47 65.77 0.76
C LEU F 24 61.40 66.97 0.81
N ALA F 25 60.97 68.09 0.22
CA ALA F 25 61.82 69.27 0.18
C ALA F 25 62.05 69.89 1.56
N ARG F 26 61.25 69.52 2.55
CA ARG F 26 61.40 70.04 3.90
C ARG F 26 62.27 69.17 4.80
N MET F 27 62.74 68.03 4.32
CA MET F 27 63.33 67.02 5.17
C MET F 27 64.85 67.18 5.21
N THR F 28 65.42 67.14 6.41
CA THR F 28 66.86 67.07 6.53
C THR F 28 67.35 65.69 6.10
N LEU F 29 68.62 65.62 5.75
CA LEU F 29 69.18 64.35 5.35
C LEU F 29 69.06 63.30 6.45
N PRO F 30 69.21 63.63 7.74
CA PRO F 30 68.84 62.67 8.78
C PRO F 30 67.39 62.26 8.80
N GLU F 31 66.46 63.15 8.48
CA GLU F 31 65.06 62.70 8.50
C GLU F 31 64.75 61.80 7.31
N LYS F 32 65.52 61.89 6.23
CA LYS F 32 65.32 61.02 5.08
C LYS F 32 65.87 59.62 5.32
N VAL F 33 67.16 59.53 5.65
CA VAL F 33 67.74 58.29 6.15
C VAL F 33 67.23 58.12 7.56
N GLY F 34 66.27 57.25 7.75
CA GLY F 34 65.62 57.27 9.03
C GLY F 34 64.17 56.99 8.75
N GLN F 35 63.64 57.73 7.80
CA GLN F 35 62.42 57.30 7.16
C GLN F 35 62.61 55.96 6.49
N MET F 36 63.84 55.63 6.11
CA MET F 36 64.17 54.35 5.53
C MET F 36 64.41 53.24 6.56
N LEU F 37 64.38 53.55 7.85
CA LEU F 37 64.63 52.54 8.86
C LEU F 37 63.33 51.89 9.26
N GLN F 38 63.38 50.58 9.50
CA GLN F 38 62.33 49.84 10.17
C GLN F 38 62.96 49.21 11.40
N LEU F 39 62.62 49.72 12.58
CA LEU F 39 63.30 49.32 13.82
C LEU F 39 62.43 48.46 14.72
N ASP F 40 63.11 47.64 15.53
CA ASP F 40 62.46 46.76 16.49
C ASP F 40 61.93 47.59 17.65
N ALA F 41 60.62 47.63 17.82
CA ALA F 41 60.03 48.52 18.82
C ALA F 41 60.38 48.08 20.24
N ARG F 42 60.65 46.80 20.45
CA ARG F 42 61.25 46.39 21.69
C ARG F 42 62.61 47.06 21.82
N ASP F 43 63.14 47.08 23.04
CA ASP F 43 64.37 47.80 23.36
C ASP F 43 64.39 49.26 22.87
N GLY F 44 63.22 49.93 22.86
CA GLY F 44 63.20 51.39 22.91
C GLY F 44 62.53 52.19 21.81
N VAL F 45 61.27 52.57 22.03
CA VAL F 45 60.53 53.29 20.99
C VAL F 45 60.84 54.78 21.02
N GLY F 46 61.23 55.32 22.16
CA GLY F 46 61.59 56.71 22.29
C GLY F 46 62.73 57.12 21.38
N PRO F 47 63.91 56.53 21.59
CA PRO F 47 65.03 56.82 20.69
C PRO F 47 64.74 56.44 19.23
N ALA F 48 63.86 55.47 18.99
CA ALA F 48 63.62 55.07 17.61
C ALA F 48 62.90 56.17 16.84
N VAL F 49 61.87 56.76 17.45
CA VAL F 49 61.08 57.80 16.80
C VAL F 49 61.81 59.14 16.83
N LEU F 50 62.20 59.61 18.03
CA LEU F 50 62.79 60.94 18.17
C LEU F 50 64.21 61.00 17.63
N GLU F 51 65.01 60.00 17.97
CA GLU F 51 66.45 60.08 17.80
C GLU F 51 66.92 59.60 16.43
N LYS F 52 66.21 58.65 15.84
CA LYS F 52 66.59 58.12 14.54
C LYS F 52 65.57 58.45 13.46
N HIS F 53 64.48 59.11 13.83
CA HIS F 53 63.48 59.58 12.87
C HIS F 53 62.91 58.41 12.08
N ALA F 54 62.66 57.31 12.78
CA ALA F 54 62.31 56.05 12.14
C ALA F 54 61.06 56.18 11.29
N GLY F 55 61.06 55.48 10.16
CA GLY F 55 59.90 55.43 9.30
C GLY F 55 58.94 54.32 9.68
N SER F 56 59.46 53.25 10.29
CA SER F 56 58.64 52.08 10.56
C SER F 56 59.14 51.37 11.82
N LEU F 57 58.19 50.78 12.54
CA LEU F 57 58.48 49.92 13.67
C LEU F 57 57.82 48.57 13.47
N LEU F 58 58.44 47.53 14.02
CA LEU F 58 57.83 46.21 14.07
C LEU F 58 57.96 45.65 15.49
N HIS F 59 57.21 44.58 15.73
CA HIS F 59 57.16 43.92 17.02
C HIS F 59 56.79 44.94 18.09
N THR F 60 55.65 45.59 17.86
CA THR F 60 55.20 46.72 18.66
C THR F 60 54.12 46.27 19.61
N SER F 61 54.44 46.25 20.91
CA SER F 61 53.47 45.90 21.92
C SER F 61 52.32 46.89 21.93
N PRO F 62 51.16 46.50 22.46
CA PRO F 62 50.06 47.47 22.54
C PRO F 62 50.44 48.77 23.24
N GLU F 63 51.20 48.69 24.33
CA GLU F 63 51.59 49.88 25.05
C GLU F 63 52.58 50.72 24.26
N ASN F 64 53.42 50.07 23.46
CA ASN F 64 54.33 50.80 22.59
C ASN F 64 53.64 51.35 21.36
N VAL F 65 52.52 50.76 20.95
CA VAL F 65 51.73 51.33 19.86
C VAL F 65 51.26 52.71 20.25
N LEU F 66 50.64 52.84 21.42
CA LEU F 66 50.12 54.12 21.87
C LEU F 66 51.24 55.11 22.15
N ALA F 67 52.36 54.64 22.68
CA ALA F 67 53.48 55.54 22.91
C ALA F 67 54.06 56.05 21.60
N ALA F 68 54.05 55.22 20.56
CA ALA F 68 54.65 55.61 19.29
C ALA F 68 53.87 56.73 18.63
N HIS F 69 52.54 56.68 18.72
CA HIS F 69 51.75 57.79 18.20
C HIS F 69 51.97 59.07 18.98
N GLU F 70 52.20 58.97 20.29
CA GLU F 70 52.50 60.17 21.08
C GLU F 70 53.82 60.78 20.66
N LEU F 71 54.85 59.95 20.49
CA LEU F 71 56.16 60.48 20.14
C LEU F 71 56.13 61.16 18.77
N THR F 72 55.41 60.57 17.81
CA THR F 72 55.28 61.17 16.49
C THR F 72 54.74 62.59 16.60
N GLY F 73 53.74 62.80 17.46
CA GLY F 73 53.16 64.11 17.63
C GLY F 73 54.12 65.15 18.15
N ARG F 74 55.28 64.74 18.66
CA ARG F 74 56.25 65.67 19.19
C ARG F 74 57.50 65.76 18.35
N THR F 75 57.47 65.18 17.15
CA THR F 75 58.58 65.32 16.22
C THR F 75 58.37 66.56 15.36
N ARG F 76 59.41 66.92 14.61
CA ARG F 76 59.36 68.14 13.83
C ARG F 76 58.30 68.05 12.73
N LEU F 77 58.39 67.05 11.87
CA LEU F 77 57.50 66.94 10.73
C LEU F 77 56.31 66.03 10.95
N ARG F 78 56.24 65.32 12.07
CA ARG F 78 55.09 64.48 12.41
C ARG F 78 54.73 63.51 11.29
N ILE F 79 55.72 62.83 10.73
CA ILE F 79 55.43 61.83 9.70
C ILE F 79 54.93 60.55 10.36
N PRO F 80 53.71 60.10 10.04
CA PRO F 80 53.15 58.96 10.76
C PRO F 80 53.93 57.67 10.50
N LEU F 81 53.94 56.80 11.50
CA LEU F 81 54.72 55.57 11.45
C LEU F 81 53.93 54.46 10.80
N LEU F 82 54.60 53.68 9.97
CA LEU F 82 54.08 52.41 9.51
C LEU F 82 54.44 51.33 10.52
N LEU F 83 53.44 50.71 11.13
CA LEU F 83 53.64 49.65 12.09
C LEU F 83 53.41 48.32 11.40
N ALA F 84 54.45 47.48 11.36
CA ALA F 84 54.44 46.22 10.64
C ALA F 84 54.58 45.06 11.62
N GLU F 85 54.23 43.86 11.15
CA GLU F 85 54.21 42.66 11.99
C GLU F 85 54.09 41.42 11.12
N ASP F 86 54.60 40.29 11.63
CA ASP F 86 54.48 38.97 11.00
C ASP F 86 53.11 38.38 11.30
N CYS F 87 52.20 38.47 10.36
CA CYS F 87 50.85 37.90 10.48
C CYS F 87 50.73 36.89 9.33
N ILE F 88 51.18 35.66 9.59
CA ILE F 88 51.57 34.75 8.51
C ILE F 88 50.43 33.83 8.05
N HIS F 89 49.57 33.37 8.95
CA HIS F 89 48.38 32.60 8.60
C HIS F 89 47.37 32.83 9.71
N GLY F 90 46.81 34.03 9.72
CA GLY F 90 46.19 34.62 10.88
C GLY F 90 47.17 35.55 11.59
N HIS F 91 46.67 36.22 12.62
CA HIS F 91 47.47 37.20 13.37
C HIS F 91 48.38 36.43 14.32
N SER F 92 49.47 35.90 13.74
CA SER F 92 50.34 34.90 14.33
C SER F 92 50.53 35.04 15.83
N PHE F 93 50.84 36.24 16.28
CA PHE F 93 51.40 36.44 17.61
C PHE F 93 50.54 37.35 18.47
N TRP F 94 49.24 37.44 18.15
CA TRP F 94 48.26 38.16 19.01
C TRP F 94 47.55 37.10 19.83
N VAL F 95 47.68 37.13 21.16
CA VAL F 95 47.17 36.06 22.06
C VAL F 95 45.83 35.45 21.66
N GLY F 96 44.78 36.20 21.34
CA GLY F 96 43.55 35.41 21.13
C GLY F 96 43.04 35.43 19.71
N ALA F 97 43.92 35.43 18.71
CA ALA F 97 43.48 35.62 17.31
C ALA F 97 43.15 34.31 16.59
N THR F 98 42.47 34.42 15.45
CA THR F 98 42.15 33.25 14.64
C THR F 98 43.40 32.74 13.93
N ILE F 99 43.78 31.49 14.16
CA ILE F 99 44.93 30.90 13.49
C ILE F 99 44.43 29.85 12.49
N PHE F 100 44.75 30.08 11.22
CA PHE F 100 44.31 29.29 10.08
C PHE F 100 45.36 28.23 9.74
N PRO F 101 45.13 27.35 8.77
CA PRO F 101 46.21 26.48 8.34
C PRO F 101 47.35 27.30 7.79
N THR F 102 48.53 26.70 7.74
CA THR F 102 49.67 27.30 7.08
C THR F 102 49.39 27.45 5.58
N GLN F 103 50.28 28.16 4.90
CA GLN F 103 50.06 28.36 3.48
C GLN F 103 50.06 27.04 2.72
N LEU F 104 50.94 26.11 3.11
CA LEU F 104 50.97 24.82 2.45
C LEU F 104 49.68 24.05 2.67
N GLY F 105 49.05 24.20 3.82
CA GLY F 105 47.76 23.57 4.04
C GLY F 105 46.64 24.25 3.27
N MET F 106 46.65 25.58 3.23
CA MET F 106 45.61 26.29 2.48
C MET F 106 45.71 25.99 0.99
N ALA F 107 46.91 25.73 0.49
CA ALA F 107 47.08 25.47 -0.93
C ALA F 107 46.36 24.22 -1.39
N ALA F 108 46.18 23.24 -0.50
CA ALA F 108 45.48 22.02 -0.88
C ALA F 108 44.01 22.25 -1.19
N THR F 109 43.44 23.39 -0.79
CA THR F 109 42.06 23.72 -1.13
C THR F 109 41.88 24.11 -2.58
N TRP F 110 42.95 24.55 -3.25
CA TRP F 110 42.89 24.92 -4.65
C TRP F 110 41.82 25.96 -4.92
N ASP F 111 41.53 26.81 -3.93
CA ASP F 111 40.36 27.69 -3.95
C ASP F 111 40.78 29.12 -3.62
N PRO F 112 41.05 29.95 -4.62
CA PRO F 112 41.46 31.33 -4.34
C PRO F 112 40.39 32.18 -3.67
N ALA F 113 39.10 31.93 -3.91
CA ALA F 113 38.09 32.72 -3.21
C ALA F 113 38.15 32.46 -1.71
N LEU F 114 38.38 31.20 -1.30
CA LEU F 114 38.49 30.89 0.11
C LEU F 114 39.76 31.46 0.71
N VAL F 115 40.86 31.40 -0.03
CA VAL F 115 42.09 31.98 0.47
C VAL F 115 41.98 33.49 0.62
N GLU F 116 41.19 34.14 -0.25
CA GLU F 116 40.98 35.57 -0.11
C GLU F 116 40.18 35.90 1.15
N GLN F 117 39.17 35.09 1.46
CA GLN F 117 38.43 35.29 2.69
C GLN F 117 39.32 35.15 3.91
N VAL F 118 40.24 34.19 3.87
CA VAL F 118 41.19 34.02 4.96
C VAL F 118 42.06 35.27 5.12
N ALA F 119 42.53 35.84 4.02
CA ALA F 119 43.37 37.02 4.12
C ALA F 119 42.56 38.22 4.60
N HIS F 120 41.30 38.32 4.19
CA HIS F 120 40.51 39.45 4.65
C HIS F 120 40.18 39.33 6.13
N ALA F 121 39.83 38.13 6.58
CA ALA F 121 39.60 37.89 7.99
C ALA F 121 40.84 38.24 8.82
N THR F 122 42.02 37.87 8.31
CA THR F 122 43.25 38.25 9.00
C THR F 122 43.39 39.76 9.09
N ALA F 123 43.20 40.45 7.95
CA ALA F 123 43.36 41.90 7.89
C ALA F 123 42.44 42.60 8.89
N VAL F 124 41.18 42.18 8.95
CA VAL F 124 40.24 42.77 9.89
C VAL F 124 40.75 42.66 11.31
N GLU F 125 41.38 41.52 11.64
CA GLU F 125 41.87 41.35 13.00
C GLU F 125 43.15 42.11 13.24
N VAL F 126 44.04 42.14 12.25
CA VAL F 126 45.30 42.87 12.40
C VAL F 126 45.02 44.35 12.57
N ALA F 127 44.14 44.91 11.73
CA ALA F 127 43.91 46.34 11.72
C ALA F 127 43.35 46.83 13.04
N ALA F 128 42.52 46.02 13.68
CA ALA F 128 41.97 46.38 14.98
C ALA F 128 43.04 46.50 16.05
N THR F 129 44.19 45.86 15.87
CA THR F 129 45.29 45.95 16.83
C THR F 129 46.24 47.09 16.49
N GLY F 130 45.98 47.84 15.44
CA GLY F 130 46.76 49.01 15.11
C GLY F 130 47.88 48.79 14.14
N VAL F 131 47.95 47.64 13.48
CA VAL F 131 49.04 47.33 12.57
C VAL F 131 48.59 47.62 11.15
N HIS F 132 49.48 48.20 10.35
CA HIS F 132 49.16 48.64 9.01
C HIS F 132 49.71 47.72 7.94
N TRP F 133 50.56 46.76 8.30
CA TRP F 133 51.44 46.12 7.33
C TRP F 133 51.81 44.73 7.81
N THR F 134 51.49 43.70 7.02
CA THR F 134 51.88 42.33 7.33
C THR F 134 52.91 41.84 6.32
N PHE F 135 53.81 40.98 6.82
CA PHE F 135 54.86 40.38 6.01
C PHE F 135 54.37 39.05 5.44
N SER F 136 53.50 39.18 4.46
CA SER F 136 52.68 38.09 3.97
C SER F 136 52.06 38.60 2.68
N PRO F 137 51.92 37.75 1.65
CA PRO F 137 52.13 36.32 1.61
C PRO F 137 53.52 35.89 1.20
N VAL F 138 53.76 34.59 1.26
CA VAL F 138 55.04 33.99 0.92
C VAL F 138 54.93 33.40 -0.48
N LEU F 139 55.83 33.79 -1.36
CA LEU F 139 55.77 33.36 -2.74
C LEU F 139 56.85 32.36 -3.11
N CYS F 140 57.69 31.96 -2.16
CA CYS F 140 58.75 31.00 -2.43
C CYS F 140 58.16 29.71 -2.97
N ILE F 141 58.97 29.00 -3.76
CA ILE F 141 58.49 27.81 -4.46
C ILE F 141 59.25 26.61 -3.90
N ALA F 142 58.50 25.62 -3.44
CA ALA F 142 59.04 24.51 -2.66
C ALA F 142 59.68 23.49 -3.59
N ARG F 143 60.89 23.77 -4.00
CA ARG F 143 61.57 22.87 -4.92
C ARG F 143 62.44 21.84 -4.22
N ASP F 144 62.79 22.06 -2.96
CA ASP F 144 63.63 21.15 -2.19
C ASP F 144 62.92 20.82 -0.90
N LEU F 145 62.52 19.57 -0.73
CA LEU F 145 61.73 19.20 0.44
C LEU F 145 62.54 19.25 1.73
N ARG F 146 63.87 19.26 1.64
CA ARG F 146 64.69 19.34 2.84
C ARG F 146 64.57 20.69 3.52
N TRP F 147 64.21 21.73 2.76
CA TRP F 147 64.15 23.08 3.28
C TRP F 147 63.21 23.18 4.48
N GLY F 148 63.62 23.94 5.49
CA GLY F 148 62.86 23.99 6.72
C GLY F 148 61.57 24.78 6.63
N ARG F 149 61.44 25.64 5.63
CA ARG F 149 60.32 26.59 5.56
C ARG F 149 59.32 26.24 4.47
N VAL F 150 59.30 24.99 4.03
CA VAL F 150 58.33 24.54 3.03
C VAL F 150 56.90 24.84 3.49
N ASP F 151 56.63 24.75 4.79
CA ASP F 151 55.29 25.02 5.29
C ASP F 151 54.81 26.44 5.03
N GLU F 152 55.74 27.38 4.82
CA GLU F 152 55.36 28.75 4.54
C GLU F 152 54.98 28.98 3.09
N THR F 153 55.27 28.05 2.18
CA THR F 153 54.97 28.26 0.76
C THR F 153 53.62 27.70 0.40
N PHE F 154 53.21 27.98 -0.84
CA PHE F 154 51.99 27.45 -1.42
C PHE F 154 52.22 26.19 -2.24
N GLY F 155 53.43 25.64 -2.26
CA GLY F 155 53.65 24.40 -2.98
C GLY F 155 54.77 24.48 -3.99
N GLU F 156 54.74 23.60 -4.99
CA GLU F 156 55.82 23.52 -5.95
C GLU F 156 55.52 24.16 -7.30
N ASP F 157 54.30 24.65 -7.53
CA ASP F 157 53.87 25.06 -8.85
C ASP F 157 53.87 26.58 -8.99
N PRO F 158 54.60 27.13 -9.96
CA PRO F 158 54.54 28.59 -10.18
C PRO F 158 53.14 29.11 -10.41
N PHE F 159 52.33 28.43 -11.21
CA PHE F 159 51.01 28.93 -11.50
C PHE F 159 50.14 29.00 -10.24
N LEU F 160 50.06 27.89 -9.51
CA LEU F 160 49.18 27.84 -8.35
C LEU F 160 49.65 28.75 -7.22
N ILE F 161 50.96 28.91 -7.05
CA ILE F 161 51.46 29.92 -6.13
C ILE F 161 50.88 31.29 -6.48
N GLY F 162 50.95 31.65 -7.77
CA GLY F 162 50.49 32.96 -8.17
C GLY F 162 49.00 33.15 -8.01
N GLU F 163 48.22 32.09 -8.22
CA GLU F 163 46.79 32.16 -7.97
C GLU F 163 46.48 32.53 -6.53
N LEU F 164 47.13 31.85 -5.58
CA LEU F 164 46.81 32.03 -4.18
C LEU F 164 47.59 33.16 -3.52
N ALA F 165 48.79 33.46 -3.99
CA ALA F 165 49.44 34.68 -3.54
C ALA F 165 48.63 35.90 -3.94
N SER F 166 48.09 35.88 -5.17
CA SER F 166 47.28 37.00 -5.63
C SER F 166 46.01 37.14 -4.81
N ALA F 167 45.40 36.02 -4.42
CA ALA F 167 44.21 36.07 -3.59
C ALA F 167 44.52 36.61 -2.19
N MET F 168 45.70 36.30 -1.65
CA MET F 168 46.06 36.84 -0.33
C MET F 168 46.28 38.34 -0.40
N VAL F 169 46.85 38.83 -1.50
CA VAL F 169 47.07 40.26 -1.63
C VAL F 169 45.74 40.99 -1.78
N ARG F 170 44.82 40.44 -2.58
CA ARG F 170 43.49 41.00 -2.66
C ARG F 170 42.84 41.08 -1.29
N GLY F 171 42.82 39.95 -0.56
CA GLY F 171 42.15 39.91 0.73
C GLY F 171 42.77 40.84 1.75
N TYR F 172 44.09 40.95 1.75
CA TYR F 172 44.76 41.78 2.75
C TYR F 172 44.47 43.25 2.52
N GLN F 173 44.59 43.70 1.28
CA GLN F 173 44.67 45.12 1.01
C GLN F 173 43.31 45.77 0.81
N GLY F 174 42.24 44.99 0.70
CA GLY F 174 40.90 45.54 0.84
C GLY F 174 40.41 46.25 -0.42
N ASP F 175 39.55 47.24 -0.20
CA ASP F 175 39.07 48.11 -1.27
C ASP F 175 40.07 49.21 -1.54
N GLY F 176 41.33 48.84 -1.75
CA GLY F 176 42.36 49.84 -1.91
C GLY F 176 42.75 50.43 -0.58
N LEU F 177 43.77 51.28 -0.63
CA LEU F 177 44.49 51.71 0.55
C LEU F 177 43.75 52.75 1.37
N SER F 178 42.51 53.10 1.02
CA SER F 178 41.73 53.94 1.91
C SER F 178 40.86 53.12 2.86
N ASP F 179 40.61 51.87 2.51
CA ASP F 179 39.87 50.91 3.31
C ASP F 179 40.49 50.78 4.70
N PRO F 180 39.74 51.04 5.77
CA PRO F 180 40.32 50.97 7.13
C PRO F 180 40.48 49.56 7.66
N THR F 181 39.93 48.55 6.97
CA THR F 181 40.23 47.16 7.25
C THR F 181 41.28 46.61 6.33
N GLY F 182 41.76 47.39 5.37
CA GLY F 182 42.87 46.97 4.57
C GLY F 182 44.18 47.18 5.29
N ILE F 183 45.17 46.36 4.95
CA ILE F 183 46.55 46.54 5.42
C ILE F 183 47.46 46.29 4.23
N LEU F 184 48.73 46.65 4.37
CA LEU F 184 49.69 46.42 3.30
C LEU F 184 50.16 44.98 3.30
N ALA F 185 50.22 44.39 2.11
CA ALA F 185 50.80 43.09 1.91
C ALA F 185 52.28 43.22 1.54
N THR F 186 52.98 42.09 1.60
CA THR F 186 54.38 42.02 1.21
C THR F 186 54.55 40.83 0.30
N ALA F 187 55.17 41.03 -0.86
CA ALA F 187 55.58 39.89 -1.67
C ALA F 187 56.91 39.42 -1.12
N LYS F 188 56.89 38.30 -0.42
CA LYS F 188 57.91 37.97 0.56
C LYS F 188 58.92 36.96 0.03
N HIS F 189 60.19 37.26 0.30
CA HIS F 189 61.38 36.55 -0.11
C HIS F 189 61.72 36.58 -1.58
N PHE F 190 61.96 37.77 -2.07
CA PHE F 190 62.33 38.02 -3.43
C PHE F 190 63.82 37.93 -3.51
N ALA F 191 64.40 36.98 -4.24
CA ALA F 191 63.74 35.92 -4.91
C ALA F 191 64.74 34.80 -4.88
N GLY F 192 64.30 33.57 -5.00
CA GLY F 192 65.18 32.43 -5.00
C GLY F 192 65.66 31.79 -3.72
N TYR F 193 65.17 32.25 -2.60
CA TYR F 193 65.51 31.77 -1.28
C TYR F 193 65.12 30.32 -0.99
N SER F 194 64.17 29.78 -1.69
CA SER F 194 63.67 28.46 -1.36
C SER F 194 64.45 27.30 -1.99
N GLU F 195 65.34 27.54 -2.95
CA GLU F 195 66.15 26.48 -3.57
C GLU F 195 67.63 26.82 -3.47
N THR F 196 68.24 26.47 -2.34
CA THR F 196 69.64 26.73 -2.06
C THR F 196 70.35 25.40 -1.78
N GLN F 197 71.67 25.46 -1.62
CA GLN F 197 72.46 24.23 -1.57
C GLN F 197 72.08 23.36 -0.38
N GLY F 198 71.91 22.07 -0.65
CA GLY F 198 71.56 21.10 0.37
C GLY F 198 70.24 21.35 1.05
N GLY F 199 69.41 22.23 0.49
CA GLY F 199 68.14 22.57 1.12
C GLY F 199 68.35 23.31 2.42
N ARG F 200 69.57 23.77 2.66
CA ARG F 200 69.91 24.44 3.89
C ARG F 200 69.40 25.88 3.86
N ASP F 201 69.24 26.46 5.05
CA ASP F 201 68.64 27.78 5.18
C ASP F 201 69.68 28.85 4.86
N ALA F 202 69.35 29.69 3.89
CA ALA F 202 70.17 30.85 3.50
C ALA F 202 71.56 30.45 3.04
N SER F 203 71.70 29.25 2.47
CA SER F 203 72.93 28.90 1.81
C SER F 203 72.88 29.38 0.37
N GLU F 204 73.95 29.07 -0.37
CA GLU F 204 74.13 29.61 -1.71
C GLU F 204 73.03 29.13 -2.65
N ALA F 205 72.49 30.06 -3.42
CA ALA F 205 71.53 29.75 -4.47
C ALA F 205 72.30 29.71 -5.78
N ASP F 206 72.48 28.51 -6.33
CA ASP F 206 73.12 28.34 -7.63
C ASP F 206 72.07 28.49 -8.74
N ILE F 207 71.54 29.70 -8.81
CA ILE F 207 70.42 30.01 -9.69
C ILE F 207 70.91 31.01 -10.72
N SER F 208 70.87 30.61 -11.99
CA SER F 208 71.18 31.52 -13.08
C SER F 208 70.05 32.52 -13.26
N GLN F 209 70.30 33.53 -14.08
CA GLN F 209 69.25 34.50 -14.39
C GLN F 209 68.10 33.85 -15.14
N ARG F 210 68.42 32.95 -16.07
CA ARG F 210 67.35 32.26 -16.78
C ARG F 210 66.55 31.38 -15.83
N LYS F 211 67.23 30.71 -14.90
CA LYS F 211 66.52 29.79 -14.01
C LYS F 211 65.59 30.55 -13.07
N LEU F 212 66.09 31.63 -12.47
CA LEU F 212 65.25 32.51 -11.67
C LEU F 212 64.01 32.94 -12.43
N ARG F 213 64.18 33.36 -13.69
CA ARG F 213 63.05 33.79 -14.51
C ARG F 213 62.07 32.65 -14.78
N SER F 214 62.59 31.44 -14.98
CA SER F 214 61.72 30.35 -15.41
C SER F 214 60.77 29.91 -14.30
N TRP F 215 61.30 29.69 -13.10
CA TRP F 215 60.55 28.98 -12.09
C TRP F 215 60.27 29.77 -10.82
N PHE F 216 60.89 30.93 -10.62
CA PHE F 216 60.78 31.70 -9.39
C PHE F 216 60.08 33.04 -9.55
N LEU F 217 60.38 33.79 -10.57
CA LEU F 217 59.79 35.12 -10.73
C LEU F 217 58.29 35.19 -11.07
N PRO F 218 57.68 34.24 -11.77
CA PRO F 218 56.32 34.45 -12.27
C PRO F 218 55.34 34.94 -11.21
N PRO F 219 55.24 34.31 -10.04
CA PRO F 219 54.25 34.83 -9.08
C PRO F 219 54.61 36.21 -8.57
N PHE F 220 55.89 36.55 -8.54
CA PHE F 220 56.28 37.89 -8.14
C PHE F 220 55.81 38.92 -9.17
N GLU F 221 56.13 38.68 -10.44
CA GLU F 221 55.63 39.54 -11.51
C GLU F 221 54.12 39.75 -11.41
N ARG F 222 53.37 38.68 -11.25
CA ARG F 222 51.92 38.81 -11.20
C ARG F 222 51.49 39.78 -10.10
N VAL F 223 51.97 39.58 -8.87
CA VAL F 223 51.46 40.40 -7.77
C VAL F 223 52.00 41.82 -7.84
N ALA F 224 53.20 42.02 -8.38
CA ALA F 224 53.65 43.39 -8.61
C ALA F 224 52.70 44.09 -9.58
N ARG F 225 52.33 43.41 -10.66
CA ARG F 225 51.39 43.98 -11.62
C ARG F 225 50.05 44.32 -10.97
N GLU F 226 49.64 43.55 -9.97
CA GLU F 226 48.33 43.74 -9.36
C GLU F 226 48.38 44.66 -8.16
N GLY F 227 49.48 45.35 -7.95
CA GLY F 227 49.56 46.33 -6.89
C GLY F 227 49.76 45.77 -5.49
N CYS F 228 50.69 44.83 -5.32
CA CYS F 228 51.12 44.44 -3.99
C CYS F 228 51.95 45.58 -3.41
N ALA F 229 51.53 46.09 -2.25
CA ALA F 229 52.12 47.31 -1.73
C ALA F 229 53.64 47.20 -1.58
N THR F 230 54.13 46.10 -1.03
CA THR F 230 55.55 46.00 -0.72
C THR F 230 56.16 44.71 -1.25
N PHE F 231 57.49 44.69 -1.31
CA PHE F 231 58.31 43.54 -1.62
C PHE F 231 59.38 43.41 -0.54
N MET F 232 59.71 42.17 -0.16
CA MET F 232 60.74 41.96 0.85
C MET F 232 61.75 40.92 0.37
N LEU F 233 63.01 41.16 0.66
CA LEU F 233 64.10 40.28 0.25
C LEU F 233 64.16 39.01 1.09
N GLY F 234 64.96 38.04 0.61
CA GLY F 234 65.38 36.90 1.38
C GLY F 234 66.78 37.09 1.96
N TYR F 235 67.35 35.99 2.40
CA TYR F 235 68.66 36.04 3.04
C TYR F 235 69.82 35.63 2.15
N GLN F 236 69.57 34.87 1.09
CA GLN F 236 70.64 34.08 0.50
C GLN F 236 71.44 34.88 -0.52
N SER F 237 72.70 34.47 -0.67
CA SER F 237 73.51 34.92 -1.79
C SER F 237 73.21 34.05 -3.01
N MET F 238 73.44 34.61 -4.19
CA MET F 238 72.94 34.04 -5.42
C MET F 238 73.97 34.30 -6.50
N ASP F 239 74.60 33.24 -6.98
CA ASP F 239 75.71 33.34 -7.91
C ASP F 239 76.79 34.28 -7.38
N GLY F 240 77.05 34.20 -6.08
CA GLY F 240 78.14 34.92 -5.44
C GLY F 240 77.75 36.21 -4.76
N VAL F 241 76.54 36.70 -5.00
CA VAL F 241 76.15 38.06 -4.66
C VAL F 241 74.99 38.02 -3.66
N PRO F 242 75.11 38.65 -2.49
CA PRO F 242 73.95 38.83 -1.62
C PRO F 242 72.81 39.49 -2.37
N VAL F 243 71.59 38.99 -2.17
CA VAL F 243 70.48 39.54 -2.95
C VAL F 243 70.24 40.99 -2.56
N THR F 244 70.64 41.37 -1.35
CA THR F 244 70.56 42.75 -0.90
C THR F 244 71.29 43.72 -1.83
N VAL F 245 72.35 43.27 -2.50
CA VAL F 245 73.09 44.14 -3.40
C VAL F 245 73.02 43.62 -4.83
N ASN F 246 71.93 42.93 -5.17
CA ASN F 246 71.72 42.42 -6.53
C ASN F 246 70.98 43.49 -7.31
N GLY F 247 71.74 44.40 -7.92
CA GLY F 247 71.15 45.47 -8.70
C GLY F 247 70.38 44.99 -9.92
N TRP F 248 70.83 43.90 -10.53
CA TRP F 248 70.10 43.35 -11.68
C TRP F 248 68.67 43.01 -11.30
N LEU F 249 68.49 42.41 -10.13
CA LEU F 249 67.16 41.96 -9.75
C LEU F 249 66.35 43.07 -9.11
N LEU F 250 66.97 43.86 -8.23
CA LEU F 250 66.23 44.84 -7.45
C LEU F 250 65.95 46.10 -8.24
N ASP F 251 66.72 46.37 -9.29
CA ASP F 251 66.55 47.58 -10.09
C ASP F 251 66.15 47.22 -11.51
N ASP F 252 67.02 46.56 -12.29
CA ASP F 252 66.73 46.33 -13.69
C ASP F 252 65.44 45.54 -13.88
N VAL F 253 65.23 44.51 -13.07
CA VAL F 253 64.02 43.71 -13.24
C VAL F 253 62.83 44.36 -12.55
N LEU F 254 62.96 44.67 -11.27
CA LEU F 254 61.79 45.07 -10.48
C LEU F 254 61.25 46.42 -10.95
N ARG F 255 62.13 47.39 -11.17
CA ARG F 255 61.70 48.70 -11.62
C ARG F 255 61.67 48.76 -13.15
N GLY F 256 62.80 48.48 -13.79
CA GLY F 256 62.92 48.51 -15.23
C GLY F 256 61.92 47.68 -16.00
N GLU F 257 61.92 46.35 -15.81
CA GLU F 257 61.09 45.49 -16.64
C GLU F 257 59.65 45.43 -16.16
N TRP F 258 59.42 45.59 -14.86
CA TRP F 258 58.09 45.47 -14.30
C TRP F 258 57.42 46.81 -13.99
N GLY F 259 58.19 47.89 -13.83
CA GLY F 259 57.59 49.16 -13.53
C GLY F 259 56.99 49.25 -12.14
N TYR F 260 57.45 48.43 -11.22
CA TYR F 260 56.90 48.42 -9.87
C TYR F 260 57.20 49.73 -9.17
N THR F 261 56.21 50.25 -8.45
CA THR F 261 56.39 51.49 -7.71
C THR F 261 56.26 51.31 -6.20
N GLY F 262 56.16 50.08 -5.70
CA GLY F 262 56.01 49.84 -4.28
C GLY F 262 57.32 49.95 -3.52
N THR F 263 57.24 49.67 -2.23
CA THR F 263 58.39 49.78 -1.36
C THR F 263 59.06 48.42 -1.20
N LEU F 264 60.39 48.42 -1.30
CA LEU F 264 61.18 47.23 -1.18
C LEU F 264 61.97 47.30 0.12
N VAL F 265 61.75 46.34 1.01
CA VAL F 265 62.38 46.30 2.31
C VAL F 265 63.30 45.08 2.37
N THR F 266 64.37 45.16 3.15
CA THR F 266 65.26 44.02 3.27
C THR F 266 64.72 43.02 4.29
N ASP F 267 65.38 41.87 4.37
CA ASP F 267 65.07 40.95 5.44
C ASP F 267 65.85 41.34 6.69
N TRP F 268 65.59 40.63 7.78
CA TRP F 268 66.06 41.02 9.10
C TRP F 268 67.58 41.19 9.14
N ASP F 269 68.04 42.44 9.19
CA ASP F 269 69.46 42.79 9.34
C ASP F 269 70.30 42.32 8.16
N ASN F 270 69.73 42.25 6.96
CA ASN F 270 70.54 41.90 5.79
C ASN F 270 71.77 42.79 5.65
N VAL F 271 71.60 44.10 5.81
CA VAL F 271 72.69 45.03 5.55
C VAL F 271 73.80 44.85 6.57
N GLY F 272 73.45 44.73 7.85
CA GLY F 272 74.47 44.48 8.85
C GLY F 272 75.16 43.14 8.66
N ARG F 273 74.39 42.11 8.28
CA ARG F 273 74.95 40.78 8.10
C ARG F 273 76.10 40.78 7.11
N MET F 274 76.05 41.64 6.10
CA MET F 274 77.14 41.71 5.14
C MET F 274 78.44 42.13 5.78
N VAL F 275 78.41 42.69 6.98
CA VAL F 275 79.64 43.05 7.67
C VAL F 275 79.98 41.99 8.70
N TRP F 276 79.09 41.76 9.65
CA TRP F 276 79.45 40.87 10.74
C TRP F 276 79.30 39.40 10.34
N GLU F 277 78.23 39.04 9.64
CA GLU F 277 77.99 37.62 9.36
C GLU F 277 78.74 37.15 8.12
N GLN F 278 78.53 37.83 6.98
CA GLN F 278 79.07 37.34 5.72
C GLN F 278 80.45 37.86 5.39
N HIS F 279 80.87 38.98 5.97
CA HIS F 279 82.17 39.59 5.67
C HIS F 279 82.31 39.90 4.19
N ILE F 280 81.21 40.31 3.55
CA ILE F 280 81.26 40.73 2.16
C ILE F 280 81.61 42.21 2.05
N GLN F 281 81.23 43.02 3.04
CA GLN F 281 81.53 44.43 3.05
C GLN F 281 82.49 44.75 4.20
N PRO F 282 83.37 45.73 4.00
CA PRO F 282 84.40 45.99 5.03
C PRO F 282 83.88 46.66 6.29
N ASP F 283 82.83 47.46 6.18
CA ASP F 283 82.32 48.17 7.34
C ASP F 283 80.92 48.67 6.98
N TYR F 284 80.25 49.26 7.96
CA TYR F 284 78.85 49.58 7.77
C TYR F 284 78.62 50.71 6.77
N VAL F 285 79.61 51.56 6.53
CA VAL F 285 79.42 52.64 5.58
C VAL F 285 79.31 52.11 4.16
N HIS F 286 80.16 51.15 3.81
CA HIS F 286 80.12 50.59 2.46
C HIS F 286 78.93 49.67 2.26
N ALA F 287 78.49 48.99 3.31
CA ALA F 287 77.30 48.16 3.18
C ALA F 287 76.05 49.01 2.97
N SER F 288 75.94 50.11 3.70
CA SER F 288 74.82 51.03 3.50
C SER F 288 74.82 51.58 2.07
N ALA F 289 75.97 52.07 1.61
CA ALA F 289 76.08 52.55 0.24
C ALA F 289 75.60 51.50 -0.75
N ALA F 290 76.16 50.29 -0.66
CA ALA F 290 75.88 49.27 -1.66
C ALA F 290 74.43 48.83 -1.61
N ALA F 291 73.82 48.85 -0.42
CA ALA F 291 72.41 48.52 -0.32
C ALA F 291 71.55 49.56 -1.00
N VAL F 292 71.86 50.84 -0.76
CA VAL F 292 71.13 51.92 -1.40
C VAL F 292 71.37 51.92 -2.89
N ARG F 293 72.62 51.72 -3.30
CA ARG F 293 72.93 51.74 -4.72
C ARG F 293 72.19 50.64 -5.48
N ALA F 294 71.89 49.52 -4.82
CA ALA F 294 71.24 48.42 -5.51
C ALA F 294 69.75 48.60 -5.67
N GLY F 295 69.11 49.46 -4.88
CA GLY F 295 67.70 49.72 -5.09
C GLY F 295 66.80 49.43 -3.91
N ASN F 296 67.37 49.28 -2.72
CA ASN F 296 66.60 49.05 -1.50
C ASN F 296 65.97 50.35 -1.01
N ASP F 297 64.72 50.26 -0.56
CA ASP F 297 64.02 51.42 -0.04
C ASP F 297 64.03 51.49 1.48
N MET F 298 63.73 50.39 2.16
CA MET F 298 63.64 50.38 3.61
C MET F 298 64.54 49.30 4.20
N VAL F 299 65.33 49.68 5.20
CA VAL F 299 66.30 48.80 5.85
C VAL F 299 65.70 48.27 7.13
N MET F 300 65.51 46.95 7.20
CA MET F 300 64.91 46.31 8.36
C MET F 300 65.99 46.00 9.38
N THR F 301 65.80 46.51 10.60
CA THR F 301 66.56 46.11 11.80
C THR F 301 68.08 46.07 11.61
N THR F 302 68.62 47.01 10.85
CA THR F 302 70.05 47.33 10.93
C THR F 302 70.15 48.78 11.40
N PRO F 303 70.13 49.01 12.70
CA PRO F 303 70.08 50.41 13.17
C PRO F 303 71.34 51.19 12.88
N ARG F 304 72.46 50.54 12.61
CA ARG F 304 73.65 51.26 12.22
C ARG F 304 73.62 51.72 10.77
N PHE F 305 72.53 51.45 10.04
CA PHE F 305 72.35 52.04 8.72
C PHE F 305 72.14 53.54 8.78
N PHE F 306 71.71 54.06 9.94
CA PHE F 306 71.53 55.50 10.15
C PHE F 306 72.85 56.24 10.03
N GLU F 307 73.79 56.01 10.95
CA GLU F 307 75.06 56.72 10.86
C GLU F 307 75.83 56.33 9.60
N GLY F 308 75.62 55.13 9.11
CA GLY F 308 76.40 54.63 7.99
C GLY F 308 76.01 55.23 6.66
N ALA F 309 74.72 55.33 6.40
CA ALA F 309 74.27 55.91 5.14
C ALA F 309 74.52 57.42 5.14
N LEU F 310 74.31 58.07 6.28
CA LEU F 310 74.64 59.49 6.38
C LEU F 310 76.08 59.74 6.00
N GLU F 311 77.01 58.99 6.60
CA GLU F 311 78.41 59.20 6.27
C GLU F 311 78.72 58.83 4.82
N ALA F 312 78.00 57.85 4.26
CA ALA F 312 78.26 57.49 2.88
C ALA F 312 77.84 58.60 1.93
N VAL F 313 76.74 59.29 2.24
CA VAL F 313 76.36 60.44 1.45
C VAL F 313 77.40 61.54 1.60
N ASP F 314 77.76 61.85 2.85
CA ASP F 314 78.76 62.85 3.13
C ASP F 314 80.10 62.57 2.45
N ARG F 315 80.38 61.31 2.13
CA ARG F 315 81.64 60.91 1.52
C ARG F 315 81.53 60.69 0.02
N GLY F 316 80.36 60.94 -0.58
CA GLY F 316 80.20 60.77 -2.00
C GLY F 316 80.00 59.35 -2.47
N LEU F 317 79.84 58.39 -1.56
CA LEU F 317 79.67 57.01 -1.98
C LEU F 317 78.31 56.76 -2.61
N VAL F 318 77.31 57.53 -2.20
CA VAL F 318 75.96 57.40 -2.73
C VAL F 318 75.35 58.79 -2.79
N GLU F 319 74.58 59.08 -3.84
CA GLU F 319 74.06 60.43 -4.01
C GLU F 319 72.80 60.62 -3.18
N GLU F 320 72.56 61.87 -2.78
CA GLU F 320 71.36 62.17 -2.03
C GLU F 320 70.10 61.88 -2.82
N ALA F 321 70.18 61.98 -4.15
CA ALA F 321 69.03 61.70 -4.98
C ALA F 321 68.60 60.24 -4.92
N ALA F 322 69.51 59.34 -4.55
CA ALA F 322 69.17 57.94 -4.31
C ALA F 322 68.41 57.78 -3.00
N ILE F 323 68.88 58.43 -1.93
CA ILE F 323 68.10 58.52 -0.71
C ILE F 323 66.70 59.02 -1.00
N ASP F 324 66.58 60.01 -1.89
CA ASP F 324 65.29 60.65 -2.14
C ASP F 324 64.33 59.72 -2.84
N ALA F 325 64.79 58.99 -3.85
CA ALA F 325 63.91 58.07 -4.55
C ALA F 325 63.34 57.01 -3.62
N ALA F 326 64.13 56.56 -2.64
CA ALA F 326 63.61 55.61 -1.67
C ALA F 326 62.55 56.25 -0.80
N VAL F 327 62.79 57.47 -0.32
CA VAL F 327 61.83 58.13 0.54
C VAL F 327 60.53 58.39 -0.22
N ARG F 328 60.60 58.70 -1.51
CA ARG F 328 59.39 59.00 -2.26
C ARG F 328 58.42 57.84 -2.25
N ARG F 329 58.95 56.62 -2.38
CA ARG F 329 58.08 55.45 -2.33
C ARG F 329 57.50 55.26 -0.94
N ILE F 330 58.31 55.40 0.11
CA ILE F 330 57.83 55.15 1.45
C ILE F 330 56.71 56.13 1.79
N LEU F 331 56.96 57.42 1.55
CA LEU F 331 55.96 58.44 1.80
C LEU F 331 54.71 58.19 0.96
N THR F 332 54.89 57.73 -0.28
CA THR F 332 53.73 57.47 -1.12
C THR F 332 52.77 56.49 -0.45
N LEU F 333 53.28 55.42 0.16
CA LEU F 333 52.40 54.49 0.87
C LEU F 333 51.70 55.17 2.03
N LYS F 334 52.43 55.97 2.80
CA LYS F 334 51.82 56.65 3.93
C LYS F 334 50.73 57.61 3.49
N PHE F 335 50.94 58.31 2.37
CA PHE F 335 49.92 59.23 1.89
C PHE F 335 48.70 58.46 1.39
N ARG F 336 48.93 57.41 0.60
CA ARG F 336 47.80 56.68 0.04
C ARG F 336 46.97 56.00 1.11
N LEU F 337 47.59 55.57 2.21
CA LEU F 337 46.83 55.01 3.32
C LEU F 337 46.03 56.06 4.06
N GLY F 338 46.24 57.35 3.77
CA GLY F 338 45.61 58.39 4.55
C GLY F 338 46.16 58.50 5.96
N LEU F 339 47.43 58.17 6.16
CA LEU F 339 48.00 58.20 7.50
C LEU F 339 48.20 59.63 8.01
N PHE F 340 48.30 60.60 7.12
CA PHE F 340 48.48 61.97 7.59
C PHE F 340 47.18 62.56 8.10
N GLU F 341 46.04 62.04 7.63
CA GLU F 341 44.73 62.46 8.12
C GLU F 341 44.19 61.54 9.19
N ASP F 342 44.37 60.23 9.05
CA ASP F 342 43.98 59.26 10.08
C ASP F 342 45.12 58.26 10.25
N PRO F 343 45.77 58.20 11.41
CA PRO F 343 46.91 57.31 11.58
C PRO F 343 46.56 55.89 11.98
N ARG F 344 45.29 55.56 12.14
CA ARG F 344 44.81 54.21 12.44
C ARG F 344 45.34 53.71 13.78
N ARG F 345 44.80 54.30 14.84
CA ARG F 345 45.10 53.83 16.17
C ARG F 345 44.42 52.50 16.41
N PRO F 346 44.90 51.72 17.37
CA PRO F 346 44.14 50.54 17.78
C PRO F 346 42.84 50.94 18.44
N ASP F 347 41.78 50.20 18.11
CA ASP F 347 40.48 50.36 18.74
C ASP F 347 40.17 49.08 19.51
N VAL F 348 40.23 49.15 20.85
CA VAL F 348 40.10 47.94 21.67
C VAL F 348 38.66 47.46 21.68
N ALA F 349 37.68 48.35 21.56
CA ALA F 349 36.32 47.89 21.38
C ALA F 349 36.17 47.09 20.10
N ARG F 350 36.79 47.55 19.03
CA ARG F 350 36.74 46.82 17.77
C ARG F 350 37.41 45.47 17.90
N GLN F 351 38.54 45.43 18.60
CA GLN F 351 39.22 44.17 18.88
C GLN F 351 38.27 43.15 19.48
N GLN F 352 37.43 43.58 20.42
CA GLN F 352 36.54 42.63 21.08
C GLN F 352 35.38 42.21 20.19
N ALA F 353 35.11 42.95 19.12
CA ALA F 353 34.02 42.60 18.25
C ALA F 353 34.44 41.69 17.11
N VAL F 354 35.66 41.85 16.59
CA VAL F 354 36.05 41.18 15.37
C VAL F 354 37.10 40.09 15.59
N ILE F 355 37.95 40.20 16.61
CA ILE F 355 38.99 39.20 16.78
C ILE F 355 38.40 37.91 17.34
N ALA F 356 38.65 36.81 16.64
CA ALA F 356 38.13 35.48 16.97
C ALA F 356 36.60 35.45 16.98
N SER F 357 35.97 36.26 16.15
CA SER F 357 34.52 36.25 16.03
C SER F 357 34.05 34.96 15.36
N ALA F 358 32.74 34.74 15.40
CA ALA F 358 32.18 33.51 14.86
C ALA F 358 32.34 33.44 13.35
N GLU F 359 32.19 34.56 12.65
CA GLU F 359 32.34 34.55 11.20
C GLU F 359 33.75 34.15 10.80
N HIS F 360 34.75 34.54 11.59
CA HIS F 360 36.11 34.14 11.32
C HIS F 360 36.35 32.69 11.71
N ALA F 361 35.69 32.21 12.75
CA ALA F 361 35.78 30.80 13.05
C ALA F 361 35.19 29.97 11.94
N ALA F 362 34.14 30.49 11.28
CA ALA F 362 33.52 29.77 10.18
C ALA F 362 34.41 29.75 8.94
N VAL F 363 35.13 30.83 8.68
CA VAL F 363 36.07 30.80 7.57
C VAL F 363 37.16 29.78 7.85
N ASN F 364 37.63 29.74 9.10
CA ASN F 364 38.67 28.80 9.48
C ASN F 364 38.21 27.35 9.36
N LEU F 365 36.99 27.05 9.80
CA LEU F 365 36.47 25.69 9.66
C LEU F 365 36.28 25.32 8.19
N GLU F 366 35.89 26.25 7.33
CA GLU F 366 35.74 25.92 5.92
C GLU F 366 37.08 25.56 5.30
N VAL F 367 38.13 26.33 5.57
CA VAL F 367 39.40 26.04 4.91
C VAL F 367 40.05 24.80 5.50
N ALA F 368 39.79 24.51 6.78
CA ALA F 368 40.31 23.27 7.33
C ALA F 368 39.63 22.07 6.70
N ARG F 369 38.32 22.16 6.49
CA ARG F 369 37.58 21.04 5.92
C ARG F 369 38.07 20.68 4.54
N ARG F 370 38.45 21.68 3.74
CA ARG F 370 38.81 21.42 2.36
C ARG F 370 40.30 21.31 2.14
N SER F 371 41.10 21.57 3.16
CA SER F 371 42.54 21.37 3.01
C SER F 371 42.94 19.91 3.15
N LEU F 372 42.13 19.09 3.79
CA LEU F 372 42.53 17.73 4.09
C LEU F 372 42.57 16.90 2.81
N VAL F 373 43.65 16.13 2.64
CA VAL F 373 43.87 15.35 1.44
C VAL F 373 43.90 13.88 1.81
N LEU F 374 42.84 13.16 1.45
CA LEU F 374 42.80 11.71 1.57
C LEU F 374 43.70 11.10 0.52
N LEU F 375 44.79 10.45 0.95
CA LEU F 375 45.80 9.93 0.03
C LEU F 375 45.62 8.45 -0.30
N THR F 376 45.19 7.64 0.64
CA THR F 376 44.92 6.23 0.38
C THR F 376 43.68 5.85 1.17
N ASN F 377 43.01 4.80 0.72
CA ASN F 377 41.76 4.35 1.31
C ASN F 377 41.40 2.99 0.74
N ASP F 378 41.38 1.96 1.58
CA ASP F 378 41.00 0.64 1.12
C ASP F 378 39.51 0.39 1.19
N GLY F 379 38.73 1.39 1.58
CA GLY F 379 37.31 1.23 1.80
C GLY F 379 36.91 1.39 3.24
N THR F 380 37.86 1.37 4.17
CA THR F 380 37.51 1.56 5.57
C THR F 380 36.81 2.89 5.79
N LEU F 381 37.21 3.93 5.06
CA LEU F 381 36.57 5.23 5.15
C LEU F 381 35.57 5.46 4.03
N PRO F 382 34.48 6.19 4.32
CA PRO F 382 34.10 6.81 5.59
C PRO F 382 33.73 5.76 6.63
N PHE F 383 34.17 5.94 7.87
CA PHE F 383 34.08 4.88 8.85
C PHE F 383 32.64 4.46 9.08
N ALA F 384 32.39 3.15 9.02
CA ALA F 384 31.08 2.54 9.27
C ALA F 384 30.07 2.93 8.20
N GLY F 385 30.52 3.17 6.98
CA GLY F 385 29.61 3.63 5.96
C GLY F 385 29.26 5.11 5.99
N GLY F 386 29.75 5.86 6.97
CA GLY F 386 29.52 7.28 7.00
C GLY F 386 28.37 7.65 7.92
N LEU F 387 28.45 8.83 8.51
CA LEU F 387 27.53 9.24 9.56
C LEU F 387 26.77 10.49 9.17
N ASP F 388 25.68 10.75 9.90
CA ASP F 388 24.86 11.94 9.76
C ASP F 388 24.76 12.67 11.10
N ARG F 389 24.57 13.98 11.02
CA ARG F 389 24.19 14.75 12.19
C ARG F 389 22.67 14.75 12.31
N ALA F 390 22.19 15.08 13.50
CA ALA F 390 20.75 15.25 13.70
C ALA F 390 20.24 16.34 12.78
N ALA F 391 19.12 16.07 12.10
CA ALA F 391 18.60 16.98 11.09
C ALA F 391 18.31 18.36 11.68
N THR F 393 20.64 20.26 12.85
CA THR F 393 21.86 20.52 13.59
C THR F 393 23.06 20.35 12.66
N PRO F 394 23.65 21.42 12.14
CA PRO F 394 24.87 21.28 11.35
C PRO F 394 26.13 21.30 12.20
N ASP F 395 25.98 21.55 13.50
CA ASP F 395 27.08 21.91 14.39
C ASP F 395 27.31 20.93 15.51
N GLY F 396 26.64 19.78 15.50
CA GLY F 396 26.51 18.95 16.67
C GLY F 396 27.01 17.52 16.50
N ARG F 397 26.78 16.74 17.55
CA ARG F 397 27.26 15.38 17.63
C ARG F 397 26.57 14.47 16.62
N ALA F 398 27.33 13.53 16.06
CA ALA F 398 26.80 12.66 15.04
C ALA F 398 25.88 11.61 15.64
N LEU F 399 25.02 11.05 14.81
CA LEU F 399 24.15 9.96 15.19
C LEU F 399 24.78 8.62 14.82
N ALA F 400 24.56 7.62 15.65
CA ALA F 400 25.00 6.27 15.33
C ALA F 400 24.35 5.82 14.03
N PRO F 401 25.12 5.42 13.03
CA PRO F 401 24.53 5.11 11.73
C PRO F 401 23.80 3.78 11.72
N ALA F 402 23.31 3.37 10.56
CA ALA F 402 22.62 2.09 10.45
C ALA F 402 23.64 0.96 10.47
N GLY F 403 23.43 -0.01 11.36
CA GLY F 403 24.33 -1.13 11.42
C GLY F 403 25.64 -0.88 12.16
N ALA F 404 25.72 0.16 12.99
CA ALA F 404 26.89 0.39 13.84
C ALA F 404 26.45 1.17 15.07
N PRO F 405 25.72 0.53 15.99
CA PRO F 405 25.29 1.25 17.20
C PRO F 405 26.41 1.53 18.18
N ALA F 406 27.42 0.68 18.27
CA ALA F 406 28.52 0.87 19.21
C ALA F 406 29.85 0.59 18.52
N ARG F 407 30.68 1.61 18.40
CA ARG F 407 32.07 1.44 17.99
C ARG F 407 32.99 2.15 18.99
N THR F 408 34.22 1.67 19.06
CA THR F 408 35.28 2.29 19.83
C THR F 408 36.35 2.77 18.86
N ILE F 409 36.75 4.03 18.98
CA ILE F 409 37.81 4.58 18.15
C ILE F 409 38.98 4.91 19.06
N ALA F 410 40.15 4.40 18.72
CA ALA F 410 41.37 4.65 19.48
C ALA F 410 42.19 5.72 18.76
N VAL F 411 42.34 6.88 19.39
CA VAL F 411 43.13 7.99 18.85
C VAL F 411 44.50 7.97 19.52
N VAL F 412 45.55 7.74 18.74
CA VAL F 412 46.88 7.52 19.27
C VAL F 412 47.88 8.41 18.54
N GLY F 413 49.06 8.57 19.12
CA GLY F 413 50.13 9.27 18.46
C GLY F 413 50.50 10.60 19.08
N PRO F 414 51.73 11.04 18.86
CA PRO F 414 52.22 12.24 19.55
C PRO F 414 51.48 13.51 19.17
N ASN F 415 51.00 13.61 17.94
CA ASN F 415 50.32 14.83 17.48
C ASN F 415 48.81 14.73 17.61
N ALA F 416 48.30 13.74 18.31
CA ALA F 416 46.87 13.57 18.37
C ALA F 416 46.20 14.53 19.35
N ASP F 417 46.95 15.12 20.27
CA ASP F 417 46.38 16.03 21.26
C ASP F 417 47.34 17.18 21.51
N ASP F 418 48.02 17.62 20.46
CA ASP F 418 49.10 18.59 20.53
C ASP F 418 48.63 19.84 19.81
N ASP F 419 48.10 20.81 20.55
CA ASP F 419 47.56 22.01 19.91
C ASP F 419 48.65 22.86 19.28
N HIS F 420 49.83 22.94 19.90
CA HIS F 420 50.88 23.77 19.33
C HIS F 420 51.35 23.23 17.99
N THR F 421 51.61 21.93 17.93
CA THR F 421 52.09 21.35 16.68
C THR F 421 51.01 21.42 15.60
N GLN F 422 49.75 21.38 15.99
CA GLN F 422 48.68 21.52 15.02
C GLN F 422 48.64 22.92 14.42
N LEU F 423 49.09 23.93 15.18
CA LEU F 423 49.06 25.28 14.63
C LEU F 423 50.25 25.59 13.73
N GLY F 424 51.35 24.86 13.85
CA GLY F 424 52.48 25.06 12.98
C GLY F 424 53.45 26.15 13.41
N ASP F 425 54.41 26.39 12.52
CA ASP F 425 55.35 27.49 12.67
C ASP F 425 54.65 28.83 12.37
N TRP F 426 55.29 29.91 12.81
CA TRP F 426 54.76 31.29 12.72
C TRP F 426 53.37 31.42 13.35
N ALA F 427 53.26 30.96 14.59
CA ALA F 427 52.05 31.14 15.37
C ALA F 427 52.35 30.83 16.83
N GLY F 428 51.56 31.43 17.71
CA GLY F 428 51.66 31.25 19.14
C GLY F 428 53.07 31.21 19.68
N ALA F 429 53.44 30.08 20.29
CA ALA F 429 54.73 29.95 20.93
C ALA F 429 55.80 29.39 20.01
N SER F 430 55.62 29.50 18.69
CA SER F 430 56.57 28.91 17.75
C SER F 430 58.00 29.41 17.93
N GLY F 431 58.20 30.53 18.61
CA GLY F 431 59.53 30.99 18.99
C GLY F 431 59.95 32.34 18.44
N GLN F 432 59.27 32.86 17.41
CA GLN F 432 59.70 34.12 16.84
C GLN F 432 59.31 35.30 17.72
N ALA F 433 58.29 35.14 18.57
CA ALA F 433 57.84 36.17 19.48
C ALA F 433 58.13 35.73 20.91
N ASP F 434 58.91 36.53 21.63
CA ASP F 434 59.21 36.23 23.04
C ASP F 434 58.20 36.84 23.98
N TRP F 435 57.19 37.53 23.48
CA TRP F 435 56.13 38.04 24.34
C TRP F 435 54.94 37.10 24.41
N LEU F 436 55.10 35.87 23.96
CA LEU F 436 53.99 34.94 23.79
C LEU F 436 54.46 33.53 24.14
N PRO F 437 54.95 33.33 25.36
CA PRO F 437 55.60 32.06 25.69
C PRO F 437 54.64 30.91 25.88
N ASP F 438 53.38 31.20 26.21
CA ASP F 438 52.37 30.18 26.46
C ASP F 438 51.54 29.87 25.23
N GLY F 439 51.66 30.67 24.18
CA GLY F 439 50.89 30.43 22.98
C GLY F 439 49.46 30.87 23.16
N HIS F 440 48.62 30.40 22.26
CA HIS F 440 47.22 30.78 22.26
C HIS F 440 46.44 29.95 23.25
N PRO F 441 45.30 30.46 23.72
CA PRO F 441 44.47 29.72 24.66
C PRO F 441 44.06 28.37 24.10
N ARG F 442 44.32 27.32 24.89
CA ARG F 442 44.05 25.94 24.53
C ARG F 442 42.62 25.74 24.05
N GLU F 443 41.69 26.51 24.60
CA GLU F 443 40.29 26.31 24.23
C GLU F 443 40.00 26.68 22.79
N MET F 444 40.89 27.39 22.13
CA MET F 444 40.60 27.82 20.77
C MET F 444 41.02 26.79 19.74
N THR F 445 41.74 25.76 20.13
CA THR F 445 42.16 24.72 19.22
C THR F 445 41.36 23.45 19.48
N THR F 446 40.88 22.83 18.41
CA THR F 446 40.28 21.50 18.48
C THR F 446 41.31 20.51 17.91
N THR F 447 41.94 19.75 18.79
CA THR F 447 42.86 18.73 18.34
C THR F 447 42.09 17.54 17.76
N VAL F 448 42.83 16.59 17.19
CA VAL F 448 42.17 15.43 16.59
C VAL F 448 41.38 14.67 17.63
N LEU F 449 41.98 14.45 18.80
CA LEU F 449 41.30 13.78 19.89
C LEU F 449 40.07 14.55 20.34
N ASP F 450 40.15 15.87 20.37
CA ASP F 450 38.98 16.67 20.72
C ASP F 450 37.86 16.45 19.72
N GLY F 451 38.20 16.42 18.43
CA GLY F 451 37.19 16.28 17.40
C GLY F 451 36.43 14.99 17.52
N PHE F 452 37.15 13.87 17.70
CA PHE F 452 36.47 12.60 17.85
C PHE F 452 35.67 12.56 19.16
N ARG F 453 36.18 13.18 20.22
CA ARG F 453 35.42 13.23 21.47
C ARG F 453 34.13 14.02 21.31
N ALA F 454 34.19 15.09 20.53
CA ALA F 454 33.00 15.93 20.35
C ALA F 454 32.00 15.34 19.38
N LEU F 455 32.44 14.57 18.38
CA LEU F 455 31.54 14.18 17.31
C LEU F 455 31.05 12.75 17.40
N ALA F 456 31.76 11.88 18.11
CA ALA F 456 31.37 10.48 18.16
C ALA F 456 29.98 10.33 18.74
N PRO F 457 29.12 9.50 18.14
CA PRO F 457 27.76 9.32 18.66
C PRO F 457 27.73 8.94 20.13
N GLU F 458 26.59 9.18 20.79
CA GLU F 458 26.49 8.95 22.23
C GLU F 458 26.96 7.56 22.60
N GLY F 459 26.55 6.54 21.82
CA GLY F 459 26.88 5.16 22.07
C GLY F 459 28.28 4.74 21.72
N TRP F 460 29.09 5.61 21.12
CA TRP F 460 30.46 5.25 20.78
C TRP F 460 31.40 5.74 21.86
N ALA F 461 32.63 5.22 21.83
CA ALA F 461 33.65 5.54 22.81
C ALA F 461 34.93 5.92 22.09
N VAL F 462 35.67 6.85 22.67
CA VAL F 462 36.92 7.35 22.11
C VAL F 462 37.98 7.22 23.18
N THR F 463 38.98 6.40 22.93
CA THR F 463 40.11 6.22 23.82
C THR F 463 41.31 6.98 23.30
N HIS F 464 42.34 7.08 24.14
CA HIS F 464 43.51 7.84 23.77
C HIS F 464 44.75 7.20 24.36
N ALA F 465 45.82 7.18 23.58
CA ALA F 465 47.12 6.74 24.06
C ALA F 465 48.18 7.49 23.25
N ARG F 466 49.03 8.25 23.93
CA ARG F 466 50.22 8.72 23.24
C ARG F 466 51.04 7.49 22.89
N GLY F 467 51.46 7.39 21.65
CA GLY F 467 52.03 6.08 21.35
C GLY F 467 53.53 6.14 21.27
N ALA F 468 54.04 7.34 21.08
CA ALA F 468 55.44 7.54 20.80
C ALA F 468 55.79 8.96 21.15
N ASP F 469 57.04 9.15 21.52
CA ASP F 469 57.62 10.47 21.59
C ASP F 469 58.42 10.71 20.33
N ILE F 470 58.61 11.98 19.99
CA ILE F 470 59.36 12.34 18.81
C ILE F 470 60.80 12.65 19.15
N LEU F 471 61.03 13.53 20.11
CA LEU F 471 62.38 14.03 20.29
C LEU F 471 62.56 14.57 21.69
N THR F 472 63.81 14.74 22.04
CA THR F 472 64.24 15.40 23.25
C THR F 472 65.34 16.37 22.86
N LEU F 473 65.55 17.39 23.69
CA LEU F 473 66.56 18.43 23.36
C LEU F 473 67.80 18.22 24.20
N ALA F 474 68.97 18.39 23.61
CA ALA F 474 70.21 18.22 24.38
C ALA F 474 71.22 19.28 23.96
N PRO F 475 72.13 19.67 24.86
CA PRO F 475 73.17 20.61 24.50
C PRO F 475 74.24 19.85 23.73
N ASP F 476 74.96 20.53 22.84
CA ASP F 476 76.09 19.85 22.15
C ASP F 476 77.39 20.36 22.78
N PRO F 477 78.56 19.79 22.45
CA PRO F 477 79.83 20.29 22.98
C PRO F 477 79.98 21.79 22.69
N GLU F 478 79.53 22.64 23.61
CA GLU F 478 79.61 24.11 23.47
C GLU F 478 80.25 24.67 24.73
N GLN F 490 69.96 22.52 22.58
CA GLN F 490 70.01 23.16 21.27
C GLN F 490 69.99 22.12 20.14
N VAL F 491 70.36 20.87 20.40
CA VAL F 491 70.39 19.85 19.35
C VAL F 491 69.32 18.79 19.60
N VAL F 492 68.72 18.32 18.51
CA VAL F 492 67.64 17.34 18.59
C VAL F 492 68.22 15.96 18.82
N VAL F 493 67.65 15.24 19.78
CA VAL F 493 67.99 13.85 20.05
C VAL F 493 66.74 13.01 19.87
N PRO F 494 66.67 12.17 18.85
CA PRO F 494 65.43 11.40 18.61
C PRO F 494 65.09 10.48 19.77
N ALA F 495 63.80 10.43 20.08
CA ALA F 495 63.32 9.51 21.09
C ALA F 495 63.57 8.06 20.68
N ALA F 496 64.01 7.23 21.61
CA ALA F 496 64.02 5.81 21.33
C ALA F 496 62.58 5.31 21.32
N PRO F 497 62.29 4.27 20.53
CA PRO F 497 61.00 3.59 20.71
C PRO F 497 60.91 3.06 22.12
N ASP F 498 59.70 3.14 22.68
CA ASP F 498 59.49 2.98 24.11
C ASP F 498 58.41 1.94 24.31
N ASP F 499 58.81 0.73 24.69
CA ASP F 499 57.92 -0.42 24.61
C ASP F 499 56.65 -0.25 25.43
N ALA F 500 56.73 0.43 26.57
CA ALA F 500 55.54 0.60 27.38
C ALA F 500 54.57 1.57 26.73
N LEU F 501 55.10 2.61 26.08
CA LEU F 501 54.25 3.51 25.34
C LEU F 501 53.57 2.80 24.18
N ILE F 502 54.34 2.03 23.42
CA ILE F 502 53.77 1.30 22.29
C ILE F 502 52.77 0.26 22.78
N ALA F 503 53.10 -0.42 23.88
CA ALA F 503 52.21 -1.46 24.39
C ALA F 503 50.90 -0.87 24.85
N GLU F 504 50.90 0.36 25.34
CA GLU F 504 49.65 0.97 25.74
C GLU F 504 48.80 1.29 24.52
N ALA F 505 49.41 1.82 23.46
CA ALA F 505 48.65 2.11 22.25
C ALA F 505 48.14 0.84 21.58
N VAL F 506 48.95 -0.22 21.58
CA VAL F 506 48.54 -1.49 21.01
C VAL F 506 47.34 -2.07 21.76
N ALA F 507 47.33 -1.97 23.08
CA ALA F 507 46.21 -2.52 23.83
C ALA F 507 44.94 -1.72 23.58
N ALA F 508 45.07 -0.42 23.29
CA ALA F 508 43.90 0.37 22.96
C ALA F 508 43.38 0.03 21.56
N ALA F 509 44.28 -0.18 20.60
CA ALA F 509 43.84 -0.61 19.28
C ALA F 509 43.17 -1.98 19.32
N ARG F 510 43.76 -2.92 20.06
CA ARG F 510 43.17 -4.26 20.14
C ARG F 510 41.77 -4.23 20.73
N ASP F 511 41.43 -3.23 21.55
CA ASP F 511 40.08 -3.11 22.05
C ASP F 511 39.26 -2.10 21.25
N ALA F 512 39.62 -1.86 20.00
CA ALA F 512 38.97 -0.83 19.21
C ALA F 512 38.47 -1.40 17.90
N ASP F 513 37.59 -0.64 17.25
CA ASP F 513 37.23 -0.87 15.87
C ASP F 513 38.09 -0.08 14.90
N LEU F 514 38.69 1.01 15.35
CA LEU F 514 39.45 1.88 14.47
C LEU F 514 40.58 2.50 15.28
N ALA F 515 41.77 2.55 14.70
CA ALA F 515 42.92 3.20 15.30
C ALA F 515 43.33 4.37 14.40
N VAL F 516 43.10 5.59 14.87
CA VAL F 516 43.51 6.81 14.17
C VAL F 516 44.85 7.26 14.73
N ALA F 517 45.92 7.06 13.97
CA ALA F 517 47.26 7.39 14.42
C ALA F 517 47.67 8.73 13.83
N VAL F 518 47.94 9.69 14.69
CA VAL F 518 48.25 11.06 14.29
C VAL F 518 49.74 11.27 14.48
N VAL F 519 50.47 11.48 13.39
CA VAL F 519 51.92 11.52 13.41
C VAL F 519 52.40 12.73 12.60
N GLY F 520 53.70 13.00 12.69
CA GLY F 520 54.31 14.03 11.86
C GLY F 520 55.62 14.57 12.37
N ASP F 521 55.81 15.88 12.29
CA ASP F 521 56.98 16.55 12.87
C ASP F 521 56.50 17.55 13.93
N ARG F 522 57.43 18.34 14.45
CA ARG F 522 57.11 19.40 15.41
C ARG F 522 58.19 20.47 15.29
N ILE F 523 58.05 21.54 16.09
CA ILE F 523 58.71 22.80 15.78
C ILE F 523 60.23 22.69 15.74
N GLU F 524 60.84 21.85 16.58
CA GLU F 524 62.29 21.81 16.53
C GLU F 524 62.82 21.18 15.25
N LEU F 525 61.94 20.58 14.44
CA LEU F 525 62.29 19.96 13.17
C LEU F 525 61.81 20.77 11.97
N VAL F 526 61.52 22.05 12.17
CA VAL F 526 60.82 22.89 11.20
C VAL F 526 61.39 24.31 11.23
N GLY F 527 61.56 24.90 10.07
CA GLY F 527 61.72 26.33 9.96
C GLY F 527 63.14 26.82 9.88
N GLU F 528 63.33 28.08 10.29
CA GLU F 528 64.60 28.76 10.11
C GLU F 528 65.72 28.05 10.87
N GLY F 529 66.84 27.86 10.19
CA GLY F 529 67.98 27.14 10.75
C GLY F 529 67.74 25.68 11.05
N ARG F 530 66.61 25.14 10.59
CA ARG F 530 66.17 23.81 10.94
C ARG F 530 65.70 23.06 9.70
N SER F 531 66.57 22.92 8.71
CA SER F 531 66.29 22.01 7.61
C SER F 531 66.52 20.56 8.04
N THR F 532 65.91 19.63 7.33
CA THR F 532 66.09 18.22 7.65
C THR F 532 66.63 17.47 6.44
N ALA F 533 67.44 16.44 6.70
CA ALA F 533 68.10 15.71 5.64
C ALA F 533 67.37 14.46 5.21
N THR F 534 66.67 13.78 6.12
CA THR F 534 66.14 12.45 5.82
C THR F 534 64.66 12.47 5.49
N LEU F 535 63.95 13.53 5.87
CA LEU F 535 62.52 13.67 5.63
C LEU F 535 61.68 12.60 6.32
N GLU F 536 62.23 11.87 7.27
CA GLU F 536 61.48 10.77 7.88
C GLU F 536 60.85 11.18 9.19
N LEU F 537 59.88 10.37 9.63
CA LEU F 537 59.32 10.48 10.97
C LEU F 537 60.38 10.14 12.00
N VAL F 538 60.55 11.03 12.96
CA VAL F 538 61.64 10.98 13.93
C VAL F 538 61.14 10.36 15.22
N GLY F 539 62.01 9.58 15.86
CA GLY F 539 61.69 9.02 17.17
C GLY F 539 61.03 7.66 17.07
N GLY F 540 59.95 7.48 17.82
CA GLY F 540 59.34 6.17 17.88
C GLY F 540 58.08 6.07 17.07
N GLN F 541 57.90 6.97 16.12
CA GLN F 541 56.67 6.98 15.34
C GLN F 541 56.60 5.82 14.36
N VAL F 542 57.73 5.49 13.72
CA VAL F 542 57.75 4.36 12.82
C VAL F 542 57.42 3.08 13.56
N ALA F 543 58.09 2.83 14.67
CA ALA F 543 57.81 1.62 15.44
C ALA F 543 56.39 1.63 15.99
N LEU F 544 55.81 2.80 16.23
CA LEU F 544 54.42 2.81 16.65
C LEU F 544 53.50 2.36 15.52
N LEU F 545 53.74 2.86 14.31
CA LEU F 545 52.87 2.49 13.20
C LEU F 545 53.00 1.01 12.87
N ASP F 546 54.22 0.47 12.95
CA ASP F 546 54.44 -0.95 12.75
C ASP F 546 53.58 -1.79 13.70
N ALA F 547 53.53 -1.42 14.96
CA ALA F 547 52.79 -2.24 15.91
C ALA F 547 51.29 -2.12 15.72
N LEU F 548 50.79 -0.93 15.39
CA LEU F 548 49.35 -0.75 15.26
C LEU F 548 48.79 -1.53 14.08
N VAL F 549 49.47 -1.49 12.94
CA VAL F 549 49.04 -2.23 11.76
C VAL F 549 48.99 -3.72 12.04
N ALA F 550 49.97 -4.24 12.79
CA ALA F 550 50.04 -5.65 13.10
C ALA F 550 48.90 -6.14 13.99
N THR F 551 48.11 -5.25 14.60
CA THR F 551 47.03 -5.74 15.45
C THR F 551 45.84 -6.29 14.67
N GLY F 552 45.67 -5.90 13.42
CA GLY F 552 44.47 -6.26 12.70
C GLY F 552 43.29 -5.33 12.93
N THR F 553 43.44 -4.33 13.76
CA THR F 553 42.49 -3.23 13.74
C THR F 553 42.85 -2.31 12.58
N PRO F 554 41.89 -1.88 11.78
CA PRO F 554 42.21 -0.94 10.69
C PRO F 554 42.78 0.36 11.23
N VAL F 555 43.78 0.88 10.54
CA VAL F 555 44.57 2.02 11.00
C VAL F 555 44.48 3.13 9.95
N VAL F 556 43.97 4.28 10.37
CA VAL F 556 44.03 5.51 9.59
C VAL F 556 45.24 6.28 10.07
N VAL F 557 46.21 6.52 9.20
CA VAL F 557 47.34 7.38 9.54
C VAL F 557 46.97 8.79 9.14
N VAL F 558 47.03 9.71 10.11
CA VAL F 558 46.78 11.13 9.91
C VAL F 558 48.10 11.86 10.09
N VAL F 559 48.55 12.55 9.06
CA VAL F 559 49.87 13.17 9.07
C VAL F 559 49.67 14.65 9.35
N VAL F 560 50.03 15.07 10.57
CA VAL F 560 50.09 16.46 10.94
C VAL F 560 51.57 16.83 10.91
N ALA F 561 51.99 17.55 9.89
CA ALA F 561 53.39 17.86 9.74
C ALA F 561 53.53 19.13 8.91
N SER F 562 54.71 19.71 8.98
CA SER F 562 54.98 20.96 8.30
C SER F 562 55.16 20.78 6.80
N LYS F 563 55.72 19.66 6.38
CA LYS F 563 56.11 19.45 5.00
C LYS F 563 55.91 17.99 4.67
N PRO F 564 55.92 17.62 3.39
CA PRO F 564 55.82 16.20 3.01
C PRO F 564 56.96 15.37 3.57
N LEU F 565 56.61 14.20 4.09
CA LEU F 565 57.55 13.32 4.77
C LEU F 565 57.56 11.94 4.13
N VAL F 566 58.74 11.32 4.12
CA VAL F 566 58.87 9.92 3.77
C VAL F 566 58.15 9.07 4.80
N LEU F 567 57.21 8.26 4.35
CA LEU F 567 56.45 7.47 5.30
C LEU F 567 56.95 6.04 5.34
N PRO F 568 56.89 5.39 6.49
CA PRO F 568 57.34 4.01 6.58
C PRO F 568 56.41 3.08 5.83
N PRO F 569 56.91 1.93 5.42
CA PRO F 569 56.08 0.95 4.73
C PRO F 569 54.82 0.54 5.47
N SER F 570 54.84 0.53 6.80
CA SER F 570 53.61 0.27 7.54
C SER F 570 52.54 1.30 7.25
N ALA F 571 52.92 2.54 6.94
CA ALA F 571 51.93 3.54 6.61
C ALA F 571 51.30 3.28 5.25
N HIS F 572 52.11 2.80 4.30
CA HIS F 572 51.58 2.39 3.01
C HIS F 572 50.80 1.07 3.10
N ALA F 573 50.85 0.38 4.23
CA ALA F 573 50.01 -0.79 4.44
C ALA F 573 48.78 -0.50 5.30
N ALA F 574 48.66 0.70 5.85
CA ALA F 574 47.54 1.04 6.68
C ALA F 574 46.27 1.16 5.85
N ALA F 575 45.12 1.12 6.53
CA ALA F 575 43.84 1.22 5.85
C ALA F 575 43.67 2.54 5.09
N ALA F 576 44.28 3.61 5.57
CA ALA F 576 44.06 4.92 4.98
C ALA F 576 45.13 5.88 5.47
N VAL F 577 45.48 6.86 4.64
CA VAL F 577 46.45 7.90 4.98
C VAL F 577 45.84 9.25 4.64
N VAL F 578 45.93 10.19 5.56
CA VAL F 578 45.37 11.52 5.41
C VAL F 578 46.47 12.55 5.64
N TRP F 579 46.67 13.44 4.67
CA TRP F 579 47.58 14.57 4.81
C TRP F 579 46.80 15.77 5.32
N ALA F 580 47.35 16.45 6.34
CA ALA F 580 46.66 17.55 6.98
C ALA F 580 47.49 18.81 7.15
N ALA F 581 48.82 18.74 7.08
CA ALA F 581 49.70 19.89 6.89
C ALA F 581 49.46 21.04 7.86
N ASN F 582 49.52 20.78 9.17
CA ASN F 582 49.21 21.85 10.13
C ASN F 582 47.90 22.56 9.80
N PRO F 583 46.76 22.05 10.21
CA PRO F 583 45.49 22.61 9.72
C PRO F 583 44.85 23.67 10.59
N GLY F 584 45.59 24.31 11.46
CA GLY F 584 45.03 25.41 12.22
C GLY F 584 44.17 24.98 13.40
N MET F 585 43.41 25.94 13.92
CA MET F 585 42.72 25.74 15.18
C MET F 585 41.52 24.80 15.05
N ARG F 586 40.90 24.72 13.88
CA ARG F 586 39.76 23.83 13.67
C ARG F 586 40.15 22.49 13.05
N GLY F 587 41.44 22.24 12.88
CA GLY F 587 41.86 21.09 12.09
C GLY F 587 41.37 19.76 12.62
N GLY F 588 41.36 19.60 13.94
CA GLY F 588 40.95 18.33 14.51
C GLY F 588 39.48 18.07 14.38
N GLN F 589 38.67 19.12 14.26
CA GLN F 589 37.28 18.91 13.90
C GLN F 589 37.15 18.46 12.44
N ALA F 590 37.94 19.04 11.55
CA ALA F 590 37.87 18.63 10.16
C ALA F 590 38.28 17.18 9.99
N VAL F 591 39.35 16.76 10.65
CA VAL F 591 39.80 15.38 10.56
C VAL F 591 38.71 14.43 11.03
N ALA F 592 38.13 14.68 12.18
CA ALA F 592 37.10 13.78 12.68
C ALA F 592 35.89 13.78 11.76
N GLU F 593 35.53 14.93 11.21
CA GLU F 593 34.41 14.97 10.27
C GLU F 593 34.71 14.13 9.03
N LEU F 594 35.92 14.26 8.48
CA LEU F 594 36.34 13.44 7.35
C LEU F 594 36.22 11.96 7.66
N VAL F 595 36.88 11.52 8.73
CA VAL F 595 36.95 10.09 9.03
C VAL F 595 35.57 9.49 9.22
N LEU F 596 34.62 10.27 9.70
CA LEU F 596 33.27 9.80 9.95
C LEU F 596 32.33 10.06 8.77
N GLY F 597 32.84 10.58 7.67
CA GLY F 597 31.98 10.89 6.54
C GLY F 597 30.99 12.02 6.74
N LEU F 598 31.19 12.88 7.73
CA LEU F 598 30.34 14.07 7.86
C LEU F 598 30.68 15.15 6.86
N ILE F 599 31.81 15.05 6.16
CA ILE F 599 32.12 15.87 4.99
C ILE F 599 32.70 14.95 3.92
N GLU F 600 32.84 15.48 2.73
CA GLU F 600 33.50 14.75 1.66
C GLU F 600 34.91 15.27 1.45
N PRO F 601 35.87 14.42 1.10
CA PRO F 601 37.24 14.90 0.88
C PRO F 601 37.29 15.83 -0.32
N GLU F 602 38.13 16.86 -0.23
CA GLU F 602 38.27 17.75 -1.38
C GLU F 602 39.71 18.06 -1.71
N GLY F 603 40.60 17.99 -0.73
CA GLY F 603 41.94 18.50 -0.93
C GLY F 603 42.70 17.75 -2.01
N ARG F 604 43.64 18.46 -2.62
CA ARG F 604 44.51 17.91 -3.64
C ARG F 604 45.91 18.46 -3.39
N LEU F 605 46.92 17.62 -3.58
CA LEU F 605 48.27 18.00 -3.18
C LEU F 605 48.73 19.21 -3.97
N PRO F 606 49.25 20.25 -3.31
CA PRO F 606 50.00 21.30 -4.01
C PRO F 606 51.49 21.01 -4.10
N ILE F 607 51.93 19.82 -3.73
CA ILE F 607 53.34 19.53 -3.64
C ILE F 607 53.48 18.03 -3.72
N SER F 608 54.63 17.57 -4.20
CA SER F 608 54.87 16.14 -4.38
C SER F 608 55.64 15.55 -3.20
N PHE F 609 55.43 14.26 -2.97
CA PHE F 609 56.03 13.53 -1.86
C PHE F 609 57.12 12.60 -2.38
N ALA F 610 58.36 12.85 -1.98
CA ALA F 610 59.45 11.96 -2.31
C ALA F 610 59.32 10.61 -1.60
N ARG F 611 59.94 9.60 -2.19
CA ARG F 611 60.08 8.30 -1.55
C ARG F 611 61.32 8.22 -0.68
N HIS F 612 62.31 9.05 -0.94
CA HIS F 612 63.60 9.08 -0.28
C HIS F 612 64.23 10.40 -0.63
N ALA F 613 64.95 11.01 0.31
CA ALA F 613 65.53 12.32 0.05
C ALA F 613 66.42 12.33 -1.18
N GLY F 614 67.02 11.19 -1.52
CA GLY F 614 67.86 11.05 -2.69
C GLY F 614 67.10 10.98 -4.00
N GLN F 615 65.79 10.80 -3.95
CA GLN F 615 64.98 10.77 -5.15
C GLN F 615 64.81 12.14 -5.77
N GLN F 616 65.03 13.20 -5.00
CA GLN F 616 64.79 14.56 -5.45
C GLN F 616 65.65 14.94 -6.64
N PRO F 617 65.15 15.84 -7.51
CA PRO F 617 63.86 16.53 -7.48
C PRO F 617 62.67 15.65 -7.76
N THR F 618 61.59 15.90 -7.03
CA THR F 618 60.35 15.17 -7.22
C THR F 618 59.19 16.10 -7.54
N TYR F 619 59.46 17.37 -7.82
CA TYR F 619 58.41 18.26 -8.29
C TYR F 619 57.98 17.88 -9.70
N TYR F 620 56.68 18.02 -9.98
CA TYR F 620 56.08 17.42 -11.18
C TYR F 620 56.61 18.05 -12.46
N ASN F 621 57.01 19.32 -12.43
CA ASN F 621 57.35 20.04 -13.65
C ASN F 621 58.85 19.99 -13.91
N VAL F 622 59.35 18.78 -13.97
CA VAL F 622 60.77 18.53 -14.16
C VAL F 622 61.16 18.79 -15.61
N VAL F 623 62.37 19.33 -15.80
CA VAL F 623 62.88 19.64 -17.13
C VAL F 623 63.31 18.37 -17.84
N ARG F 624 63.09 18.31 -19.15
CA ARG F 624 63.38 17.12 -19.95
C ARG F 624 64.89 16.93 -20.16
N GLY F 625 65.28 15.68 -20.40
CA GLY F 625 66.61 15.43 -20.92
C GLY F 625 67.37 14.21 -20.41
N GLN F 626 66.79 13.43 -19.52
CA GLN F 626 67.55 12.43 -18.77
C GLN F 626 67.77 11.15 -19.57
N HIS F 627 69.02 10.67 -19.60
CA HIS F 627 69.33 9.31 -20.05
C HIS F 627 68.85 8.32 -19.01
N GLY F 628 67.70 7.72 -19.23
CA GLY F 628 67.20 6.75 -18.30
C GLY F 628 65.99 7.27 -17.56
N VAL F 629 65.25 6.35 -16.97
CA VAL F 629 63.99 6.68 -16.32
C VAL F 629 64.00 6.46 -14.83
N ARG F 630 65.06 5.91 -14.26
CA ARG F 630 65.01 5.49 -12.87
C ARG F 630 66.42 5.50 -12.28
N TYR F 631 66.47 5.52 -10.96
CA TYR F 631 67.71 5.20 -10.27
C TYR F 631 67.89 3.69 -10.27
N ALA F 632 69.14 3.25 -10.24
CA ALA F 632 69.38 1.81 -10.25
C ALA F 632 68.74 1.13 -9.06
N ASP F 633 68.59 1.84 -7.94
CA ASP F 633 68.01 1.30 -6.72
C ASP F 633 66.65 1.89 -6.36
N LEU F 634 66.05 2.75 -7.18
CA LEU F 634 64.83 3.40 -6.76
C LEU F 634 64.04 3.92 -7.95
N THR F 635 62.71 3.89 -7.81
CA THR F 635 61.77 4.03 -8.91
C THR F 635 61.70 5.43 -9.53
N GLN F 636 62.18 6.47 -8.85
CA GLN F 636 62.07 7.82 -9.40
C GLN F 636 60.63 8.31 -9.54
N SER F 637 59.65 7.43 -9.47
CA SER F 637 58.26 7.87 -9.36
C SER F 637 57.97 8.34 -7.92
N PRO F 638 57.30 9.48 -7.75
CA PRO F 638 57.08 10.02 -6.40
C PRO F 638 56.06 9.22 -5.62
N ALA F 639 56.17 9.28 -4.30
CA ALA F 639 55.26 8.50 -3.47
C ALA F 639 53.85 9.01 -3.62
N PHE F 640 53.70 10.31 -3.75
CA PHE F 640 52.43 10.97 -3.98
C PHE F 640 52.75 12.19 -4.80
N ALA F 641 51.93 12.46 -5.80
CA ALA F 641 52.29 13.44 -6.80
C ALA F 641 51.39 14.65 -6.72
N PHE F 642 51.93 15.78 -7.14
CA PHE F 642 51.16 17.01 -7.26
C PHE F 642 49.78 16.74 -7.84
N GLY F 643 48.77 17.26 -7.19
CA GLY F 643 47.42 17.16 -7.71
C GLY F 643 46.61 15.99 -7.23
N GLU F 644 47.20 14.96 -6.64
CA GLU F 644 46.35 13.82 -6.35
C GLU F 644 45.65 13.96 -5.01
N GLY F 645 44.65 13.13 -4.82
CA GLY F 645 43.77 13.22 -3.68
C GLY F 645 42.47 12.51 -3.98
N LEU F 646 41.98 11.72 -3.04
CA LEU F 646 40.80 10.89 -3.25
C LEU F 646 39.54 11.62 -2.83
N SER F 647 38.40 11.02 -3.14
CA SER F 647 37.15 11.42 -2.54
C SER F 647 36.45 10.17 -2.01
N TYR F 648 35.21 10.30 -1.57
CA TYR F 648 34.43 9.13 -1.19
C TYR F 648 33.53 8.65 -2.32
N THR F 649 33.85 9.01 -3.55
CA THR F 649 33.15 8.52 -4.71
C THR F 649 34.18 8.25 -5.79
N THR F 650 33.68 7.96 -6.98
CA THR F 650 34.55 7.58 -8.07
C THR F 650 34.10 8.35 -9.31
N VAL F 651 35.04 9.02 -9.96
CA VAL F 651 34.75 10.01 -11.00
C VAL F 651 35.47 9.60 -12.27
N GLU F 652 34.72 9.46 -13.35
CA GLU F 652 35.27 9.06 -14.64
C GLU F 652 35.42 10.28 -15.55
N TYR F 653 36.52 10.30 -16.27
CA TYR F 653 36.85 11.37 -17.19
C TYR F 653 36.79 10.83 -18.59
N ALA F 654 36.19 11.58 -19.50
CA ALA F 654 36.09 11.13 -20.89
C ALA F 654 35.87 12.28 -21.83
N ASP F 655 35.91 12.01 -23.12
CA ASP F 655 35.57 13.00 -24.12
C ASP F 655 36.38 14.28 -24.21
N LEU F 656 37.67 14.26 -23.95
CA LEU F 656 38.42 15.52 -24.02
C LEU F 656 38.63 15.96 -25.45
N ARG F 657 38.15 17.13 -25.78
CA ARG F 657 38.33 17.66 -27.10
C ARG F 657 38.67 19.09 -27.09
N VAL F 658 39.56 19.45 -27.97
CA VAL F 658 39.84 20.86 -28.22
C VAL F 658 38.79 21.38 -29.20
N LEU F 659 38.45 22.65 -29.06
CA LEU F 659 37.43 23.27 -29.90
C LEU F 659 38.07 24.40 -30.69
N GLY F 660 38.06 24.28 -32.01
CA GLY F 660 38.67 25.26 -32.87
C GLY F 660 40.10 24.90 -33.23
N THR F 661 40.67 25.73 -34.11
CA THR F 661 42.08 25.63 -34.46
C THR F 661 42.72 27.01 -34.54
N GLU F 662 41.97 28.09 -34.27
CA GLU F 662 42.44 29.46 -34.40
C GLU F 662 43.20 29.85 -33.13
N HIS F 663 44.51 29.63 -33.14
CA HIS F 663 45.32 29.86 -31.95
C HIS F 663 46.49 30.77 -32.34
N GLY F 664 46.25 32.07 -32.24
CA GLY F 664 47.29 33.06 -32.41
C GLY F 664 47.49 33.80 -31.11
N PRO F 665 48.55 34.63 -31.05
CA PRO F 665 49.01 35.18 -29.76
C PRO F 665 47.93 35.63 -28.78
N ASP F 666 46.87 36.25 -29.27
CA ASP F 666 45.84 36.78 -28.39
C ASP F 666 44.58 35.92 -28.39
N ASP F 667 44.68 34.66 -28.79
CA ASP F 667 43.53 33.76 -28.77
C ASP F 667 43.52 32.93 -27.49
N VAL F 668 42.50 32.08 -27.37
CA VAL F 668 42.23 31.28 -26.19
C VAL F 668 41.96 29.84 -26.62
N VAL F 669 42.68 28.90 -26.02
CA VAL F 669 42.53 27.49 -26.36
C VAL F 669 41.29 26.98 -25.62
N ARG F 670 40.16 26.91 -26.31
CA ARG F 670 38.98 26.35 -25.69
C ARG F 670 38.98 24.84 -25.86
N ALA F 671 38.42 24.14 -24.87
CA ALA F 671 38.32 22.69 -24.91
C ALA F 671 37.20 22.27 -23.97
N GLU F 672 36.86 20.97 -24.00
CA GLU F 672 35.89 20.48 -23.05
C GLU F 672 36.14 19.01 -22.76
N VAL F 673 35.55 18.54 -21.67
CA VAL F 673 35.78 17.21 -21.13
C VAL F 673 34.54 16.81 -20.35
N THR F 674 34.31 15.51 -20.22
CA THR F 674 33.07 15.01 -19.63
C THR F 674 33.39 14.18 -18.38
N LEU F 675 32.77 14.55 -17.26
CA LEU F 675 32.96 13.88 -15.99
C LEU F 675 31.67 13.19 -15.57
N THR F 676 31.83 12.01 -14.96
CA THR F 676 30.71 11.25 -14.44
C THR F 676 31.03 10.80 -13.02
N ASN F 677 30.08 11.00 -12.11
CA ASN F 677 30.14 10.45 -10.77
C ASN F 677 29.48 9.07 -10.84
N THR F 678 30.28 8.02 -10.90
CA THR F 678 29.76 6.67 -10.95
C THR F 678 29.65 6.02 -9.58
N GLY F 679 29.92 6.77 -8.50
CA GLY F 679 29.78 6.26 -7.16
C GLY F 679 28.46 6.69 -6.52
N SER F 680 28.39 6.53 -5.20
CA SER F 680 27.17 6.79 -4.47
C SER F 680 27.23 8.04 -3.61
N ARG F 681 28.19 8.93 -3.86
CA ARG F 681 28.38 10.06 -2.99
C ARG F 681 28.72 11.32 -3.77
N PRO F 682 28.20 12.47 -3.35
CA PRO F 682 28.55 13.73 -4.02
C PRO F 682 30.02 14.05 -3.86
N VAL F 683 30.53 14.88 -4.77
CA VAL F 683 31.95 15.23 -4.81
C VAL F 683 32.10 16.60 -5.45
N ARG F 684 33.11 17.33 -5.01
CA ARG F 684 33.61 18.50 -5.71
C ARG F 684 34.96 18.12 -6.27
N GLU F 685 35.00 17.90 -7.57
CA GLU F 685 36.21 17.48 -8.27
C GLU F 685 37.00 18.70 -8.71
N THR F 686 38.31 18.54 -8.77
CA THR F 686 39.20 19.62 -9.19
C THR F 686 39.90 19.15 -10.46
N VAL F 687 39.43 19.65 -11.58
CA VAL F 687 39.98 19.25 -12.88
C VAL F 687 41.19 20.11 -13.18
N GLN F 688 42.30 19.48 -13.53
CA GLN F 688 43.56 20.18 -13.71
C GLN F 688 43.95 20.17 -15.18
N VAL F 689 44.58 21.24 -15.62
CA VAL F 689 44.86 21.48 -17.03
C VAL F 689 46.34 21.76 -17.19
N TYR F 690 47.06 20.84 -17.82
CA TYR F 690 48.48 20.97 -18.06
C TYR F 690 48.73 21.22 -19.55
N VAL F 691 49.83 21.91 -19.85
CA VAL F 691 50.21 22.20 -21.22
C VAL F 691 51.64 21.77 -21.45
N SER F 692 51.85 20.94 -22.46
CA SER F 692 53.17 20.48 -22.86
C SER F 692 53.51 21.08 -24.21
N ASP F 693 54.59 21.88 -24.27
CA ASP F 693 55.17 22.32 -25.53
C ASP F 693 55.99 21.15 -26.09
N THR F 694 55.51 20.57 -27.19
CA THR F 694 56.06 19.30 -27.67
C THR F 694 57.51 19.44 -28.10
N VAL F 695 57.86 20.52 -28.80
CA VAL F 695 59.22 20.76 -29.24
C VAL F 695 59.58 22.18 -28.86
N THR F 696 60.79 22.36 -28.32
CA THR F 696 61.20 23.60 -27.69
C THR F 696 62.57 24.01 -28.16
N SER F 697 62.82 25.32 -28.18
CA SER F 697 64.11 25.82 -28.64
C SER F 697 65.18 25.72 -27.56
N VAL F 698 64.77 25.58 -26.30
CA VAL F 698 65.66 25.32 -25.18
C VAL F 698 64.96 24.28 -24.31
N THR F 699 65.74 23.61 -23.46
CA THR F 699 65.17 22.56 -22.63
C THR F 699 64.15 23.13 -21.65
N TRP F 700 63.08 22.39 -21.41
CA TRP F 700 61.93 22.92 -20.71
C TRP F 700 61.20 21.80 -19.99
N ALA F 701 60.32 22.19 -19.07
CA ALA F 701 59.45 21.24 -18.39
C ALA F 701 58.68 20.39 -19.39
N GLU F 702 58.40 19.15 -19.00
CA GLU F 702 57.56 18.29 -19.85
C GLU F 702 56.11 18.75 -19.86
N LYS F 703 55.62 19.34 -18.77
CA LYS F 703 54.29 19.93 -18.73
C LYS F 703 54.25 20.96 -17.61
N GLU F 704 53.19 21.76 -17.62
CA GLU F 704 53.01 22.79 -16.61
C GLU F 704 51.52 22.98 -16.39
N LEU F 705 51.14 23.16 -15.14
CA LEU F 705 49.76 23.51 -14.83
C LEU F 705 49.49 24.91 -15.31
N LYS F 706 48.36 25.10 -16.00
CA LYS F 706 47.97 26.42 -16.49
C LYS F 706 46.53 26.81 -16.20
N ALA F 707 45.67 25.86 -15.84
CA ALA F 707 44.29 26.19 -15.50
C ALA F 707 43.70 25.05 -14.68
N TYR F 708 42.58 25.35 -14.02
CA TYR F 708 41.86 24.34 -13.26
C TYR F 708 40.44 24.83 -13.05
N ARG F 709 39.58 23.92 -12.60
CA ARG F 709 38.15 24.15 -12.55
C ARG F 709 37.54 23.16 -11.57
N LYS F 710 36.70 23.65 -10.67
CA LYS F 710 36.02 22.79 -9.71
C LYS F 710 34.62 22.48 -10.21
N VAL F 711 34.20 21.23 -10.04
CA VAL F 711 32.93 20.76 -10.57
C VAL F 711 32.19 20.00 -9.48
N ASP F 712 30.96 20.41 -9.18
CA ASP F 712 30.11 19.64 -8.28
C ASP F 712 29.37 18.56 -9.04
N LEU F 713 29.34 17.35 -8.47
CA LEU F 713 28.72 16.20 -9.12
C LEU F 713 27.93 15.41 -8.09
N ALA F 714 26.61 15.44 -8.22
CA ALA F 714 25.77 14.54 -7.44
C ALA F 714 25.99 13.11 -7.92
N PRO F 715 25.60 12.11 -7.12
CA PRO F 715 25.82 10.73 -7.55
C PRO F 715 25.03 10.43 -8.82
N GLY F 716 25.71 9.83 -9.81
CA GLY F 716 25.11 9.53 -11.08
C GLY F 716 25.19 10.64 -12.11
N GLU F 717 25.44 11.87 -11.66
CA GLU F 717 25.44 13.01 -12.56
C GLU F 717 26.60 12.95 -13.54
N SER F 718 26.32 13.28 -14.79
CA SER F 718 27.33 13.56 -15.80
C SER F 718 27.33 15.05 -16.09
N ALA F 719 28.46 15.53 -16.60
CA ALA F 719 28.55 16.94 -16.92
C ALA F 719 29.70 17.13 -17.89
N THR F 720 29.48 17.96 -18.90
CA THR F 720 30.49 18.31 -19.87
C THR F 720 30.99 19.70 -19.51
N VAL F 721 32.28 19.81 -19.24
CA VAL F 721 32.87 20.96 -18.56
C VAL F 721 33.75 21.73 -19.53
N GLY F 722 33.59 23.03 -19.56
CA GLY F 722 34.38 23.85 -20.46
C GLY F 722 35.66 24.36 -19.86
N LEU F 723 36.78 24.05 -20.49
CA LEU F 723 38.07 24.53 -20.05
C LEU F 723 38.61 25.53 -21.06
N GLU F 724 39.46 26.43 -20.58
CA GLU F 724 40.10 27.41 -21.46
C GLU F 724 41.45 27.76 -20.91
N VAL F 725 42.40 28.05 -21.81
CA VAL F 725 43.75 28.46 -21.48
C VAL F 725 44.19 29.55 -22.45
N PRO F 726 44.51 30.75 -21.96
CA PRO F 726 45.03 31.79 -22.86
C PRO F 726 46.34 31.35 -23.50
N VAL F 727 46.41 31.47 -24.82
CA VAL F 727 47.63 31.14 -25.54
C VAL F 727 48.78 32.00 -25.04
N ALA F 728 48.48 33.21 -24.56
CA ALA F 728 49.51 34.08 -24.01
C ALA F 728 50.23 33.48 -22.82
N ASP F 729 49.65 32.46 -22.17
CA ASP F 729 50.27 31.84 -21.00
C ASP F 729 51.15 30.64 -21.35
N CYS F 730 51.07 30.13 -22.57
CA CYS F 730 51.89 28.99 -22.99
C CYS F 730 53.30 29.45 -23.36
N THR F 731 53.99 30.02 -22.39
CA THR F 731 55.27 30.62 -22.69
C THR F 731 56.43 29.68 -22.32
N LEU F 732 57.64 30.22 -22.41
CA LEU F 732 58.87 29.59 -21.94
C LEU F 732 59.94 30.65 -21.98
N VAL F 733 61.07 30.38 -21.35
CA VAL F 733 62.19 31.31 -21.31
C VAL F 733 63.31 30.72 -22.13
N ASP F 734 63.64 31.41 -23.19
CA ASP F 734 64.66 31.00 -24.10
C ASP F 734 65.94 31.52 -23.59
N ALA F 735 66.99 31.33 -24.37
CA ALA F 735 68.27 31.84 -24.05
C ALA F 735 68.06 33.32 -24.18
N HIS F 736 68.78 34.11 -23.43
CA HIS F 736 68.65 35.56 -23.42
C HIS F 736 67.63 36.03 -22.40
N GLY F 737 66.83 35.12 -21.87
CA GLY F 737 65.86 35.50 -20.87
C GLY F 737 64.48 36.03 -21.20
N ARG F 738 64.10 36.01 -22.44
CA ARG F 738 62.78 36.51 -22.76
C ARG F 738 61.75 35.40 -22.58
N ARG F 739 60.68 35.71 -21.88
CA ARG F 739 59.56 34.80 -21.81
C ARG F 739 58.67 35.08 -23.01
N VAL F 740 58.49 34.06 -23.85
CA VAL F 740 57.80 34.20 -25.12
C VAL F 740 56.90 32.99 -25.33
N VAL F 741 55.88 33.17 -26.17
CA VAL F 741 55.13 32.05 -26.71
C VAL F 741 55.83 31.62 -27.99
N GLU F 742 56.37 30.41 -27.99
CA GLU F 742 57.04 29.90 -29.17
C GLU F 742 56.03 29.15 -30.02
N PRO F 743 55.83 29.52 -31.27
CA PRO F 743 54.85 28.81 -32.11
C PRO F 743 55.30 27.39 -32.36
N GLY F 744 54.33 26.50 -32.46
CA GLY F 744 54.63 25.14 -32.79
C GLY F 744 53.60 24.22 -32.20
N GLU F 745 54.01 22.96 -32.07
CA GLU F 745 53.12 21.91 -31.61
C GLU F 745 53.00 21.96 -30.09
N PHE F 746 51.77 21.87 -29.59
CA PHE F 746 51.47 21.86 -28.17
C PHE F 746 50.52 20.70 -27.86
N GLU F 747 50.32 20.46 -26.57
CA GLU F 747 49.48 19.36 -26.14
C GLU F 747 48.80 19.73 -24.83
N LEU F 748 47.51 19.44 -24.75
CA LEU F 748 46.71 19.74 -23.57
C LEU F 748 46.46 18.45 -22.80
N ARG F 749 46.78 18.44 -21.51
CA ARG F 749 46.60 17.27 -20.67
C ARG F 749 45.70 17.63 -19.50
N VAL F 750 44.65 16.85 -19.31
CA VAL F 750 43.56 17.17 -18.41
C VAL F 750 43.21 15.94 -17.60
N GLY F 751 43.08 16.09 -16.29
CA GLY F 751 42.74 14.99 -15.43
C GLY F 751 42.68 15.32 -13.96
N PRO F 752 42.51 14.30 -13.12
CA PRO F 752 42.45 14.52 -11.67
C PRO F 752 43.80 14.68 -10.98
N SER F 753 44.93 14.55 -11.66
CA SER F 753 46.22 14.71 -11.00
C SER F 753 47.29 14.99 -12.06
N SER F 754 48.52 15.14 -11.60
CA SER F 754 49.63 15.37 -12.50
C SER F 754 50.23 14.07 -13.01
N ARG F 755 49.74 12.93 -12.54
CA ARG F 755 50.27 11.66 -13.01
C ARG F 755 49.86 11.45 -14.46
N GLU F 756 50.85 11.10 -15.29
CA GLU F 756 50.56 10.89 -16.70
C GLU F 756 49.58 9.75 -16.90
N ASP F 757 49.64 8.73 -16.09
CA ASP F 757 48.66 7.68 -16.33
C ASP F 757 47.25 8.06 -15.90
N ALA F 758 47.04 9.32 -15.54
CA ALA F 758 45.71 9.78 -15.21
C ALA F 758 45.20 10.88 -16.13
N LEU F 759 46.03 11.36 -17.05
CA LEU F 759 45.73 12.51 -17.87
C LEU F 759 45.21 12.09 -19.25
N LEU F 760 44.13 12.74 -19.69
CA LEU F 760 43.70 12.67 -21.08
C LEU F 760 44.48 13.66 -21.93
N ARG F 761 44.67 13.31 -23.19
CA ARG F 761 45.52 14.05 -24.10
C ARG F 761 44.72 14.69 -25.23
N ALA F 762 45.24 15.81 -25.74
CA ALA F 762 44.67 16.47 -26.91
C ALA F 762 45.66 17.47 -27.49
N SER F 763 45.99 17.31 -28.75
CA SER F 763 46.91 18.21 -29.43
C SER F 763 46.22 19.50 -29.85
N PHE F 764 46.98 20.58 -29.82
CA PHE F 764 46.53 21.84 -30.38
C PHE F 764 47.75 22.57 -30.92
N THR F 765 47.50 23.48 -31.86
CA THR F 765 48.56 24.13 -32.60
C THR F 765 48.46 25.63 -32.40
N VAL F 766 49.60 26.29 -32.30
CA VAL F 766 49.69 27.73 -32.14
C VAL F 766 50.51 28.26 -33.29
N ALA F 767 49.91 29.11 -34.11
CA ALA F 767 50.58 29.75 -35.23
C ALA F 767 50.97 31.17 -34.83
#